data_2LL7
#
_entry.id   2LL7
#
loop_
_entity.id
_entity.type
_entity.pdbx_description
1 polymer Calmodulin
2 polymer 'Nitric oxide synthase, endothelial'
#
loop_
_entity_poly.entity_id
_entity_poly.type
_entity_poly.pdbx_seq_one_letter_code
_entity_poly.pdbx_strand_id
1 'polypeptide(L)'
;ADQLTEEQIAEFKEAFSLFDKDGDGTITTKELGTVMRSLGQNPTEAELQDMINEVDADGNGTIDFPEFLTMMARKMKDTD
SEEEIREAFRVFDKDGNGYISAAELRHVMTNLGEKLTDEEVDEMIREADIDGDGQVNYEEFVQMMTAK
;
A
2 'polypeptide(L)' KKTFKEVANAVKISASL B
#
# COMPACT_ATOMS: atom_id res chain seq x y z
N ALA A 1 7.97 -24.80 8.71
CA ALA A 1 6.50 -24.75 8.74
C ALA A 1 5.99 -23.32 8.55
N ASP A 2 4.89 -23.19 7.81
CA ASP A 2 4.28 -21.88 7.54
C ASP A 2 2.79 -21.90 7.87
N GLN A 3 2.36 -20.91 8.66
CA GLN A 3 0.95 -20.78 9.06
C GLN A 3 0.45 -19.35 8.87
N LEU A 4 -0.75 -19.22 8.31
CA LEU A 4 -1.36 -17.91 8.06
C LEU A 4 -2.81 -17.90 8.51
N THR A 5 -3.05 -17.17 9.60
CA THR A 5 -4.38 -17.03 10.18
C THR A 5 -4.96 -15.66 9.79
N GLU A 6 -6.16 -15.34 10.32
CA GLU A 6 -6.85 -14.06 10.05
C GLU A 6 -5.96 -12.82 10.25
N GLU A 7 -4.84 -12.98 10.98
CA GLU A 7 -3.93 -11.86 11.27
C GLU A 7 -2.92 -11.62 10.13
N GLN A 8 -2.46 -12.72 9.51
CA GLN A 8 -1.49 -12.65 8.41
C GLN A 8 -2.17 -12.49 7.05
N ILE A 9 -3.46 -12.85 7.00
CA ILE A 9 -4.26 -12.77 5.78
C ILE A 9 -4.85 -11.37 5.57
N ALA A 10 -5.18 -10.67 6.67
CA ALA A 10 -5.73 -9.31 6.60
C ALA A 10 -4.69 -8.31 6.12
N GLU A 11 -3.42 -8.55 6.47
CA GLU A 11 -2.31 -7.70 6.02
C GLU A 11 -1.94 -8.05 4.57
N PHE A 12 -2.27 -9.28 4.18
CA PHE A 12 -2.02 -9.78 2.82
C PHE A 12 -3.18 -9.39 1.90
N LYS A 13 -4.36 -9.23 2.52
CA LYS A 13 -5.59 -8.82 1.84
C LYS A 13 -5.66 -7.30 1.75
N GLU A 14 -5.10 -6.62 2.78
CA GLU A 14 -5.05 -5.13 2.83
C GLU A 14 -4.42 -4.52 1.57
N ALA A 15 -3.51 -5.28 0.95
CA ALA A 15 -2.84 -4.85 -0.29
C ALA A 15 -3.69 -5.18 -1.52
N PHE A 16 -4.47 -6.27 -1.42
CA PHE A 16 -5.35 -6.72 -2.50
C PHE A 16 -6.68 -5.96 -2.54
N SER A 17 -7.08 -5.41 -1.38
CA SER A 17 -8.35 -4.65 -1.26
C SER A 17 -8.34 -3.35 -2.07
N LEU A 18 -7.14 -2.87 -2.42
CA LEU A 18 -6.99 -1.62 -3.18
C LEU A 18 -6.95 -1.86 -4.69
N PHE A 19 -6.15 -2.85 -5.14
CA PHE A 19 -6.02 -3.16 -6.57
C PHE A 19 -7.21 -4.00 -7.07
N ASP A 20 -8.05 -4.47 -6.15
CA ASP A 20 -9.24 -5.26 -6.50
C ASP A 20 -10.48 -4.69 -5.82
N LYS A 21 -11.51 -4.42 -6.63
CA LYS A 21 -12.77 -3.84 -6.14
C LYS A 21 -13.67 -4.86 -5.43
N ASP A 22 -13.59 -6.12 -5.84
CA ASP A 22 -14.40 -7.18 -5.26
C ASP A 22 -13.55 -8.34 -4.70
N GLY A 23 -12.25 -8.34 -5.04
CA GLY A 23 -11.33 -9.40 -4.57
C GLY A 23 -11.66 -10.76 -5.16
N ASP A 24 -11.61 -10.86 -6.50
CA ASP A 24 -11.91 -12.11 -7.21
C ASP A 24 -10.67 -13.02 -7.35
N GLY A 25 -9.50 -12.50 -6.97
CA GLY A 25 -8.26 -13.26 -7.05
C GLY A 25 -7.34 -12.78 -8.17
N THR A 26 -7.89 -11.96 -9.07
CA THR A 26 -7.12 -11.42 -10.19
C THR A 26 -7.39 -9.93 -10.33
N ILE A 27 -6.33 -9.15 -10.57
CA ILE A 27 -6.45 -7.70 -10.70
C ILE A 27 -6.04 -7.21 -12.09
N THR A 28 -6.72 -6.15 -12.55
CA THR A 28 -6.46 -5.55 -13.86
C THR A 28 -5.28 -4.60 -13.80
N THR A 29 -4.54 -4.52 -14.91
CA THR A 29 -3.38 -3.62 -15.02
C THR A 29 -3.81 -2.15 -14.86
N LYS A 30 -5.13 -1.92 -14.99
CA LYS A 30 -5.72 -0.57 -14.90
C LYS A 30 -5.93 -0.12 -13.45
N GLU A 31 -5.97 -1.08 -12.51
CA GLU A 31 -6.16 -0.79 -11.08
C GLU A 31 -4.90 -0.22 -10.44
N LEU A 32 -3.72 -0.62 -10.97
CA LEU A 32 -2.42 -0.11 -10.49
C LEU A 32 -2.37 1.42 -10.55
N GLY A 33 -2.90 1.97 -11.66
CA GLY A 33 -2.97 3.42 -11.87
C GLY A 33 -3.98 4.07 -10.98
N THR A 34 -4.85 3.24 -10.48
CA THR A 34 -5.89 3.65 -9.56
C THR A 34 -5.30 3.82 -8.15
N VAL A 35 -4.27 3.01 -7.86
CA VAL A 35 -3.54 3.05 -6.59
C VAL A 35 -2.42 4.11 -6.69
N MET A 36 -1.81 4.19 -7.90
CA MET A 36 -0.75 5.17 -8.20
C MET A 36 -1.36 6.56 -8.26
N ARG A 37 -2.56 6.66 -8.85
CA ARG A 37 -3.30 7.94 -8.87
C ARG A 37 -3.62 8.40 -7.41
N SER A 38 -3.58 7.43 -6.48
CA SER A 38 -3.81 7.68 -5.04
C SER A 38 -2.49 7.95 -4.36
N LEU A 39 -1.43 7.34 -4.90
CA LEU A 39 -0.07 7.55 -4.41
C LEU A 39 0.37 8.94 -4.85
N GLY A 40 -0.34 9.48 -5.85
CA GLY A 40 -0.06 10.78 -6.39
C GLY A 40 0.73 10.69 -7.66
N GLN A 41 1.40 9.54 -7.84
CA GLN A 41 2.18 9.26 -9.02
C GLN A 41 1.60 8.07 -9.74
N ASN A 42 1.32 8.26 -11.04
CA ASN A 42 0.73 7.22 -11.87
C ASN A 42 1.27 7.29 -13.32
N PRO A 43 1.91 6.18 -13.81
CA PRO A 43 2.49 6.11 -15.17
C PRO A 43 1.44 5.94 -16.28
N THR A 44 1.92 5.98 -17.54
CA THR A 44 1.06 5.84 -18.74
C THR A 44 0.38 4.46 -18.80
N GLU A 45 -0.50 4.27 -19.82
CA GLU A 45 -1.25 3.02 -20.01
C GLU A 45 -0.36 1.77 -20.16
N ALA A 46 0.65 1.85 -21.03
CA ALA A 46 1.57 0.71 -21.23
C ALA A 46 2.67 0.64 -20.18
N GLU A 47 2.96 1.78 -19.53
CA GLU A 47 4.01 1.82 -18.49
C GLU A 47 3.55 1.15 -17.20
N LEU A 48 2.24 1.03 -17.07
CA LEU A 48 1.62 0.37 -15.91
C LEU A 48 1.50 -1.14 -16.13
N GLN A 49 1.36 -1.57 -17.41
CA GLN A 49 1.28 -3.00 -17.74
C GLN A 49 2.62 -3.71 -17.58
N ASP A 50 3.65 -2.88 -17.50
CA ASP A 50 5.04 -3.34 -17.34
C ASP A 50 5.31 -3.80 -15.89
N MET A 51 4.45 -3.35 -14.96
CA MET A 51 4.56 -3.70 -13.54
C MET A 51 4.17 -5.15 -13.27
N ILE A 52 3.25 -5.69 -14.09
CA ILE A 52 2.80 -7.09 -13.96
C ILE A 52 3.80 -8.04 -14.62
N ASN A 53 4.55 -7.53 -15.62
CA ASN A 53 5.56 -8.29 -16.35
C ASN A 53 6.77 -8.64 -15.46
N GLU A 54 6.94 -7.88 -14.37
CA GLU A 54 8.04 -8.09 -13.40
C GLU A 54 8.01 -9.50 -12.79
N VAL A 55 6.82 -10.14 -12.85
CA VAL A 55 6.63 -11.51 -12.34
C VAL A 55 6.16 -12.42 -13.49
N ASP A 56 5.40 -11.83 -14.45
CA ASP A 56 4.86 -12.53 -15.64
C ASP A 56 4.42 -13.97 -15.36
N ALA A 57 3.32 -14.09 -14.60
CA ALA A 57 2.75 -15.40 -14.28
C ALA A 57 1.94 -15.95 -15.45
N ASP A 58 1.16 -15.06 -16.08
CA ASP A 58 0.34 -15.42 -17.23
C ASP A 58 0.75 -14.68 -18.48
N GLY A 59 1.60 -13.69 -18.29
CA GLY A 59 2.08 -12.84 -19.39
C GLY A 59 0.97 -12.14 -20.16
N ASN A 60 -0.16 -11.88 -19.48
CA ASN A 60 -1.32 -11.22 -20.09
C ASN A 60 -1.66 -9.88 -19.42
N GLY A 61 -1.03 -9.61 -18.28
CA GLY A 61 -1.28 -8.39 -17.54
C GLY A 61 -2.09 -8.62 -16.27
N THR A 62 -2.71 -9.81 -16.19
CA THR A 62 -3.51 -10.21 -15.03
C THR A 62 -2.67 -11.05 -14.08
N ILE A 63 -2.88 -10.88 -12.78
CA ILE A 63 -2.12 -11.61 -11.77
C ILE A 63 -3.02 -12.14 -10.64
N ASP A 64 -2.62 -13.29 -10.07
CA ASP A 64 -3.36 -13.95 -8.99
C ASP A 64 -2.94 -13.39 -7.61
N PHE A 65 -3.39 -14.05 -6.53
CA PHE A 65 -3.08 -13.63 -5.16
C PHE A 65 -1.63 -13.96 -4.72
N PRO A 66 -1.14 -15.23 -4.84
CA PRO A 66 0.24 -15.58 -4.43
C PRO A 66 1.33 -15.15 -5.41
N GLU A 67 0.92 -14.73 -6.61
CA GLU A 67 1.85 -14.38 -7.69
C GLU A 67 2.27 -12.90 -7.75
N PHE A 68 1.49 -11.95 -7.22
CA PHE A 68 1.87 -10.51 -7.31
C PHE A 68 2.86 -10.07 -6.23
N LEU A 69 2.66 -10.58 -5.00
CA LEU A 69 3.49 -10.22 -3.85
C LEU A 69 4.84 -10.95 -3.81
N THR A 70 4.95 -12.09 -4.52
CA THR A 70 6.19 -12.90 -4.53
C THR A 70 7.38 -12.18 -5.15
N MET A 71 7.23 -11.66 -6.37
CA MET A 71 8.33 -10.95 -7.05
C MET A 71 8.53 -9.54 -6.51
N MET A 72 7.54 -9.11 -5.75
CA MET A 72 7.52 -7.79 -5.13
C MET A 72 8.02 -7.83 -3.68
N ALA A 73 8.08 -9.04 -3.08
CA ALA A 73 8.53 -9.19 -1.69
C ALA A 73 10.04 -9.23 -1.57
N ARG A 74 10.67 -9.55 -2.68
CA ARG A 74 12.13 -9.65 -2.77
C ARG A 74 12.76 -8.34 -3.26
N LYS A 75 11.90 -7.43 -3.65
CA LYS A 75 12.30 -6.12 -4.19
C LYS A 75 12.29 -5.02 -3.12
N MET A 76 11.97 -5.39 -1.87
CA MET A 76 11.95 -4.42 -0.76
C MET A 76 13.37 -4.14 -0.28
N LYS A 77 14.16 -5.21 -0.14
CA LYS A 77 15.55 -5.11 0.30
C LYS A 77 16.53 -5.11 -0.90
N ASP A 78 16.01 -5.31 -2.12
CA ASP A 78 16.86 -5.35 -3.33
C ASP A 78 17.10 -3.95 -3.92
N THR A 79 16.97 -2.93 -3.08
CA THR A 79 17.18 -1.54 -3.49
C THR A 79 17.71 -0.68 -2.34
N ASP A 80 16.82 0.09 -1.69
CA ASP A 80 17.15 0.96 -0.56
C ASP A 80 15.86 1.62 -0.04
N SER A 81 15.38 1.13 1.10
CA SER A 81 14.15 1.65 1.71
C SER A 81 14.40 2.83 2.65
N GLU A 82 15.67 3.22 2.80
CA GLU A 82 16.04 4.36 3.64
C GLU A 82 15.71 5.65 2.94
N GLU A 83 15.98 5.66 1.63
CA GLU A 83 15.66 6.80 0.80
C GLU A 83 14.14 6.89 0.62
N GLU A 84 13.51 5.76 0.90
CA GLU A 84 12.06 5.58 0.82
C GLU A 84 11.35 6.03 2.08
N ILE A 85 12.08 6.03 3.19
CA ILE A 85 11.52 6.43 4.50
C ILE A 85 10.96 7.86 4.43
N ARG A 86 11.61 8.69 3.63
CA ARG A 86 11.22 10.09 3.43
C ARG A 86 10.10 10.25 2.39
N GLU A 87 10.04 9.29 1.46
CA GLU A 87 9.04 9.30 0.37
C GLU A 87 7.61 9.16 0.89
N ALA A 88 7.36 8.13 1.73
CA ALA A 88 6.04 7.90 2.32
C ALA A 88 5.59 9.13 3.14
N PHE A 89 6.58 9.90 3.60
CA PHE A 89 6.36 11.13 4.35
C PHE A 89 6.06 12.29 3.39
N ARG A 90 6.65 12.20 2.19
CA ARG A 90 6.45 13.21 1.13
C ARG A 90 5.17 12.98 0.34
N VAL A 91 4.68 11.74 0.39
CA VAL A 91 3.47 11.33 -0.31
C VAL A 91 2.23 11.55 0.56
N PHE A 92 2.26 10.94 1.76
CA PHE A 92 1.15 11.00 2.72
C PHE A 92 0.85 12.42 3.23
N ASP A 93 1.91 13.18 3.55
CA ASP A 93 1.77 14.56 4.06
C ASP A 93 1.07 15.48 3.05
N LYS A 94 -0.25 15.70 3.29
CA LYS A 94 -1.05 16.56 2.42
C LYS A 94 -0.83 18.05 2.70
N ASP A 95 -0.84 18.42 3.99
CA ASP A 95 -0.64 19.81 4.40
C ASP A 95 0.81 20.09 4.81
N GLY A 96 1.62 19.04 4.97
CA GLY A 96 3.02 19.19 5.37
C GLY A 96 3.21 19.69 6.79
N ASN A 97 2.50 19.07 7.75
CA ASN A 97 2.58 19.47 9.16
C ASN A 97 3.37 18.45 9.99
N GLY A 98 3.58 17.26 9.43
CA GLY A 98 4.33 16.22 10.14
C GLY A 98 3.44 15.09 10.63
N TYR A 99 2.13 15.23 10.42
CA TYR A 99 1.13 14.24 10.83
C TYR A 99 0.07 14.12 9.74
N ILE A 100 -0.24 12.90 9.33
CA ILE A 100 -1.23 12.65 8.28
C ILE A 100 -2.43 11.89 8.85
N SER A 101 -3.58 12.56 8.84
CA SER A 101 -4.84 12.00 9.37
C SER A 101 -5.43 10.94 8.44
N ALA A 102 -6.18 10.02 9.04
CA ALA A 102 -6.85 8.93 8.31
C ALA A 102 -8.16 9.41 7.67
N ALA A 103 -8.68 10.54 8.15
CA ALA A 103 -9.94 11.13 7.65
C ALA A 103 -9.86 11.42 6.16
N GLU A 104 -8.72 11.95 5.73
CA GLU A 104 -8.47 12.25 4.32
C GLU A 104 -7.88 11.03 3.59
N LEU A 105 -7.14 10.20 4.36
CA LEU A 105 -6.45 9.01 3.84
C LEU A 105 -7.36 7.98 3.14
N ARG A 106 -8.50 7.60 3.73
CA ARG A 106 -9.36 6.58 3.11
C ARG A 106 -10.33 7.11 2.07
N HIS A 107 -10.53 8.42 2.07
CA HIS A 107 -11.37 9.12 1.06
C HIS A 107 -10.54 9.16 -0.21
N VAL A 108 -9.26 9.06 0.07
CA VAL A 108 -8.19 9.04 -0.88
C VAL A 108 -8.08 7.64 -1.54
N MET A 109 -8.23 6.60 -0.71
CA MET A 109 -8.22 5.21 -1.16
C MET A 109 -9.61 4.78 -1.65
N THR A 110 -10.64 5.55 -1.23
CA THR A 110 -12.05 5.28 -1.57
C THR A 110 -12.38 5.38 -3.07
N ASN A 111 -11.53 6.07 -3.85
CA ASN A 111 -11.74 6.24 -5.29
C ASN A 111 -11.48 4.92 -6.06
N LEU A 112 -11.04 3.90 -5.32
CA LEU A 112 -10.73 2.58 -5.86
C LEU A 112 -11.92 1.62 -5.69
N GLY A 113 -12.71 1.86 -4.64
CA GLY A 113 -13.85 1.02 -4.33
C GLY A 113 -13.71 0.35 -2.98
N GLU A 114 -13.39 1.17 -1.97
CA GLU A 114 -13.19 0.70 -0.59
C GLU A 114 -14.49 0.42 0.15
N LYS A 115 -14.47 -0.63 0.97
CA LYS A 115 -15.63 -1.00 1.80
C LYS A 115 -15.48 -0.38 3.19
N LEU A 116 -14.57 0.60 3.25
CA LEU A 116 -14.27 1.34 4.45
C LEU A 116 -14.20 2.83 4.12
N THR A 117 -14.75 3.66 5.02
CA THR A 117 -14.79 5.10 4.84
C THR A 117 -13.61 5.82 5.44
N ASP A 118 -13.26 6.94 4.78
CA ASP A 118 -12.19 7.86 5.18
C ASP A 118 -12.25 8.17 6.69
N GLU A 119 -13.49 8.16 7.21
CA GLU A 119 -13.78 8.48 8.61
C GLU A 119 -13.65 7.28 9.59
N GLU A 120 -14.46 6.23 9.36
CA GLU A 120 -14.51 5.03 10.23
C GLU A 120 -13.18 4.27 10.35
N VAL A 121 -12.24 4.52 9.45
CA VAL A 121 -10.93 3.85 9.45
C VAL A 121 -9.97 4.38 10.51
N ASP A 122 -10.15 5.65 10.84
CA ASP A 122 -9.35 6.37 11.88
C ASP A 122 -9.13 5.55 13.15
N GLU A 123 -9.96 4.53 13.35
CA GLU A 123 -9.80 3.62 14.47
C GLU A 123 -8.47 2.85 14.31
N MET A 124 -7.93 2.88 13.06
CA MET A 124 -6.68 2.19 12.72
C MET A 124 -5.43 3.00 13.05
N ILE A 125 -5.48 4.34 12.89
CA ILE A 125 -4.30 5.23 13.17
C ILE A 125 -3.65 4.90 14.51
N ARG A 126 -4.47 4.45 15.47
CA ARG A 126 -4.03 4.10 16.83
C ARG A 126 -2.88 3.08 16.87
N GLU A 127 -2.64 2.43 15.75
CA GLU A 127 -1.57 1.43 15.62
C GLU A 127 -0.20 2.08 15.31
N ALA A 128 -0.24 3.25 14.66
CA ALA A 128 0.96 3.98 14.29
C ALA A 128 0.98 5.39 14.90
N ASP A 129 -0.08 5.71 15.65
CA ASP A 129 -0.22 7.02 16.30
C ASP A 129 0.53 7.04 17.64
N ILE A 130 1.83 7.31 17.55
CA ILE A 130 2.71 7.36 18.72
C ILE A 130 2.78 8.79 19.31
N ASP A 131 2.41 9.80 18.51
CA ASP A 131 2.42 11.19 18.97
C ASP A 131 1.03 11.63 19.47
N GLY A 132 0.02 10.80 19.19
CA GLY A 132 -1.35 11.06 19.64
C GLY A 132 -2.03 12.29 19.03
N ASP A 133 -1.75 12.62 17.77
CA ASP A 133 -2.38 13.77 17.12
C ASP A 133 -3.54 13.32 16.22
N GLY A 134 -3.89 12.01 16.30
CA GLY A 134 -4.95 11.44 15.46
C GLY A 134 -4.47 11.25 14.03
N GLN A 135 -3.15 11.36 13.87
CA GLN A 135 -2.46 11.25 12.58
C GLN A 135 -1.13 10.50 12.78
N VAL A 136 -0.40 10.23 11.68
CA VAL A 136 0.89 9.52 11.77
C VAL A 136 2.05 10.51 11.75
N ASN A 137 3.03 10.31 12.64
CA ASN A 137 4.19 11.21 12.74
C ASN A 137 5.38 10.67 11.92
N TYR A 138 6.51 11.37 11.99
CA TYR A 138 7.74 10.98 11.27
C TYR A 138 8.43 9.82 11.98
N GLU A 139 8.09 9.67 13.26
CA GLU A 139 8.65 8.63 14.13
C GLU A 139 8.05 7.24 13.88
N GLU A 140 6.83 7.16 13.30
CA GLU A 140 6.18 5.87 13.05
C GLU A 140 6.70 5.18 11.78
N PHE A 141 7.19 5.96 10.79
CA PHE A 141 7.76 5.42 9.53
C PHE A 141 8.86 4.39 9.78
N VAL A 142 9.92 4.86 10.47
CA VAL A 142 11.10 4.04 10.81
C VAL A 142 10.75 2.81 11.70
N GLN A 143 9.63 2.89 12.42
CA GLN A 143 9.19 1.80 13.31
C GLN A 143 8.47 0.69 12.54
N MET A 144 7.52 1.07 11.66
CA MET A 144 6.73 0.10 10.89
C MET A 144 7.43 -0.38 9.60
N MET A 145 8.03 0.57 8.85
CA MET A 145 8.68 0.26 7.58
C MET A 145 10.08 -0.36 7.75
N THR A 146 10.89 0.20 8.65
CA THR A 146 12.25 -0.31 8.90
C THR A 146 12.23 -1.56 9.80
N ALA A 147 11.32 -1.56 10.78
CA ALA A 147 11.16 -2.69 11.70
C ALA A 147 9.86 -3.44 11.42
N LYS A 148 9.89 -4.31 10.41
CA LYS A 148 8.73 -5.11 10.01
C LYS A 148 8.61 -6.38 10.87
N LYS B 1 3.52 -4.14 8.86
CA LYS B 1 2.37 -4.64 8.06
C LYS B 1 1.42 -5.47 8.93
N LYS B 2 0.28 -4.86 9.33
CA LYS B 2 -0.71 -5.53 10.18
C LYS B 2 -2.13 -5.01 9.91
N THR B 3 -2.27 -3.69 9.76
CA THR B 3 -3.57 -3.03 9.55
C THR B 3 -3.42 -1.72 8.78
N PHE B 4 -2.56 -0.85 9.30
CA PHE B 4 -2.28 0.46 8.72
C PHE B 4 -0.80 0.55 8.32
N LYS B 5 -0.02 -0.43 8.77
CA LYS B 5 1.42 -0.52 8.47
C LYS B 5 1.64 -1.11 7.08
N GLU B 6 0.76 -2.03 6.68
CA GLU B 6 0.82 -2.67 5.36
C GLU B 6 0.30 -1.72 4.27
N VAL B 7 -0.75 -0.95 4.60
CA VAL B 7 -1.33 0.02 3.67
C VAL B 7 -0.29 1.12 3.35
N ALA B 8 0.56 1.41 4.35
CA ALA B 8 1.64 2.40 4.23
C ALA B 8 2.82 1.84 3.43
N ASN B 9 3.14 0.55 3.67
CA ASN B 9 4.23 -0.14 2.97
C ASN B 9 3.86 -0.42 1.51
N ALA B 10 2.55 -0.62 1.25
CA ALA B 10 2.04 -0.87 -0.11
C ALA B 10 2.32 0.33 -1.02
N VAL B 11 2.31 1.53 -0.41
CA VAL B 11 2.60 2.79 -1.10
C VAL B 11 4.10 2.87 -1.43
N LYS B 12 4.91 2.21 -0.57
CA LYS B 12 6.38 2.17 -0.73
C LYS B 12 6.81 1.17 -1.82
N ILE B 13 5.98 0.15 -2.06
CA ILE B 13 6.26 -0.88 -3.06
C ILE B 13 5.73 -0.47 -4.45
N SER B 14 4.68 0.35 -4.48
CA SER B 14 4.06 0.82 -5.72
C SER B 14 4.88 1.93 -6.39
N ALA B 15 5.85 2.48 -5.65
CA ALA B 15 6.72 3.56 -6.15
C ALA B 15 8.14 3.07 -6.44
N SER B 16 8.48 1.89 -5.90
CA SER B 16 9.81 1.30 -6.09
C SER B 16 9.86 0.35 -7.30
N LEU B 17 8.82 0.43 -8.15
CA LEU B 17 8.73 -0.41 -9.35
C LEU B 17 9.34 0.29 -10.57
N ALA A 1 11.90 -17.16 13.28
CA ALA A 1 10.89 -17.91 12.49
C ALA A 1 9.70 -17.02 12.14
N ASP A 2 9.19 -17.18 10.91
CA ASP A 2 8.05 -16.39 10.44
C ASP A 2 6.96 -17.30 9.87
N GLN A 3 5.71 -17.00 10.22
CA GLN A 3 4.55 -17.77 9.75
C GLN A 3 3.48 -16.87 9.16
N LEU A 4 2.87 -17.33 8.07
CA LEU A 4 1.82 -16.56 7.38
C LEU A 4 0.46 -17.19 7.60
N THR A 5 -0.41 -16.40 8.21
CA THR A 5 -1.78 -16.80 8.52
C THR A 5 -2.74 -15.69 8.11
N GLU A 6 -4.03 -15.88 8.41
CA GLU A 6 -5.09 -14.89 8.12
C GLU A 6 -4.75 -13.50 8.70
N GLU A 7 -3.80 -13.47 9.65
CA GLU A 7 -3.40 -12.24 10.33
C GLU A 7 -2.35 -11.47 9.50
N GLN A 8 -1.42 -12.22 8.92
CA GLN A 8 -0.33 -11.64 8.10
C GLN A 8 -0.74 -11.48 6.64
N ILE A 9 -1.78 -12.22 6.23
CA ILE A 9 -2.28 -12.19 4.84
C ILE A 9 -3.13 -10.94 4.56
N ALA A 10 -3.91 -10.48 5.56
CA ALA A 10 -4.78 -9.29 5.40
C ALA A 10 -3.97 -8.03 5.16
N GLU A 11 -2.77 -7.94 5.75
CA GLU A 11 -1.91 -6.78 5.52
C GLU A 11 -1.34 -6.86 4.07
N PHE A 12 -1.29 -8.10 3.54
CA PHE A 12 -0.87 -8.39 2.16
C PHE A 12 -2.07 -8.32 1.22
N LYS A 13 -3.23 -8.78 1.73
CA LYS A 13 -4.51 -8.78 1.00
C LYS A 13 -4.94 -7.35 0.69
N GLU A 14 -4.42 -6.40 1.50
CA GLU A 14 -4.66 -4.95 1.32
C GLU A 14 -4.52 -4.53 -0.16
N ALA A 15 -3.53 -5.12 -0.84
CA ALA A 15 -3.25 -4.83 -2.25
C ALA A 15 -4.28 -5.51 -3.14
N PHE A 16 -4.67 -6.73 -2.76
CA PHE A 16 -5.66 -7.49 -3.53
C PHE A 16 -7.09 -6.96 -3.31
N SER A 17 -7.31 -6.29 -2.17
CA SER A 17 -8.62 -5.71 -1.85
C SER A 17 -8.81 -4.36 -2.56
N LEU A 18 -7.69 -3.75 -2.98
CA LEU A 18 -7.68 -2.45 -3.65
C LEU A 18 -8.05 -2.54 -5.14
N PHE A 19 -7.24 -3.26 -5.93
CA PHE A 19 -7.45 -3.36 -7.39
C PHE A 19 -8.57 -4.34 -7.78
N ASP A 20 -9.01 -5.20 -6.86
CA ASP A 20 -10.08 -6.16 -7.15
C ASP A 20 -11.44 -5.61 -6.74
N LYS A 21 -12.31 -5.38 -7.74
CA LYS A 21 -13.66 -4.86 -7.52
C LYS A 21 -14.62 -5.93 -7.00
N ASP A 22 -14.52 -7.12 -7.57
CA ASP A 22 -15.38 -8.24 -7.20
C ASP A 22 -14.57 -9.48 -6.76
N GLY A 23 -13.25 -9.46 -7.01
CA GLY A 23 -12.38 -10.57 -6.65
C GLY A 23 -12.44 -11.72 -7.65
N ASP A 24 -12.17 -11.41 -8.92
CA ASP A 24 -12.20 -12.40 -10.01
C ASP A 24 -10.89 -13.21 -10.10
N GLY A 25 -9.82 -12.68 -9.48
CA GLY A 25 -8.52 -13.36 -9.51
C GLY A 25 -7.51 -12.68 -10.40
N THR A 26 -8.00 -11.77 -11.24
CA THR A 26 -7.15 -11.06 -12.19
C THR A 26 -7.68 -9.65 -12.42
N ILE A 27 -6.77 -8.66 -12.39
CA ILE A 27 -7.16 -7.26 -12.58
C ILE A 27 -6.38 -6.58 -13.72
N THR A 28 -7.07 -5.64 -14.39
CA THR A 28 -6.50 -4.86 -15.50
C THR A 28 -5.41 -3.91 -15.02
N THR A 29 -4.42 -3.69 -15.90
CA THR A 29 -3.29 -2.77 -15.62
C THR A 29 -3.78 -1.32 -15.43
N LYS A 30 -5.03 -1.08 -15.85
CA LYS A 30 -5.66 0.25 -15.78
C LYS A 30 -6.30 0.52 -14.41
N GLU A 31 -6.57 -0.57 -13.65
CA GLU A 31 -7.18 -0.50 -12.32
C GLU A 31 -6.17 -0.08 -11.26
N LEU A 32 -4.88 -0.37 -11.52
CA LEU A 32 -3.79 -0.02 -10.60
C LEU A 32 -3.72 1.49 -10.38
N GLY A 33 -3.82 2.24 -11.48
CA GLY A 33 -3.79 3.71 -11.44
C GLY A 33 -4.97 4.31 -10.73
N THR A 34 -5.97 3.48 -10.60
CA THR A 34 -7.21 3.83 -9.94
C THR A 34 -7.00 3.84 -8.41
N VAL A 35 -6.31 2.79 -7.92
CA VAL A 35 -5.98 2.64 -6.50
C VAL A 35 -4.69 3.38 -6.15
N MET A 36 -3.66 3.17 -7.00
CA MET A 36 -2.34 3.83 -6.86
C MET A 36 -2.49 5.33 -6.74
N ARG A 37 -3.41 5.91 -7.54
CA ARG A 37 -3.70 7.36 -7.47
C ARG A 37 -4.04 7.83 -6.04
N SER A 38 -4.45 6.89 -5.15
CA SER A 38 -4.78 7.21 -3.76
C SER A 38 -3.56 7.01 -2.88
N LEU A 39 -2.75 5.99 -3.22
CA LEU A 39 -1.52 5.73 -2.50
C LEU A 39 -0.50 6.82 -2.86
N GLY A 40 -0.82 7.56 -3.93
CA GLY A 40 0.01 8.65 -4.37
C GLY A 40 0.79 8.31 -5.62
N GLN A 41 0.79 7.00 -5.99
CA GLN A 41 1.47 6.56 -7.19
C GLN A 41 0.52 6.72 -8.36
N ASN A 42 0.96 7.40 -9.41
CA ASN A 42 0.12 7.64 -10.57
C ASN A 42 1.00 7.76 -11.84
N PRO A 43 1.29 6.59 -12.48
CA PRO A 43 2.10 6.53 -13.71
C PRO A 43 1.28 6.76 -14.98
N THR A 44 1.97 6.83 -16.14
CA THR A 44 1.35 7.05 -17.45
C THR A 44 0.69 5.75 -17.95
N GLU A 45 0.11 5.80 -19.17
CA GLU A 45 -0.57 4.64 -19.78
C GLU A 45 0.31 3.40 -19.87
N ALA A 46 1.51 3.53 -20.45
CA ALA A 46 2.45 2.41 -20.56
C ALA A 46 3.27 2.18 -19.29
N GLU A 47 3.39 3.22 -18.45
CA GLU A 47 4.15 3.13 -17.21
C GLU A 47 3.46 2.26 -16.17
N LEU A 48 2.17 2.08 -16.37
CA LEU A 48 1.34 1.26 -15.49
C LEU A 48 1.37 -0.22 -15.91
N GLN A 49 1.60 -0.51 -17.20
CA GLN A 49 1.66 -1.89 -17.70
C GLN A 49 3.01 -2.55 -17.42
N ASP A 50 3.97 -1.70 -17.10
CA ASP A 50 5.36 -2.12 -16.81
C ASP A 50 5.47 -2.84 -15.46
N MET A 51 4.48 -2.62 -14.58
CA MET A 51 4.45 -3.24 -13.24
C MET A 51 4.10 -4.73 -13.30
N ILE A 52 3.23 -5.10 -14.25
CA ILE A 52 2.80 -6.50 -14.42
C ILE A 52 3.83 -7.26 -15.28
N ASN A 53 4.55 -6.53 -16.13
CA ASN A 53 5.58 -7.11 -17.00
C ASN A 53 6.87 -7.45 -16.23
N GLU A 54 7.05 -6.83 -15.05
CA GLU A 54 8.22 -7.06 -14.20
C GLU A 54 8.27 -8.51 -13.67
N VAL A 55 7.12 -9.22 -13.73
CA VAL A 55 7.04 -10.61 -13.27
C VAL A 55 6.52 -11.52 -14.41
N ASP A 56 5.64 -10.97 -15.28
CA ASP A 56 5.04 -11.67 -16.43
C ASP A 56 4.91 -13.20 -16.23
N ALA A 57 4.00 -13.58 -15.31
CA ALA A 57 3.75 -14.99 -15.01
C ALA A 57 2.89 -15.64 -16.10
N ASP A 58 1.90 -14.89 -16.60
CA ASP A 58 1.02 -15.37 -17.66
C ASP A 58 1.14 -14.53 -18.92
N GLY A 59 1.91 -13.45 -18.80
CA GLY A 59 2.12 -12.51 -19.91
C GLY A 59 0.83 -12.00 -20.54
N ASN A 60 -0.22 -11.84 -19.72
CA ASN A 60 -1.53 -11.39 -20.19
C ASN A 60 -1.77 -9.91 -19.85
N GLY A 61 -1.02 -9.40 -18.88
CA GLY A 61 -1.17 -8.02 -18.45
C GLY A 61 -1.88 -7.91 -17.11
N THR A 62 -2.42 -9.03 -16.63
CA THR A 62 -3.13 -9.09 -15.35
C THR A 62 -2.19 -9.52 -14.24
N ILE A 63 -2.48 -9.10 -13.01
CA ILE A 63 -1.63 -9.42 -11.86
C ILE A 63 -2.42 -10.14 -10.75
N ASP A 64 -1.95 -11.34 -10.42
CA ASP A 64 -2.55 -12.18 -9.37
C ASP A 64 -1.78 -12.03 -8.05
N PHE A 65 -2.27 -12.67 -6.97
CA PHE A 65 -1.63 -12.60 -5.63
C PHE A 65 -0.14 -13.04 -5.63
N PRO A 66 0.22 -14.22 -6.24
CA PRO A 66 1.62 -14.70 -6.27
C PRO A 66 2.50 -13.95 -7.29
N GLU A 67 1.89 -13.14 -8.15
CA GLU A 67 2.61 -12.40 -9.19
C GLU A 67 3.33 -11.15 -8.66
N PHE A 68 2.65 -10.34 -7.82
CA PHE A 68 3.28 -9.12 -7.28
C PHE A 68 4.17 -9.43 -6.07
N LEU A 69 3.67 -10.30 -5.16
CA LEU A 69 4.40 -10.72 -3.97
C LEU A 69 5.78 -11.32 -4.28
N THR A 70 5.96 -11.79 -5.53
CA THR A 70 7.24 -12.38 -5.96
C THR A 70 8.26 -11.31 -6.37
N MET A 71 7.85 -10.40 -7.27
CA MET A 71 8.74 -9.32 -7.73
C MET A 71 8.93 -8.23 -6.68
N MET A 72 8.10 -8.30 -5.67
CA MET A 72 8.14 -7.36 -4.53
C MET A 72 8.95 -7.92 -3.38
N ALA A 73 9.02 -9.25 -3.28
CA ALA A 73 9.79 -9.93 -2.23
C ALA A 73 11.27 -9.96 -2.59
N ARG A 74 11.53 -9.63 -3.83
CA ARG A 74 12.87 -9.58 -4.41
C ARG A 74 13.49 -8.19 -4.27
N LYS A 75 12.66 -7.27 -3.81
CA LYS A 75 13.05 -5.87 -3.61
C LYS A 75 13.61 -5.62 -2.21
N MET A 76 13.39 -6.57 -1.29
CA MET A 76 13.93 -6.47 0.07
C MET A 76 15.38 -6.97 0.08
N LYS A 77 15.77 -7.56 -1.06
CA LYS A 77 17.13 -8.06 -1.26
C LYS A 77 17.98 -7.02 -2.00
N ASP A 78 17.32 -5.98 -2.57
CA ASP A 78 18.02 -4.90 -3.29
C ASP A 78 18.79 -3.96 -2.33
N THR A 79 18.95 -4.43 -1.09
CA THR A 79 19.67 -3.75 0.02
C THR A 79 19.16 -2.34 0.37
N ASP A 80 19.17 -1.43 -0.61
CA ASP A 80 18.73 -0.05 -0.41
C ASP A 80 17.20 0.06 -0.44
N SER A 81 16.56 -0.65 0.48
CA SER A 81 15.10 -0.61 0.60
C SER A 81 14.69 0.35 1.70
N GLU A 82 15.69 1.04 2.23
CA GLU A 82 15.52 2.06 3.24
C GLU A 82 15.15 3.35 2.56
N GLU A 83 15.64 3.49 1.32
CA GLU A 83 15.34 4.65 0.51
C GLU A 83 13.89 4.57 0.04
N GLU A 84 13.40 3.35 0.10
CA GLU A 84 12.02 3.01 -0.24
C GLU A 84 11.06 3.23 0.91
N ILE A 85 11.62 3.22 2.10
CA ILE A 85 10.87 3.41 3.34
C ILE A 85 10.62 4.90 3.58
N ARG A 86 11.56 5.71 3.08
CA ARG A 86 11.49 7.17 3.22
C ARG A 86 10.59 7.81 2.14
N GLU A 87 10.40 7.09 1.03
CA GLU A 87 9.56 7.56 -0.08
C GLU A 87 8.10 7.59 0.31
N ALA A 88 7.65 6.54 1.04
CA ALA A 88 6.27 6.43 1.53
C ALA A 88 5.87 7.64 2.38
N PHE A 89 6.89 8.30 2.96
CA PHE A 89 6.71 9.51 3.78
C PHE A 89 6.61 10.73 2.87
N ARG A 90 7.31 10.66 1.74
CA ARG A 90 7.33 11.74 0.73
C ARG A 90 6.12 11.69 -0.19
N VAL A 91 5.53 10.50 -0.30
CA VAL A 91 4.37 10.25 -1.14
C VAL A 91 3.07 10.53 -0.36
N PHE A 92 2.96 9.88 0.81
CA PHE A 92 1.79 10.02 1.70
C PHE A 92 1.55 11.46 2.14
N ASP A 93 2.64 12.19 2.40
CA ASP A 93 2.58 13.59 2.83
C ASP A 93 2.41 14.53 1.63
N LYS A 94 1.20 15.09 1.50
CA LYS A 94 0.87 16.01 0.40
C LYS A 94 1.42 17.42 0.62
N ASP A 95 1.29 17.92 1.86
CA ASP A 95 1.76 19.27 2.21
C ASP A 95 3.17 19.25 2.82
N GLY A 96 3.66 18.05 3.17
CA GLY A 96 5.00 17.91 3.76
C GLY A 96 5.08 18.40 5.21
N ASN A 97 4.08 18.04 6.02
CA ASN A 97 4.03 18.45 7.43
C ASN A 97 4.50 17.32 8.35
N GLY A 98 4.55 16.09 7.83
CA GLY A 98 4.97 14.94 8.62
C GLY A 98 3.81 14.10 9.12
N TYR A 99 2.60 14.66 9.04
CA TYR A 99 1.37 13.99 9.47
C TYR A 99 0.37 14.00 8.34
N ILE A 100 -0.21 12.82 8.04
CA ILE A 100 -1.21 12.70 6.96
C ILE A 100 -2.63 12.83 7.53
N SER A 101 -3.26 13.95 7.17
CA SER A 101 -4.62 14.31 7.60
C SER A 101 -5.68 13.28 7.20
N ALA A 102 -6.80 13.30 7.93
CA ALA A 102 -7.93 12.39 7.69
C ALA A 102 -8.81 12.83 6.52
N ALA A 103 -8.69 14.11 6.12
CA ALA A 103 -9.48 14.67 5.01
C ALA A 103 -9.10 14.05 3.67
N GLU A 104 -7.77 13.95 3.42
CA GLU A 104 -7.26 13.36 2.18
C GLU A 104 -7.14 11.84 2.30
N LEU A 105 -7.09 11.36 3.54
CA LEU A 105 -6.98 9.93 3.83
C LEU A 105 -8.33 9.21 3.63
N ARG A 106 -9.42 10.00 3.66
CA ARG A 106 -10.80 9.47 3.49
C ARG A 106 -11.06 8.95 2.09
N HIS A 107 -10.22 9.37 1.17
CA HIS A 107 -10.30 8.95 -0.23
C HIS A 107 -9.71 7.56 -0.40
N VAL A 108 -8.82 7.21 0.55
CA VAL A 108 -8.14 5.92 0.59
C VAL A 108 -9.14 4.77 0.74
N MET A 109 -9.94 4.81 1.82
CA MET A 109 -10.94 3.78 2.11
C MET A 109 -11.96 3.60 0.98
N THR A 110 -12.11 4.62 0.13
CA THR A 110 -13.05 4.60 -1.00
C THR A 110 -12.57 3.64 -2.10
N ASN A 111 -11.28 3.69 -2.43
CA ASN A 111 -10.70 2.83 -3.47
C ASN A 111 -10.47 1.41 -2.97
N LEU A 112 -10.61 1.22 -1.64
CA LEU A 112 -10.47 -0.10 -1.02
C LEU A 112 -11.80 -0.84 -1.07
N GLY A 113 -12.84 -0.13 -1.54
CA GLY A 113 -14.19 -0.68 -1.64
C GLY A 113 -14.88 -0.69 -0.28
N GLU A 114 -14.88 0.47 0.38
CA GLU A 114 -15.46 0.59 1.71
C GLU A 114 -16.72 1.44 1.74
N LYS A 115 -17.70 0.96 2.51
CA LYS A 115 -18.96 1.69 2.72
C LYS A 115 -18.84 2.50 4.02
N LEU A 116 -17.59 2.62 4.44
CA LEU A 116 -17.20 3.36 5.62
C LEU A 116 -16.08 4.31 5.24
N THR A 117 -16.05 5.47 5.89
CA THR A 117 -15.06 6.50 5.62
C THR A 117 -13.88 6.43 6.57
N ASP A 118 -12.97 7.43 6.44
CA ASP A 118 -11.78 7.56 7.30
C ASP A 118 -12.17 7.42 8.77
N GLU A 119 -13.49 7.54 9.03
CA GLU A 119 -14.07 7.47 10.38
C GLU A 119 -13.72 6.16 11.12
N GLU A 120 -13.74 5.04 10.37
CA GLU A 120 -13.42 3.73 10.94
C GLU A 120 -11.92 3.42 10.86
N VAL A 121 -11.21 4.14 9.97
CA VAL A 121 -9.77 3.97 9.79
C VAL A 121 -8.97 4.80 10.80
N ASP A 122 -9.56 5.91 11.23
CA ASP A 122 -8.95 6.82 12.22
C ASP A 122 -8.83 6.16 13.59
N GLU A 123 -9.62 5.11 13.80
CA GLU A 123 -9.53 4.34 15.03
C GLU A 123 -8.22 3.54 14.99
N MET A 124 -7.69 3.39 13.76
CA MET A 124 -6.45 2.67 13.52
C MET A 124 -5.22 3.56 13.71
N ILE A 125 -5.28 4.80 13.18
CA ILE A 125 -4.17 5.79 13.29
C ILE A 125 -3.58 5.85 14.71
N ARG A 126 -4.43 5.57 15.70
CA ARG A 126 -4.03 5.54 17.12
C ARG A 126 -2.87 4.60 17.43
N GLU A 127 -2.60 3.71 16.50
CA GLU A 127 -1.50 2.74 16.63
C GLU A 127 -0.18 3.32 16.12
N ALA A 128 -0.28 4.28 15.18
CA ALA A 128 0.88 4.93 14.58
C ALA A 128 0.93 6.42 14.96
N ASP A 129 0.08 6.81 15.92
CA ASP A 129 0.00 8.19 16.39
C ASP A 129 0.93 8.38 17.60
N ILE A 130 2.23 8.52 17.30
CA ILE A 130 3.26 8.71 18.33
C ILE A 130 3.42 10.19 18.71
N ASP A 131 3.24 11.10 17.74
CA ASP A 131 3.36 12.54 17.99
C ASP A 131 2.05 13.15 18.51
N GLY A 132 0.96 12.36 18.43
CA GLY A 132 -0.34 12.78 18.93
C GLY A 132 -1.04 13.86 18.11
N ASP A 133 -0.83 13.90 16.78
CA ASP A 133 -1.49 14.89 15.93
C ASP A 133 -2.75 14.29 15.29
N GLY A 134 -3.08 13.04 15.69
CA GLY A 134 -4.24 12.33 15.13
C GLY A 134 -3.95 11.83 13.72
N GLN A 135 -2.66 11.84 13.39
CA GLN A 135 -2.16 11.45 12.08
C GLN A 135 -0.86 10.64 12.23
N VAL A 136 -0.33 10.15 11.10
CA VAL A 136 0.91 9.36 11.11
C VAL A 136 2.14 10.25 10.90
N ASN A 137 3.20 9.99 11.66
CA ASN A 137 4.43 10.77 11.56
C ASN A 137 5.56 9.95 10.94
N TYR A 138 6.80 10.43 11.07
CA TYR A 138 7.99 9.74 10.52
C TYR A 138 8.42 8.60 11.45
N GLU A 139 7.97 8.69 12.70
CA GLU A 139 8.27 7.71 13.74
C GLU A 139 7.56 6.37 13.55
N GLU A 140 6.43 6.35 12.81
CA GLU A 140 5.68 5.11 12.58
C GLU A 140 6.29 4.24 11.46
N PHE A 141 6.80 4.91 10.40
CA PHE A 141 7.45 4.23 9.26
C PHE A 141 8.55 3.25 9.67
N VAL A 142 9.53 3.79 10.39
CA VAL A 142 10.70 3.03 10.86
C VAL A 142 10.42 2.17 12.13
N GLN A 143 9.71 2.73 13.11
CA GLN A 143 9.41 2.01 14.37
C GLN A 143 8.24 1.04 14.26
N MET A 144 7.09 1.50 13.74
CA MET A 144 5.88 0.67 13.66
C MET A 144 5.83 -0.25 12.43
N MET A 145 6.18 0.28 11.25
CA MET A 145 6.13 -0.50 10.00
C MET A 145 7.32 -1.45 9.82
N THR A 146 8.52 -1.01 10.26
CA THR A 146 9.73 -1.84 10.14
C THR A 146 9.86 -2.81 11.32
N ALA A 147 9.39 -2.38 12.50
CA ALA A 147 9.44 -3.21 13.71
C ALA A 147 8.04 -3.37 14.32
N LYS A 148 7.31 -4.38 13.84
CA LYS A 148 5.96 -4.67 14.33
C LYS A 148 5.97 -5.75 15.41
N LYS B 1 -1.03 -4.88 11.85
CA LYS B 1 -1.51 -5.66 10.67
C LYS B 1 -3.05 -5.67 10.62
N LYS B 2 -3.60 -5.08 9.54
CA LYS B 2 -5.07 -5.00 9.29
C LYS B 2 -5.64 -3.88 10.14
N THR B 3 -4.97 -2.74 10.00
CA THR B 3 -5.27 -1.54 10.74
C THR B 3 -4.79 -0.32 9.98
N PHE B 4 -3.48 -0.30 9.77
CA PHE B 4 -2.78 0.74 9.06
C PHE B 4 -1.51 0.17 8.47
N LYS B 5 -0.93 -0.82 9.17
CA LYS B 5 0.28 -1.51 8.68
C LYS B 5 -0.10 -2.30 7.44
N GLU B 6 -1.40 -2.61 7.35
CA GLU B 6 -1.97 -3.33 6.22
C GLU B 6 -2.16 -2.41 5.02
N VAL B 7 -2.84 -1.28 5.24
CA VAL B 7 -3.12 -0.31 4.17
C VAL B 7 -1.88 0.53 3.77
N ALA B 8 -1.01 0.81 4.75
CA ALA B 8 0.22 1.60 4.51
C ALA B 8 1.31 0.78 3.81
N ASN B 9 1.38 -0.53 4.12
CA ASN B 9 2.37 -1.45 3.52
C ASN B 9 2.31 -1.41 1.98
N ALA B 10 1.10 -1.15 1.46
CA ALA B 10 0.86 -1.06 0.02
C ALA B 10 1.61 0.12 -0.61
N VAL B 11 1.77 1.21 0.17
CA VAL B 11 2.49 2.40 -0.29
C VAL B 11 4.00 2.13 -0.37
N LYS B 12 4.50 1.36 0.61
CA LYS B 12 5.92 1.00 0.69
C LYS B 12 6.32 -0.13 -0.28
N ILE B 13 5.37 -0.99 -0.64
CA ILE B 13 5.65 -2.13 -1.53
C ILE B 13 4.90 -2.01 -2.87
N SER B 14 3.58 -1.83 -2.80
CA SER B 14 2.74 -1.73 -4.01
C SER B 14 2.77 -0.33 -4.64
N ALA B 15 3.68 0.54 -4.17
CA ALA B 15 3.81 1.90 -4.70
C ALA B 15 5.27 2.33 -4.89
N SER B 16 6.21 1.55 -4.33
CA SER B 16 7.64 1.86 -4.42
C SER B 16 8.31 1.10 -5.59
N LEU B 17 7.54 0.87 -6.67
CA LEU B 17 8.04 0.18 -7.85
C LEU B 17 8.62 1.17 -8.87
N ALA A 1 10.13 -21.88 6.12
CA ALA A 1 8.78 -22.53 6.03
C ALA A 1 7.69 -21.49 5.81
N ASP A 2 7.78 -20.35 6.55
CA ASP A 2 6.81 -19.23 6.46
C ASP A 2 5.40 -19.66 6.91
N GLN A 3 4.84 -18.91 7.86
CA GLN A 3 3.50 -19.18 8.39
C GLN A 3 2.60 -17.96 8.26
N LEU A 4 1.32 -18.19 7.96
CA LEU A 4 0.33 -17.12 7.80
C LEU A 4 -1.03 -17.53 8.36
N THR A 5 -1.53 -16.69 9.25
CA THR A 5 -2.82 -16.88 9.91
C THR A 5 -3.72 -15.69 9.60
N GLU A 6 -4.93 -15.67 10.19
CA GLU A 6 -5.90 -14.57 10.01
C GLU A 6 -5.29 -13.17 10.23
N GLU A 7 -4.13 -13.12 10.88
CA GLU A 7 -3.45 -11.85 11.18
C GLU A 7 -2.57 -11.39 10.00
N GLN A 8 -1.84 -12.35 9.42
CA GLN A 8 -0.94 -12.09 8.29
C GLN A 8 -1.67 -12.02 6.95
N ILE A 9 -2.87 -12.60 6.91
CA ILE A 9 -3.70 -12.62 5.69
C ILE A 9 -4.46 -11.30 5.48
N ALA A 10 -4.87 -10.64 6.58
CA ALA A 10 -5.59 -9.35 6.50
C ALA A 10 -4.67 -8.22 6.04
N GLU A 11 -3.38 -8.35 6.36
CA GLU A 11 -2.37 -7.37 5.95
C GLU A 11 -1.92 -7.64 4.50
N PHE A 12 -2.12 -8.92 4.08
CA PHE A 12 -1.80 -9.38 2.73
C PHE A 12 -2.98 -9.09 1.80
N LYS A 13 -4.18 -9.10 2.41
CA LYS A 13 -5.44 -8.81 1.71
C LYS A 13 -5.70 -7.30 1.66
N GLU A 14 -5.21 -6.59 2.71
CA GLU A 14 -5.34 -5.11 2.80
C GLU A 14 -4.77 -4.41 1.55
N ALA A 15 -3.78 -5.06 0.91
CA ALA A 15 -3.16 -4.56 -0.31
C ALA A 15 -3.96 -4.95 -1.55
N PHE A 16 -4.64 -6.10 -1.46
CA PHE A 16 -5.46 -6.63 -2.55
C PHE A 16 -6.86 -5.98 -2.58
N SER A 17 -7.32 -5.47 -1.42
CA SER A 17 -8.63 -4.82 -1.31
C SER A 17 -8.71 -3.50 -2.08
N LEU A 18 -7.54 -2.90 -2.38
CA LEU A 18 -7.47 -1.63 -3.09
C LEU A 18 -7.58 -1.81 -4.60
N PHE A 19 -6.65 -2.57 -5.20
CA PHE A 19 -6.62 -2.82 -6.67
C PHE A 19 -7.86 -3.61 -7.15
N ASP A 20 -8.55 -4.27 -6.21
CA ASP A 20 -9.74 -5.06 -6.53
C ASP A 20 -11.01 -4.24 -6.41
N LYS A 21 -11.81 -4.22 -7.49
CA LYS A 21 -13.08 -3.48 -7.54
C LYS A 21 -14.20 -4.20 -6.78
N ASP A 22 -14.34 -5.49 -7.03
CA ASP A 22 -15.37 -6.31 -6.40
C ASP A 22 -14.78 -7.53 -5.68
N GLY A 23 -13.49 -7.81 -5.94
CA GLY A 23 -12.81 -8.95 -5.32
C GLY A 23 -13.05 -10.25 -6.07
N ASP A 24 -12.73 -10.24 -7.37
CA ASP A 24 -12.90 -11.43 -8.23
C ASP A 24 -11.67 -12.35 -8.19
N GLY A 25 -10.54 -11.83 -7.72
CA GLY A 25 -9.31 -12.62 -7.65
C GLY A 25 -8.28 -12.22 -8.69
N THR A 26 -8.72 -11.43 -9.68
CA THR A 26 -7.85 -10.97 -10.75
C THR A 26 -8.01 -9.46 -10.94
N ILE A 27 -6.88 -8.75 -11.05
CA ILE A 27 -6.91 -7.30 -11.22
C ILE A 27 -6.27 -6.86 -12.54
N THR A 28 -6.81 -5.78 -13.10
CA THR A 28 -6.34 -5.21 -14.36
C THR A 28 -5.12 -4.32 -14.15
N THR A 29 -4.27 -4.25 -15.18
CA THR A 29 -3.05 -3.43 -15.15
C THR A 29 -3.42 -1.94 -15.00
N LYS A 30 -4.71 -1.64 -15.23
CA LYS A 30 -5.25 -0.28 -15.16
C LYS A 30 -5.62 0.13 -13.72
N GLU A 31 -5.87 -0.86 -12.85
CA GLU A 31 -6.23 -0.60 -11.45
C GLU A 31 -5.05 -0.03 -10.66
N LEU A 32 -3.83 -0.38 -11.10
CA LEU A 32 -2.58 0.12 -10.51
C LEU A 32 -2.58 1.65 -10.44
N GLY A 33 -3.02 2.28 -11.55
CA GLY A 33 -3.11 3.73 -11.64
C GLY A 33 -4.22 4.31 -10.82
N THR A 34 -5.11 3.42 -10.46
CA THR A 34 -6.26 3.76 -9.64
C THR A 34 -5.83 3.87 -8.16
N VAL A 35 -4.86 3.02 -7.77
CA VAL A 35 -4.29 3.03 -6.41
C VAL A 35 -3.14 4.06 -6.37
N MET A 36 -2.28 4.02 -7.40
CA MET A 36 -1.15 4.94 -7.57
C MET A 36 -1.64 6.37 -7.61
N ARG A 37 -2.80 6.60 -8.23
CA ARG A 37 -3.45 7.93 -8.23
C ARG A 37 -3.74 8.42 -6.79
N SER A 38 -3.78 7.46 -5.83
CA SER A 38 -4.03 7.77 -4.41
C SER A 38 -2.72 7.99 -3.68
N LEU A 39 -1.69 7.23 -4.08
CA LEU A 39 -0.34 7.37 -3.53
C LEU A 39 0.24 8.70 -4.03
N GLY A 40 -0.37 9.21 -5.11
CA GLY A 40 0.06 10.44 -5.72
C GLY A 40 0.99 10.19 -6.89
N GLN A 41 1.57 8.97 -6.90
CA GLN A 41 2.46 8.55 -7.97
C GLN A 41 1.72 7.61 -8.88
N ASN A 42 1.73 7.93 -10.18
CA ASN A 42 1.03 7.11 -11.17
C ASN A 42 1.79 7.07 -12.51
N PRO A 43 2.18 5.85 -12.99
CA PRO A 43 2.92 5.67 -14.25
C PRO A 43 2.04 5.85 -15.51
N THR A 44 2.67 5.80 -16.69
CA THR A 44 2.00 5.96 -17.99
C THR A 44 1.17 4.71 -18.35
N GLU A 45 0.50 4.73 -19.52
CA GLU A 45 -0.34 3.63 -20.00
C GLU A 45 0.44 2.30 -20.11
N ALA A 46 1.60 2.33 -20.80
CA ALA A 46 2.44 1.14 -20.94
C ALA A 46 3.34 0.93 -19.73
N GLU A 47 3.59 2.00 -18.96
CA GLU A 47 4.44 1.92 -17.76
C GLU A 47 3.78 1.15 -16.64
N LEU A 48 2.47 1.04 -16.73
CA LEU A 48 1.65 0.30 -15.76
C LEU A 48 1.57 -1.18 -16.14
N GLN A 49 1.67 -1.47 -17.47
CA GLN A 49 1.64 -2.85 -17.97
C GLN A 49 2.93 -3.60 -17.65
N ASP A 50 3.93 -2.81 -17.30
CA ASP A 50 5.26 -3.31 -16.93
C ASP A 50 5.28 -3.92 -15.52
N MET A 51 4.27 -3.55 -14.71
CA MET A 51 4.13 -4.05 -13.34
C MET A 51 3.69 -5.52 -13.33
N ILE A 52 2.90 -5.91 -14.34
CA ILE A 52 2.41 -7.29 -14.48
C ILE A 52 3.48 -8.20 -15.13
N ASN A 53 4.35 -7.57 -15.94
CA ASN A 53 5.43 -8.29 -16.63
C ASN A 53 6.60 -8.62 -15.70
N GLU A 54 6.70 -7.90 -14.57
CA GLU A 54 7.75 -8.12 -13.58
C GLU A 54 7.82 -9.58 -13.10
N VAL A 55 6.68 -10.28 -13.19
CA VAL A 55 6.59 -11.69 -12.78
C VAL A 55 6.07 -12.53 -13.98
N ASP A 56 5.22 -11.91 -14.82
CA ASP A 56 4.62 -12.53 -16.02
C ASP A 56 4.26 -14.01 -15.84
N ALA A 57 3.23 -14.24 -15.03
CA ALA A 57 2.74 -15.60 -14.76
C ALA A 57 1.83 -16.08 -15.90
N ASP A 58 0.98 -15.18 -16.39
CA ASP A 58 0.07 -15.48 -17.49
C ASP A 58 0.37 -14.63 -18.73
N GLY A 59 1.21 -13.63 -18.54
CA GLY A 59 1.60 -12.70 -19.60
C GLY A 59 0.43 -12.07 -20.36
N ASN A 60 -0.67 -11.82 -19.66
CA ASN A 60 -1.87 -11.23 -20.27
C ASN A 60 -2.24 -9.86 -19.67
N GLY A 61 -1.50 -9.43 -18.66
CA GLY A 61 -1.77 -8.15 -17.99
C GLY A 61 -2.55 -8.33 -16.71
N THR A 62 -3.11 -9.53 -16.52
CA THR A 62 -3.88 -9.88 -15.32
C THR A 62 -2.99 -10.59 -14.32
N ILE A 63 -3.15 -10.25 -13.03
CA ILE A 63 -2.33 -10.85 -11.97
C ILE A 63 -3.21 -11.42 -10.85
N ASP A 64 -2.71 -12.50 -10.22
CA ASP A 64 -3.40 -13.19 -9.13
C ASP A 64 -2.93 -12.64 -7.76
N PHE A 65 -3.16 -13.42 -6.69
CA PHE A 65 -2.79 -13.02 -5.31
C PHE A 65 -1.27 -13.18 -5.01
N PRO A 66 -0.66 -14.41 -5.15
CA PRO A 66 0.77 -14.62 -4.83
C PRO A 66 1.75 -14.13 -5.91
N GLU A 67 1.24 -13.76 -7.08
CA GLU A 67 2.08 -13.34 -8.22
C GLU A 67 2.69 -11.93 -8.13
N PHE A 68 1.95 -10.94 -7.60
CA PHE A 68 2.48 -9.56 -7.54
C PHE A 68 3.38 -9.31 -6.31
N LEU A 69 3.00 -9.93 -5.18
CA LEU A 69 3.75 -9.78 -3.92
C LEU A 69 5.09 -10.52 -3.92
N THR A 70 5.24 -11.53 -4.80
CA THR A 70 6.48 -12.33 -4.87
C THR A 70 7.65 -11.58 -5.48
N MET A 71 7.49 -11.03 -6.69
CA MET A 71 8.56 -10.27 -7.36
C MET A 71 8.78 -8.90 -6.71
N MET A 72 7.83 -8.55 -5.88
CA MET A 72 7.84 -7.28 -5.15
C MET A 72 8.42 -7.43 -3.74
N ALA A 73 8.42 -8.67 -3.21
CA ALA A 73 8.95 -8.93 -1.86
C ALA A 73 10.46 -9.14 -1.86
N ARG A 74 10.97 -9.42 -3.05
CA ARG A 74 12.40 -9.65 -3.27
C ARG A 74 13.12 -8.39 -3.69
N LYS A 75 12.34 -7.38 -4.02
CA LYS A 75 12.85 -6.09 -4.48
C LYS A 75 12.96 -5.05 -3.37
N MET A 76 12.71 -5.47 -2.12
CA MET A 76 12.81 -4.57 -0.96
C MET A 76 14.28 -4.45 -0.51
N LYS A 77 14.94 -5.60 -0.42
CA LYS A 77 16.35 -5.67 -0.02
C LYS A 77 17.30 -5.74 -1.22
N ASP A 78 16.76 -5.90 -2.44
CA ASP A 78 17.59 -6.01 -3.64
C ASP A 78 17.73 -4.68 -4.40
N THR A 79 17.53 -3.57 -3.67
CA THR A 79 17.62 -2.22 -4.25
C THR A 79 18.10 -1.21 -3.20
N ASP A 80 17.17 -0.35 -2.71
CA ASP A 80 17.46 0.68 -1.72
C ASP A 80 16.15 1.11 -1.05
N SER A 81 15.90 0.56 0.14
CA SER A 81 14.67 0.85 0.89
C SER A 81 14.76 2.16 1.70
N GLU A 82 15.95 2.78 1.72
CA GLU A 82 16.14 4.05 2.43
C GLU A 82 15.39 5.17 1.74
N GLU A 83 15.41 5.13 0.40
CA GLU A 83 14.67 6.10 -0.40
C GLU A 83 13.17 5.84 -0.28
N GLU A 84 12.86 4.64 0.19
CA GLU A 84 11.49 4.19 0.42
C GLU A 84 10.98 4.64 1.78
N ILE A 85 11.90 4.77 2.70
CA ILE A 85 11.60 5.19 4.08
C ILE A 85 11.07 6.64 4.08
N ARG A 86 11.69 7.47 3.25
CA ARG A 86 11.33 8.88 3.12
C ARG A 86 10.16 9.11 2.16
N GLU A 87 10.21 8.44 0.98
CA GLU A 87 9.18 8.59 -0.07
C GLU A 87 7.77 8.34 0.48
N ALA A 88 7.66 7.36 1.41
CA ALA A 88 6.37 7.01 2.05
C ALA A 88 5.80 8.23 2.77
N PHE A 89 6.71 9.05 3.34
CA PHE A 89 6.33 10.29 4.02
C PHE A 89 5.90 11.33 2.98
N ARG A 90 6.43 11.16 1.77
CA ARG A 90 6.11 12.04 0.63
C ARG A 90 4.80 11.66 -0.05
N VAL A 91 4.35 10.43 0.22
CA VAL A 91 3.12 9.89 -0.36
C VAL A 91 1.89 10.26 0.47
N PHE A 92 1.90 9.83 1.74
CA PHE A 92 0.78 10.06 2.67
C PHE A 92 0.65 11.53 3.10
N ASP A 93 1.74 12.29 3.01
CA ASP A 93 1.74 13.72 3.40
C ASP A 93 1.29 14.62 2.26
N LYS A 94 0.08 15.17 2.41
CA LYS A 94 -0.51 16.09 1.42
C LYS A 94 0.08 17.50 1.50
N ASP A 95 0.29 17.99 2.73
CA ASP A 95 0.84 19.33 2.95
C ASP A 95 2.22 19.29 3.64
N GLY A 96 2.61 18.12 4.16
CA GLY A 96 3.90 17.97 4.84
C GLY A 96 4.01 18.70 6.16
N ASN A 97 2.99 18.54 7.02
CA ASN A 97 2.98 19.20 8.34
C ASN A 97 3.56 18.28 9.44
N GLY A 98 3.74 17.00 9.13
CA GLY A 98 4.28 16.04 10.11
C GLY A 98 3.21 15.09 10.63
N TYR A 99 1.98 15.28 10.16
CA TYR A 99 0.82 14.45 10.55
C TYR A 99 -0.14 14.34 9.37
N ILE A 100 -0.55 13.10 9.06
CA ILE A 100 -1.47 12.87 7.96
C ILE A 100 -2.91 12.70 8.47
N SER A 101 -3.75 13.67 8.07
CA SER A 101 -5.17 13.75 8.45
C SER A 101 -6.00 12.58 7.88
N ALA A 102 -7.09 12.27 8.59
CA ALA A 102 -8.01 11.18 8.22
C ALA A 102 -9.00 11.61 7.12
N ALA A 103 -9.18 12.93 6.93
CA ALA A 103 -10.11 13.48 5.93
C ALA A 103 -9.66 13.22 4.50
N GLU A 104 -8.38 13.49 4.21
CA GLU A 104 -7.82 13.28 2.87
C GLU A 104 -7.35 11.84 2.67
N LEU A 105 -7.10 11.15 3.78
CA LEU A 105 -6.66 9.75 3.77
C LEU A 105 -7.81 8.80 3.43
N ARG A 106 -9.07 9.26 3.62
CA ARG A 106 -10.25 8.43 3.31
C ARG A 106 -10.41 8.17 1.82
N HIS A 107 -10.01 9.15 1.06
CA HIS A 107 -10.08 9.11 -0.41
C HIS A 107 -9.21 7.97 -0.97
N VAL A 108 -8.22 7.55 -0.17
CA VAL A 108 -7.29 6.49 -0.54
C VAL A 108 -8.01 5.14 -0.76
N MET A 109 -8.63 4.61 0.29
CA MET A 109 -9.36 3.33 0.22
C MET A 109 -10.71 3.50 -0.50
N THR A 110 -11.20 4.74 -0.56
CA THR A 110 -12.49 5.08 -1.19
C THR A 110 -12.39 5.36 -2.69
N ASN A 111 -11.21 5.77 -3.19
CA ASN A 111 -11.02 6.13 -4.60
C ASN A 111 -11.26 4.97 -5.58
N LEU A 112 -11.26 3.74 -5.07
CA LEU A 112 -11.46 2.56 -5.92
C LEU A 112 -12.86 1.95 -5.74
N GLY A 113 -13.71 2.62 -4.94
CA GLY A 113 -15.07 2.12 -4.69
C GLY A 113 -15.05 0.86 -3.83
N GLU A 114 -14.33 0.95 -2.72
CA GLU A 114 -14.14 -0.17 -1.80
C GLU A 114 -15.17 -0.18 -0.67
N LYS A 115 -15.14 -1.27 0.12
CA LYS A 115 -16.03 -1.45 1.29
C LYS A 115 -15.62 -0.44 2.38
N LEU A 116 -15.55 -0.87 3.66
CA LEU A 116 -15.16 0.01 4.78
C LEU A 116 -14.16 1.08 4.32
N THR A 117 -14.42 2.33 4.72
CA THR A 117 -13.61 3.48 4.32
C THR A 117 -12.38 3.68 5.18
N ASP A 118 -11.38 4.34 4.58
CA ASP A 118 -10.11 4.67 5.24
C ASP A 118 -10.35 5.52 6.49
N GLU A 119 -11.54 6.12 6.58
CA GLU A 119 -11.90 6.98 7.74
C GLU A 119 -12.16 6.13 8.99
N GLU A 120 -12.80 4.96 8.78
CA GLU A 120 -13.09 4.02 9.86
C GLU A 120 -11.82 3.26 10.26
N VAL A 121 -10.85 3.27 9.33
CA VAL A 121 -9.54 2.63 9.54
C VAL A 121 -8.60 3.58 10.28
N ASP A 122 -8.89 4.89 10.16
CA ASP A 122 -8.12 5.94 10.85
C ASP A 122 -8.42 5.93 12.34
N GLU A 123 -9.56 5.32 12.70
CA GLU A 123 -9.92 5.15 14.10
C GLU A 123 -8.96 4.10 14.68
N MET A 124 -8.35 3.33 13.74
CA MET A 124 -7.36 2.31 14.07
C MET A 124 -5.96 2.91 14.21
N ILE A 125 -5.75 4.12 13.62
CA ILE A 125 -4.47 4.87 13.69
C ILE A 125 -3.87 4.84 15.09
N ARG A 126 -4.77 4.80 16.07
CA ARG A 126 -4.46 4.75 17.51
C ARG A 126 -3.38 3.72 17.89
N GLU A 127 -3.10 2.81 16.97
CA GLU A 127 -2.08 1.76 17.18
C GLU A 127 -0.66 2.34 17.22
N ALA A 128 -0.37 3.25 16.28
CA ALA A 128 0.94 3.87 16.20
C ALA A 128 0.83 5.41 16.22
N ASP A 129 -0.28 5.90 16.78
CA ASP A 129 -0.52 7.35 16.91
C ASP A 129 0.38 7.92 18.01
N ILE A 130 1.63 8.17 17.63
CA ILE A 130 2.64 8.68 18.55
C ILE A 130 2.67 10.23 18.58
N ASP A 131 1.97 10.87 17.62
CA ASP A 131 1.91 12.33 17.55
C ASP A 131 0.73 12.88 18.35
N GLY A 132 -0.17 11.98 18.77
CA GLY A 132 -1.34 12.35 19.58
C GLY A 132 -2.35 13.25 18.87
N ASP A 133 -2.24 13.41 17.55
CA ASP A 133 -3.20 14.24 16.80
C ASP A 133 -4.19 13.39 15.99
N GLY A 134 -4.12 12.05 16.18
CA GLY A 134 -4.98 11.13 15.43
C GLY A 134 -4.44 10.89 14.04
N GLN A 135 -3.17 11.29 13.86
CA GLN A 135 -2.46 11.18 12.60
C GLN A 135 -1.10 10.52 12.81
N VAL A 136 -0.37 10.28 11.71
CA VAL A 136 0.94 9.64 11.78
C VAL A 136 2.07 10.64 11.52
N ASN A 137 3.14 10.52 12.32
CA ASN A 137 4.32 11.40 12.21
C ASN A 137 5.44 10.69 11.43
N TYR A 138 6.66 11.24 11.50
CA TYR A 138 7.83 10.68 10.81
C TYR A 138 8.33 9.43 11.54
N GLU A 139 7.95 9.32 12.81
CA GLU A 139 8.32 8.20 13.68
C GLU A 139 7.57 6.92 13.33
N GLU A 140 6.31 7.05 12.89
CA GLU A 140 5.46 5.89 12.50
C GLU A 140 6.04 5.12 11.31
N PHE A 141 6.59 5.85 10.33
CA PHE A 141 7.20 5.27 9.12
C PHE A 141 8.32 4.27 9.41
N VAL A 142 9.36 4.77 10.08
CA VAL A 142 10.53 3.95 10.45
C VAL A 142 10.14 2.71 11.30
N GLN A 143 9.10 2.86 12.12
CA GLN A 143 8.62 1.77 12.99
C GLN A 143 7.70 0.77 12.25
N MET A 144 7.07 1.21 11.15
CA MET A 144 6.14 0.36 10.39
C MET A 144 6.85 -0.57 9.38
N MET A 145 7.90 -0.04 8.72
CA MET A 145 8.63 -0.81 7.72
C MET A 145 9.83 -1.56 8.31
N THR A 146 10.59 -0.89 9.19
CA THR A 146 11.78 -1.50 9.82
C THR A 146 11.40 -2.46 10.96
N ALA A 147 10.34 -2.09 11.71
CA ALA A 147 9.88 -2.91 12.82
C ALA A 147 8.57 -3.63 12.44
N LYS A 148 8.71 -4.68 11.63
CA LYS A 148 7.57 -5.47 11.18
C LYS A 148 7.41 -6.73 12.04
N LYS B 1 1.30 -0.91 15.72
CA LYS B 1 1.19 -1.88 14.60
C LYS B 1 -0.02 -2.80 14.80
N LYS B 2 -1.07 -2.59 13.98
CA LYS B 2 -2.27 -3.41 14.06
C LYS B 2 -2.93 -3.53 12.70
N THR B 3 -2.94 -2.43 11.95
CA THR B 3 -3.53 -2.39 10.62
C THR B 3 -2.93 -1.25 9.81
N PHE B 4 -2.90 -0.07 10.43
CA PHE B 4 -2.36 1.14 9.82
C PHE B 4 -0.89 1.01 9.40
N LYS B 5 -0.13 0.15 10.11
CA LYS B 5 1.28 -0.09 9.79
C LYS B 5 1.38 -1.19 8.73
N GLU B 6 0.35 -2.06 8.70
CA GLU B 6 0.26 -3.17 7.77
C GLU B 6 -0.16 -2.70 6.36
N VAL B 7 -1.10 -1.73 6.32
CA VAL B 7 -1.59 -1.16 5.05
C VAL B 7 -0.50 -0.27 4.41
N ALA B 8 0.30 0.37 5.27
CA ALA B 8 1.41 1.25 4.85
C ALA B 8 2.51 0.48 4.10
N ASN B 9 2.74 -0.77 4.52
CA ASN B 9 3.75 -1.65 3.90
C ASN B 9 3.45 -1.91 2.42
N ALA B 10 2.14 -1.89 2.08
CA ALA B 10 1.68 -2.11 0.70
C ALA B 10 2.00 -0.90 -0.18
N VAL B 11 1.80 0.30 0.39
CA VAL B 11 2.08 1.58 -0.29
C VAL B 11 3.61 1.81 -0.42
N LYS B 12 4.35 1.31 0.57
CA LYS B 12 5.81 1.44 0.63
C LYS B 12 6.51 0.46 -0.33
N ILE B 13 5.82 -0.64 -0.67
CA ILE B 13 6.37 -1.66 -1.56
C ILE B 13 6.00 -1.38 -3.04
N SER B 14 4.83 -0.77 -3.24
CA SER B 14 4.33 -0.44 -4.58
C SER B 14 4.86 0.93 -5.06
N ALA B 15 5.51 1.67 -4.16
CA ALA B 15 6.08 2.99 -4.47
C ALA B 15 7.52 2.89 -4.95
N SER B 16 8.15 1.72 -4.75
CA SER B 16 9.54 1.49 -5.16
C SER B 16 9.62 0.93 -6.59
N LEU B 17 8.51 1.03 -7.33
CA LEU B 17 8.43 0.55 -8.71
C LEU B 17 8.80 1.65 -9.71
N ALA A 1 4.28 -25.70 5.28
CA ALA A 1 2.96 -25.36 4.68
C ALA A 1 2.53 -23.95 5.07
N ASP A 2 2.74 -23.60 6.36
CA ASP A 2 2.37 -22.27 6.93
C ASP A 2 0.86 -22.01 6.89
N GLN A 3 0.33 -21.57 8.03
CA GLN A 3 -1.11 -21.29 8.15
C GLN A 3 -1.36 -19.78 8.11
N LEU A 4 -2.45 -19.39 7.45
CA LEU A 4 -2.84 -17.99 7.32
C LEU A 4 -4.29 -17.78 7.72
N THR A 5 -4.45 -17.06 8.83
CA THR A 5 -5.76 -16.74 9.38
C THR A 5 -6.14 -15.30 8.99
N GLU A 6 -7.28 -14.84 9.51
CA GLU A 6 -7.78 -13.46 9.26
C GLU A 6 -6.74 -12.39 9.62
N GLU A 7 -5.71 -12.79 10.40
CA GLU A 7 -4.65 -11.89 10.86
C GLU A 7 -3.61 -11.65 9.76
N GLN A 8 -3.14 -12.74 9.14
CA GLN A 8 -2.14 -12.68 8.08
C GLN A 8 -2.77 -12.33 6.72
N ILE A 9 -4.08 -12.56 6.62
CA ILE A 9 -4.85 -12.29 5.40
C ILE A 9 -5.29 -10.82 5.30
N ALA A 10 -5.65 -10.22 6.45
CA ALA A 10 -6.10 -8.81 6.49
C ALA A 10 -4.94 -7.85 6.20
N GLU A 11 -3.72 -8.31 6.44
CA GLU A 11 -2.51 -7.53 6.16
C GLU A 11 -2.10 -7.70 4.68
N PHE A 12 -2.47 -8.86 4.13
CA PHE A 12 -2.18 -9.21 2.73
C PHE A 12 -3.29 -8.67 1.82
N LYS A 13 -4.51 -8.59 2.36
CA LYS A 13 -5.67 -8.09 1.63
C LYS A 13 -5.77 -6.56 1.74
N GLU A 14 -5.20 -6.00 2.83
CA GLU A 14 -5.18 -4.53 3.06
C GLU A 14 -4.64 -3.75 1.84
N ALA A 15 -3.63 -4.32 1.18
CA ALA A 15 -3.04 -3.72 -0.02
C ALA A 15 -3.84 -4.11 -1.26
N PHE A 16 -4.59 -5.21 -1.14
CA PHE A 16 -5.44 -5.75 -2.21
C PHE A 16 -6.79 -5.02 -2.31
N SER A 17 -7.23 -4.41 -1.20
CA SER A 17 -8.52 -3.70 -1.14
C SER A 17 -8.54 -2.40 -1.97
N LEU A 18 -7.36 -1.86 -2.32
CA LEU A 18 -7.25 -0.61 -3.08
C LEU A 18 -7.50 -0.77 -4.59
N PHE A 19 -6.78 -1.70 -5.23
CA PHE A 19 -6.92 -1.90 -6.68
C PHE A 19 -7.99 -2.94 -7.05
N ASP A 20 -8.56 -3.62 -6.05
CA ASP A 20 -9.60 -4.61 -6.29
C ASP A 20 -10.97 -4.09 -5.87
N LYS A 21 -11.91 -4.08 -6.82
CA LYS A 21 -13.28 -3.60 -6.58
C LYS A 21 -14.13 -4.62 -5.82
N ASP A 22 -14.07 -5.87 -6.26
CA ASP A 22 -14.85 -6.95 -5.65
C ASP A 22 -13.96 -8.12 -5.19
N GLY A 23 -12.68 -8.11 -5.62
CA GLY A 23 -11.75 -9.17 -5.24
C GLY A 23 -12.11 -10.52 -5.86
N ASP A 24 -12.13 -10.57 -7.20
CA ASP A 24 -12.47 -11.80 -7.94
C ASP A 24 -11.32 -12.82 -7.98
N GLY A 25 -10.12 -12.38 -7.60
CA GLY A 25 -8.95 -13.26 -7.59
C GLY A 25 -7.96 -12.96 -8.70
N THR A 26 -8.39 -12.17 -9.69
CA THR A 26 -7.55 -11.82 -10.82
C THR A 26 -7.80 -10.37 -11.23
N ILE A 27 -6.71 -9.62 -11.45
CA ILE A 27 -6.80 -8.21 -11.83
C ILE A 27 -5.98 -7.88 -13.07
N THR A 28 -6.49 -6.93 -13.86
CA THR A 28 -5.83 -6.47 -15.09
C THR A 28 -4.68 -5.53 -14.78
N THR A 29 -3.75 -5.41 -15.74
CA THR A 29 -2.60 -4.51 -15.60
C THR A 29 -3.06 -3.06 -15.40
N LYS A 30 -4.36 -2.84 -15.69
CA LYS A 30 -5.00 -1.52 -15.56
C LYS A 30 -5.27 -1.16 -14.09
N GLU A 31 -5.28 -2.20 -13.24
CA GLU A 31 -5.51 -2.06 -11.80
C GLU A 31 -4.32 -1.39 -11.12
N LEU A 32 -3.16 -1.53 -11.75
CA LEU A 32 -1.91 -0.91 -11.29
C LEU A 32 -2.02 0.61 -11.20
N GLY A 33 -2.83 1.18 -12.12
CA GLY A 33 -3.10 2.63 -12.11
C GLY A 33 -3.96 3.01 -10.96
N THR A 34 -4.59 1.99 -10.44
CA THR A 34 -5.42 2.09 -9.26
C THR A 34 -4.52 1.96 -8.02
N VAL A 35 -3.33 1.36 -8.22
CA VAL A 35 -2.33 1.20 -7.16
C VAL A 35 -1.46 2.47 -7.07
N MET A 36 -0.99 2.94 -8.25
CA MET A 36 -0.18 4.17 -8.34
C MET A 36 -1.06 5.39 -8.07
N ARG A 37 -2.34 5.29 -8.47
CA ARG A 37 -3.34 6.36 -8.22
C ARG A 37 -3.32 6.92 -6.77
N SER A 38 -2.73 6.17 -5.80
CA SER A 38 -2.64 6.61 -4.39
C SER A 38 -1.81 7.87 -4.24
N LEU A 39 -0.49 7.80 -4.57
CA LEU A 39 0.32 9.02 -4.56
C LEU A 39 -0.22 9.90 -5.69
N GLY A 40 -0.86 9.17 -6.63
CA GLY A 40 -1.55 9.76 -7.75
C GLY A 40 -1.21 9.02 -9.02
N GLN A 41 0.09 9.02 -9.33
CA GLN A 41 0.63 8.31 -10.49
C GLN A 41 2.15 8.43 -10.46
N ASN A 42 2.82 7.28 -10.54
CA ASN A 42 4.26 7.24 -10.48
C ASN A 42 4.87 6.41 -11.64
N PRO A 43 4.44 5.12 -11.89
CA PRO A 43 4.99 4.32 -13.00
C PRO A 43 4.39 4.73 -14.36
N THR A 44 5.04 4.28 -15.44
CA THR A 44 4.59 4.58 -16.81
C THR A 44 3.56 3.53 -17.28
N GLU A 45 2.98 3.74 -18.48
CA GLU A 45 1.97 2.83 -19.05
C GLU A 45 2.52 1.41 -19.24
N ALA A 46 3.68 1.28 -19.88
CA ALA A 46 4.32 -0.02 -20.10
C ALA A 46 5.12 -0.50 -18.90
N GLU A 47 5.53 0.42 -18.02
CA GLU A 47 6.31 0.07 -16.82
C GLU A 47 5.48 -0.71 -15.81
N LEU A 48 4.18 -0.57 -15.95
CA LEU A 48 3.21 -1.26 -15.07
C LEU A 48 2.89 -2.66 -15.59
N GLN A 49 2.73 -2.81 -16.93
CA GLN A 49 2.43 -4.13 -17.53
C GLN A 49 3.67 -5.00 -17.67
N ASP A 50 4.81 -4.36 -17.56
CA ASP A 50 6.12 -5.02 -17.65
C ASP A 50 6.53 -5.65 -16.31
N MET A 51 5.92 -5.18 -15.22
CA MET A 51 6.19 -5.68 -13.87
C MET A 51 5.43 -6.98 -13.56
N ILE A 52 4.35 -7.23 -14.32
CA ILE A 52 3.53 -8.45 -14.15
C ILE A 52 4.23 -9.65 -14.82
N ASN A 53 5.06 -9.34 -15.82
CA ASN A 53 5.82 -10.37 -16.57
C ASN A 53 7.02 -10.88 -15.77
N GLU A 54 7.46 -10.09 -14.77
CA GLU A 54 8.59 -10.46 -13.90
C GLU A 54 8.32 -11.72 -13.07
N VAL A 55 7.03 -12.09 -12.98
CA VAL A 55 6.60 -13.28 -12.25
C VAL A 55 5.97 -14.30 -13.22
N ASP A 56 5.33 -13.76 -14.30
CA ASP A 56 4.67 -14.56 -15.36
C ASP A 56 3.97 -15.84 -14.84
N ALA A 57 2.88 -15.63 -14.09
CA ALA A 57 2.10 -16.72 -13.54
C ALA A 57 1.20 -17.33 -14.62
N ASP A 58 0.57 -16.46 -15.42
CA ASP A 58 -0.31 -16.88 -16.50
C ASP A 58 0.21 -16.44 -17.86
N GLY A 59 1.22 -15.58 -17.81
CA GLY A 59 1.83 -15.02 -19.02
C GLY A 59 0.83 -14.26 -19.91
N ASN A 60 -0.25 -13.76 -19.30
CA ASN A 60 -1.31 -13.04 -20.03
C ASN A 60 -1.45 -11.59 -19.56
N GLY A 61 -0.82 -11.25 -18.44
CA GLY A 61 -0.91 -9.92 -17.88
C GLY A 61 -1.79 -9.87 -16.64
N THR A 62 -2.56 -10.94 -16.44
CA THR A 62 -3.45 -11.09 -15.28
C THR A 62 -2.72 -11.81 -14.16
N ILE A 63 -2.88 -11.31 -12.93
CA ILE A 63 -2.21 -11.90 -11.78
C ILE A 63 -3.20 -12.28 -10.66
N ASP A 64 -2.85 -13.35 -9.93
CA ASP A 64 -3.67 -13.86 -8.83
C ASP A 64 -3.29 -13.19 -7.49
N PHE A 65 -3.74 -13.78 -6.36
CA PHE A 65 -3.47 -13.25 -5.02
C PHE A 65 -2.03 -13.55 -4.52
N PRO A 66 -1.55 -14.82 -4.47
CA PRO A 66 -0.19 -15.13 -3.98
C PRO A 66 0.94 -14.81 -4.98
N GLU A 67 0.57 -14.53 -6.23
CA GLU A 67 1.55 -14.29 -7.30
C GLU A 67 1.99 -12.83 -7.52
N PHE A 68 1.20 -11.82 -7.07
CA PHE A 68 1.59 -10.42 -7.32
C PHE A 68 2.59 -9.87 -6.30
N LEU A 69 2.39 -10.22 -5.02
CA LEU A 69 3.24 -9.76 -3.92
C LEU A 69 4.60 -10.47 -3.84
N THR A 70 4.72 -11.66 -4.45
CA THR A 70 5.96 -12.44 -4.42
C THR A 70 7.16 -11.72 -5.06
N MET A 71 7.07 -11.39 -6.36
CA MET A 71 8.16 -10.69 -7.06
C MET A 71 8.26 -9.23 -6.67
N MET A 72 7.22 -8.77 -6.01
CA MET A 72 7.12 -7.39 -5.52
C MET A 72 7.56 -7.25 -4.07
N ALA A 73 7.78 -8.39 -3.39
CA ALA A 73 8.20 -8.40 -1.98
C ALA A 73 9.71 -8.25 -1.84
N ARG A 74 10.39 -8.58 -2.91
CA ARG A 74 11.85 -8.51 -2.99
C ARG A 74 12.34 -7.18 -3.55
N LYS A 75 11.39 -6.39 -4.00
CA LYS A 75 11.65 -5.08 -4.61
C LYS A 75 11.53 -3.92 -3.60
N MET A 76 11.39 -4.27 -2.31
CA MET A 76 11.29 -3.25 -1.25
C MET A 76 12.67 -2.70 -0.91
N LYS A 77 13.62 -3.63 -0.71
CA LYS A 77 15.01 -3.29 -0.39
C LYS A 77 15.91 -3.28 -1.63
N ASP A 78 15.36 -3.71 -2.79
CA ASP A 78 16.14 -3.77 -4.04
C ASP A 78 16.13 -2.44 -4.81
N THR A 79 15.95 -1.33 -4.07
CA THR A 79 15.93 0.01 -4.67
C THR A 79 16.50 1.06 -3.70
N ASP A 80 15.61 1.76 -2.97
CA ASP A 80 15.99 2.80 -2.00
C ASP A 80 14.72 3.31 -1.30
N SER A 81 14.55 2.90 -0.05
CA SER A 81 13.38 3.30 0.75
C SER A 81 13.61 4.61 1.51
N GLU A 82 14.83 5.16 1.42
CA GLU A 82 15.16 6.43 2.07
C GLU A 82 14.48 7.58 1.36
N GLU A 83 14.47 7.47 0.03
CA GLU A 83 13.80 8.46 -0.81
C GLU A 83 12.28 8.33 -0.64
N GLU A 84 11.92 7.16 -0.12
CA GLU A 84 10.52 6.80 0.16
C GLU A 84 10.05 7.32 1.50
N ILE A 85 10.99 7.51 2.40
CA ILE A 85 10.72 8.01 3.76
C ILE A 85 10.13 9.43 3.68
N ARG A 86 10.63 10.21 2.73
CA ARG A 86 10.19 11.58 2.52
C ARG A 86 8.94 11.67 1.67
N GLU A 87 8.83 10.78 0.66
CA GLU A 87 7.69 10.74 -0.26
C GLU A 87 6.40 10.43 0.49
N ALA A 88 6.40 9.33 1.27
CA ALA A 88 5.22 8.94 2.08
C ALA A 88 4.84 10.06 3.06
N PHE A 89 5.84 10.88 3.41
CA PHE A 89 5.66 12.03 4.30
C PHE A 89 5.14 13.23 3.49
N ARG A 90 5.53 13.28 2.22
CA ARG A 90 5.12 14.34 1.29
C ARG A 90 3.73 14.07 0.68
N VAL A 91 3.38 12.80 0.61
CA VAL A 91 2.12 12.35 0.03
C VAL A 91 0.98 12.32 1.08
N PHE A 92 1.19 11.51 2.13
CA PHE A 92 0.21 11.32 3.21
C PHE A 92 -0.10 12.62 3.98
N ASP A 93 0.85 13.56 3.98
CA ASP A 93 0.67 14.84 4.67
C ASP A 93 0.05 15.89 3.75
N LYS A 94 -1.24 16.18 3.98
CA LYS A 94 -1.98 17.17 3.20
C LYS A 94 -1.66 18.61 3.61
N ASP A 95 -1.63 18.85 4.93
CA ASP A 95 -1.35 20.18 5.47
C ASP A 95 0.13 20.37 5.85
N GLY A 96 0.91 19.27 5.87
CA GLY A 96 2.33 19.33 6.20
C GLY A 96 2.62 19.83 7.61
N ASN A 97 1.96 19.22 8.60
CA ASN A 97 2.14 19.60 10.01
C ASN A 97 3.02 18.60 10.78
N GLY A 98 3.22 17.41 10.21
CA GLY A 98 4.02 16.38 10.85
C GLY A 98 3.18 15.24 11.40
N TYR A 99 1.87 15.34 11.21
CA TYR A 99 0.90 14.33 11.66
C TYR A 99 -0.19 14.19 10.61
N ILE A 100 -0.47 12.95 10.22
CA ILE A 100 -1.51 12.68 9.21
C ILE A 100 -2.79 12.19 9.89
N SER A 101 -3.83 13.02 9.80
CA SER A 101 -5.14 12.73 10.40
C SER A 101 -5.83 11.54 9.73
N ALA A 102 -6.70 10.87 10.49
CA ALA A 102 -7.47 9.71 10.03
C ALA A 102 -8.68 10.12 9.19
N ALA A 103 -9.07 11.39 9.32
CA ALA A 103 -10.25 11.95 8.63
C ALA A 103 -10.12 11.94 7.11
N GLU A 104 -8.94 12.30 6.61
CA GLU A 104 -8.69 12.34 5.18
C GLU A 104 -8.20 11.01 4.59
N LEU A 105 -7.23 10.38 5.29
CA LEU A 105 -6.52 9.18 4.82
C LEU A 105 -7.34 8.04 4.14
N ARG A 106 -8.34 7.43 4.79
CA ARG A 106 -9.05 6.31 4.14
C ARG A 106 -10.09 6.74 3.11
N HIS A 107 -10.61 7.93 3.31
CA HIS A 107 -11.58 8.54 2.35
C HIS A 107 -10.78 8.93 1.12
N VAL A 108 -9.49 9.12 1.39
CA VAL A 108 -8.46 9.44 0.42
C VAL A 108 -8.13 8.16 -0.39
N MET A 109 -8.24 7.01 0.30
CA MET A 109 -8.02 5.69 -0.29
C MET A 109 -9.30 5.18 -0.98
N THR A 110 -10.45 5.75 -0.59
CA THR A 110 -11.77 5.38 -1.13
C THR A 110 -11.97 5.86 -2.57
N ASN A 111 -11.24 6.92 -2.97
CA ASN A 111 -11.33 7.48 -4.33
C ASN A 111 -10.71 6.54 -5.38
N LEU A 112 -10.09 5.46 -4.89
CA LEU A 112 -9.45 4.46 -5.74
C LEU A 112 -10.29 3.18 -5.82
N GLY A 113 -11.07 2.92 -4.75
CA GLY A 113 -11.90 1.73 -4.68
C GLY A 113 -11.62 0.88 -3.46
N GLU A 114 -11.47 1.56 -2.30
CA GLU A 114 -11.17 0.89 -1.04
C GLU A 114 -12.43 0.63 -0.21
N LYS A 115 -12.31 -0.35 0.71
CA LYS A 115 -13.34 -0.73 1.66
C LYS A 115 -13.85 0.46 2.50
N LEU A 116 -14.05 0.22 3.81
CA LEU A 116 -14.48 1.27 4.78
C LEU A 116 -13.78 2.63 4.51
N THR A 117 -14.28 3.70 5.12
CA THR A 117 -13.74 5.04 4.89
C THR A 117 -12.87 5.56 6.01
N ASP A 118 -12.37 6.77 5.76
CA ASP A 118 -11.51 7.55 6.65
C ASP A 118 -11.95 7.46 8.13
N GLU A 119 -13.20 7.02 8.32
CA GLU A 119 -13.83 6.94 9.64
C GLU A 119 -13.39 5.71 10.47
N GLU A 120 -13.23 4.56 9.80
CA GLU A 120 -12.84 3.31 10.47
C GLU A 120 -11.31 3.15 10.52
N VAL A 121 -10.61 3.92 9.68
CA VAL A 121 -9.14 3.88 9.58
C VAL A 121 -8.40 4.26 10.86
N ASP A 122 -9.03 5.13 11.67
CA ASP A 122 -8.44 5.59 12.93
C ASP A 122 -8.12 4.47 13.92
N GLU A 123 -8.75 3.31 13.73
CA GLU A 123 -8.46 2.15 14.56
C GLU A 123 -7.04 1.65 14.22
N MET A 124 -6.57 2.07 13.03
CA MET A 124 -5.24 1.71 12.54
C MET A 124 -4.15 2.64 13.07
N ILE A 125 -4.52 3.88 13.42
CA ILE A 125 -3.59 4.86 13.97
C ILE A 125 -3.40 4.61 15.48
N ARG A 126 -4.44 4.04 16.10
CA ARG A 126 -4.43 3.71 17.53
C ARG A 126 -3.48 2.54 17.84
N GLU A 127 -3.09 1.86 16.78
CA GLU A 127 -2.18 0.69 16.83
C GLU A 127 -0.77 1.11 17.29
N ALA A 128 -0.17 2.02 16.54
CA ALA A 128 1.15 2.53 16.81
C ALA A 128 1.13 4.07 16.84
N ASP A 129 0.13 4.63 17.56
CA ASP A 129 -0.04 6.07 17.68
C ASP A 129 1.18 6.72 18.36
N ILE A 130 2.14 7.18 17.54
CA ILE A 130 3.37 7.80 18.03
C ILE A 130 3.26 9.33 18.17
N ASP A 131 2.38 9.95 17.37
CA ASP A 131 2.20 11.41 17.40
C ASP A 131 1.28 11.86 18.56
N GLY A 132 0.60 10.88 19.18
CA GLY A 132 -0.30 11.15 20.31
C GLY A 132 -1.43 12.14 20.05
N ASP A 133 -1.66 12.50 18.77
CA ASP A 133 -2.75 13.42 18.41
C ASP A 133 -3.79 12.74 17.51
N GLY A 134 -3.81 11.41 17.55
CA GLY A 134 -4.73 10.64 16.72
C GLY A 134 -4.25 10.55 15.28
N GLN A 135 -2.97 10.87 15.09
CA GLN A 135 -2.31 10.88 13.78
C GLN A 135 -0.91 10.26 13.87
N VAL A 136 -0.23 10.12 12.73
CA VAL A 136 1.10 9.52 12.69
C VAL A 136 2.20 10.57 12.49
N ASN A 137 3.29 10.41 13.23
CA ASN A 137 4.44 11.32 13.17
C ASN A 137 5.49 10.81 12.17
N TYR A 138 6.70 11.39 12.24
CA TYR A 138 7.82 11.01 11.35
C TYR A 138 8.43 9.67 11.80
N GLU A 139 8.17 9.33 13.07
CA GLU A 139 8.66 8.11 13.70
C GLU A 139 8.05 6.83 13.09
N GLU A 140 6.75 6.87 12.77
CA GLU A 140 6.04 5.72 12.16
C GLU A 140 6.68 5.26 10.84
N PHE A 141 7.16 6.21 10.04
CA PHE A 141 7.79 5.95 8.74
C PHE A 141 8.94 4.95 8.80
N VAL A 142 9.94 5.28 9.62
CA VAL A 142 11.13 4.43 9.81
C VAL A 142 10.78 3.08 10.47
N GLN A 143 9.78 3.08 11.36
CA GLN A 143 9.35 1.87 12.07
C GLN A 143 8.43 0.96 11.24
N MET A 144 7.73 1.53 10.24
CA MET A 144 6.78 0.77 9.41
C MET A 144 7.46 0.00 8.25
N MET A 145 8.43 0.63 7.58
CA MET A 145 9.09 0.02 6.42
C MET A 145 10.35 -0.79 6.79
N THR A 146 11.12 -0.29 7.78
CA THR A 146 12.37 -0.96 8.21
C THR A 146 12.11 -2.19 9.09
N ALA A 147 11.03 -2.17 9.87
CA ALA A 147 10.68 -3.29 10.76
C ALA A 147 9.83 -4.35 10.04
N LYS A 148 9.98 -4.42 8.72
CA LYS A 148 9.24 -5.37 7.90
C LYS A 148 10.20 -6.14 6.97
N LYS B 1 2.30 -1.79 11.96
CA LYS B 1 2.84 -3.15 12.21
C LYS B 1 2.31 -4.15 11.18
N LYS B 2 0.99 -4.07 10.89
CA LYS B 2 0.31 -4.96 9.93
C LYS B 2 -0.96 -4.29 9.39
N THR B 3 -1.64 -3.57 10.28
CA THR B 3 -2.90 -2.86 9.96
C THR B 3 -2.63 -1.49 9.30
N PHE B 4 -1.46 -0.92 9.59
CA PHE B 4 -1.06 0.38 9.08
C PHE B 4 0.30 0.31 8.36
N LYS B 5 0.94 -0.87 8.41
CA LYS B 5 2.25 -1.08 7.76
C LYS B 5 2.09 -1.41 6.28
N GLU B 6 1.10 -2.26 5.97
CA GLU B 6 0.81 -2.68 4.59
C GLU B 6 0.10 -1.59 3.78
N VAL B 7 -0.69 -0.75 4.47
CA VAL B 7 -1.40 0.35 3.82
C VAL B 7 -0.42 1.46 3.42
N ALA B 8 0.62 1.66 4.27
CA ALA B 8 1.68 2.64 4.04
C ALA B 8 2.69 2.14 3.01
N ASN B 9 2.94 0.82 3.03
CA ASN B 9 3.88 0.15 2.12
C ASN B 9 3.38 0.14 0.67
N ALA B 10 2.05 0.11 0.49
CA ALA B 10 1.42 0.10 -0.85
C ALA B 10 1.84 1.30 -1.69
N VAL B 11 1.85 2.49 -1.06
CA VAL B 11 2.23 3.75 -1.71
C VAL B 11 3.76 3.80 -1.96
N LYS B 12 4.53 3.19 -1.05
CA LYS B 12 5.99 3.15 -1.14
C LYS B 12 6.49 2.14 -2.18
N ILE B 13 5.71 1.06 -2.35
CA ILE B 13 6.04 0.00 -3.32
C ILE B 13 5.64 0.42 -4.75
N SER B 14 4.59 1.26 -4.83
CA SER B 14 4.08 1.77 -6.11
C SER B 14 4.99 2.87 -6.68
N ALA B 15 5.88 3.40 -5.82
CA ALA B 15 6.82 4.45 -6.23
C ALA B 15 8.12 3.83 -6.77
N SER B 16 8.54 2.73 -6.14
CA SER B 16 9.73 2.01 -6.54
C SER B 16 9.37 0.92 -7.56
N LEU B 17 8.13 0.99 -8.07
CA LEU B 17 7.62 0.03 -9.05
C LEU B 17 7.77 0.57 -10.47
N ALA A 1 4.14 -25.39 9.28
CA ALA A 1 5.03 -24.61 10.17
C ALA A 1 4.38 -23.28 10.59
N ASP A 2 3.71 -22.62 9.64
CA ASP A 2 3.03 -21.35 9.89
C ASP A 2 1.59 -21.38 9.38
N GLN A 3 0.66 -20.98 10.24
CA GLN A 3 -0.76 -20.94 9.90
C GLN A 3 -1.22 -19.53 9.60
N LEU A 4 -1.88 -19.35 8.45
CA LEU A 4 -2.38 -18.04 8.02
C LEU A 4 -3.90 -18.03 7.96
N THR A 5 -4.49 -17.29 8.90
CA THR A 5 -5.93 -17.13 9.00
C THR A 5 -6.35 -15.77 8.41
N GLU A 6 -7.64 -15.44 8.52
CA GLU A 6 -8.20 -14.17 8.00
C GLU A 6 -7.42 -12.92 8.46
N GLU A 7 -6.58 -13.07 9.51
CA GLU A 7 -5.80 -11.97 10.06
C GLU A 7 -4.55 -11.67 9.20
N GLN A 8 -3.83 -12.74 8.82
CA GLN A 8 -2.62 -12.63 7.99
C GLN A 8 -2.95 -12.50 6.51
N ILE A 9 -4.17 -12.92 6.15
CA ILE A 9 -4.65 -12.87 4.76
C ILE A 9 -5.22 -11.50 4.39
N ALA A 10 -5.85 -10.82 5.37
CA ALA A 10 -6.40 -9.47 5.16
C ALA A 10 -5.31 -8.45 4.94
N GLU A 11 -4.20 -8.62 5.66
CA GLU A 11 -3.04 -7.73 5.52
C GLU A 11 -2.38 -7.97 4.14
N PHE A 12 -2.59 -9.19 3.60
CA PHE A 12 -2.10 -9.59 2.28
C PHE A 12 -3.10 -9.20 1.20
N LYS A 13 -4.40 -9.29 1.55
CA LYS A 13 -5.50 -8.92 0.64
C LYS A 13 -5.64 -7.40 0.56
N GLU A 14 -5.06 -6.70 1.56
CA GLU A 14 -5.03 -5.23 1.61
C GLU A 14 -4.69 -4.61 0.25
N ALA A 15 -3.65 -5.14 -0.39
CA ALA A 15 -3.21 -4.67 -1.71
C ALA A 15 -4.15 -5.13 -2.81
N PHE A 16 -4.77 -6.30 -2.58
CA PHE A 16 -5.71 -6.89 -3.53
C PHE A 16 -7.13 -6.31 -3.41
N SER A 17 -7.47 -5.76 -2.22
CA SER A 17 -8.79 -5.19 -1.97
C SER A 17 -8.96 -3.77 -2.52
N LEU A 18 -7.84 -3.09 -2.79
CA LEU A 18 -7.87 -1.71 -3.31
C LEU A 18 -8.03 -1.63 -4.82
N PHE A 19 -7.36 -2.53 -5.57
CA PHE A 19 -7.46 -2.52 -7.03
C PHE A 19 -8.59 -3.43 -7.55
N ASP A 20 -8.86 -4.54 -6.84
CA ASP A 20 -9.91 -5.48 -7.25
C ASP A 20 -11.26 -5.09 -6.63
N LYS A 21 -12.25 -4.89 -7.49
CA LYS A 21 -13.61 -4.50 -7.06
C LYS A 21 -14.42 -5.67 -6.49
N ASP A 22 -14.13 -6.88 -6.98
CA ASP A 22 -14.85 -8.07 -6.54
C ASP A 22 -13.90 -9.16 -5.99
N GLY A 23 -12.59 -9.00 -6.21
CA GLY A 23 -11.61 -9.99 -5.74
C GLY A 23 -11.72 -11.32 -6.45
N ASP A 24 -11.55 -11.30 -7.78
CA ASP A 24 -11.64 -12.51 -8.62
C ASP A 24 -10.36 -13.35 -8.60
N GLY A 25 -9.24 -12.74 -8.18
CA GLY A 25 -7.97 -13.45 -8.13
C GLY A 25 -7.00 -13.02 -9.20
N THR A 26 -7.50 -12.28 -10.19
CA THR A 26 -6.69 -11.79 -11.30
C THR A 26 -7.19 -10.41 -11.72
N ILE A 27 -6.25 -9.48 -11.92
CA ILE A 27 -6.58 -8.10 -12.29
C ILE A 27 -5.82 -7.60 -13.50
N THR A 28 -6.49 -6.73 -14.28
CA THR A 28 -5.93 -6.11 -15.49
C THR A 28 -4.83 -5.12 -15.16
N THR A 29 -3.95 -4.87 -16.15
CA THR A 29 -2.84 -3.92 -16.02
C THR A 29 -3.36 -2.51 -15.66
N LYS A 30 -4.68 -2.32 -15.84
CA LYS A 30 -5.36 -1.05 -15.57
C LYS A 30 -5.62 -0.83 -14.06
N GLU A 31 -5.60 -1.94 -13.31
CA GLU A 31 -5.82 -1.93 -11.86
C GLU A 31 -4.67 -1.27 -11.11
N LEU A 32 -3.50 -1.28 -11.74
CA LEU A 32 -2.29 -0.65 -11.19
C LEU A 32 -2.48 0.85 -11.00
N GLY A 33 -3.21 1.47 -11.94
CA GLY A 33 -3.54 2.89 -11.88
C GLY A 33 -4.44 3.22 -10.74
N THR A 34 -5.06 2.18 -10.25
CA THR A 34 -5.98 2.24 -9.12
C THR A 34 -5.19 2.32 -7.80
N VAL A 35 -4.09 1.56 -7.71
CA VAL A 35 -3.20 1.58 -6.52
C VAL A 35 -2.17 2.71 -6.64
N MET A 36 -1.89 3.10 -7.90
CA MET A 36 -0.96 4.19 -8.21
C MET A 36 -1.65 5.53 -8.01
N ARG A 37 -2.92 5.63 -8.47
CA ARG A 37 -3.71 6.86 -8.23
C ARG A 37 -3.89 7.11 -6.71
N SER A 38 -3.71 6.04 -5.91
CA SER A 38 -3.81 6.11 -4.44
C SER A 38 -2.44 6.35 -3.86
N LEU A 39 -1.41 5.87 -4.57
CA LEU A 39 -0.02 6.07 -4.21
C LEU A 39 0.35 7.53 -4.51
N GLY A 40 -0.48 8.15 -5.37
CA GLY A 40 -0.30 9.52 -5.76
C GLY A 40 0.43 9.60 -7.08
N GLN A 41 1.17 8.53 -7.39
CA GLN A 41 1.89 8.42 -8.65
C GLN A 41 1.21 7.42 -9.53
N ASN A 42 0.89 7.85 -10.76
CA ASN A 42 0.21 7.00 -11.72
C ASN A 42 0.80 7.18 -13.13
N PRO A 43 1.49 6.12 -13.68
CA PRO A 43 2.11 6.17 -15.01
C PRO A 43 1.11 6.04 -16.18
N THR A 44 1.63 6.18 -17.42
CA THR A 44 0.82 6.09 -18.64
C THR A 44 0.34 4.65 -18.91
N GLU A 45 -0.50 4.47 -19.95
CA GLU A 45 -1.09 3.16 -20.33
C GLU A 45 -0.04 2.06 -20.54
N ALA A 46 1.00 2.33 -21.33
CA ALA A 46 2.06 1.34 -21.58
C ALA A 46 3.10 1.31 -20.47
N GLU A 47 3.20 2.40 -19.69
CA GLU A 47 4.15 2.48 -18.59
C GLU A 47 3.69 1.68 -17.38
N LEU A 48 2.40 1.43 -17.37
CA LEU A 48 1.76 0.63 -16.30
C LEU A 48 1.81 -0.87 -16.63
N GLN A 49 1.81 -1.22 -17.94
CA GLN A 49 1.89 -2.62 -18.37
C GLN A 49 3.28 -3.20 -18.15
N ASP A 50 4.22 -2.30 -17.94
CA ASP A 50 5.62 -2.63 -17.70
C ASP A 50 5.83 -3.18 -16.27
N MET A 51 4.87 -2.88 -15.38
CA MET A 51 4.90 -3.32 -13.98
C MET A 51 4.69 -4.83 -13.83
N ILE A 52 3.82 -5.41 -14.67
CA ILE A 52 3.53 -6.86 -14.63
C ILE A 52 4.60 -7.65 -15.39
N ASN A 53 5.24 -6.99 -16.37
CA ASN A 53 6.28 -7.62 -17.21
C ASN A 53 7.48 -8.13 -16.39
N GLU A 54 7.65 -7.58 -15.18
CA GLU A 54 8.74 -7.99 -14.28
C GLU A 54 8.41 -9.33 -13.60
N VAL A 55 7.14 -9.75 -13.70
CA VAL A 55 6.67 -11.00 -13.10
C VAL A 55 5.78 -11.81 -14.09
N ASP A 56 5.85 -11.47 -15.39
CA ASP A 56 5.08 -12.16 -16.43
C ASP A 56 5.64 -13.56 -16.71
N ALA A 57 5.56 -14.43 -15.69
CA ALA A 57 6.01 -15.82 -15.78
C ALA A 57 5.21 -16.59 -16.82
N ASP A 58 3.92 -16.27 -16.93
CA ASP A 58 3.03 -16.91 -17.90
C ASP A 58 2.65 -15.95 -19.02
N GLY A 59 2.99 -14.69 -18.82
CA GLY A 59 2.72 -13.61 -19.78
C GLY A 59 1.31 -13.63 -20.38
N ASN A 60 0.29 -13.53 -19.53
CA ASN A 60 -1.10 -13.55 -19.98
C ASN A 60 -1.75 -12.16 -19.91
N GLY A 61 -1.05 -11.21 -19.29
CA GLY A 61 -1.57 -9.85 -19.15
C GLY A 61 -2.27 -9.63 -17.82
N THR A 62 -2.59 -10.72 -17.14
CA THR A 62 -3.27 -10.69 -15.83
C THR A 62 -2.40 -11.30 -14.76
N ILE A 63 -2.50 -10.76 -13.55
CA ILE A 63 -1.70 -11.25 -12.43
C ILE A 63 -2.60 -11.86 -11.32
N ASP A 64 -2.15 -12.99 -10.78
CA ASP A 64 -2.86 -13.71 -9.72
C ASP A 64 -2.51 -13.14 -8.32
N PHE A 65 -2.91 -13.85 -7.25
CA PHE A 65 -2.65 -13.42 -5.87
C PHE A 65 -1.17 -13.61 -5.44
N PRO A 66 -0.55 -14.83 -5.59
CA PRO A 66 0.85 -15.04 -5.18
C PRO A 66 1.88 -14.45 -6.16
N GLU A 67 1.40 -14.04 -7.34
CA GLU A 67 2.27 -13.52 -8.40
C GLU A 67 2.52 -12.01 -8.39
N PHE A 68 1.64 -11.18 -7.79
CA PHE A 68 1.86 -9.72 -7.84
C PHE A 68 2.82 -9.24 -6.73
N LEU A 69 2.71 -9.84 -5.55
CA LEU A 69 3.54 -9.49 -4.39
C LEU A 69 4.93 -10.16 -4.41
N THR A 70 5.07 -11.26 -5.18
CA THR A 70 6.34 -12.03 -5.24
C THR A 70 7.57 -11.23 -5.69
N MET A 71 7.55 -10.73 -6.94
CA MET A 71 8.68 -9.94 -7.47
C MET A 71 8.81 -8.59 -6.79
N MET A 72 7.78 -8.26 -6.05
CA MET A 72 7.66 -7.01 -5.32
C MET A 72 8.12 -7.15 -3.87
N ALA A 73 8.16 -8.39 -3.36
CA ALA A 73 8.57 -8.66 -1.98
C ALA A 73 10.08 -8.76 -1.83
N ARG A 74 10.72 -9.07 -2.92
CA ARG A 74 12.17 -9.21 -2.99
C ARG A 74 12.87 -7.92 -3.42
N LYS A 75 12.07 -7.01 -3.92
CA LYS A 75 12.53 -5.72 -4.42
C LYS A 75 12.42 -4.59 -3.39
N MET A 76 11.96 -4.93 -2.17
CA MET A 76 11.83 -3.93 -1.11
C MET A 76 13.19 -3.62 -0.48
N LYS A 77 13.95 -4.69 -0.20
CA LYS A 77 15.29 -4.57 0.39
C LYS A 77 16.40 -4.64 -0.67
N ASP A 78 16.04 -4.92 -1.94
CA ASP A 78 17.04 -5.04 -3.01
C ASP A 78 17.06 -3.80 -3.92
N THR A 79 16.72 -2.64 -3.35
CA THR A 79 16.71 -1.37 -4.08
C THR A 79 17.19 -0.21 -3.20
N ASP A 80 16.26 0.64 -2.74
CA ASP A 80 16.55 1.80 -1.89
C ASP A 80 15.29 2.18 -1.10
N SER A 81 15.23 1.73 0.14
CA SER A 81 14.08 1.99 1.02
C SER A 81 14.16 3.35 1.72
N GLU A 82 15.35 3.98 1.74
CA GLU A 82 15.51 5.30 2.36
C GLU A 82 14.74 6.35 1.61
N GLU A 83 14.78 6.26 0.28
CA GLU A 83 14.03 7.18 -0.57
C GLU A 83 12.54 6.85 -0.49
N GLU A 84 12.29 5.64 -0.03
CA GLU A 84 10.94 5.10 0.17
C GLU A 84 10.36 5.50 1.51
N ILE A 85 11.26 5.72 2.45
CA ILE A 85 10.89 6.13 3.81
C ILE A 85 10.66 7.64 3.87
N ARG A 86 11.40 8.37 3.02
CA ARG A 86 11.28 9.83 2.96
C ARG A 86 10.12 10.27 2.07
N GLU A 87 10.03 9.69 0.85
CA GLU A 87 8.96 10.04 -0.10
C GLU A 87 7.59 9.69 0.49
N ALA A 88 7.55 8.61 1.31
CA ALA A 88 6.33 8.15 1.99
C ALA A 88 5.80 9.26 2.90
N PHE A 89 6.72 10.11 3.37
CA PHE A 89 6.39 11.27 4.21
C PHE A 89 5.77 12.35 3.32
N ARG A 90 6.21 12.35 2.05
CA ARG A 90 5.74 13.29 1.03
C ARG A 90 4.43 12.87 0.37
N VAL A 91 4.13 11.57 0.47
CA VAL A 91 2.93 10.99 -0.13
C VAL A 91 1.74 11.08 0.83
N PHE A 92 1.90 10.46 2.01
CA PHE A 92 0.85 10.42 3.04
C PHE A 92 0.50 11.82 3.60
N ASP A 93 1.42 12.78 3.45
CA ASP A 93 1.21 14.15 3.91
C ASP A 93 0.71 15.03 2.76
N LYS A 94 -0.58 15.39 2.82
CA LYS A 94 -1.22 16.22 1.79
C LYS A 94 -0.88 17.71 1.93
N ASP A 95 -0.88 18.22 3.17
CA ASP A 95 -0.57 19.62 3.44
C ASP A 95 0.90 19.83 3.82
N GLY A 96 1.63 18.74 4.08
CA GLY A 96 3.04 18.82 4.44
C GLY A 96 3.30 19.50 5.78
N ASN A 97 2.56 19.09 6.81
CA ASN A 97 2.70 19.67 8.16
C ASN A 97 3.58 18.80 9.06
N GLY A 98 3.81 17.54 8.65
CA GLY A 98 4.63 16.62 9.43
C GLY A 98 3.82 15.56 10.17
N TYR A 99 2.50 15.59 9.99
CA TYR A 99 1.57 14.65 10.63
C TYR A 99 0.53 14.20 9.62
N ILE A 100 0.32 12.88 9.52
CA ILE A 100 -0.65 12.31 8.60
C ILE A 100 -1.93 11.94 9.34
N SER A 101 -3.02 12.65 9.02
CA SER A 101 -4.33 12.42 9.63
C SER A 101 -5.11 11.32 8.90
N ALA A 102 -6.00 10.66 9.64
CA ALA A 102 -6.83 9.57 9.13
C ALA A 102 -8.04 10.08 8.33
N ALA A 103 -8.38 11.36 8.54
CA ALA A 103 -9.54 12.00 7.88
C ALA A 103 -9.50 11.88 6.36
N GLU A 104 -8.32 12.08 5.79
CA GLU A 104 -8.13 11.96 4.36
C GLU A 104 -7.75 10.54 3.93
N LEU A 105 -6.90 9.88 4.75
CA LEU A 105 -6.34 8.55 4.47
C LEU A 105 -7.29 7.47 3.89
N ARG A 106 -8.36 7.06 4.61
CA ARG A 106 -9.23 5.99 4.09
C ARG A 106 -10.28 6.45 3.10
N HIS A 107 -10.54 7.75 3.08
CA HIS A 107 -11.48 8.35 2.11
C HIS A 107 -10.74 8.42 0.78
N VAL A 108 -9.43 8.43 0.95
CA VAL A 108 -8.46 8.43 -0.11
C VAL A 108 -8.45 7.03 -0.77
N MET A 109 -8.59 6.00 0.07
CA MET A 109 -8.66 4.60 -0.36
C MET A 109 -10.09 4.20 -0.78
N THR A 110 -11.10 4.97 -0.30
CA THR A 110 -12.53 4.72 -0.58
C THR A 110 -12.93 5.11 -2.01
N ASN A 111 -12.25 6.10 -2.60
CA ASN A 111 -12.55 6.56 -3.98
C ASN A 111 -12.31 5.45 -5.01
N LEU A 112 -11.80 4.31 -4.53
CA LEU A 112 -11.51 3.14 -5.36
C LEU A 112 -12.57 2.06 -5.19
N GLY A 113 -13.18 2.01 -4.00
CA GLY A 113 -14.21 1.01 -3.69
C GLY A 113 -13.86 0.16 -2.50
N GLU A 114 -13.40 0.80 -1.42
CA GLU A 114 -13.02 0.11 -0.19
C GLU A 114 -14.14 0.07 0.84
N LYS A 115 -13.91 -0.70 1.93
CA LYS A 115 -14.85 -0.84 3.04
C LYS A 115 -14.82 0.43 3.93
N LEU A 116 -14.83 0.27 5.27
CA LEU A 116 -14.79 1.41 6.24
C LEU A 116 -13.99 2.61 5.70
N THR A 117 -14.43 3.82 6.03
CA THR A 117 -13.80 5.05 5.53
C THR A 117 -12.81 5.68 6.47
N ASP A 118 -12.21 6.77 5.93
CA ASP A 118 -11.22 7.65 6.56
C ASP A 118 -11.51 7.90 8.06
N GLU A 119 -12.76 7.60 8.44
CA GLU A 119 -13.24 7.83 9.81
C GLU A 119 -12.81 6.74 10.81
N GLU A 120 -12.76 5.47 10.34
CA GLU A 120 -12.41 4.34 11.21
C GLU A 120 -10.91 4.04 11.28
N VAL A 121 -10.12 4.55 10.32
CA VAL A 121 -8.66 4.31 10.28
C VAL A 121 -7.90 4.97 11.42
N ASP A 122 -8.48 6.02 11.96
CA ASP A 122 -7.87 6.76 13.09
C ASP A 122 -7.71 5.90 14.34
N GLU A 123 -8.46 4.79 14.41
CA GLU A 123 -8.31 3.84 15.51
C GLU A 123 -6.98 3.10 15.34
N MET A 124 -6.47 3.15 14.09
CA MET A 124 -5.20 2.53 13.71
C MET A 124 -3.99 3.42 14.02
N ILE A 125 -4.24 4.73 14.12
CA ILE A 125 -3.18 5.70 14.46
C ILE A 125 -2.96 5.72 15.98
N ARG A 126 -4.04 5.44 16.72
CA ARG A 126 -4.03 5.40 18.20
C ARG A 126 -3.14 4.30 18.77
N GLU A 127 -2.75 3.39 17.90
CA GLU A 127 -1.90 2.22 18.26
C GLU A 127 -0.63 2.66 19.01
N ALA A 128 0.17 3.52 18.36
CA ALA A 128 1.40 4.04 18.93
C ALA A 128 1.67 5.46 18.39
N ASP A 129 0.60 6.27 18.38
CA ASP A 129 0.67 7.66 17.87
C ASP A 129 1.69 8.51 18.66
N ILE A 130 2.86 8.74 18.06
CA ILE A 130 3.93 9.52 18.70
C ILE A 130 3.83 11.02 18.34
N ASP A 131 3.01 11.37 17.34
CA ASP A 131 2.84 12.78 16.93
C ASP A 131 1.90 13.55 17.88
N GLY A 132 1.20 12.80 18.75
CA GLY A 132 0.29 13.36 19.74
C GLY A 132 -0.85 14.23 19.20
N ASP A 133 -1.07 14.23 17.88
CA ASP A 133 -2.15 15.02 17.28
C ASP A 133 -3.20 14.14 16.59
N GLY A 134 -3.16 12.83 16.89
CA GLY A 134 -4.08 11.87 16.26
C GLY A 134 -3.61 11.50 14.87
N GLN A 135 -2.36 11.90 14.58
CA GLN A 135 -1.70 11.68 13.31
C GLN A 135 -0.31 11.07 13.57
N VAL A 136 0.43 10.73 12.50
CA VAL A 136 1.76 10.13 12.64
C VAL A 136 2.87 11.05 12.10
N ASN A 137 3.97 11.10 12.87
CA ASN A 137 5.14 11.91 12.51
C ASN A 137 6.15 11.07 11.70
N TYR A 138 7.39 11.57 11.56
CA TYR A 138 8.45 10.88 10.82
C TYR A 138 9.06 9.77 11.68
N GLU A 139 8.86 9.90 12.98
CA GLU A 139 9.38 8.96 13.98
C GLU A 139 8.59 7.63 14.00
N GLU A 140 7.34 7.67 13.52
CA GLU A 140 6.46 6.48 13.45
C GLU A 140 6.93 5.48 12.39
N PHE A 141 7.47 6.01 11.27
CA PHE A 141 7.96 5.19 10.14
C PHE A 141 9.03 4.17 10.57
N VAL A 142 10.14 4.70 11.10
CA VAL A 142 11.29 3.91 11.55
C VAL A 142 10.97 2.94 12.70
N GLN A 143 10.10 3.38 13.61
CA GLN A 143 9.71 2.59 14.78
C GLN A 143 8.65 1.52 14.45
N MET A 144 7.57 1.93 13.77
CA MET A 144 6.46 1.02 13.43
C MET A 144 6.71 0.19 12.16
N MET A 145 7.21 0.83 11.10
CA MET A 145 7.44 0.15 9.82
C MET A 145 8.82 -0.49 9.71
N THR A 146 9.86 0.22 10.15
CA THR A 146 11.24 -0.29 10.08
C THR A 146 11.54 -1.23 11.26
N ALA A 147 11.01 -0.91 12.44
CA ALA A 147 11.21 -1.72 13.64
C ALA A 147 9.95 -2.55 13.95
N LYS A 148 9.74 -3.60 13.15
CA LYS A 148 8.59 -4.49 13.32
C LYS A 148 8.94 -5.68 14.23
N LYS B 1 -5.19 -5.37 5.54
CA LYS B 1 -4.27 -4.41 6.21
C LYS B 1 -3.65 -5.04 7.44
N LYS B 2 -2.40 -4.64 7.77
CA LYS B 2 -1.72 -5.13 8.96
C LYS B 2 -2.09 -4.17 10.10
N THR B 3 -3.16 -3.40 9.80
CA THR B 3 -3.78 -2.41 10.68
C THR B 3 -3.15 -1.04 10.52
N PHE B 4 -1.85 -1.02 10.25
CA PHE B 4 -1.09 0.24 10.07
C PHE B 4 0.34 -0.07 9.61
N LYS B 5 0.52 -1.26 9.02
CA LYS B 5 1.82 -1.68 8.54
C LYS B 5 1.74 -2.15 7.09
N GLU B 6 0.70 -2.93 6.75
CA GLU B 6 0.55 -3.42 5.37
C GLU B 6 -0.04 -2.35 4.46
N VAL B 7 -1.09 -1.67 4.95
CA VAL B 7 -1.75 -0.59 4.18
C VAL B 7 -0.76 0.56 3.91
N ALA B 8 0.12 0.81 4.90
CA ALA B 8 1.16 1.85 4.81
C ALA B 8 2.34 1.41 3.93
N ASN B 9 2.71 0.11 4.05
CA ASN B 9 3.83 -0.47 3.27
C ASN B 9 3.48 -0.65 1.79
N ALA B 10 2.19 -0.88 1.49
CA ALA B 10 1.71 -1.07 0.11
C ALA B 10 2.09 0.11 -0.79
N VAL B 11 2.11 1.31 -0.19
CA VAL B 11 2.50 2.55 -0.88
C VAL B 11 4.02 2.57 -1.14
N LYS B 12 4.78 1.98 -0.20
CA LYS B 12 6.25 1.91 -0.30
C LYS B 12 6.73 0.83 -1.28
N ILE B 13 6.07 -0.34 -1.25
CA ILE B 13 6.42 -1.47 -2.13
C ILE B 13 6.02 -1.21 -3.59
N SER B 14 4.89 -0.52 -3.79
CA SER B 14 4.39 -0.20 -5.13
C SER B 14 5.05 1.09 -5.68
N ALA B 15 5.91 1.71 -4.87
CA ALA B 15 6.62 2.93 -5.26
C ALA B 15 8.01 2.61 -5.81
N SER B 16 8.51 1.40 -5.50
CA SER B 16 9.83 0.95 -5.95
C SER B 16 9.75 0.28 -7.33
N LEU B 17 8.63 0.48 -8.03
CA LEU B 17 8.41 -0.09 -9.36
C LEU B 17 8.97 0.81 -10.46
N ALA A 1 6.96 -14.35 6.95
CA ALA A 1 8.24 -14.69 6.28
C ALA A 1 8.46 -16.21 6.22
N ASP A 2 8.14 -16.89 7.32
CA ASP A 2 8.30 -18.35 7.40
C ASP A 2 6.95 -19.04 7.55
N GLN A 3 6.07 -18.48 8.40
CA GLN A 3 4.74 -19.03 8.64
C GLN A 3 3.68 -17.95 8.52
N LEU A 4 2.51 -18.32 7.97
CA LEU A 4 1.39 -17.39 7.78
C LEU A 4 0.08 -18.06 8.18
N THR A 5 -0.53 -17.48 9.21
CA THR A 5 -1.81 -17.95 9.73
C THR A 5 -2.89 -16.91 9.43
N GLU A 6 -4.11 -17.15 9.93
CA GLU A 6 -5.27 -16.24 9.74
C GLU A 6 -4.96 -14.78 10.12
N GLU A 7 -3.87 -14.57 10.89
CA GLU A 7 -3.48 -13.23 11.34
C GLU A 7 -2.63 -12.50 10.29
N GLN A 8 -1.69 -13.24 9.68
CA GLN A 8 -0.80 -12.69 8.64
C GLN A 8 -1.46 -12.58 7.27
N ILE A 9 -2.55 -13.34 7.08
CA ILE A 9 -3.30 -13.35 5.82
C ILE A 9 -4.17 -12.09 5.67
N ALA A 10 -4.68 -11.58 6.80
CA ALA A 10 -5.52 -10.36 6.80
C ALA A 10 -4.71 -9.13 6.48
N GLU A 11 -3.44 -9.11 6.90
CA GLU A 11 -2.54 -8.00 6.62
C GLU A 11 -2.04 -8.10 5.16
N PHE A 12 -2.09 -9.33 4.62
CA PHE A 12 -1.70 -9.64 3.24
C PHE A 12 -2.89 -9.39 2.31
N LYS A 13 -4.11 -9.54 2.85
CA LYS A 13 -5.36 -9.30 2.12
C LYS A 13 -5.75 -7.83 2.21
N GLU A 14 -5.35 -7.18 3.31
CA GLU A 14 -5.60 -5.72 3.51
C GLU A 14 -5.07 -4.87 2.36
N ALA A 15 -4.01 -5.34 1.69
CA ALA A 15 -3.41 -4.65 0.54
C ALA A 15 -4.15 -5.02 -0.74
N PHE A 16 -4.89 -6.13 -0.68
CA PHE A 16 -5.69 -6.66 -1.80
C PHE A 16 -7.04 -5.93 -1.91
N SER A 17 -7.51 -5.37 -0.79
CA SER A 17 -8.80 -4.66 -0.73
C SER A 17 -8.79 -3.29 -1.44
N LEU A 18 -7.60 -2.72 -1.66
CA LEU A 18 -7.48 -1.40 -2.32
C LEU A 18 -7.70 -1.48 -3.83
N PHE A 19 -6.90 -2.31 -4.52
CA PHE A 19 -7.00 -2.45 -5.98
C PHE A 19 -8.16 -3.37 -6.41
N ASP A 20 -8.93 -3.87 -5.44
CA ASP A 20 -10.07 -4.74 -5.71
C ASP A 20 -11.39 -4.00 -5.52
N LYS A 21 -12.23 -4.02 -6.56
CA LYS A 21 -13.54 -3.35 -6.55
C LYS A 21 -14.58 -4.16 -5.75
N ASP A 22 -14.64 -5.46 -6.03
CA ASP A 22 -15.58 -6.35 -5.37
C ASP A 22 -14.86 -7.53 -4.69
N GLY A 23 -13.57 -7.72 -4.99
CA GLY A 23 -12.79 -8.81 -4.41
C GLY A 23 -12.99 -10.12 -5.15
N ASP A 24 -12.74 -10.11 -6.46
CA ASP A 24 -12.89 -11.30 -7.32
C ASP A 24 -11.63 -12.17 -7.31
N GLY A 25 -10.50 -11.58 -6.93
CA GLY A 25 -9.23 -12.31 -6.89
C GLY A 25 -8.29 -11.95 -8.02
N THR A 26 -8.82 -11.24 -9.03
CA THR A 26 -8.04 -10.81 -10.19
C THR A 26 -8.42 -9.39 -10.58
N ILE A 27 -7.40 -8.55 -10.81
CA ILE A 27 -7.63 -7.15 -11.18
C ILE A 27 -6.84 -6.76 -12.43
N THR A 28 -7.43 -5.86 -13.22
CA THR A 28 -6.82 -5.36 -14.48
C THR A 28 -5.57 -4.54 -14.23
N THR A 29 -4.70 -4.51 -15.25
CA THR A 29 -3.45 -3.74 -15.21
C THR A 29 -3.74 -2.24 -14.97
N LYS A 30 -5.02 -1.87 -15.16
CA LYS A 30 -5.48 -0.48 -14.99
C LYS A 30 -5.75 -0.12 -13.53
N GLU A 31 -5.92 -1.14 -12.67
CA GLU A 31 -6.18 -0.95 -11.24
C GLU A 31 -4.94 -0.42 -10.51
N LEU A 32 -3.77 -0.78 -11.02
CA LEU A 32 -2.48 -0.31 -10.48
C LEU A 32 -2.41 1.22 -10.45
N GLY A 33 -2.90 1.83 -11.55
CA GLY A 33 -2.96 3.29 -11.68
C GLY A 33 -3.97 3.90 -10.77
N THR A 34 -4.86 3.04 -10.33
CA THR A 34 -5.91 3.41 -9.40
C THR A 34 -5.31 3.48 -7.98
N VAL A 35 -4.23 2.69 -7.77
CA VAL A 35 -3.48 2.67 -6.51
C VAL A 35 -2.42 3.78 -6.55
N MET A 36 -1.78 3.92 -7.73
CA MET A 36 -0.76 4.95 -8.00
C MET A 36 -1.40 6.33 -7.97
N ARG A 37 -2.62 6.42 -8.50
CA ARG A 37 -3.40 7.67 -8.43
C ARG A 37 -3.66 8.09 -6.96
N SER A 38 -3.52 7.14 -6.02
CA SER A 38 -3.74 7.38 -4.58
C SER A 38 -2.49 7.94 -3.92
N LEU A 39 -1.32 7.36 -4.25
CA LEU A 39 -0.06 7.88 -3.73
C LEU A 39 0.27 9.18 -4.45
N GLY A 40 -0.48 9.43 -5.54
CA GLY A 40 -0.33 10.64 -6.31
C GLY A 40 0.49 10.45 -7.57
N GLN A 41 1.31 9.38 -7.59
CA GLN A 41 2.13 9.09 -8.76
C GLN A 41 1.54 7.92 -9.51
N ASN A 42 1.30 8.13 -10.81
CA ASN A 42 0.69 7.12 -11.68
C ASN A 42 1.38 7.12 -13.06
N PRO A 43 1.98 5.96 -13.48
CA PRO A 43 2.68 5.84 -14.77
C PRO A 43 1.73 5.69 -15.98
N THR A 44 2.32 5.67 -17.19
CA THR A 44 1.56 5.55 -18.45
C THR A 44 0.92 4.15 -18.60
N GLU A 45 0.10 3.98 -19.66
CA GLU A 45 -0.61 2.72 -19.93
C GLU A 45 0.32 1.51 -20.10
N ALA A 46 1.43 1.70 -20.85
CA ALA A 46 2.39 0.61 -21.09
C ALA A 46 3.36 0.42 -19.93
N GLU A 47 3.53 1.46 -19.10
CA GLU A 47 4.43 1.38 -17.95
C GLU A 47 3.78 0.67 -16.78
N LEU A 48 2.46 0.64 -16.83
CA LEU A 48 1.64 -0.03 -15.82
C LEU A 48 1.42 -1.52 -16.14
N GLN A 49 1.38 -1.88 -17.45
CA GLN A 49 1.20 -3.30 -17.85
C GLN A 49 2.50 -4.08 -17.79
N ASP A 50 3.58 -3.33 -17.72
CA ASP A 50 4.94 -3.88 -17.64
C ASP A 50 5.23 -4.41 -16.23
N MET A 51 4.45 -3.94 -15.24
CA MET A 51 4.60 -4.32 -13.83
C MET A 51 4.11 -5.75 -13.56
N ILE A 52 3.13 -6.22 -14.36
CA ILE A 52 2.59 -7.58 -14.21
C ILE A 52 3.49 -8.60 -14.91
N ASN A 53 4.23 -8.14 -15.94
CA ASN A 53 5.16 -8.98 -16.69
C ASN A 53 6.41 -9.33 -15.88
N GLU A 54 6.67 -8.53 -14.83
CA GLU A 54 7.83 -8.73 -13.93
C GLU A 54 7.74 -10.08 -13.20
N VAL A 55 6.53 -10.66 -13.14
CA VAL A 55 6.32 -11.95 -12.49
C VAL A 55 5.78 -12.97 -13.52
N ASP A 56 5.00 -12.49 -14.51
CA ASP A 56 4.40 -13.30 -15.60
C ASP A 56 4.19 -14.77 -15.22
N ALA A 57 3.23 -15.00 -14.31
CA ALA A 57 2.90 -16.34 -13.85
C ALA A 57 1.99 -17.05 -14.85
N ASP A 58 1.03 -16.29 -15.42
CA ASP A 58 0.11 -16.82 -16.40
C ASP A 58 0.25 -16.13 -17.75
N GLY A 59 1.11 -15.12 -17.77
CA GLY A 59 1.36 -14.32 -18.98
C GLY A 59 0.09 -13.73 -19.60
N ASN A 60 -0.87 -13.38 -18.73
CA ASN A 60 -2.15 -12.83 -19.16
C ASN A 60 -2.28 -11.34 -18.85
N GLY A 61 -1.45 -10.84 -17.92
CA GLY A 61 -1.51 -9.45 -17.51
C GLY A 61 -2.41 -9.26 -16.31
N THR A 62 -3.10 -10.35 -15.93
CA THR A 62 -4.01 -10.38 -14.78
C THR A 62 -3.26 -10.65 -13.49
N ILE A 63 -3.59 -9.89 -12.45
CA ILE A 63 -2.94 -10.01 -11.14
C ILE A 63 -3.72 -10.94 -10.21
N ASP A 64 -2.97 -11.75 -9.47
CA ASP A 64 -3.53 -12.69 -8.49
C ASP A 64 -2.98 -12.35 -7.10
N PHE A 65 -3.06 -13.29 -6.14
CA PHE A 65 -2.56 -13.06 -4.79
C PHE A 65 -1.03 -13.26 -4.68
N PRO A 66 -0.45 -14.44 -5.09
CA PRO A 66 1.00 -14.70 -5.01
C PRO A 66 1.83 -14.04 -6.12
N GLU A 67 1.16 -13.50 -7.16
CA GLU A 67 1.82 -12.91 -8.34
C GLU A 67 2.55 -11.58 -8.08
N PHE A 68 1.88 -10.59 -7.46
CA PHE A 68 2.50 -9.27 -7.25
C PHE A 68 3.43 -9.21 -6.03
N LEU A 69 2.95 -9.75 -4.89
CA LEU A 69 3.71 -9.73 -3.62
C LEU A 69 5.04 -10.49 -3.68
N THR A 70 5.20 -11.41 -4.64
CA THR A 70 6.43 -12.21 -4.77
C THR A 70 7.60 -11.41 -5.37
N MET A 71 7.42 -10.94 -6.61
CA MET A 71 8.46 -10.16 -7.32
C MET A 71 8.68 -8.78 -6.71
N MET A 72 7.76 -8.40 -5.87
CA MET A 72 7.79 -7.12 -5.16
C MET A 72 8.42 -7.25 -3.78
N ALA A 73 8.46 -8.49 -3.25
CA ALA A 73 9.05 -8.75 -1.93
C ALA A 73 10.57 -8.89 -1.99
N ARG A 74 11.03 -9.06 -3.22
CA ARG A 74 12.46 -9.21 -3.51
C ARG A 74 13.11 -7.88 -3.86
N LYS A 75 12.28 -6.87 -3.98
CA LYS A 75 12.72 -5.52 -4.33
C LYS A 75 13.02 -4.64 -3.11
N MET A 76 12.97 -5.24 -1.90
CA MET A 76 13.27 -4.50 -0.66
C MET A 76 14.79 -4.42 -0.46
N LYS A 77 15.46 -5.56 -0.67
CA LYS A 77 16.91 -5.65 -0.52
C LYS A 77 17.63 -5.50 -1.87
N ASP A 78 16.87 -5.46 -2.99
CA ASP A 78 17.47 -5.34 -4.33
C ASP A 78 17.64 -3.88 -4.76
N THR A 79 17.49 -2.97 -3.80
CA THR A 79 17.62 -1.52 -4.03
C THR A 79 17.96 -0.78 -2.73
N ASP A 80 16.98 -0.02 -2.20
CA ASP A 80 17.13 0.75 -0.96
C ASP A 80 15.74 1.23 -0.51
N SER A 81 15.18 0.52 0.48
CA SER A 81 13.85 0.83 1.00
C SER A 81 13.86 1.96 2.05
N GLU A 82 15.06 2.38 2.48
CA GLU A 82 15.19 3.47 3.47
C GLU A 82 14.72 4.77 2.87
N GLU A 83 15.08 4.99 1.60
CA GLU A 83 14.64 6.17 0.87
C GLU A 83 13.15 6.08 0.57
N GLU A 84 12.68 4.85 0.65
CA GLU A 84 11.27 4.50 0.42
C GLU A 84 10.43 4.71 1.67
N ILE A 85 11.08 4.51 2.81
CA ILE A 85 10.43 4.65 4.13
C ILE A 85 10.29 6.13 4.49
N ARG A 86 11.23 6.94 4.04
CA ARG A 86 11.21 8.39 4.29
C ARG A 86 10.33 9.13 3.29
N GLU A 87 10.39 8.71 2.02
CA GLU A 87 9.59 9.34 0.94
C GLU A 87 8.08 9.20 1.24
N ALA A 88 7.71 8.11 1.94
CA ALA A 88 6.32 7.84 2.32
C ALA A 88 5.78 8.97 3.19
N PHE A 89 6.71 9.64 3.91
CA PHE A 89 6.40 10.80 4.74
C PHE A 89 6.18 12.03 3.84
N ARG A 90 6.86 12.01 2.68
CA ARG A 90 6.78 13.07 1.68
C ARG A 90 5.55 12.95 0.77
N VAL A 91 4.98 11.75 0.74
CA VAL A 91 3.82 11.46 -0.10
C VAL A 91 2.50 11.80 0.60
N PHE A 92 2.25 11.14 1.74
CA PHE A 92 1.01 11.32 2.52
C PHE A 92 0.90 12.71 3.19
N ASP A 93 2.03 13.41 3.30
CA ASP A 93 2.06 14.74 3.93
C ASP A 93 1.92 15.85 2.89
N LYS A 94 0.76 16.50 2.89
CA LYS A 94 0.46 17.60 1.96
C LYS A 94 1.13 18.92 2.42
N ASP A 95 1.12 19.16 3.73
CA ASP A 95 1.71 20.38 4.30
C ASP A 95 2.96 20.11 5.15
N GLY A 96 3.22 18.83 5.46
CA GLY A 96 4.40 18.46 6.26
C GLY A 96 4.32 18.89 7.72
N ASN A 97 3.18 18.60 8.37
CA ASN A 97 2.96 18.96 9.77
C ASN A 97 3.48 17.88 10.74
N GLY A 98 3.73 16.67 10.21
CA GLY A 98 4.22 15.57 11.04
C GLY A 98 3.14 14.54 11.35
N TYR A 99 1.90 14.88 10.99
CA TYR A 99 0.73 14.01 11.20
C TYR A 99 -0.11 13.99 9.93
N ILE A 100 -0.47 12.79 9.48
CA ILE A 100 -1.26 12.61 8.26
C ILE A 100 -2.76 12.58 8.58
N SER A 101 -3.42 13.67 8.21
CA SER A 101 -4.86 13.87 8.43
C SER A 101 -5.73 12.84 7.70
N ALA A 102 -6.94 12.64 8.24
CA ALA A 102 -7.92 11.70 7.70
C ALA A 102 -8.59 12.21 6.41
N ALA A 103 -8.48 13.53 6.16
CA ALA A 103 -9.07 14.18 4.99
C ALA A 103 -8.37 13.79 3.69
N GLU A 104 -7.04 13.77 3.70
CA GLU A 104 -6.24 13.43 2.52
C GLU A 104 -6.04 11.91 2.39
N LEU A 105 -6.14 11.20 3.52
CA LEU A 105 -5.98 9.75 3.52
C LEU A 105 -7.26 9.03 3.04
N ARG A 106 -8.41 9.72 3.11
CA ARG A 106 -9.71 9.15 2.67
C ARG A 106 -9.73 8.86 1.18
N HIS A 107 -9.04 9.70 0.46
CA HIS A 107 -8.92 9.59 -1.00
C HIS A 107 -8.25 8.28 -1.40
N VAL A 108 -7.47 7.73 -0.46
CA VAL A 108 -6.73 6.47 -0.64
C VAL A 108 -7.67 5.28 -0.88
N MET A 109 -8.55 5.02 0.09
CA MET A 109 -9.49 3.90 -0.01
C MET A 109 -10.70 4.26 -0.88
N THR A 110 -10.94 5.56 -1.04
CA THR A 110 -12.07 6.08 -1.80
C THR A 110 -11.84 6.15 -3.33
N ASN A 111 -10.62 6.52 -3.76
CA ASN A 111 -10.32 6.66 -5.20
C ASN A 111 -10.31 5.32 -5.96
N LEU A 112 -10.45 4.22 -5.24
CA LEU A 112 -10.46 2.90 -5.85
C LEU A 112 -11.88 2.30 -5.90
N GLY A 113 -12.84 3.05 -5.30
CA GLY A 113 -14.23 2.59 -5.26
C GLY A 113 -14.46 1.57 -4.16
N GLU A 114 -14.02 1.90 -2.95
CA GLU A 114 -14.15 1.00 -1.80
C GLU A 114 -15.42 1.28 -0.99
N LYS A 115 -15.88 0.25 -0.28
CA LYS A 115 -17.06 0.37 0.58
C LYS A 115 -16.65 0.77 2.00
N LEU A 116 -15.42 1.25 2.10
CA LEU A 116 -14.84 1.73 3.35
C LEU A 116 -14.01 2.98 3.10
N THR A 117 -14.23 3.99 3.94
CA THR A 117 -13.54 5.27 3.84
C THR A 117 -12.54 5.43 4.97
N ASP A 118 -11.84 6.58 4.99
CA ASP A 118 -10.88 6.89 6.05
C ASP A 118 -11.54 6.69 7.43
N GLU A 119 -12.90 6.64 7.40
CA GLU A 119 -13.74 6.50 8.61
C GLU A 119 -13.43 5.22 9.39
N GLU A 120 -13.51 4.07 8.71
CA GLU A 120 -13.23 2.76 9.32
C GLU A 120 -11.71 2.50 9.38
N VAL A 121 -10.98 3.28 8.58
CA VAL A 121 -9.52 3.20 8.47
C VAL A 121 -8.84 4.02 9.60
N ASP A 122 -9.55 5.02 10.13
CA ASP A 122 -9.01 5.88 11.21
C ASP A 122 -9.12 5.21 12.57
N GLU A 123 -10.01 4.22 12.66
CA GLU A 123 -10.13 3.43 13.89
C GLU A 123 -8.89 2.54 13.99
N MET A 124 -8.22 2.38 12.82
CA MET A 124 -7.02 1.59 12.67
C MET A 124 -5.75 2.37 13.06
N ILE A 125 -5.70 3.66 12.70
CA ILE A 125 -4.53 4.55 12.99
C ILE A 125 -4.12 4.48 14.47
N ARG A 126 -5.10 4.26 15.35
CA ARG A 126 -4.90 4.15 16.81
C ARG A 126 -3.90 3.07 17.23
N GLU A 127 -3.60 2.17 16.30
CA GLU A 127 -2.67 1.05 16.55
C GLU A 127 -1.22 1.52 16.72
N ALA A 128 -0.80 2.47 15.88
CA ALA A 128 0.56 3.00 15.91
C ALA A 128 0.58 4.49 16.28
N ASP A 129 -0.59 5.03 16.65
CA ASP A 129 -0.73 6.44 17.05
C ASP A 129 -0.07 6.65 18.41
N ILE A 130 1.26 6.79 18.39
CA ILE A 130 2.06 6.98 19.61
C ILE A 130 2.25 8.47 19.94
N ASP A 131 1.92 9.36 18.99
CA ASP A 131 2.04 10.81 19.21
C ASP A 131 0.73 11.43 19.69
N GLY A 132 -0.36 10.66 19.60
CA GLY A 132 -1.68 11.11 20.06
C GLY A 132 -2.36 12.17 19.20
N ASP A 133 -1.95 12.35 17.93
CA ASP A 133 -2.59 13.34 17.06
C ASP A 133 -3.72 12.71 16.23
N GLY A 134 -3.91 11.38 16.38
CA GLY A 134 -4.93 10.66 15.62
C GLY A 134 -4.49 10.42 14.19
N GLN A 135 -3.20 10.70 13.96
CA GLN A 135 -2.55 10.58 12.65
C GLN A 135 -1.19 9.90 12.81
N VAL A 136 -0.50 9.65 11.70
CA VAL A 136 0.80 8.97 11.73
C VAL A 136 1.96 9.97 11.69
N ASN A 137 2.82 9.88 12.70
CA ASN A 137 3.98 10.77 12.82
C ASN A 137 5.25 10.08 12.30
N TYR A 138 6.43 10.64 12.63
CA TYR A 138 7.73 10.10 12.19
C TYR A 138 8.03 8.79 12.92
N GLU A 139 7.35 8.62 14.05
CA GLU A 139 7.47 7.44 14.90
C GLU A 139 6.72 6.24 14.31
N GLU A 140 5.66 6.51 13.52
CA GLU A 140 4.86 5.47 12.87
C GLU A 140 5.60 4.80 11.72
N PHE A 141 6.26 5.61 10.86
CA PHE A 141 7.04 5.10 9.71
C PHE A 141 8.15 4.14 10.12
N VAL A 142 9.08 4.66 10.95
CA VAL A 142 10.24 3.89 11.46
C VAL A 142 9.84 2.60 12.19
N GLN A 143 8.74 2.65 12.93
CA GLN A 143 8.23 1.51 13.69
C GLN A 143 7.46 0.51 12.83
N MET A 144 6.57 1.01 11.96
CA MET A 144 5.74 0.16 11.11
C MET A 144 6.44 -0.31 9.81
N MET A 145 6.93 0.65 9.01
CA MET A 145 7.57 0.35 7.72
C MET A 145 9.02 -0.16 7.86
N THR A 146 9.82 0.50 8.70
CA THR A 146 11.23 0.11 8.90
C THR A 146 11.35 -1.17 9.74
N ALA A 147 10.47 -1.31 10.73
CA ALA A 147 10.46 -2.48 11.61
C ALA A 147 9.33 -3.44 11.22
N LYS A 148 9.56 -4.20 10.15
CA LYS A 148 8.58 -5.18 9.63
C LYS A 148 8.51 -6.42 10.54
N LYS B 1 1.08 -1.56 12.17
CA LYS B 1 2.00 -2.72 12.27
C LYS B 1 1.55 -3.88 11.38
N LYS B 2 0.22 -3.94 11.13
CA LYS B 2 -0.39 -4.99 10.31
C LYS B 2 -1.72 -4.52 9.71
N THR B 3 -2.45 -3.72 10.50
CA THR B 3 -3.75 -3.18 10.12
C THR B 3 -3.63 -1.90 9.28
N PHE B 4 -2.55 -1.14 9.48
CA PHE B 4 -2.32 0.10 8.75
C PHE B 4 -0.92 0.14 8.13
N LYS B 5 -0.07 -0.84 8.48
CA LYS B 5 1.30 -0.92 7.95
C LYS B 5 1.30 -1.45 6.51
N GLU B 6 0.46 -2.48 6.26
CA GLU B 6 0.36 -3.10 4.93
C GLU B 6 -0.45 -2.23 3.96
N VAL B 7 -1.41 -1.45 4.50
CA VAL B 7 -2.21 -0.55 3.67
C VAL B 7 -1.33 0.64 3.20
N ALA B 8 -0.43 1.07 4.10
CA ALA B 8 0.54 2.14 3.83
C ALA B 8 1.69 1.62 2.98
N ASN B 9 2.06 0.35 3.23
CA ASN B 9 3.14 -0.35 2.50
C ASN B 9 2.84 -0.45 1.01
N ALA B 10 1.53 -0.50 0.67
CA ALA B 10 1.07 -0.58 -0.73
C ALA B 10 1.69 0.53 -1.59
N VAL B 11 1.84 1.72 -0.97
CA VAL B 11 2.45 2.89 -1.59
C VAL B 11 3.98 2.70 -1.73
N LYS B 12 4.57 2.06 -0.71
CA LYS B 12 6.02 1.78 -0.67
C LYS B 12 6.41 0.62 -1.59
N ILE B 13 5.41 -0.19 -1.96
CA ILE B 13 5.62 -1.34 -2.84
C ILE B 13 5.30 -0.99 -4.30
N SER B 14 4.37 -0.04 -4.48
CA SER B 14 3.95 0.42 -5.81
C SER B 14 4.87 1.52 -6.34
N ALA B 15 5.63 2.15 -5.44
CA ALA B 15 6.57 3.21 -5.80
C ALA B 15 7.96 2.66 -6.12
N SER B 16 8.17 1.37 -5.80
CA SER B 16 9.44 0.69 -6.04
C SER B 16 9.46 0.03 -7.43
N LEU B 17 8.37 0.20 -8.18
CA LEU B 17 8.24 -0.37 -9.52
C LEU B 17 8.74 0.60 -10.59
N ALA A 1 5.40 -16.23 8.46
CA ALA A 1 6.36 -16.91 7.55
C ALA A 1 6.03 -18.40 7.41
N ASP A 2 5.69 -19.04 8.55
CA ASP A 2 5.36 -20.47 8.57
C ASP A 2 3.84 -20.68 8.59
N GLN A 3 3.14 -19.87 9.40
CA GLN A 3 1.68 -19.97 9.53
C GLN A 3 1.03 -18.59 9.36
N LEU A 4 -0.14 -18.58 8.73
CA LEU A 4 -0.90 -17.34 8.50
C LEU A 4 -2.36 -17.51 8.86
N THR A 5 -2.75 -16.81 9.91
CA THR A 5 -4.12 -16.83 10.41
C THR A 5 -4.84 -15.55 9.95
N GLU A 6 -6.09 -15.38 10.41
CA GLU A 6 -6.93 -14.20 10.07
C GLU A 6 -6.21 -12.85 10.30
N GLU A 7 -5.13 -12.87 11.09
CA GLU A 7 -4.36 -11.65 11.42
C GLU A 7 -3.33 -11.34 10.33
N GLN A 8 -2.67 -12.38 9.85
CA GLN A 8 -1.64 -12.26 8.80
C GLN A 8 -2.24 -12.22 7.40
N ILE A 9 -3.48 -12.71 7.27
CA ILE A 9 -4.19 -12.75 5.99
C ILE A 9 -4.89 -11.41 5.69
N ALA A 10 -5.40 -10.74 6.74
CA ALA A 10 -6.08 -9.44 6.58
C ALA A 10 -5.08 -8.32 6.26
N GLU A 11 -3.83 -8.53 6.67
CA GLU A 11 -2.75 -7.58 6.41
C GLU A 11 -2.17 -7.86 4.99
N PHE A 12 -2.33 -9.11 4.55
CA PHE A 12 -1.89 -9.55 3.22
C PHE A 12 -2.98 -9.25 2.19
N LYS A 13 -4.24 -9.26 2.68
CA LYS A 13 -5.42 -8.97 1.86
C LYS A 13 -5.68 -7.45 1.82
N GLU A 14 -5.22 -6.74 2.87
CA GLU A 14 -5.34 -5.27 2.98
C GLU A 14 -4.83 -4.54 1.71
N ALA A 15 -3.83 -5.13 1.05
CA ALA A 15 -3.27 -4.58 -0.18
C ALA A 15 -4.08 -5.04 -1.40
N PHE A 16 -4.75 -6.19 -1.24
CA PHE A 16 -5.59 -6.79 -2.29
C PHE A 16 -6.99 -6.14 -2.34
N SER A 17 -7.42 -5.57 -1.21
CA SER A 17 -8.75 -4.94 -1.11
C SER A 17 -8.83 -3.60 -1.86
N LEU A 18 -7.66 -2.99 -2.14
CA LEU A 18 -7.60 -1.69 -2.82
C LEU A 18 -7.82 -1.80 -4.34
N PHE A 19 -6.95 -2.55 -5.03
CA PHE A 19 -7.04 -2.71 -6.50
C PHE A 19 -8.14 -3.69 -6.94
N ASP A 20 -8.88 -4.25 -5.97
CA ASP A 20 -9.97 -5.18 -6.28
C ASP A 20 -11.33 -4.53 -6.02
N LYS A 21 -12.14 -4.46 -7.08
CA LYS A 21 -13.48 -3.87 -7.00
C LYS A 21 -14.49 -4.80 -6.32
N ASP A 22 -14.47 -6.06 -6.75
CA ASP A 22 -15.37 -7.08 -6.21
C ASP A 22 -14.60 -8.28 -5.66
N GLY A 23 -13.29 -8.36 -5.94
CA GLY A 23 -12.46 -9.47 -5.46
C GLY A 23 -12.75 -10.77 -6.18
N ASP A 24 -12.61 -10.77 -7.51
CA ASP A 24 -12.88 -11.95 -8.33
C ASP A 24 -11.64 -12.87 -8.45
N GLY A 25 -10.48 -12.39 -7.98
CA GLY A 25 -9.26 -13.17 -8.05
C GLY A 25 -8.28 -12.67 -9.07
N THR A 26 -8.76 -11.80 -9.95
CA THR A 26 -7.95 -11.26 -11.02
C THR A 26 -8.25 -9.80 -11.27
N ILE A 27 -7.19 -8.98 -11.39
CA ILE A 27 -7.33 -7.54 -11.62
C ILE A 27 -6.60 -7.08 -12.87
N THR A 28 -7.17 -6.06 -13.53
CA THR A 28 -6.62 -5.48 -14.76
C THR A 28 -5.44 -4.57 -14.49
N THR A 29 -4.57 -4.44 -15.50
CA THR A 29 -3.39 -3.56 -15.44
C THR A 29 -3.82 -2.09 -15.22
N LYS A 30 -5.12 -1.85 -15.45
CA LYS A 30 -5.73 -0.51 -15.32
C LYS A 30 -6.04 -0.16 -13.85
N GLU A 31 -6.13 -1.20 -13.00
CA GLU A 31 -6.41 -1.03 -11.57
C GLU A 31 -5.19 -0.47 -10.82
N LEU A 32 -3.99 -0.73 -11.38
CA LEU A 32 -2.74 -0.23 -10.80
C LEU A 32 -2.72 1.30 -10.73
N GLY A 33 -3.24 1.92 -11.81
CA GLY A 33 -3.36 3.38 -11.90
C GLY A 33 -4.38 3.92 -10.97
N THR A 34 -5.22 3.02 -10.54
CA THR A 34 -6.29 3.29 -9.59
C THR A 34 -5.70 3.39 -8.17
N VAL A 35 -4.65 2.58 -7.92
CA VAL A 35 -3.92 2.58 -6.63
C VAL A 35 -2.86 3.68 -6.68
N MET A 36 -2.15 3.76 -7.81
CA MET A 36 -1.10 4.77 -8.08
C MET A 36 -1.70 6.15 -7.99
N ARG A 37 -2.91 6.31 -8.55
CA ARG A 37 -3.65 7.59 -8.46
C ARG A 37 -3.89 8.00 -6.98
N SER A 38 -3.78 7.03 -6.05
CA SER A 38 -4.00 7.27 -4.61
C SER A 38 -2.73 7.69 -3.90
N LEU A 39 -1.61 7.01 -4.19
CA LEU A 39 -0.34 7.40 -3.60
C LEU A 39 0.15 8.70 -4.25
N GLY A 40 -0.53 9.08 -5.33
CA GLY A 40 -0.23 10.31 -6.04
C GLY A 40 0.68 10.08 -7.22
N GLN A 41 1.42 8.95 -7.19
CA GLN A 41 2.29 8.59 -8.29
C GLN A 41 1.58 7.63 -9.20
N ASN A 42 1.52 7.96 -10.50
CA ASN A 42 0.80 7.15 -11.47
C ASN A 42 1.47 7.23 -12.87
N PRO A 43 2.00 6.07 -13.38
CA PRO A 43 2.66 6.00 -14.70
C PRO A 43 1.67 5.98 -15.89
N THR A 44 2.22 6.01 -17.11
CA THR A 44 1.42 6.00 -18.35
C THR A 44 0.73 4.64 -18.57
N GLU A 45 -0.11 4.56 -19.63
CA GLU A 45 -0.87 3.35 -19.97
C GLU A 45 0.02 2.10 -20.18
N ALA A 46 1.08 2.25 -20.97
CA ALA A 46 2.00 1.12 -21.23
C ALA A 46 3.03 0.94 -20.13
N GLU A 47 3.28 2.00 -19.33
CA GLU A 47 4.25 1.93 -18.24
C GLU A 47 3.70 1.15 -17.06
N LEU A 48 2.39 1.06 -17.02
CA LEU A 48 1.67 0.32 -15.98
C LEU A 48 1.52 -1.17 -16.34
N GLN A 49 1.44 -1.48 -17.66
CA GLN A 49 1.31 -2.87 -18.12
C GLN A 49 2.67 -3.57 -18.15
N ASP A 50 3.70 -2.76 -18.10
CA ASP A 50 5.10 -3.21 -18.10
C ASP A 50 5.55 -3.61 -16.68
N MET A 51 4.81 -3.13 -15.68
CA MET A 51 5.11 -3.40 -14.27
C MET A 51 4.71 -4.82 -13.84
N ILE A 52 3.62 -5.36 -14.42
CA ILE A 52 3.15 -6.72 -14.09
C ILE A 52 3.98 -7.78 -14.85
N ASN A 53 4.56 -7.37 -16.00
CA ASN A 53 5.37 -8.24 -16.86
C ASN A 53 6.55 -8.90 -16.12
N GLU A 54 6.96 -8.32 -14.98
CA GLU A 54 8.08 -8.85 -14.16
C GLU A 54 7.67 -10.11 -13.38
N VAL A 55 6.37 -10.47 -13.45
CA VAL A 55 5.83 -11.65 -12.75
C VAL A 55 4.90 -12.46 -13.69
N ASP A 56 4.74 -12.00 -14.95
CA ASP A 56 3.91 -12.70 -15.93
C ASP A 56 4.59 -13.98 -16.44
N ALA A 57 4.81 -14.91 -15.50
CA ALA A 57 5.43 -16.21 -15.80
C ALA A 57 4.57 -17.03 -16.76
N ASP A 58 3.24 -16.91 -16.61
CA ASP A 58 2.30 -17.62 -17.48
C ASP A 58 1.60 -16.68 -18.44
N GLY A 59 1.77 -15.38 -18.18
CA GLY A 59 1.17 -14.32 -19.01
C GLY A 59 -0.34 -14.47 -19.20
N ASN A 60 -1.10 -14.24 -18.12
CA ASN A 60 -2.56 -14.36 -18.16
C ASN A 60 -3.23 -13.01 -18.41
N GLY A 61 -2.44 -11.92 -18.29
CA GLY A 61 -2.97 -10.58 -18.49
C GLY A 61 -3.51 -9.97 -17.21
N THR A 62 -3.52 -10.77 -16.14
CA THR A 62 -4.01 -10.33 -14.84
C THR A 62 -3.14 -10.89 -13.71
N ILE A 63 -3.18 -10.23 -12.56
CA ILE A 63 -2.39 -10.64 -11.41
C ILE A 63 -3.28 -11.19 -10.28
N ASP A 64 -2.90 -12.38 -9.76
CA ASP A 64 -3.64 -13.06 -8.70
C ASP A 64 -3.14 -12.64 -7.30
N PHE A 65 -3.52 -13.41 -6.26
CA PHE A 65 -3.14 -13.13 -4.87
C PHE A 65 -1.65 -13.47 -4.56
N PRO A 66 -1.13 -14.70 -4.86
CA PRO A 66 0.26 -15.05 -4.57
C PRO A 66 1.27 -14.47 -5.58
N GLU A 67 0.75 -13.93 -6.69
CA GLU A 67 1.60 -13.41 -7.77
C GLU A 67 1.95 -11.91 -7.70
N PHE A 68 1.18 -11.08 -6.97
CA PHE A 68 1.47 -9.63 -6.96
C PHE A 68 2.56 -9.24 -5.94
N LEU A 69 2.52 -9.88 -4.75
CA LEU A 69 3.47 -9.59 -3.68
C LEU A 69 4.81 -10.32 -3.83
N THR A 70 4.85 -11.41 -4.62
CA THR A 70 6.08 -12.21 -4.81
C THR A 70 7.26 -11.43 -5.42
N MET A 71 7.10 -10.91 -6.65
CA MET A 71 8.18 -10.16 -7.31
C MET A 71 8.42 -8.79 -6.67
N MET A 72 7.48 -8.42 -5.82
CA MET A 72 7.52 -7.15 -5.10
C MET A 72 8.11 -7.32 -3.69
N ALA A 73 8.17 -8.57 -3.20
CA ALA A 73 8.71 -8.86 -1.87
C ALA A 73 10.22 -9.03 -1.89
N ARG A 74 10.73 -9.31 -3.07
CA ARG A 74 12.16 -9.51 -3.31
C ARG A 74 12.86 -8.24 -3.74
N LYS A 75 12.07 -7.21 -4.00
CA LYS A 75 12.58 -5.92 -4.46
C LYS A 75 12.77 -4.91 -3.33
N MET A 76 12.36 -5.29 -2.10
CA MET A 76 12.51 -4.43 -0.93
C MET A 76 13.96 -4.46 -0.42
N LYS A 77 14.55 -5.65 -0.45
CA LYS A 77 15.93 -5.86 -0.01
C LYS A 77 16.94 -5.83 -1.16
N ASP A 78 16.47 -5.82 -2.42
CA ASP A 78 17.37 -5.82 -3.58
C ASP A 78 17.64 -4.41 -4.11
N THR A 79 17.43 -3.41 -3.26
CA THR A 79 17.65 -2.00 -3.60
C THR A 79 18.00 -1.17 -2.36
N ASP A 80 17.05 -0.34 -1.89
CA ASP A 80 17.22 0.52 -0.71
C ASP A 80 15.85 1.09 -0.33
N SER A 81 15.23 0.48 0.68
CA SER A 81 13.91 0.92 1.14
C SER A 81 13.98 1.93 2.27
N GLU A 82 15.17 2.45 2.51
CA GLU A 82 15.40 3.47 3.54
C GLU A 82 15.07 4.82 2.96
N GLU A 83 15.34 4.96 1.65
CA GLU A 83 15.04 6.18 0.93
C GLU A 83 13.53 6.27 0.70
N GLU A 84 12.93 5.10 0.82
CA GLU A 84 11.49 4.89 0.66
C GLU A 84 10.71 5.19 1.92
N ILE A 85 11.36 4.97 3.05
CA ILE A 85 10.75 5.19 4.38
C ILE A 85 10.54 6.70 4.63
N ARG A 86 11.45 7.51 4.08
CA ARG A 86 11.39 8.97 4.24
C ARG A 86 10.44 9.61 3.23
N GLU A 87 10.52 9.17 1.95
CA GLU A 87 9.68 9.71 0.88
C GLU A 87 8.18 9.49 1.19
N ALA A 88 7.89 8.38 1.90
CA ALA A 88 6.52 8.04 2.31
C ALA A 88 5.95 9.14 3.19
N PHE A 89 6.85 9.79 3.95
CA PHE A 89 6.49 10.93 4.80
C PHE A 89 6.19 12.15 3.91
N ARG A 90 6.81 12.16 2.73
CA ARG A 90 6.63 13.23 1.74
C ARG A 90 5.36 13.04 0.90
N VAL A 91 4.85 11.81 0.91
CA VAL A 91 3.66 11.44 0.14
C VAL A 91 2.37 11.69 0.93
N PHE A 92 2.25 11.03 2.09
CA PHE A 92 1.07 11.14 2.95
C PHE A 92 0.90 12.52 3.59
N ASP A 93 1.99 13.31 3.63
CA ASP A 93 1.97 14.65 4.21
C ASP A 93 1.77 15.72 3.13
N LYS A 94 0.57 16.33 3.14
CA LYS A 94 0.21 17.37 2.16
C LYS A 94 0.83 18.73 2.52
N ASP A 95 0.87 19.06 3.82
CA ASP A 95 1.41 20.33 4.28
C ASP A 95 2.71 20.16 5.10
N GLY A 96 3.03 18.92 5.48
CA GLY A 96 4.25 18.64 6.25
C GLY A 96 4.23 19.18 7.68
N ASN A 97 3.13 18.95 8.40
CA ASN A 97 2.99 19.42 9.79
C ASN A 97 3.46 18.36 10.80
N GLY A 98 3.60 17.11 10.36
CA GLY A 98 4.03 16.03 11.24
C GLY A 98 2.89 15.09 11.60
N TYR A 99 1.71 15.31 11.01
CA TYR A 99 0.52 14.49 11.24
C TYR A 99 -0.30 14.42 9.97
N ILE A 100 -0.69 13.21 9.59
CA ILE A 100 -1.49 13.00 8.38
C ILE A 100 -2.95 12.73 8.76
N SER A 101 -3.82 13.67 8.35
CA SER A 101 -5.26 13.62 8.61
C SER A 101 -5.94 12.42 7.94
N ALA A 102 -7.08 12.00 8.51
CA ALA A 102 -7.86 10.87 8.00
C ALA A 102 -8.71 11.25 6.78
N ALA A 103 -8.92 12.57 6.61
CA ALA A 103 -9.73 13.11 5.50
C ALA A 103 -9.05 12.90 4.15
N GLU A 104 -7.72 13.11 4.10
CA GLU A 104 -6.94 12.94 2.87
C GLU A 104 -6.60 11.47 2.64
N LEU A 105 -6.46 10.72 3.74
CA LEU A 105 -6.17 9.29 3.67
C LEU A 105 -7.40 8.49 3.21
N ARG A 106 -8.59 9.06 3.39
CA ARG A 106 -9.87 8.44 2.97
C ARG A 106 -9.95 8.22 1.48
N HIS A 107 -9.32 9.13 0.77
CA HIS A 107 -9.28 9.10 -0.69
C HIS A 107 -8.55 7.85 -1.20
N VAL A 108 -7.70 7.29 -0.32
CA VAL A 108 -6.91 6.09 -0.61
C VAL A 108 -7.81 4.86 -0.82
N MET A 109 -8.59 4.52 0.20
CA MET A 109 -9.49 3.37 0.14
C MET A 109 -10.75 3.68 -0.69
N THR A 110 -11.04 4.98 -0.86
CA THR A 110 -12.21 5.44 -1.61
C THR A 110 -12.00 5.57 -3.13
N ASN A 111 -10.85 6.12 -3.55
CA ASN A 111 -10.56 6.35 -4.99
C ASN A 111 -10.63 5.10 -5.87
N LEU A 112 -10.57 3.93 -5.26
CA LEU A 112 -10.64 2.67 -6.00
C LEU A 112 -12.05 2.08 -5.98
N GLY A 113 -13.01 2.84 -5.42
CA GLY A 113 -14.40 2.39 -5.32
C GLY A 113 -14.52 1.18 -4.41
N GLU A 114 -13.98 1.31 -3.20
CA GLU A 114 -13.96 0.24 -2.23
C GLU A 114 -15.10 0.35 -1.21
N LYS A 115 -15.20 -0.69 -0.36
CA LYS A 115 -16.21 -0.75 0.73
C LYS A 115 -15.87 0.30 1.79
N LEU A 116 -15.96 -0.07 3.10
CA LEU A 116 -15.66 0.83 4.22
C LEU A 116 -14.49 1.78 3.91
N THR A 117 -14.70 3.06 4.23
CA THR A 117 -13.74 4.14 3.99
C THR A 117 -12.72 4.26 5.11
N ASP A 118 -11.92 5.37 5.07
CA ASP A 118 -10.90 5.68 6.11
C ASP A 118 -11.43 5.34 7.51
N GLU A 119 -12.76 5.18 7.60
CA GLU A 119 -13.44 4.87 8.88
C GLU A 119 -13.00 3.51 9.46
N GLU A 120 -12.54 2.60 8.58
CA GLU A 120 -12.08 1.27 8.98
C GLU A 120 -10.58 1.26 9.31
N VAL A 121 -9.79 2.12 8.64
CA VAL A 121 -8.34 2.19 8.86
C VAL A 121 -7.97 2.74 10.22
N ASP A 122 -8.81 3.66 10.72
CA ASP A 122 -8.64 4.35 12.03
C ASP A 122 -8.15 3.44 13.14
N GLU A 123 -8.30 2.13 12.95
CA GLU A 123 -7.77 1.14 13.88
C GLU A 123 -6.24 1.29 13.94
N MET A 124 -5.68 1.95 12.90
CA MET A 124 -4.26 2.21 12.79
C MET A 124 -3.83 3.43 13.64
N ILE A 125 -4.66 4.49 13.58
CA ILE A 125 -4.43 5.73 14.35
C ILE A 125 -4.34 5.44 15.87
N ARG A 126 -5.04 4.39 16.32
CA ARG A 126 -5.05 4.00 17.74
C ARG A 126 -3.80 3.23 18.15
N GLU A 127 -3.25 2.52 17.19
CA GLU A 127 -2.02 1.72 17.40
C GLU A 127 -0.75 2.53 17.09
N ALA A 128 -0.83 3.36 16.06
CA ALA A 128 0.29 4.20 15.64
C ALA A 128 0.19 5.61 16.22
N ASP A 129 -0.47 5.72 17.38
CA ASP A 129 -0.64 7.00 18.07
C ASP A 129 0.60 7.31 18.93
N ILE A 130 1.72 7.57 18.23
CA ILE A 130 3.00 7.88 18.90
C ILE A 130 3.08 9.34 19.37
N ASP A 131 2.46 10.27 18.61
CA ASP A 131 2.47 11.69 18.98
C ASP A 131 1.14 12.13 19.61
N GLY A 132 0.12 11.27 19.51
CA GLY A 132 -1.19 11.54 20.11
C GLY A 132 -1.97 12.71 19.50
N ASP A 133 -1.68 13.07 18.24
CA ASP A 133 -2.40 14.17 17.58
C ASP A 133 -3.60 13.63 16.78
N GLY A 134 -3.92 12.33 16.99
CA GLY A 134 -5.00 11.67 16.28
C GLY A 134 -4.61 11.32 14.85
N GLN A 135 -3.30 11.48 14.57
CA GLN A 135 -2.72 11.23 13.26
C GLN A 135 -1.33 10.60 13.42
N VAL A 136 -0.69 10.26 12.28
CA VAL A 136 0.64 9.62 12.30
C VAL A 136 1.75 10.65 12.10
N ASN A 137 2.83 10.48 12.88
CA ASN A 137 3.99 11.37 12.83
C ASN A 137 5.10 10.72 11.97
N TYR A 138 6.33 11.27 12.06
CA TYR A 138 7.47 10.74 11.29
C TYR A 138 8.04 9.49 11.99
N GLU A 139 7.72 9.36 13.27
CA GLU A 139 8.16 8.24 14.11
C GLU A 139 7.45 6.93 13.74
N GLU A 140 6.16 7.02 13.36
CA GLU A 140 5.36 5.85 12.95
C GLU A 140 5.99 5.09 11.78
N PHE A 141 6.58 5.84 10.83
CA PHE A 141 7.25 5.27 9.65
C PHE A 141 8.37 4.29 10.02
N VAL A 142 9.37 4.81 10.74
CA VAL A 142 10.53 4.04 11.19
C VAL A 142 10.15 2.85 12.12
N GLN A 143 9.07 3.03 12.89
CA GLN A 143 8.60 1.99 13.82
C GLN A 143 7.77 0.91 13.12
N MET A 144 6.87 1.32 12.21
CA MET A 144 5.99 0.39 11.49
C MET A 144 6.64 -0.26 10.26
N MET A 145 7.29 0.54 9.41
CA MET A 145 7.89 0.04 8.17
C MET A 145 9.38 -0.35 8.30
N THR A 146 10.16 0.48 9.01
CA THR A 146 11.60 0.22 9.18
C THR A 146 11.88 -0.92 10.16
N ALA A 147 11.00 -1.09 11.16
CA ALA A 147 11.17 -2.15 12.16
C ALA A 147 10.53 -3.47 11.68
N LYS A 148 11.01 -3.95 10.53
CA LYS A 148 10.54 -5.19 9.92
C LYS A 148 11.30 -6.40 10.50
N LYS B 1 2.08 -1.93 11.64
CA LYS B 1 2.64 -3.31 11.72
C LYS B 1 1.83 -4.29 10.85
N LYS B 2 0.53 -4.02 10.71
CA LYS B 2 -0.39 -4.87 9.93
C LYS B 2 -1.54 -4.03 9.34
N THR B 3 -1.99 -3.05 10.12
CA THR B 3 -3.09 -2.16 9.73
C THR B 3 -2.57 -0.91 9.00
N PHE B 4 -1.32 -0.55 9.28
CA PHE B 4 -0.68 0.62 8.69
C PHE B 4 0.53 0.24 7.82
N LYS B 5 1.28 -0.78 8.28
CA LYS B 5 2.49 -1.25 7.58
C LYS B 5 2.21 -1.77 6.17
N GLU B 6 1.19 -2.64 6.04
CA GLU B 6 0.82 -3.25 4.76
C GLU B 6 0.06 -2.29 3.84
N VAL B 7 -0.80 -1.44 4.42
CA VAL B 7 -1.57 -0.46 3.64
C VAL B 7 -0.63 0.65 3.09
N ALA B 8 0.37 1.01 3.91
CA ALA B 8 1.38 2.01 3.54
C ALA B 8 2.43 1.43 2.59
N ASN B 9 2.73 0.13 2.79
CA ASN B 9 3.72 -0.60 1.95
C ASN B 9 3.37 -0.54 0.46
N ALA B 10 2.06 -0.44 0.16
CA ALA B 10 1.57 -0.33 -1.23
C ALA B 10 2.03 1.00 -1.84
N VAL B 11 1.98 2.05 -1.01
CA VAL B 11 2.42 3.41 -1.39
C VAL B 11 3.95 3.47 -1.49
N LYS B 12 4.60 2.67 -0.64
CA LYS B 12 6.07 2.58 -0.55
C LYS B 12 6.67 1.75 -1.70
N ILE B 13 5.91 0.75 -2.17
CA ILE B 13 6.37 -0.15 -3.24
C ILE B 13 5.98 0.37 -4.64
N SER B 14 4.83 1.05 -4.74
CA SER B 14 4.33 1.60 -6.01
C SER B 14 5.16 2.78 -6.51
N ALA B 15 6.01 3.34 -5.64
CA ALA B 15 6.87 4.47 -5.99
C ALA B 15 8.24 3.98 -6.46
N SER B 16 8.74 2.93 -5.81
CA SER B 16 10.03 2.33 -6.17
C SER B 16 9.81 1.16 -7.15
N LEU B 17 8.63 1.15 -7.77
CA LEU B 17 8.26 0.11 -8.74
C LEU B 17 8.64 0.52 -10.16
N ALA A 1 1.47 -26.59 16.11
CA ALA A 1 2.55 -25.62 16.41
C ALA A 1 2.25 -24.24 15.81
N ASP A 2 1.73 -24.24 14.57
CA ASP A 2 1.39 -23.00 13.88
C ASP A 2 -0.03 -23.04 13.35
N GLN A 3 -0.73 -21.91 13.42
CA GLN A 3 -2.11 -21.80 12.96
C GLN A 3 -2.27 -20.61 12.02
N LEU A 4 -2.94 -20.84 10.89
CA LEU A 4 -3.19 -19.81 9.89
C LEU A 4 -4.65 -19.41 9.87
N THR A 5 -4.89 -18.17 10.24
CA THR A 5 -6.22 -17.58 10.30
C THR A 5 -6.22 -16.20 9.64
N GLU A 6 -7.37 -15.53 9.70
CA GLU A 6 -7.57 -14.18 9.14
C GLU A 6 -6.53 -13.17 9.65
N GLU A 7 -5.82 -13.51 10.75
CA GLU A 7 -4.84 -12.61 11.39
C GLU A 7 -3.59 -12.37 10.52
N GLN A 8 -3.04 -13.46 9.96
CA GLN A 8 -1.84 -13.39 9.10
C GLN A 8 -2.20 -13.08 7.64
N ILE A 9 -3.45 -13.36 7.29
CA ILE A 9 -3.98 -13.13 5.93
C ILE A 9 -4.42 -11.68 5.73
N ALA A 10 -4.91 -11.03 6.80
CA ALA A 10 -5.37 -9.63 6.73
C ALA A 10 -4.26 -8.67 6.31
N GLU A 11 -3.00 -9.04 6.59
CA GLU A 11 -1.84 -8.22 6.21
C GLU A 11 -1.43 -8.52 4.76
N PHE A 12 -1.72 -9.75 4.31
CA PHE A 12 -1.43 -10.21 2.94
C PHE A 12 -2.57 -9.83 2.00
N LYS A 13 -3.78 -9.75 2.57
CA LYS A 13 -5.00 -9.37 1.84
C LYS A 13 -5.15 -7.86 1.81
N GLU A 14 -4.59 -7.18 2.85
CA GLU A 14 -4.61 -5.70 2.97
C GLU A 14 -4.16 -4.99 1.69
N ALA A 15 -3.23 -5.61 0.95
CA ALA A 15 -2.72 -5.06 -0.29
C ALA A 15 -3.66 -5.38 -1.47
N PHE A 16 -4.35 -6.52 -1.36
CA PHE A 16 -5.31 -6.98 -2.37
C PHE A 16 -6.68 -6.30 -2.21
N SER A 17 -7.00 -5.83 -1.00
CA SER A 17 -8.29 -5.18 -0.71
C SER A 17 -8.45 -3.82 -1.41
N LEU A 18 -7.33 -3.21 -1.83
CA LEU A 18 -7.36 -1.89 -2.48
C LEU A 18 -7.67 -1.98 -3.98
N PHE A 19 -6.93 -2.82 -4.72
CA PHE A 19 -7.11 -2.95 -6.18
C PHE A 19 -8.46 -3.58 -6.55
N ASP A 20 -8.78 -4.73 -5.96
CA ASP A 20 -10.05 -5.43 -6.24
C ASP A 20 -11.10 -5.13 -5.18
N LYS A 21 -12.24 -4.58 -5.63
CA LYS A 21 -13.37 -4.23 -4.75
C LYS A 21 -14.20 -5.44 -4.34
N ASP A 22 -14.10 -6.53 -5.10
CA ASP A 22 -14.86 -7.74 -4.83
C ASP A 22 -13.95 -8.98 -4.67
N GLY A 23 -12.67 -8.83 -5.04
CA GLY A 23 -11.71 -9.94 -4.92
C GLY A 23 -12.03 -11.11 -5.84
N ASP A 24 -12.02 -10.86 -7.15
CA ASP A 24 -12.33 -11.89 -8.16
C ASP A 24 -11.13 -12.83 -8.41
N GLY A 25 -9.93 -12.41 -7.99
CA GLY A 25 -8.74 -13.22 -8.17
C GLY A 25 -7.80 -12.67 -9.24
N THR A 26 -8.31 -11.73 -10.04
CA THR A 26 -7.53 -11.10 -11.11
C THR A 26 -7.97 -9.66 -11.27
N ILE A 27 -7.00 -8.77 -11.46
CA ILE A 27 -7.29 -7.33 -11.62
C ILE A 27 -6.64 -6.75 -12.86
N THR A 28 -7.32 -5.76 -13.46
CA THR A 28 -6.85 -5.08 -14.67
C THR A 28 -5.71 -4.13 -14.33
N THR A 29 -4.81 -3.96 -15.30
CA THR A 29 -3.64 -3.09 -15.16
C THR A 29 -4.05 -1.63 -14.82
N LYS A 30 -5.35 -1.33 -15.02
CA LYS A 30 -5.89 0.02 -14.77
C LYS A 30 -6.24 0.27 -13.28
N GLU A 31 -6.43 -0.82 -12.51
CA GLU A 31 -6.78 -0.73 -11.08
C GLU A 31 -5.64 -0.12 -10.27
N LEU A 32 -4.41 -0.43 -10.67
CA LEU A 32 -3.19 0.10 -10.03
C LEU A 32 -3.09 1.62 -10.18
N GLY A 33 -3.52 2.12 -11.36
CA GLY A 33 -3.53 3.57 -11.62
C GLY A 33 -4.52 4.29 -10.76
N THR A 34 -5.41 3.49 -10.24
CA THR A 34 -6.43 3.94 -9.31
C THR A 34 -5.79 4.08 -7.91
N VAL A 35 -4.72 3.29 -7.70
CA VAL A 35 -3.92 3.32 -6.46
C VAL A 35 -2.86 4.42 -6.62
N MET A 36 -2.22 4.45 -7.80
CA MET A 36 -1.20 5.46 -8.17
C MET A 36 -1.86 6.83 -8.13
N ARG A 37 -3.09 6.90 -8.63
CA ARG A 37 -3.89 8.14 -8.55
C ARG A 37 -4.12 8.54 -7.07
N SER A 38 -3.95 7.58 -6.14
CA SER A 38 -4.11 7.80 -4.69
C SER A 38 -2.76 8.16 -4.09
N LEU A 39 -1.69 7.63 -4.68
CA LEU A 39 -0.33 7.94 -4.27
C LEU A 39 -0.03 9.39 -4.68
N GLY A 40 -0.81 9.84 -5.67
CA GLY A 40 -0.67 11.17 -6.20
C GLY A 40 0.07 11.11 -7.52
N GLN A 41 0.77 9.99 -7.74
CA GLN A 41 1.50 9.76 -8.97
C GLN A 41 0.91 8.59 -9.71
N ASN A 42 0.55 8.84 -10.97
CA ASN A 42 -0.06 7.82 -11.82
C ASN A 42 0.44 7.97 -13.28
N PRO A 43 1.19 6.93 -13.78
CA PRO A 43 1.74 6.93 -15.16
C PRO A 43 0.69 6.64 -16.24
N THR A 44 1.12 6.73 -17.52
CA THR A 44 0.25 6.49 -18.68
C THR A 44 -0.28 5.04 -18.72
N GLU A 45 -1.19 4.77 -19.67
CA GLU A 45 -1.82 3.44 -19.83
C GLU A 45 -0.82 2.31 -20.04
N ALA A 46 0.15 2.51 -20.94
CA ALA A 46 1.18 1.50 -21.22
C ALA A 46 2.32 1.51 -20.21
N GLU A 47 2.50 2.63 -19.50
CA GLU A 47 3.55 2.74 -18.49
C GLU A 47 3.17 2.04 -17.21
N LEU A 48 1.87 1.85 -17.05
CA LEU A 48 1.31 1.15 -15.90
C LEU A 48 1.24 -0.38 -16.15
N GLN A 49 1.11 -0.77 -17.44
CA GLN A 49 1.06 -2.19 -17.82
C GLN A 49 2.45 -2.82 -17.78
N ASP A 50 3.43 -1.95 -17.75
CA ASP A 50 4.85 -2.32 -17.70
C ASP A 50 5.28 -2.75 -16.29
N MET A 51 4.49 -2.32 -15.28
CA MET A 51 4.75 -2.65 -13.87
C MET A 51 4.34 -4.09 -13.53
N ILE A 52 3.41 -4.64 -14.32
CA ILE A 52 2.92 -6.01 -14.13
C ILE A 52 3.91 -7.04 -14.73
N ASN A 53 4.67 -6.58 -15.74
CA ASN A 53 5.67 -7.42 -16.42
C ASN A 53 6.89 -7.71 -15.53
N GLU A 54 7.07 -6.88 -14.48
CA GLU A 54 8.19 -7.03 -13.52
C GLU A 54 8.24 -8.43 -12.88
N VAL A 55 7.11 -9.14 -12.89
CA VAL A 55 7.04 -10.50 -12.34
C VAL A 55 6.73 -11.52 -13.46
N ASP A 56 5.97 -11.05 -14.47
CA ASP A 56 5.56 -11.84 -15.67
C ASP A 56 5.39 -13.33 -15.37
N ALA A 57 4.32 -13.65 -14.62
CA ALA A 57 3.99 -15.03 -14.28
C ALA A 57 3.21 -15.69 -15.41
N ASP A 58 2.28 -14.93 -16.02
CA ASP A 58 1.47 -15.42 -17.12
C ASP A 58 1.72 -14.63 -18.40
N GLY A 59 2.44 -13.53 -18.25
CA GLY A 59 2.75 -12.62 -19.35
C GLY A 59 1.51 -12.17 -20.14
N ASN A 60 0.39 -12.00 -19.41
CA ASN A 60 -0.88 -11.60 -20.03
C ASN A 60 -1.31 -10.18 -19.62
N GLY A 61 -0.64 -9.63 -18.60
CA GLY A 61 -0.99 -8.30 -18.11
C GLY A 61 -1.84 -8.36 -16.84
N THR A 62 -2.38 -9.57 -16.57
CA THR A 62 -3.21 -9.83 -15.39
C THR A 62 -2.32 -10.19 -14.21
N ILE A 63 -2.63 -9.62 -13.05
CA ILE A 63 -1.84 -9.85 -11.84
C ILE A 63 -2.70 -10.52 -10.74
N ASP A 64 -2.25 -11.70 -10.31
CA ASP A 64 -2.93 -12.49 -9.27
C ASP A 64 -2.29 -12.26 -7.90
N PHE A 65 -2.81 -12.96 -6.87
CA PHE A 65 -2.32 -12.85 -5.48
C PHE A 65 -0.81 -13.18 -5.33
N PRO A 66 -0.29 -14.34 -5.84
CA PRO A 66 1.15 -14.70 -5.71
C PRO A 66 2.07 -13.93 -6.66
N GLU A 67 1.49 -13.21 -7.63
CA GLU A 67 2.27 -12.47 -8.64
C GLU A 67 2.87 -11.15 -8.14
N PHE A 68 2.08 -10.33 -7.43
CA PHE A 68 2.58 -9.03 -6.91
C PHE A 68 3.36 -9.19 -5.60
N LEU A 69 2.89 -10.09 -4.73
CA LEU A 69 3.54 -10.36 -3.43
C LEU A 69 4.97 -10.90 -3.58
N THR A 70 5.27 -11.48 -4.76
CA THR A 70 6.60 -12.04 -5.05
C THR A 70 7.61 -10.94 -5.37
N MET A 71 7.25 -10.04 -6.32
CA MET A 71 8.12 -8.92 -6.69
C MET A 71 8.19 -7.86 -5.57
N MET A 72 7.29 -8.03 -4.62
CA MET A 72 7.17 -7.16 -3.45
C MET A 72 8.03 -7.69 -2.30
N ALA A 73 8.08 -9.03 -2.15
CA ALA A 73 8.88 -9.66 -1.10
C ALA A 73 10.36 -9.64 -1.43
N ARG A 74 10.61 -9.33 -2.69
CA ARG A 74 11.97 -9.24 -3.25
C ARG A 74 12.51 -7.81 -3.17
N LYS A 75 11.61 -6.92 -2.77
CA LYS A 75 11.92 -5.49 -2.64
C LYS A 75 12.52 -5.15 -1.27
N MET A 76 12.56 -6.14 -0.38
CA MET A 76 13.15 -5.97 0.95
C MET A 76 14.68 -6.05 0.86
N LYS A 77 15.15 -6.78 -0.17
CA LYS A 77 16.58 -6.95 -0.42
C LYS A 77 17.10 -5.94 -1.46
N ASP A 78 16.17 -5.16 -2.07
CA ASP A 78 16.53 -4.15 -3.07
C ASP A 78 16.99 -2.90 -2.34
N THR A 79 18.18 -3.04 -1.73
CA THR A 79 18.85 -2.00 -0.92
C THR A 79 18.71 -0.58 -1.48
N ASP A 80 17.76 0.13 -0.88
CA ASP A 80 17.42 1.54 -1.17
C ASP A 80 16.16 1.93 -0.39
N SER A 81 16.00 1.36 0.81
CA SER A 81 14.85 1.63 1.66
C SER A 81 15.02 2.96 2.39
N GLU A 82 16.19 3.58 2.20
CA GLU A 82 16.49 4.89 2.78
C GLU A 82 15.85 5.97 1.95
N GLU A 83 15.84 5.75 0.63
CA GLU A 83 15.19 6.68 -0.28
C GLU A 83 13.67 6.56 -0.12
N GLU A 84 13.29 5.42 0.45
CA GLU A 84 11.89 5.08 0.72
C GLU A 84 11.41 5.66 2.04
N ILE A 85 12.35 5.87 2.94
CA ILE A 85 12.06 6.41 4.29
C ILE A 85 11.46 7.82 4.16
N ARG A 86 11.97 8.57 3.20
CA ARG A 86 11.52 9.95 2.96
C ARG A 86 10.28 10.01 2.08
N GLU A 87 10.14 9.04 1.16
CA GLU A 87 9.01 8.98 0.24
C GLU A 87 7.67 8.89 0.97
N ALA A 88 7.51 7.89 1.85
CA ALA A 88 6.28 7.71 2.64
C ALA A 88 5.87 9.01 3.36
N PHE A 89 6.88 9.79 3.75
CA PHE A 89 6.68 11.08 4.42
C PHE A 89 6.44 12.20 3.39
N ARG A 90 7.11 12.10 2.24
CA ARG A 90 7.01 13.12 1.17
C ARG A 90 5.78 12.95 0.27
N VAL A 91 5.24 11.75 0.24
CA VAL A 91 4.07 11.43 -0.60
C VAL A 91 2.76 11.71 0.14
N PHE A 92 2.56 11.02 1.27
CA PHE A 92 1.34 11.14 2.10
C PHE A 92 1.11 12.55 2.66
N ASP A 93 2.20 13.28 2.93
CA ASP A 93 2.12 14.64 3.49
C ASP A 93 1.87 15.69 2.42
N LYS A 94 0.62 16.19 2.38
CA LYS A 94 0.20 17.21 1.41
C LYS A 94 0.67 18.62 1.83
N ASP A 95 0.39 18.98 3.09
CA ASP A 95 0.76 20.30 3.62
C ASP A 95 2.06 20.27 4.43
N GLY A 96 2.57 19.07 4.73
CA GLY A 96 3.82 18.93 5.48
C GLY A 96 3.67 19.13 6.98
N ASN A 97 2.58 18.60 7.56
CA ASN A 97 2.32 18.71 9.01
C ASN A 97 2.98 17.58 9.80
N GLY A 98 3.38 16.52 9.08
CA GLY A 98 4.04 15.37 9.69
C GLY A 98 3.07 14.24 10.06
N TYR A 99 1.78 14.55 10.09
CA TYR A 99 0.72 13.58 10.40
C TYR A 99 -0.21 13.47 9.20
N ILE A 100 -0.49 12.23 8.78
CA ILE A 100 -1.33 11.97 7.61
C ILE A 100 -2.83 11.98 7.97
N SER A 101 -3.48 13.09 7.64
CA SER A 101 -4.92 13.32 7.89
C SER A 101 -5.80 12.21 7.30
N ALA A 102 -6.98 12.04 7.91
CA ALA A 102 -7.95 11.01 7.49
C ALA A 102 -8.77 11.46 6.26
N ALA A 103 -8.78 12.78 6.00
CA ALA A 103 -9.52 13.36 4.88
C ALA A 103 -8.88 13.03 3.52
N GLU A 104 -7.55 13.16 3.45
CA GLU A 104 -6.81 12.87 2.22
C GLU A 104 -6.46 11.38 2.12
N LEU A 105 -6.45 10.70 3.26
CA LEU A 105 -6.14 9.26 3.30
C LEU A 105 -7.37 8.42 2.98
N ARG A 106 -8.56 8.99 3.16
CA ARG A 106 -9.83 8.29 2.86
C ARG A 106 -9.93 7.94 1.40
N HIS A 107 -9.35 8.81 0.60
CA HIS A 107 -9.32 8.67 -0.86
C HIS A 107 -8.59 7.39 -1.27
N VAL A 108 -7.72 6.91 -0.38
CA VAL A 108 -6.92 5.71 -0.60
C VAL A 108 -7.81 4.47 -0.77
N MET A 109 -8.57 4.15 0.27
CA MET A 109 -9.46 3.01 0.27
C MET A 109 -10.78 3.31 -0.46
N THR A 110 -11.09 4.60 -0.60
CA THR A 110 -12.34 5.06 -1.22
C THR A 110 -12.28 5.17 -2.76
N ASN A 111 -11.24 5.81 -3.32
CA ASN A 111 -11.11 6.01 -4.78
C ASN A 111 -11.10 4.72 -5.61
N LEU A 112 -11.10 3.57 -4.94
CA LEU A 112 -11.10 2.27 -5.61
C LEU A 112 -12.50 1.64 -5.60
N GLY A 113 -13.46 2.33 -4.96
CA GLY A 113 -14.82 1.84 -4.86
C GLY A 113 -14.99 0.77 -3.79
N GLU A 114 -14.49 1.06 -2.59
CA GLU A 114 -14.55 0.13 -1.48
C GLU A 114 -15.74 0.41 -0.56
N LYS A 115 -16.17 -0.64 0.16
CA LYS A 115 -17.28 -0.54 1.11
C LYS A 115 -16.74 -0.19 2.52
N LEU A 116 -15.48 0.27 2.52
CA LEU A 116 -14.80 0.70 3.74
C LEU A 116 -14.03 1.99 3.47
N THR A 117 -14.20 2.96 4.37
CA THR A 117 -13.56 4.26 4.26
C THR A 117 -12.47 4.40 5.30
N ASP A 118 -11.77 5.56 5.29
CA ASP A 118 -10.72 5.87 6.27
C ASP A 118 -11.24 5.62 7.69
N GLU A 119 -12.59 5.54 7.79
CA GLU A 119 -13.30 5.33 9.07
C GLU A 119 -12.92 3.99 9.73
N GLU A 120 -12.98 2.91 8.93
CA GLU A 120 -12.61 1.57 9.40
C GLU A 120 -11.09 1.36 9.28
N VAL A 121 -10.46 2.23 8.48
CA VAL A 121 -9.01 2.22 8.26
C VAL A 121 -8.28 2.83 9.46
N ASP A 122 -9.00 3.66 10.23
CA ASP A 122 -8.46 4.31 11.44
C ASP A 122 -7.91 3.31 12.44
N GLU A 123 -8.32 2.03 12.30
CA GLU A 123 -7.81 0.94 13.14
C GLU A 123 -6.29 0.83 12.93
N MET A 124 -5.83 1.42 11.79
CA MET A 124 -4.42 1.45 11.43
C MET A 124 -3.70 2.60 12.14
N ILE A 125 -4.41 3.74 12.27
CA ILE A 125 -3.86 4.92 12.97
C ILE A 125 -3.55 4.56 14.44
N ARG A 126 -4.32 3.61 14.98
CA ARG A 126 -4.17 3.16 16.37
C ARG A 126 -3.05 2.15 16.59
N GLU A 127 -2.57 1.56 15.51
CA GLU A 127 -1.50 0.56 15.58
C GLU A 127 -0.11 1.19 15.56
N ALA A 128 0.03 2.31 14.85
CA ALA A 128 1.30 3.01 14.73
C ALA A 128 1.30 4.30 15.55
N ASP A 129 0.19 4.53 16.29
CA ASP A 129 0.03 5.73 17.13
C ASP A 129 1.01 5.72 18.31
N ILE A 130 2.26 6.10 18.03
CA ILE A 130 3.30 6.15 19.07
C ILE A 130 3.38 7.55 19.69
N ASP A 131 3.20 8.60 18.88
CA ASP A 131 3.22 9.98 19.37
C ASP A 131 1.79 10.51 19.59
N GLY A 132 0.80 9.77 19.08
CA GLY A 132 -0.62 10.10 19.23
C GLY A 132 -1.04 11.53 18.89
N ASP A 133 -0.91 11.94 17.62
CA ASP A 133 -1.34 13.27 17.21
C ASP A 133 -2.68 13.19 16.46
N GLY A 134 -3.31 11.99 16.53
CA GLY A 134 -4.57 11.75 15.85
C GLY A 134 -4.32 11.12 14.48
N GLN A 135 -3.04 11.21 14.08
CA GLN A 135 -2.55 10.70 12.81
C GLN A 135 -1.08 10.27 12.98
N VAL A 136 -0.47 9.71 11.93
CA VAL A 136 0.91 9.21 12.01
C VAL A 136 1.95 10.29 11.71
N ASN A 137 2.84 10.52 12.68
CA ASN A 137 3.92 11.51 12.56
C ASN A 137 5.11 10.91 11.78
N TYR A 138 6.28 11.57 11.85
CA TYR A 138 7.47 11.11 11.13
C TYR A 138 8.10 9.90 11.85
N GLU A 139 7.85 9.85 13.16
CA GLU A 139 8.34 8.79 14.04
C GLU A 139 7.47 7.53 14.04
N GLU A 140 6.20 7.67 13.64
CA GLU A 140 5.23 6.56 13.68
C GLU A 140 5.22 5.69 12.42
N PHE A 141 5.79 6.18 11.31
CA PHE A 141 5.76 5.44 10.07
C PHE A 141 7.10 4.73 9.83
N VAL A 142 8.16 5.50 9.97
CA VAL A 142 9.55 5.03 9.78
C VAL A 142 9.94 3.87 10.73
N GLN A 143 9.26 3.78 11.89
CA GLN A 143 9.54 2.73 12.89
C GLN A 143 8.90 1.39 12.53
N MET A 144 7.63 1.43 12.08
CA MET A 144 6.90 0.21 11.71
C MET A 144 7.20 -0.27 10.28
N MET A 145 7.71 0.65 9.45
CA MET A 145 8.02 0.32 8.04
C MET A 145 9.49 0.00 7.83
N THR A 146 10.39 0.74 8.51
CA THR A 146 11.83 0.55 8.37
C THR A 146 12.45 -0.24 9.53
N ALA A 147 11.94 0.00 10.75
CA ALA A 147 12.46 -0.68 11.94
C ALA A 147 11.65 -1.94 12.29
N LYS A 148 11.08 -2.57 11.26
CA LYS A 148 10.28 -3.79 11.42
C LYS A 148 10.64 -4.81 10.34
N LYS B 1 2.87 -1.37 11.19
CA LYS B 1 3.49 -2.65 11.62
C LYS B 1 2.99 -3.82 10.77
N LYS B 2 1.68 -3.84 10.49
CA LYS B 2 1.04 -4.89 9.69
C LYS B 2 -0.21 -4.35 9.00
N THR B 3 -0.95 -3.49 9.73
CA THR B 3 -2.18 -2.87 9.23
C THR B 3 -1.90 -1.58 8.44
N PHE B 4 -0.84 -0.88 8.83
CA PHE B 4 -0.41 0.36 8.19
C PHE B 4 0.91 0.17 7.44
N LYS B 5 1.52 -1.02 7.59
CA LYS B 5 2.80 -1.33 6.95
C LYS B 5 2.59 -1.83 5.51
N GLU B 6 1.61 -2.73 5.33
CA GLU B 6 1.30 -3.31 4.01
C GLU B 6 0.53 -2.34 3.12
N VAL B 7 -0.31 -1.49 3.75
CA VAL B 7 -1.10 -0.49 3.03
C VAL B 7 -0.18 0.66 2.53
N ALA B 8 0.75 1.06 3.40
CA ALA B 8 1.72 2.14 3.10
C ALA B 8 2.87 1.68 2.19
N ASN B 9 3.33 0.44 2.38
CA ASN B 9 4.45 -0.15 1.60
C ASN B 9 4.23 -0.01 0.09
N ALA B 10 2.96 -0.14 -0.32
CA ALA B 10 2.56 0.00 -1.73
C ALA B 10 2.81 1.43 -2.21
N VAL B 11 2.43 2.40 -1.37
CA VAL B 11 2.63 3.84 -1.65
C VAL B 11 4.12 4.20 -1.52
N LYS B 12 4.84 3.38 -0.75
CA LYS B 12 6.27 3.57 -0.47
C LYS B 12 7.16 3.12 -1.63
N ILE B 13 6.77 2.03 -2.29
CA ILE B 13 7.52 1.47 -3.42
C ILE B 13 6.99 2.10 -4.73
N SER B 14 6.29 3.24 -4.56
CA SER B 14 5.70 4.03 -5.66
C SER B 14 4.63 3.25 -6.43
N ALA B 15 3.92 2.38 -5.70
CA ALA B 15 2.86 1.50 -6.26
C ALA B 15 3.39 0.72 -7.47
N SER B 16 4.73 0.73 -7.57
CA SER B 16 5.49 0.06 -8.60
C SER B 16 5.67 -1.40 -8.22
N LEU B 17 5.55 -1.67 -6.92
CA LEU B 17 5.68 -3.04 -6.37
C LEU B 17 4.65 -4.01 -7.00
N ALA A 1 6.17 -23.46 14.79
CA ALA A 1 6.62 -22.22 15.47
C ALA A 1 5.76 -21.02 15.06
N ASP A 2 5.43 -20.94 13.77
CA ASP A 2 4.62 -19.84 13.25
C ASP A 2 3.27 -20.36 12.76
N GLN A 3 2.20 -19.72 13.24
CA GLN A 3 0.84 -20.11 12.85
C GLN A 3 0.20 -19.05 11.95
N LEU A 4 -0.33 -19.49 10.82
CA LEU A 4 -0.98 -18.59 9.85
C LEU A 4 -2.48 -18.81 9.81
N THR A 5 -3.20 -17.74 10.15
CA THR A 5 -4.65 -17.73 10.18
C THR A 5 -5.17 -16.49 9.45
N GLU A 6 -6.49 -16.28 9.47
CA GLU A 6 -7.16 -15.11 8.82
C GLU A 6 -6.50 -13.76 9.17
N GLU A 7 -5.70 -13.74 10.26
CA GLU A 7 -5.02 -12.52 10.73
C GLU A 7 -3.86 -12.12 9.80
N GLN A 8 -3.07 -13.12 9.37
CA GLN A 8 -1.92 -12.90 8.49
C GLN A 8 -2.33 -12.72 7.02
N ILE A 9 -3.53 -13.21 6.69
CA ILE A 9 -4.08 -13.12 5.34
C ILE A 9 -4.77 -11.77 5.10
N ALA A 10 -5.40 -11.21 6.14
CA ALA A 10 -6.08 -9.90 6.04
C ALA A 10 -5.07 -8.77 5.92
N GLU A 11 -3.87 -8.98 6.46
CA GLU A 11 -2.78 -8.01 6.39
C GLU A 11 -2.09 -8.12 5.02
N PHE A 12 -2.21 -9.31 4.41
CA PHE A 12 -1.66 -9.62 3.09
C PHE A 12 -2.68 -9.21 2.01
N LYS A 13 -3.97 -9.26 2.40
CA LYS A 13 -5.09 -8.89 1.54
C LYS A 13 -5.34 -7.38 1.62
N GLU A 14 -4.99 -6.77 2.77
CA GLU A 14 -5.14 -5.31 2.99
C GLU A 14 -4.48 -4.48 1.87
N ALA A 15 -3.44 -5.04 1.23
CA ALA A 15 -2.75 -4.39 0.13
C ALA A 15 -3.45 -4.68 -1.20
N PHE A 16 -4.15 -5.82 -1.27
CA PHE A 16 -4.90 -6.25 -2.45
C PHE A 16 -6.27 -5.59 -2.52
N SER A 17 -6.80 -5.16 -1.36
CA SER A 17 -8.11 -4.51 -1.27
C SER A 17 -8.17 -3.15 -1.99
N LEU A 18 -6.98 -2.55 -2.22
CA LEU A 18 -6.89 -1.25 -2.89
C LEU A 18 -6.87 -1.39 -4.42
N PHE A 19 -6.25 -2.48 -4.91
CA PHE A 19 -6.17 -2.73 -6.36
C PHE A 19 -7.34 -3.59 -6.85
N ASP A 20 -8.13 -4.12 -5.89
CA ASP A 20 -9.29 -4.96 -6.21
C ASP A 20 -10.56 -4.38 -5.59
N LYS A 21 -11.58 -4.17 -6.41
CA LYS A 21 -12.86 -3.60 -5.97
C LYS A 21 -13.74 -4.62 -5.22
N ASP A 22 -13.63 -5.90 -5.61
CA ASP A 22 -14.42 -6.95 -5.00
C ASP A 22 -13.54 -8.08 -4.42
N GLY A 23 -12.24 -8.07 -4.77
CA GLY A 23 -11.30 -9.10 -4.29
C GLY A 23 -11.61 -10.49 -4.83
N ASP A 24 -11.58 -10.62 -6.17
CA ASP A 24 -11.86 -11.89 -6.84
C ASP A 24 -10.61 -12.78 -6.98
N GLY A 25 -9.44 -12.21 -6.63
CA GLY A 25 -8.18 -12.95 -6.73
C GLY A 25 -7.30 -12.47 -7.87
N THR A 26 -7.88 -11.68 -8.78
CA THR A 26 -7.15 -11.14 -9.92
C THR A 26 -7.45 -9.65 -10.08
N ILE A 27 -6.41 -8.87 -10.31
CA ILE A 27 -6.55 -7.42 -10.46
C ILE A 27 -6.15 -6.94 -11.86
N THR A 28 -6.84 -5.89 -12.33
CA THR A 28 -6.59 -5.30 -13.64
C THR A 28 -5.43 -4.32 -13.60
N THR A 29 -4.70 -4.25 -14.72
CA THR A 29 -3.57 -3.34 -14.88
C THR A 29 -4.01 -1.86 -14.76
N LYS A 30 -5.33 -1.66 -14.86
CA LYS A 30 -5.94 -0.31 -14.79
C LYS A 30 -6.19 0.14 -13.35
N GLU A 31 -6.22 -0.81 -12.40
CA GLU A 31 -6.44 -0.53 -10.98
C GLU A 31 -5.19 0.09 -10.34
N LEU A 32 -4.02 -0.19 -10.91
CA LEU A 32 -2.75 0.38 -10.46
C LEU A 32 -2.80 1.91 -10.44
N GLY A 33 -3.42 2.48 -11.50
CA GLY A 33 -3.58 3.93 -11.62
C GLY A 33 -4.48 4.51 -10.58
N THR A 34 -5.24 3.61 -9.99
CA THR A 34 -6.18 3.93 -8.93
C THR A 34 -5.42 4.15 -7.61
N VAL A 35 -4.42 3.27 -7.35
CA VAL A 35 -3.58 3.36 -6.14
C VAL A 35 -2.40 4.32 -6.41
N MET A 36 -2.05 4.47 -7.71
CA MET A 36 -0.99 5.39 -8.16
C MET A 36 -1.48 6.82 -8.09
N ARG A 37 -2.73 7.04 -8.53
CA ARG A 37 -3.33 8.39 -8.41
C ARG A 37 -3.43 8.81 -6.91
N SER A 38 -3.37 7.80 -6.02
CA SER A 38 -3.40 8.00 -4.55
C SER A 38 -1.98 8.11 -4.04
N LEU A 39 -1.06 7.47 -4.77
CA LEU A 39 0.36 7.51 -4.49
C LEU A 39 0.91 8.87 -4.92
N GLY A 40 0.11 9.55 -5.76
CA GLY A 40 0.47 10.85 -6.27
C GLY A 40 1.18 10.74 -7.61
N GLN A 41 1.60 9.51 -7.90
CA GLN A 41 2.27 9.19 -9.16
C GLN A 41 1.52 8.11 -9.88
N ASN A 42 1.19 8.38 -11.15
CA ASN A 42 0.44 7.44 -11.97
C ASN A 42 1.03 7.39 -13.40
N PRO A 43 1.50 6.18 -13.84
CA PRO A 43 2.10 5.98 -15.18
C PRO A 43 1.07 6.01 -16.33
N THR A 44 1.58 5.95 -17.57
CA THR A 44 0.76 5.96 -18.79
C THR A 44 0.07 4.60 -19.01
N GLU A 45 -0.77 4.51 -20.07
CA GLU A 45 -1.53 3.28 -20.41
C GLU A 45 -0.62 2.05 -20.54
N ALA A 46 0.46 2.16 -21.33
CA ALA A 46 1.41 1.06 -21.51
C ALA A 46 2.43 0.98 -20.37
N GLU A 47 2.62 2.10 -19.67
CA GLU A 47 3.55 2.17 -18.54
C GLU A 47 2.98 1.49 -17.30
N LEU A 48 1.66 1.35 -17.31
CA LEU A 48 0.93 0.70 -16.22
C LEU A 48 0.85 -0.82 -16.42
N GLN A 49 0.79 -1.27 -17.69
CA GLN A 49 0.73 -2.71 -17.99
C GLN A 49 2.11 -3.35 -18.04
N ASP A 50 3.10 -2.48 -18.13
CA ASP A 50 4.52 -2.88 -18.18
C ASP A 50 5.06 -3.21 -16.77
N MET A 51 4.36 -2.72 -15.74
CA MET A 51 4.74 -2.94 -14.34
C MET A 51 4.41 -4.36 -13.85
N ILE A 52 3.38 -4.98 -14.45
CA ILE A 52 2.98 -6.36 -14.08
C ILE A 52 3.93 -7.40 -14.71
N ASN A 53 4.55 -7.01 -15.85
CA ASN A 53 5.49 -7.87 -16.59
C ASN A 53 6.73 -8.25 -15.76
N GLU A 54 7.02 -7.45 -14.71
CA GLU A 54 8.18 -7.70 -13.82
C GLU A 54 8.11 -9.09 -13.17
N VAL A 55 6.89 -9.66 -13.12
CA VAL A 55 6.66 -10.99 -12.55
C VAL A 55 6.09 -11.92 -13.64
N ASP A 56 5.32 -11.32 -14.57
CA ASP A 56 4.67 -12.03 -15.71
C ASP A 56 4.23 -13.47 -15.38
N ALA A 57 3.19 -13.57 -14.55
CA ALA A 57 2.62 -14.86 -14.17
C ALA A 57 1.81 -15.45 -15.33
N ASP A 58 1.00 -14.61 -15.98
CA ASP A 58 0.17 -15.02 -17.09
C ASP A 58 0.55 -14.28 -18.37
N GLY A 59 1.38 -13.26 -18.20
CA GLY A 59 1.82 -12.42 -19.31
C GLY A 59 0.67 -11.74 -20.06
N ASN A 60 -0.44 -11.50 -19.34
CA ASN A 60 -1.63 -10.87 -19.93
C ASN A 60 -1.97 -9.53 -19.26
N GLY A 61 -1.31 -9.23 -18.14
CA GLY A 61 -1.55 -8.00 -17.41
C GLY A 61 -2.32 -8.24 -16.11
N THR A 62 -2.90 -9.45 -16.01
CA THR A 62 -3.65 -9.86 -14.81
C THR A 62 -2.74 -10.64 -13.88
N ILE A 63 -2.83 -10.34 -12.58
CA ILE A 63 -1.99 -11.00 -11.58
C ILE A 63 -2.83 -11.60 -10.45
N ASP A 64 -2.33 -12.71 -9.90
CA ASP A 64 -3.00 -13.44 -8.81
C ASP A 64 -2.57 -12.92 -7.43
N PHE A 65 -2.94 -13.66 -6.36
CA PHE A 65 -2.62 -13.27 -4.98
C PHE A 65 -1.14 -13.58 -4.59
N PRO A 66 -0.61 -14.82 -4.80
CA PRO A 66 0.79 -15.13 -4.43
C PRO A 66 1.83 -14.59 -5.42
N GLU A 67 1.37 -14.16 -6.60
CA GLU A 67 2.27 -13.69 -7.67
C GLU A 67 2.57 -12.17 -7.69
N PHE A 68 1.74 -11.31 -7.07
CA PHE A 68 1.99 -9.86 -7.14
C PHE A 68 3.01 -9.36 -6.09
N LEU A 69 2.92 -9.92 -4.88
CA LEU A 69 3.79 -9.53 -3.77
C LEU A 69 5.18 -10.19 -3.81
N THR A 70 5.30 -11.32 -4.53
CA THR A 70 6.56 -12.07 -4.60
C THR A 70 7.71 -11.33 -5.30
N MET A 71 7.53 -10.93 -6.55
CA MET A 71 8.58 -10.20 -7.30
C MET A 71 8.80 -8.79 -6.76
N MET A 72 7.87 -8.39 -5.91
CA MET A 72 7.84 -7.09 -5.27
C MET A 72 8.50 -7.13 -3.89
N ALA A 73 8.43 -8.29 -3.22
CA ALA A 73 9.01 -8.46 -1.89
C ALA A 73 10.52 -8.65 -1.96
N ARG A 74 10.98 -8.91 -3.17
CA ARG A 74 12.39 -9.12 -3.47
C ARG A 74 13.08 -7.83 -3.89
N LYS A 75 12.28 -6.80 -4.07
CA LYS A 75 12.74 -5.49 -4.49
C LYS A 75 13.03 -4.54 -3.31
N MET A 76 12.98 -5.09 -2.09
CA MET A 76 13.27 -4.31 -0.89
C MET A 76 14.77 -4.28 -0.62
N LYS A 77 15.40 -5.45 -0.75
CA LYS A 77 16.84 -5.62 -0.55
C LYS A 77 17.62 -5.57 -1.87
N ASP A 78 16.93 -5.57 -3.02
CA ASP A 78 17.62 -5.56 -4.32
C ASP A 78 17.74 -4.15 -4.91
N THR A 79 17.54 -3.14 -4.06
CA THR A 79 17.64 -1.73 -4.45
C THR A 79 18.03 -0.84 -3.26
N ASP A 80 17.08 0.00 -2.80
CA ASP A 80 17.28 0.91 -1.67
C ASP A 80 15.92 1.34 -1.13
N SER A 81 15.50 0.71 -0.03
CA SER A 81 14.21 1.00 0.59
C SER A 81 14.27 2.17 1.58
N GLU A 82 15.48 2.66 1.88
CA GLU A 82 15.65 3.82 2.78
C GLU A 82 15.14 5.07 2.12
N GLU A 83 15.42 5.18 0.82
CA GLU A 83 14.92 6.31 0.04
C GLU A 83 13.41 6.20 -0.13
N GLU A 84 12.95 4.98 0.10
CA GLU A 84 11.53 4.62 0.02
C GLU A 84 10.78 4.94 1.29
N ILE A 85 11.51 5.01 2.40
CA ILE A 85 10.91 5.31 3.72
C ILE A 85 10.54 6.80 3.79
N ARG A 86 11.31 7.60 3.07
CA ARG A 86 11.13 9.06 3.04
C ARG A 86 10.05 9.49 2.03
N GLU A 87 10.05 8.85 0.85
CA GLU A 87 9.09 9.18 -0.21
C GLU A 87 7.65 8.83 0.23
N ALA A 88 7.50 7.69 0.95
CA ALA A 88 6.19 7.26 1.48
C ALA A 88 5.64 8.32 2.44
N PHE A 89 6.59 9.04 3.07
CA PHE A 89 6.28 10.14 3.96
C PHE A 89 5.95 11.38 3.14
N ARG A 90 6.54 11.42 1.94
CA ARG A 90 6.36 12.52 0.98
C ARG A 90 5.07 12.38 0.16
N VAL A 91 4.51 11.17 0.16
CA VAL A 91 3.28 10.86 -0.56
C VAL A 91 2.04 11.28 0.23
N PHE A 92 1.92 10.70 1.43
CA PHE A 92 0.78 10.96 2.32
C PHE A 92 0.78 12.38 2.94
N ASP A 93 1.95 13.03 2.95
CA ASP A 93 2.07 14.38 3.52
C ASP A 93 1.79 15.47 2.48
N LYS A 94 0.61 16.09 2.61
CA LYS A 94 0.19 17.17 1.70
C LYS A 94 0.85 18.51 2.06
N ASP A 95 0.98 18.77 3.36
CA ASP A 95 1.59 20.01 3.85
C ASP A 95 2.89 19.74 4.63
N GLY A 96 3.15 18.46 4.95
CA GLY A 96 4.37 18.08 5.68
C GLY A 96 4.34 18.45 7.15
N ASN A 97 3.21 18.15 7.83
CA ASN A 97 3.06 18.45 9.26
C ASN A 97 3.59 17.32 10.15
N GLY A 98 3.79 16.13 9.57
CA GLY A 98 4.29 14.98 10.32
C GLY A 98 3.19 13.99 10.68
N TYR A 99 1.94 14.43 10.53
CA TYR A 99 0.77 13.60 10.83
C TYR A 99 -0.16 13.60 9.60
N ILE A 100 -0.58 12.39 9.18
CA ILE A 100 -1.45 12.24 8.00
C ILE A 100 -2.93 12.29 8.40
N SER A 101 -3.58 13.40 8.02
CA SER A 101 -5.01 13.65 8.31
C SER A 101 -5.93 12.56 7.74
N ALA A 102 -7.10 12.41 8.39
CA ALA A 102 -8.11 11.42 7.99
C ALA A 102 -8.98 11.89 6.82
N ALA A 103 -8.98 13.21 6.57
CA ALA A 103 -9.78 13.83 5.50
C ALA A 103 -9.22 13.52 4.11
N GLU A 104 -7.88 13.66 3.96
CA GLU A 104 -7.22 13.41 2.68
C GLU A 104 -6.87 11.92 2.51
N LEU A 105 -6.82 11.19 3.63
CA LEU A 105 -6.53 9.76 3.63
C LEU A 105 -7.74 8.93 3.20
N ARG A 106 -8.94 9.50 3.34
CA ARG A 106 -10.18 8.80 2.95
C ARG A 106 -10.22 8.52 1.46
N HIS A 107 -9.53 9.36 0.72
CA HIS A 107 -9.43 9.25 -0.73
C HIS A 107 -8.68 7.98 -1.12
N VAL A 108 -7.87 7.48 -0.18
CA VAL A 108 -7.06 6.27 -0.36
C VAL A 108 -7.94 5.03 -0.64
N MET A 109 -8.75 4.65 0.35
CA MET A 109 -9.63 3.49 0.23
C MET A 109 -10.85 3.80 -0.65
N THR A 110 -11.16 5.09 -0.80
CA THR A 110 -12.30 5.57 -1.59
C THR A 110 -11.98 5.74 -3.09
N ASN A 111 -10.69 5.88 -3.44
CA ASN A 111 -10.27 6.08 -4.85
C ASN A 111 -10.71 4.96 -5.79
N LEU A 112 -10.99 3.80 -5.23
CA LEU A 112 -11.42 2.63 -6.00
C LEU A 112 -12.92 2.36 -5.85
N GLY A 113 -13.61 3.21 -5.07
CA GLY A 113 -15.04 3.04 -4.83
C GLY A 113 -15.29 1.84 -3.92
N GLU A 114 -14.38 1.65 -2.98
CA GLU A 114 -14.40 0.53 -2.02
C GLU A 114 -15.48 0.70 -0.95
N LYS A 115 -15.64 -0.34 -0.11
CA LYS A 115 -16.58 -0.36 1.01
C LYS A 115 -16.15 0.66 2.10
N LEU A 116 -16.23 0.27 3.38
CA LEU A 116 -15.85 1.13 4.53
C LEU A 116 -14.69 2.08 4.18
N THR A 117 -14.86 3.35 4.54
CA THR A 117 -13.88 4.40 4.26
C THR A 117 -12.96 4.68 5.42
N ASP A 118 -12.14 5.76 5.29
CA ASP A 118 -11.20 6.19 6.35
C ASP A 118 -11.83 6.09 7.74
N GLU A 119 -13.18 6.00 7.75
CA GLU A 119 -13.99 5.93 8.99
C GLU A 119 -13.71 4.66 9.80
N GLU A 120 -13.97 3.49 9.20
CA GLU A 120 -13.71 2.19 9.84
C GLU A 120 -12.23 1.84 9.72
N VAL A 121 -11.58 2.53 8.77
CA VAL A 121 -10.15 2.40 8.48
C VAL A 121 -9.34 3.11 9.56
N ASP A 122 -9.97 4.08 10.24
CA ASP A 122 -9.33 4.84 11.33
C ASP A 122 -8.85 3.91 12.44
N GLU A 123 -9.39 2.68 12.48
CA GLU A 123 -8.96 1.66 13.42
C GLU A 123 -7.48 1.35 13.17
N MET A 124 -7.00 1.73 11.96
CA MET A 124 -5.61 1.55 11.56
C MET A 124 -4.75 2.71 12.10
N ILE A 125 -5.42 3.85 12.36
CA ILE A 125 -4.75 5.01 12.95
C ILE A 125 -4.46 4.75 14.44
N ARG A 126 -5.35 3.94 15.06
CA ARG A 126 -5.23 3.58 16.48
C ARG A 126 -4.13 2.55 16.75
N GLU A 127 -3.69 1.90 15.68
CA GLU A 127 -2.63 0.89 15.77
C GLU A 127 -1.24 1.52 15.61
N ALA A 128 -1.17 2.61 14.85
CA ALA A 128 0.06 3.33 14.61
C ALA A 128 0.10 4.68 15.34
N ASP A 129 -0.89 4.88 16.24
CA ASP A 129 -0.99 6.12 17.02
C ASP A 129 0.09 6.15 18.11
N ILE A 130 1.32 6.46 17.69
CA ILE A 130 2.46 6.52 18.61
C ILE A 130 2.64 7.93 19.23
N ASP A 131 2.27 8.97 18.47
CA ASP A 131 2.38 10.35 18.97
C ASP A 131 1.02 10.86 19.49
N GLY A 132 -0.05 10.10 19.18
CA GLY A 132 -1.40 10.43 19.63
C GLY A 132 -2.00 11.70 19.05
N ASP A 133 -1.72 12.02 17.78
CA ASP A 133 -2.30 13.21 17.15
C ASP A 133 -3.53 12.83 16.32
N GLY A 134 -3.93 11.55 16.41
CA GLY A 134 -5.08 11.04 15.64
C GLY A 134 -4.67 10.72 14.22
N GLN A 135 -3.35 10.77 14.00
CA GLN A 135 -2.71 10.53 12.71
C GLN A 135 -1.35 9.84 12.93
N VAL A 136 -0.66 9.48 11.84
CA VAL A 136 0.64 8.81 11.94
C VAL A 136 1.78 9.82 12.00
N ASN A 137 2.70 9.61 12.93
CA ASN A 137 3.85 10.50 13.15
C ASN A 137 5.12 9.95 12.50
N TYR A 138 6.29 10.51 12.88
CA TYR A 138 7.60 10.12 12.35
C TYR A 138 8.04 8.78 12.93
N GLU A 139 7.43 8.44 14.07
CA GLU A 139 7.70 7.19 14.79
C GLU A 139 7.11 5.97 14.07
N GLU A 140 6.08 6.19 13.25
CA GLU A 140 5.41 5.13 12.49
C GLU A 140 6.35 4.51 11.44
N PHE A 141 6.99 5.36 10.62
CA PHE A 141 7.91 4.92 9.56
C PHE A 141 9.12 4.14 10.08
N VAL A 142 9.95 4.81 10.87
CA VAL A 142 11.19 4.22 11.43
C VAL A 142 10.94 2.95 12.28
N GLN A 143 9.91 2.96 13.13
CA GLN A 143 9.60 1.81 14.00
C GLN A 143 8.82 0.69 13.29
N MET A 144 7.68 1.03 12.67
CA MET A 144 6.82 0.05 12.00
C MET A 144 7.26 -0.31 10.58
N MET A 145 7.69 0.69 9.80
CA MET A 145 8.08 0.46 8.39
C MET A 145 9.56 0.10 8.22
N THR A 146 10.42 0.52 9.16
CA THR A 146 11.86 0.25 9.07
C THR A 146 12.30 -0.89 9.99
N ALA A 147 11.71 -0.98 11.19
CA ALA A 147 12.08 -2.03 12.15
C ALA A 147 11.16 -3.25 12.06
N LYS A 148 10.44 -3.35 10.93
CA LYS A 148 9.51 -4.47 10.68
C LYS A 148 9.37 -4.71 9.17
N LYS B 1 1.58 -1.63 11.73
CA LYS B 1 2.29 -2.93 11.94
C LYS B 1 1.73 -4.02 11.02
N LYS B 2 0.43 -3.91 10.71
CA LYS B 2 -0.28 -4.89 9.85
C LYS B 2 -1.51 -4.25 9.20
N THR B 3 -2.10 -3.30 9.92
CA THR B 3 -3.29 -2.57 9.48
C THR B 3 -2.92 -1.31 8.69
N PHE B 4 -1.91 -0.58 9.19
CA PHE B 4 -1.45 0.66 8.55
C PHE B 4 -0.12 0.45 7.84
N LYS B 5 0.78 -0.33 8.46
CA LYS B 5 2.12 -0.62 7.88
C LYS B 5 1.97 -1.39 6.56
N GLU B 6 0.96 -2.26 6.50
CA GLU B 6 0.68 -3.08 5.31
C GLU B 6 0.02 -2.27 4.19
N VAL B 7 -0.89 -1.36 4.56
CA VAL B 7 -1.57 -0.50 3.59
C VAL B 7 -0.58 0.56 3.05
N ALA B 8 0.36 0.97 3.93
CA ALA B 8 1.41 1.94 3.60
C ALA B 8 2.53 1.28 2.78
N ASN B 9 2.81 -0.01 3.09
CA ASN B 9 3.85 -0.79 2.41
C ASN B 9 3.53 -0.97 0.91
N ALA B 10 2.23 -1.00 0.58
CA ALA B 10 1.77 -1.14 -0.80
C ALA B 10 2.08 0.13 -1.60
N VAL B 11 1.86 1.28 -0.95
CA VAL B 11 2.13 2.61 -1.53
C VAL B 11 3.65 2.88 -1.59
N LYS B 12 4.39 2.30 -0.63
CA LYS B 12 5.86 2.45 -0.56
C LYS B 12 6.58 1.55 -1.58
N ILE B 13 6.06 0.33 -1.78
CA ILE B 13 6.64 -0.64 -2.70
C ILE B 13 6.25 -0.36 -4.17
N SER B 14 5.07 0.25 -4.36
CA SER B 14 4.57 0.59 -5.70
C SER B 14 5.32 1.79 -6.31
N ALA B 15 6.10 2.49 -5.49
CA ALA B 15 6.87 3.65 -5.94
C ALA B 15 8.28 3.26 -6.39
N SER B 16 8.69 2.02 -6.07
CA SER B 16 10.01 1.50 -6.44
C SER B 16 9.98 0.75 -7.78
N LEU B 17 8.85 0.87 -8.50
CA LEU B 17 8.67 0.21 -9.80
C LEU B 17 9.16 1.10 -10.95
N ALA A 1 11.80 -18.89 8.73
CA ALA A 1 11.62 -18.05 9.94
C ALA A 1 10.22 -17.42 9.95
N ASP A 2 9.59 -17.41 11.14
CA ASP A 2 8.23 -16.85 11.35
C ASP A 2 7.15 -17.60 10.55
N GLN A 3 6.00 -17.80 11.20
CA GLN A 3 4.88 -18.52 10.57
C GLN A 3 3.80 -17.52 10.15
N LEU A 4 3.38 -17.62 8.89
CA LEU A 4 2.35 -16.73 8.32
C LEU A 4 0.97 -17.39 8.37
N THR A 5 0.06 -16.66 8.99
CA THR A 5 -1.34 -17.09 9.16
C THR A 5 -2.27 -16.00 8.64
N GLU A 6 -3.58 -16.21 8.79
CA GLU A 6 -4.63 -15.26 8.37
C GLU A 6 -4.36 -13.81 8.82
N GLU A 7 -3.48 -13.63 9.82
CA GLU A 7 -3.15 -12.30 10.37
C GLU A 7 -2.12 -11.55 9.51
N GLN A 8 -1.13 -12.30 9.00
CA GLN A 8 -0.06 -11.74 8.17
C GLN A 8 -0.45 -11.72 6.69
N ILE A 9 -1.42 -12.56 6.33
CA ILE A 9 -1.93 -12.67 4.96
C ILE A 9 -2.98 -11.59 4.66
N ALA A 10 -3.75 -11.21 5.69
CA ALA A 10 -4.80 -10.17 5.56
C ALA A 10 -4.22 -8.81 5.21
N GLU A 11 -2.99 -8.53 5.66
CA GLU A 11 -2.30 -7.27 5.35
C GLU A 11 -1.76 -7.34 3.90
N PHE A 12 -1.60 -8.58 3.41
CA PHE A 12 -1.15 -8.87 2.05
C PHE A 12 -2.35 -8.86 1.09
N LYS A 13 -3.51 -9.28 1.63
CA LYS A 13 -4.78 -9.32 0.89
C LYS A 13 -5.46 -7.97 0.89
N GLU A 14 -5.20 -7.17 1.96
CA GLU A 14 -5.76 -5.81 2.09
C GLU A 14 -5.51 -4.95 0.84
N ALA A 15 -4.32 -5.12 0.25
CA ALA A 15 -3.93 -4.40 -0.97
C ALA A 15 -4.64 -4.97 -2.21
N PHE A 16 -5.07 -6.24 -2.09
CA PHE A 16 -5.78 -6.94 -3.16
C PHE A 16 -7.25 -6.52 -3.24
N SER A 17 -7.79 -6.04 -2.10
CA SER A 17 -9.19 -5.59 -2.02
C SER A 17 -9.39 -4.17 -2.59
N LEU A 18 -8.29 -3.40 -2.68
CA LEU A 18 -8.35 -2.03 -3.17
C LEU A 18 -8.28 -1.92 -4.70
N PHE A 19 -7.39 -2.71 -5.33
CA PHE A 19 -7.26 -2.68 -6.81
C PHE A 19 -8.22 -3.65 -7.50
N ASP A 20 -9.03 -4.36 -6.70
CA ASP A 20 -10.01 -5.32 -7.23
C ASP A 20 -11.42 -4.73 -7.16
N LYS A 21 -12.11 -4.75 -8.31
CA LYS A 21 -13.49 -4.22 -8.40
C LYS A 21 -14.51 -5.20 -7.80
N ASP A 22 -14.41 -6.46 -8.20
CA ASP A 22 -15.32 -7.50 -7.73
C ASP A 22 -14.56 -8.67 -7.08
N GLY A 23 -13.22 -8.69 -7.25
CA GLY A 23 -12.39 -9.75 -6.67
C GLY A 23 -12.53 -11.07 -7.42
N ASP A 24 -12.25 -11.05 -8.73
CA ASP A 24 -12.36 -12.23 -9.58
C ASP A 24 -11.05 -13.03 -9.64
N GLY A 25 -9.97 -12.47 -9.09
CA GLY A 25 -8.67 -13.14 -9.10
C GLY A 25 -7.69 -12.52 -10.04
N THR A 26 -8.19 -11.68 -10.93
CA THR A 26 -7.38 -11.03 -11.94
C THR A 26 -7.80 -9.58 -12.15
N ILE A 27 -6.82 -8.68 -12.18
CA ILE A 27 -7.09 -7.25 -12.37
C ILE A 27 -6.34 -6.66 -13.56
N THR A 28 -6.96 -5.68 -14.20
CA THR A 28 -6.41 -4.99 -15.38
C THR A 28 -5.23 -4.11 -15.03
N THR A 29 -4.34 -3.90 -16.02
CA THR A 29 -3.17 -3.05 -15.87
C THR A 29 -3.57 -1.60 -15.50
N LYS A 30 -4.88 -1.31 -15.71
CA LYS A 30 -5.45 0.01 -15.44
C LYS A 30 -5.85 0.18 -13.97
N GLU A 31 -6.02 -0.95 -13.25
CA GLU A 31 -6.40 -0.94 -11.83
C GLU A 31 -5.24 -0.44 -10.95
N LEU A 32 -4.01 -0.57 -11.46
CA LEU A 32 -2.80 -0.11 -10.76
C LEU A 32 -2.88 1.40 -10.51
N GLY A 33 -3.42 2.13 -11.50
CA GLY A 33 -3.60 3.59 -11.40
C GLY A 33 -4.61 3.97 -10.37
N THR A 34 -5.40 3.00 -10.02
CA THR A 34 -6.44 3.12 -9.02
C THR A 34 -5.83 3.13 -7.61
N VAL A 35 -4.84 2.25 -7.40
CA VAL A 35 -4.11 2.16 -6.12
C VAL A 35 -2.95 3.17 -6.08
N MET A 36 -2.44 3.50 -7.28
CA MET A 36 -1.35 4.48 -7.46
C MET A 36 -1.88 5.90 -7.33
N ARG A 37 -3.07 6.16 -7.89
CA ARG A 37 -3.70 7.49 -7.72
C ARG A 37 -4.01 7.74 -6.22
N SER A 38 -4.06 6.64 -5.44
CA SER A 38 -4.31 6.68 -4.00
C SER A 38 -2.98 6.72 -3.26
N LEU A 39 -1.98 6.09 -3.88
CA LEU A 39 -0.61 6.07 -3.36
C LEU A 39 -0.01 7.47 -3.56
N GLY A 40 -0.64 8.22 -4.48
CA GLY A 40 -0.21 9.56 -4.80
C GLY A 40 0.64 9.57 -6.04
N GLN A 41 1.28 8.42 -6.30
CA GLN A 41 2.11 8.26 -7.49
C GLN A 41 1.34 7.45 -8.51
N ASN A 42 1.22 7.99 -9.73
CA ASN A 42 0.49 7.31 -10.79
C ASN A 42 1.20 7.49 -12.15
N PRO A 43 1.70 6.36 -12.74
CA PRO A 43 2.40 6.39 -14.05
C PRO A 43 1.44 6.51 -15.24
N THR A 44 2.04 6.65 -16.45
CA THR A 44 1.28 6.79 -17.70
C THR A 44 0.66 5.44 -18.14
N GLU A 45 -0.12 5.46 -19.24
CA GLU A 45 -0.80 4.27 -19.78
C GLU A 45 0.16 3.10 -20.07
N ALA A 46 1.26 3.37 -20.76
CA ALA A 46 2.26 2.33 -21.06
C ALA A 46 3.22 2.07 -19.91
N GLU A 47 3.36 3.05 -19.00
CA GLU A 47 4.24 2.92 -17.85
C GLU A 47 3.67 1.99 -16.80
N LEU A 48 2.36 1.82 -16.87
CA LEU A 48 1.63 0.93 -15.97
C LEU A 48 1.62 -0.51 -16.50
N GLN A 49 1.66 -0.68 -17.84
CA GLN A 49 1.70 -2.01 -18.47
C GLN A 49 3.07 -2.65 -18.32
N ASP A 50 4.02 -1.80 -17.99
CA ASP A 50 5.41 -2.20 -17.78
C ASP A 50 5.61 -2.73 -16.35
N MET A 51 4.67 -2.37 -15.47
CA MET A 51 4.70 -2.78 -14.05
C MET A 51 4.38 -4.27 -13.87
N ILE A 52 3.48 -4.80 -14.70
CA ILE A 52 3.11 -6.24 -14.61
C ILE A 52 4.12 -7.13 -15.35
N ASN A 53 4.80 -6.55 -16.36
CA ASN A 53 5.80 -7.26 -17.17
C ASN A 53 6.92 -7.90 -16.34
N GLU A 54 7.11 -7.41 -15.11
CA GLU A 54 8.14 -7.93 -14.19
C GLU A 54 7.89 -9.40 -13.81
N VAL A 55 6.64 -9.87 -13.98
CA VAL A 55 6.29 -11.26 -13.64
C VAL A 55 5.44 -11.93 -14.76
N ASP A 56 5.38 -11.31 -15.95
CA ASP A 56 4.63 -11.88 -17.09
C ASP A 56 5.37 -13.09 -17.68
N ALA A 57 5.48 -14.15 -16.85
CA ALA A 57 6.14 -15.41 -17.24
C ALA A 57 5.43 -16.05 -18.44
N ASP A 58 4.10 -15.94 -18.47
CA ASP A 58 3.29 -16.48 -19.56
C ASP A 58 2.63 -15.38 -20.37
N GLY A 59 2.76 -14.15 -19.87
CA GLY A 59 2.18 -12.97 -20.51
C GLY A 59 0.69 -13.10 -20.81
N ASN A 60 -0.14 -13.10 -19.77
CA ASN A 60 -1.59 -13.24 -19.92
C ASN A 60 -2.29 -11.87 -20.00
N GLY A 61 -1.58 -10.82 -19.57
CA GLY A 61 -2.14 -9.47 -19.58
C GLY A 61 -2.88 -9.14 -18.29
N THR A 62 -2.79 -10.04 -17.31
CA THR A 62 -3.44 -9.87 -16.01
C THR A 62 -2.53 -10.31 -14.87
N ILE A 63 -2.87 -9.90 -13.65
CA ILE A 63 -2.07 -10.24 -12.46
C ILE A 63 -2.93 -10.91 -11.38
N ASP A 64 -2.39 -12.00 -10.83
CA ASP A 64 -3.05 -12.77 -9.77
C ASP A 64 -2.44 -12.41 -8.39
N PHE A 65 -2.63 -13.28 -7.38
CA PHE A 65 -2.10 -13.03 -6.03
C PHE A 65 -0.60 -13.35 -5.89
N PRO A 66 -0.11 -14.58 -6.29
CA PRO A 66 1.31 -14.96 -6.15
C PRO A 66 2.25 -14.33 -7.19
N GLU A 67 1.68 -13.68 -8.22
CA GLU A 67 2.48 -13.10 -9.32
C GLU A 67 3.19 -11.78 -8.97
N PHE A 68 2.47 -10.77 -8.44
CA PHE A 68 3.10 -9.47 -8.15
C PHE A 68 3.92 -9.47 -6.85
N LEU A 69 3.40 -10.11 -5.80
CA LEU A 69 4.06 -10.18 -4.49
C LEU A 69 5.43 -10.88 -4.56
N THR A 70 5.65 -11.71 -5.60
CA THR A 70 6.90 -12.45 -5.76
C THR A 70 8.03 -11.60 -6.32
N MET A 71 7.83 -10.98 -7.50
CA MET A 71 8.86 -10.13 -8.11
C MET A 71 9.06 -8.82 -7.36
N MET A 72 8.13 -8.56 -6.47
CA MET A 72 8.13 -7.35 -5.63
C MET A 72 8.75 -7.61 -4.26
N ALA A 73 8.72 -8.86 -3.79
CA ALA A 73 9.28 -9.22 -2.48
C ALA A 73 10.79 -9.46 -2.55
N ARG A 74 11.25 -9.66 -3.76
CA ARG A 74 12.68 -9.91 -4.03
C ARG A 74 13.42 -8.63 -4.37
N LYS A 75 12.65 -7.62 -4.69
CA LYS A 75 13.16 -6.30 -5.07
C LYS A 75 13.20 -5.32 -3.89
N MET A 76 12.71 -5.75 -2.73
CA MET A 76 12.69 -4.91 -1.53
C MET A 76 14.11 -4.74 -0.96
N LYS A 77 14.83 -5.86 -0.88
CA LYS A 77 16.20 -5.89 -0.38
C LYS A 77 17.24 -5.83 -1.51
N ASP A 78 16.80 -6.02 -2.78
CA ASP A 78 17.71 -6.02 -3.92
C ASP A 78 17.86 -4.62 -4.56
N THR A 79 17.62 -3.58 -3.76
CA THR A 79 17.72 -2.19 -4.23
C THR A 79 18.16 -1.25 -3.11
N ASP A 80 17.18 -0.75 -2.33
CA ASP A 80 17.41 0.17 -1.20
C ASP A 80 16.07 0.44 -0.52
N SER A 81 15.92 -0.13 0.68
CA SER A 81 14.67 0.00 1.46
C SER A 81 14.57 1.34 2.19
N GLU A 82 15.67 2.12 2.23
CA GLU A 82 15.66 3.43 2.89
C GLU A 82 14.79 4.40 2.14
N GLU A 83 14.86 4.33 0.80
CA GLU A 83 14.03 5.17 -0.05
C GLU A 83 12.58 4.68 0.01
N GLU A 84 12.46 3.43 0.47
CA GLU A 84 11.16 2.77 0.66
C GLU A 84 10.52 3.13 1.98
N ILE A 85 11.36 3.42 2.94
CA ILE A 85 10.93 3.80 4.29
C ILE A 85 10.60 5.30 4.34
N ARG A 86 11.32 6.08 3.52
CA ARG A 86 11.11 7.54 3.45
C ARG A 86 9.95 7.91 2.52
N GLU A 87 9.88 7.25 1.35
CA GLU A 87 8.81 7.53 0.37
C GLU A 87 7.42 7.23 0.97
N ALA A 88 7.38 6.29 1.93
CA ALA A 88 6.15 5.92 2.64
C ALA A 88 5.57 7.15 3.35
N PHE A 89 6.46 8.11 3.65
CA PHE A 89 6.08 9.37 4.28
C PHE A 89 5.54 10.32 3.20
N ARG A 90 6.02 10.11 1.97
CA ARG A 90 5.63 10.92 0.80
C ARG A 90 4.30 10.46 0.19
N VAL A 91 3.91 9.23 0.53
CA VAL A 91 2.68 8.62 0.04
C VAL A 91 1.46 9.12 0.81
N PHE A 92 1.50 8.92 2.13
CA PHE A 92 0.41 9.31 3.04
C PHE A 92 0.32 10.84 3.23
N ASP A 93 1.40 11.55 2.92
CA ASP A 93 1.46 13.02 3.04
C ASP A 93 1.17 13.69 1.71
N LYS A 94 -0.01 14.31 1.60
CA LYS A 94 -0.43 15.00 0.38
C LYS A 94 0.21 16.39 0.24
N ASP A 95 0.21 17.15 1.34
CA ASP A 95 0.78 18.51 1.34
C ASP A 95 2.20 18.56 1.93
N GLY A 96 2.64 17.45 2.56
CA GLY A 96 3.97 17.39 3.15
C GLY A 96 4.16 18.33 4.34
N ASN A 97 3.21 18.29 5.28
CA ASN A 97 3.25 19.14 6.48
C ASN A 97 4.03 18.47 7.64
N GLY A 98 4.26 17.16 7.52
CA GLY A 98 4.97 16.42 8.55
C GLY A 98 4.07 15.52 9.38
N TYR A 99 2.76 15.66 9.18
CA TYR A 99 1.75 14.86 9.89
C TYR A 99 0.67 14.39 8.92
N ILE A 100 0.36 13.10 8.97
CA ILE A 100 -0.65 12.50 8.10
C ILE A 100 -2.03 12.49 8.80
N SER A 101 -2.96 13.29 8.26
CA SER A 101 -4.31 13.37 8.81
C SER A 101 -5.19 12.21 8.36
N ALA A 102 -6.17 11.87 9.20
CA ALA A 102 -7.11 10.78 8.94
C ALA A 102 -8.25 11.20 8.00
N ALA A 103 -8.47 12.51 7.89
CA ALA A 103 -9.56 13.09 7.08
C ALA A 103 -9.49 12.68 5.60
N GLU A 104 -8.29 12.71 5.06
CA GLU A 104 -8.07 12.34 3.66
C GLU A 104 -7.78 10.85 3.47
N LEU A 105 -7.03 10.27 4.43
CA LEU A 105 -6.54 8.88 4.38
C LEU A 105 -7.52 7.78 3.89
N ARG A 106 -8.65 7.51 4.58
CA ARG A 106 -9.54 6.42 4.12
C ARG A 106 -10.52 6.82 3.03
N HIS A 107 -10.71 8.12 2.87
CA HIS A 107 -11.57 8.68 1.81
C HIS A 107 -10.78 8.54 0.52
N VAL A 108 -9.48 8.48 0.74
CA VAL A 108 -8.45 8.28 -0.26
C VAL A 108 -8.53 6.82 -0.78
N MET A 109 -8.80 5.89 0.15
CA MET A 109 -8.96 4.47 -0.15
C MET A 109 -10.39 4.15 -0.62
N THR A 110 -11.34 5.04 -0.27
CA THR A 110 -12.78 4.88 -0.63
C THR A 110 -13.02 5.06 -2.14
N ASN A 111 -12.08 5.71 -2.84
CA ASN A 111 -12.19 5.94 -4.29
C ASN A 111 -12.03 4.63 -5.09
N LEU A 112 -11.65 3.56 -4.38
CA LEU A 112 -11.45 2.25 -4.98
C LEU A 112 -12.59 1.29 -4.63
N GLY A 113 -13.20 1.51 -3.46
CA GLY A 113 -14.31 0.67 -3.02
C GLY A 113 -14.14 0.16 -1.60
N GLU A 114 -13.66 1.01 -0.69
CA GLU A 114 -13.46 0.64 0.72
C GLU A 114 -14.76 0.76 1.52
N LYS A 115 -14.95 -0.19 2.46
CA LYS A 115 -16.13 -0.20 3.33
C LYS A 115 -15.84 0.54 4.65
N LEU A 116 -14.76 1.32 4.61
CA LEU A 116 -14.33 2.14 5.73
C LEU A 116 -13.99 3.54 5.23
N THR A 117 -14.41 4.54 6.00
CA THR A 117 -14.19 5.94 5.64
C THR A 117 -13.14 6.62 6.48
N ASP A 118 -12.47 7.59 5.82
CA ASP A 118 -11.43 8.46 6.37
C ASP A 118 -11.73 8.91 7.82
N GLU A 119 -13.03 8.89 8.16
CA GLU A 119 -13.49 9.33 9.50
C GLU A 119 -13.37 8.22 10.56
N GLU A 120 -13.74 6.99 10.18
CA GLU A 120 -13.69 5.83 11.08
C GLU A 120 -12.26 5.28 11.26
N VAL A 121 -11.36 5.68 10.35
CA VAL A 121 -9.96 5.25 10.36
C VAL A 121 -9.15 5.88 11.51
N ASP A 122 -9.57 7.08 11.91
CA ASP A 122 -8.92 7.82 13.02
C ASP A 122 -9.03 7.09 14.35
N GLU A 123 -9.99 6.17 14.45
CA GLU A 123 -10.13 5.35 15.66
C GLU A 123 -8.94 4.39 15.74
N MET A 124 -8.28 4.21 14.58
CA MET A 124 -7.11 3.34 14.44
C MET A 124 -5.80 4.03 14.83
N ILE A 125 -5.60 5.27 14.35
CA ILE A 125 -4.38 6.08 14.62
C ILE A 125 -4.02 6.12 16.13
N ARG A 126 -5.06 5.97 16.97
CA ARG A 126 -4.94 5.97 18.44
C ARG A 126 -3.89 4.99 19.00
N GLU A 127 -3.43 4.09 18.15
CA GLU A 127 -2.44 3.03 18.52
C GLU A 127 -1.24 3.59 19.30
N ALA A 128 -0.52 4.55 18.69
CA ALA A 128 0.66 5.17 19.32
C ALA A 128 1.06 6.40 18.50
N ASP A 129 0.10 7.31 18.28
CA ASP A 129 0.32 8.53 17.50
C ASP A 129 1.37 9.44 18.18
N ILE A 130 2.55 9.53 17.57
CA ILE A 130 3.66 10.34 18.13
C ILE A 130 3.60 11.81 17.68
N ASP A 131 2.75 12.14 16.69
CA ASP A 131 2.63 13.52 16.19
C ASP A 131 1.71 14.37 17.11
N GLY A 132 1.00 13.69 18.02
CA GLY A 132 0.11 14.33 18.99
C GLY A 132 -0.99 15.22 18.40
N ASP A 133 -1.21 15.15 17.07
CA ASP A 133 -2.27 15.96 16.45
C ASP A 133 -3.32 15.04 15.78
N GLY A 134 -3.34 13.76 16.20
CA GLY A 134 -4.25 12.78 15.60
C GLY A 134 -3.71 12.29 14.28
N GLN A 135 -2.43 12.63 14.05
CA GLN A 135 -1.71 12.30 12.83
C GLN A 135 -0.41 11.56 13.20
N VAL A 136 0.35 11.12 12.18
CA VAL A 136 1.58 10.36 12.43
C VAL A 136 2.82 11.01 11.79
N ASN A 137 3.92 11.01 12.55
CA ASN A 137 5.20 11.58 12.11
C ASN A 137 6.07 10.51 11.41
N TYR A 138 7.37 10.82 11.23
CA TYR A 138 8.31 9.90 10.55
C TYR A 138 8.80 8.79 11.49
N GLU A 139 8.67 9.05 12.79
CA GLU A 139 9.07 8.12 13.86
C GLU A 139 8.14 6.90 13.94
N GLU A 140 6.89 7.05 13.45
CA GLU A 140 5.89 5.98 13.47
C GLU A 140 6.21 4.84 12.49
N PHE A 141 6.72 5.19 11.30
CA PHE A 141 7.08 4.20 10.26
C PHE A 141 8.14 3.20 10.73
N VAL A 142 9.33 3.72 11.04
CA VAL A 142 10.50 2.93 11.49
C VAL A 142 10.22 1.98 12.67
N GLN A 143 9.30 2.40 13.55
CA GLN A 143 8.95 1.63 14.74
C GLN A 143 7.97 0.49 14.45
N MET A 144 6.87 0.78 13.74
CA MET A 144 5.83 -0.22 13.44
C MET A 144 6.15 -1.07 12.20
N MET A 145 6.64 -0.44 11.12
CA MET A 145 6.95 -1.14 9.86
C MET A 145 8.14 -2.10 9.99
N THR A 146 9.13 -1.71 10.82
CA THR A 146 10.34 -2.53 11.03
C THR A 146 10.11 -3.56 12.16
N ALA A 147 9.29 -3.18 13.15
CA ALA A 147 9.00 -4.07 14.27
C ALA A 147 7.52 -4.50 14.27
N LYS A 148 7.21 -5.47 13.39
CA LYS A 148 5.84 -6.04 13.24
C LYS A 148 4.82 -4.97 12.81
N LYS B 1 -4.39 -5.55 9.21
CA LYS B 1 -4.72 -5.10 7.83
C LYS B 1 -5.60 -3.84 7.89
N LYS B 2 -5.11 -2.69 7.34
CA LYS B 2 -5.89 -1.42 7.32
C LYS B 2 -6.01 -0.87 8.73
N THR B 3 -5.10 -1.35 9.59
CA THR B 3 -4.99 -0.94 10.98
C THR B 3 -4.55 0.53 11.05
N PHE B 4 -4.08 0.97 9.88
CA PHE B 4 -3.57 2.31 9.57
C PHE B 4 -2.10 2.18 9.19
N LYS B 5 -1.58 0.93 9.32
CA LYS B 5 -0.20 0.62 8.99
C LYS B 5 -0.03 -0.77 8.41
N GLU B 6 -0.88 -1.72 8.81
CA GLU B 6 -0.79 -3.09 8.29
C GLU B 6 -1.04 -3.09 6.77
N VAL B 7 -1.93 -2.19 6.33
CA VAL B 7 -2.18 -1.99 4.88
C VAL B 7 -0.98 -1.26 4.24
N ALA B 8 -0.38 -0.36 5.04
CA ALA B 8 0.80 0.44 4.64
C ALA B 8 1.99 -0.43 4.26
N ASN B 9 2.14 -1.57 4.96
CA ASN B 9 3.22 -2.52 4.69
C ASN B 9 3.18 -3.00 3.24
N ALA B 10 1.96 -3.14 2.71
CA ALA B 10 1.71 -3.56 1.33
C ALA B 10 2.03 -2.43 0.34
N VAL B 11 1.78 -1.16 0.77
CA VAL B 11 2.03 0.01 -0.08
C VAL B 11 3.53 0.21 -0.37
N LYS B 12 4.38 -0.35 0.51
CA LYS B 12 5.83 -0.29 0.37
C LYS B 12 6.31 -1.26 -0.72
N ILE B 13 5.42 -2.21 -1.07
CA ILE B 13 5.67 -3.20 -2.10
C ILE B 13 5.30 -2.64 -3.49
N SER B 14 4.31 -1.73 -3.50
CA SER B 14 3.84 -1.10 -4.74
C SER B 14 4.62 0.20 -5.02
N ALA B 15 5.17 0.81 -3.97
CA ALA B 15 5.93 2.06 -4.09
C ALA B 15 7.40 1.81 -4.46
N SER B 16 7.84 0.55 -4.35
CA SER B 16 9.21 0.16 -4.68
C SER B 16 9.38 -0.14 -6.18
N LEU B 17 8.32 0.14 -6.96
CA LEU B 17 8.32 -0.09 -8.40
C LEU B 17 8.81 1.16 -9.15
N ALA A 1 7.15 -24.02 10.47
CA ALA A 1 7.98 -22.87 10.91
C ALA A 1 7.11 -21.63 11.13
N ASP A 2 6.17 -21.39 10.22
CA ASP A 2 5.26 -20.24 10.29
C ASP A 2 3.81 -20.69 10.16
N GLN A 3 2.94 -20.07 10.97
CA GLN A 3 1.51 -20.38 10.97
C GLN A 3 0.72 -19.30 10.23
N LEU A 4 -0.18 -19.74 9.34
CA LEU A 4 -1.01 -18.82 8.56
C LEU A 4 -2.48 -19.20 8.63
N THR A 5 -3.25 -18.28 9.20
CA THR A 5 -4.69 -18.43 9.37
C THR A 5 -5.39 -17.15 8.91
N GLU A 6 -6.72 -17.11 9.09
CA GLU A 6 -7.54 -15.94 8.73
C GLU A 6 -7.03 -14.64 9.37
N GLU A 7 -6.19 -14.78 10.42
CA GLU A 7 -5.64 -13.62 11.15
C GLU A 7 -4.38 -13.06 10.47
N GLN A 8 -3.60 -13.94 9.85
CA GLN A 8 -2.36 -13.57 9.16
C GLN A 8 -2.58 -13.17 7.71
N ILE A 9 -3.73 -13.58 7.16
CA ILE A 9 -4.09 -13.30 5.76
C ILE A 9 -4.62 -11.86 5.59
N ALA A 10 -5.28 -11.31 6.61
CA ALA A 10 -5.85 -9.94 6.57
C ALA A 10 -4.81 -8.87 6.24
N GLU A 11 -3.58 -9.07 6.70
CA GLU A 11 -2.48 -8.12 6.40
C GLU A 11 -1.97 -8.32 4.96
N PHE A 12 -2.17 -9.54 4.44
CA PHE A 12 -1.79 -9.90 3.08
C PHE A 12 -2.90 -9.54 2.09
N LYS A 13 -4.14 -9.53 2.61
CA LYS A 13 -5.34 -9.17 1.84
C LYS A 13 -5.54 -7.66 1.85
N GLU A 14 -5.09 -7.02 2.95
CA GLU A 14 -5.17 -5.54 3.11
C GLU A 14 -4.51 -4.79 1.93
N ALA A 15 -3.52 -5.43 1.31
CA ALA A 15 -2.82 -4.86 0.15
C ALA A 15 -3.59 -5.14 -1.15
N PHE A 16 -4.45 -6.18 -1.10
CA PHE A 16 -5.27 -6.60 -2.24
C PHE A 16 -6.53 -5.74 -2.37
N SER A 17 -6.97 -5.16 -1.24
CA SER A 17 -8.18 -4.31 -1.19
C SER A 17 -8.03 -3.01 -2.00
N LEU A 18 -6.78 -2.60 -2.28
CA LEU A 18 -6.52 -1.37 -3.04
C LEU A 18 -6.37 -1.62 -4.54
N PHE A 19 -5.81 -2.78 -4.92
CA PHE A 19 -5.62 -3.12 -6.35
C PHE A 19 -6.80 -3.93 -6.91
N ASP A 20 -7.75 -4.29 -6.03
CA ASP A 20 -8.93 -5.06 -6.43
C ASP A 20 -10.19 -4.39 -5.91
N LYS A 21 -11.14 -4.14 -6.82
CA LYS A 21 -12.41 -3.48 -6.48
C LYS A 21 -13.36 -4.39 -5.68
N ASP A 22 -13.39 -5.66 -6.06
CA ASP A 22 -14.26 -6.64 -5.40
C ASP A 22 -13.46 -7.84 -4.84
N GLY A 23 -12.19 -7.96 -5.24
CA GLY A 23 -11.35 -9.07 -4.79
C GLY A 23 -11.78 -10.41 -5.36
N ASP A 24 -11.78 -10.50 -6.70
CA ASP A 24 -12.21 -11.73 -7.41
C ASP A 24 -11.02 -12.69 -7.67
N GLY A 25 -9.82 -12.31 -7.23
CA GLY A 25 -8.65 -13.16 -7.44
C GLY A 25 -7.70 -12.62 -8.48
N THR A 26 -8.17 -11.65 -9.25
CA THR A 26 -7.40 -11.07 -10.32
C THR A 26 -7.56 -9.55 -10.33
N ILE A 27 -6.44 -8.84 -10.45
CA ILE A 27 -6.44 -7.38 -10.46
C ILE A 27 -6.21 -6.84 -11.87
N THR A 28 -6.85 -5.69 -12.17
CA THR A 28 -6.72 -5.03 -13.48
C THR A 28 -5.47 -4.17 -13.52
N THR A 29 -4.87 -4.08 -14.71
CA THR A 29 -3.66 -3.27 -14.93
C THR A 29 -3.97 -1.77 -14.67
N LYS A 30 -5.27 -1.46 -14.66
CA LYS A 30 -5.77 -0.08 -14.46
C LYS A 30 -5.90 0.30 -12.98
N GLU A 31 -5.96 -0.72 -12.09
CA GLU A 31 -6.09 -0.49 -10.64
C GLU A 31 -4.80 0.05 -10.02
N LEU A 32 -3.65 -0.37 -10.58
CA LEU A 32 -2.33 0.11 -10.13
C LEU A 32 -2.27 1.64 -10.15
N GLY A 33 -2.82 2.23 -11.23
CA GLY A 33 -2.89 3.68 -11.40
C GLY A 33 -3.86 4.31 -10.46
N THR A 34 -4.71 3.48 -9.93
CA THR A 34 -5.72 3.87 -8.96
C THR A 34 -5.08 4.03 -7.57
N VAL A 35 -4.06 3.19 -7.30
CA VAL A 35 -3.29 3.23 -6.05
C VAL A 35 -2.15 4.26 -6.19
N MET A 36 -1.63 4.37 -7.43
CA MET A 36 -0.56 5.32 -7.78
C MET A 36 -1.13 6.73 -7.83
N ARG A 37 -2.34 6.87 -8.39
CA ARG A 37 -3.03 8.17 -8.39
C ARG A 37 -3.28 8.69 -6.95
N SER A 38 -3.21 7.77 -5.97
CA SER A 38 -3.42 8.10 -4.54
C SER A 38 -2.12 8.50 -3.87
N LEU A 39 -1.02 7.82 -4.20
CA LEU A 39 0.28 8.20 -3.65
C LEU A 39 0.76 9.49 -4.33
N GLY A 40 0.03 9.85 -5.39
CA GLY A 40 0.31 11.06 -6.13
C GLY A 40 1.02 10.81 -7.45
N GLN A 41 1.72 9.68 -7.55
CA GLN A 41 2.42 9.34 -8.78
C GLN A 41 1.72 8.20 -9.49
N ASN A 42 1.37 8.43 -10.76
CA ASN A 42 0.65 7.45 -11.57
C ASN A 42 1.21 7.39 -13.01
N PRO A 43 1.79 6.23 -13.43
CA PRO A 43 2.36 6.03 -14.79
C PRO A 43 1.32 6.19 -15.92
N THR A 44 1.79 6.13 -17.17
CA THR A 44 0.94 6.27 -18.37
C THR A 44 0.08 5.00 -18.60
N GLU A 45 -0.71 5.00 -19.69
CA GLU A 45 -1.61 3.87 -20.02
C GLU A 45 -0.84 2.53 -20.19
N ALA A 46 0.20 2.54 -21.03
CA ALA A 46 1.03 1.34 -21.24
C ALA A 46 2.09 1.18 -20.16
N GLU A 47 2.42 2.28 -19.47
CA GLU A 47 3.43 2.27 -18.42
C GLU A 47 2.95 1.51 -17.17
N LEU A 48 1.64 1.37 -17.09
CA LEU A 48 1.00 0.64 -15.99
C LEU A 48 0.89 -0.86 -16.31
N GLN A 49 0.74 -1.20 -17.61
CA GLN A 49 0.67 -2.59 -18.06
C GLN A 49 2.02 -3.29 -17.97
N ASP A 50 3.05 -2.47 -17.83
CA ASP A 50 4.45 -2.92 -17.73
C ASP A 50 4.75 -3.52 -16.35
N MET A 51 3.91 -3.19 -15.35
CA MET A 51 4.07 -3.70 -13.98
C MET A 51 3.53 -5.13 -13.85
N ILE A 52 2.65 -5.53 -14.79
CA ILE A 52 2.06 -6.88 -14.82
C ILE A 52 3.05 -7.89 -15.41
N ASN A 53 3.97 -7.38 -16.25
CA ASN A 53 5.00 -8.21 -16.91
C ASN A 53 6.04 -8.76 -15.95
N GLU A 54 6.18 -8.12 -14.77
CA GLU A 54 7.15 -8.55 -13.76
C GLU A 54 6.86 -9.96 -13.22
N VAL A 55 5.60 -10.41 -13.37
CA VAL A 55 5.18 -11.74 -12.91
C VAL A 55 4.30 -12.45 -13.96
N ASP A 56 4.28 -11.90 -15.20
CA ASP A 56 3.49 -12.46 -16.30
C ASP A 56 4.23 -13.64 -16.95
N ALA A 57 4.58 -14.62 -16.11
CA ALA A 57 5.27 -15.84 -16.55
C ALA A 57 4.32 -16.76 -17.31
N ASP A 58 3.04 -16.71 -16.95
CA ASP A 58 2.02 -17.52 -17.61
C ASP A 58 1.24 -16.72 -18.64
N GLY A 59 1.46 -15.41 -18.60
CA GLY A 59 0.81 -14.48 -19.54
C GLY A 59 -0.71 -14.54 -19.49
N ASN A 60 -1.30 -14.05 -18.39
CA ASN A 60 -2.74 -14.05 -18.22
C ASN A 60 -3.34 -12.65 -18.38
N GLY A 61 -2.46 -11.62 -18.28
CA GLY A 61 -2.90 -10.23 -18.39
C GLY A 61 -3.42 -9.67 -17.08
N THR A 62 -3.43 -10.53 -16.05
CA THR A 62 -3.89 -10.18 -14.71
C THR A 62 -3.04 -10.86 -13.65
N ILE A 63 -3.09 -10.34 -12.44
CA ILE A 63 -2.34 -10.89 -11.32
C ILE A 63 -3.27 -11.51 -10.27
N ASP A 64 -2.85 -12.66 -9.74
CA ASP A 64 -3.59 -13.39 -8.71
C ASP A 64 -3.15 -12.90 -7.32
N PHE A 65 -3.27 -13.74 -6.27
CA PHE A 65 -2.87 -13.35 -4.92
C PHE A 65 -1.33 -13.41 -4.70
N PRO A 66 -0.62 -14.55 -4.97
CA PRO A 66 0.84 -14.64 -4.79
C PRO A 66 1.67 -13.98 -5.90
N GLU A 67 0.99 -13.60 -6.99
CA GLU A 67 1.64 -13.02 -8.18
C GLU A 67 2.22 -11.61 -8.02
N PHE A 68 1.51 -10.68 -7.35
CA PHE A 68 2.03 -9.30 -7.20
C PHE A 68 3.02 -9.18 -6.04
N LEU A 69 2.69 -9.81 -4.91
CA LEU A 69 3.52 -9.77 -3.70
C LEU A 69 4.87 -10.49 -3.87
N THR A 70 4.96 -11.38 -4.87
CA THR A 70 6.21 -12.13 -5.13
C THR A 70 7.28 -11.25 -5.79
N MET A 71 6.93 -10.68 -6.95
CA MET A 71 7.85 -9.78 -7.68
C MET A 71 8.10 -8.47 -6.94
N MET A 72 7.27 -8.24 -5.94
CA MET A 72 7.33 -7.03 -5.10
C MET A 72 8.12 -7.28 -3.82
N ALA A 73 8.05 -8.52 -3.28
CA ALA A 73 8.77 -8.86 -2.04
C ALA A 73 10.26 -9.02 -2.26
N ARG A 74 10.60 -9.22 -3.52
CA ARG A 74 12.00 -9.41 -3.95
C ARG A 74 12.64 -8.10 -4.37
N LYS A 75 11.82 -7.07 -4.44
CA LYS A 75 12.24 -5.72 -4.86
C LYS A 75 12.57 -4.81 -3.69
N MET A 76 12.07 -5.13 -2.49
CA MET A 76 12.32 -4.33 -1.28
C MET A 76 13.81 -4.32 -0.92
N LYS A 77 14.44 -5.49 -1.05
CA LYS A 77 15.87 -5.65 -0.75
C LYS A 77 16.74 -5.55 -2.02
N ASP A 78 16.11 -5.49 -3.20
CA ASP A 78 16.86 -5.41 -4.47
C ASP A 78 17.06 -3.96 -4.92
N THR A 79 16.92 -3.03 -3.97
CA THR A 79 17.08 -1.59 -4.25
C THR A 79 17.55 -0.86 -2.99
N ASP A 80 16.65 -0.09 -2.35
CA ASP A 80 16.93 0.68 -1.13
C ASP A 80 15.62 1.27 -0.59
N SER A 81 15.09 0.64 0.45
CA SER A 81 13.84 1.08 1.07
C SER A 81 14.06 2.15 2.14
N GLU A 82 15.33 2.51 2.38
CA GLU A 82 15.67 3.55 3.36
C GLU A 82 15.32 4.91 2.81
N GLU A 83 15.58 5.09 1.51
CA GLU A 83 15.23 6.32 0.82
C GLU A 83 13.72 6.40 0.67
N GLU A 84 13.10 5.24 0.81
CA GLU A 84 11.65 5.07 0.73
C GLU A 84 10.95 5.38 2.03
N ILE A 85 11.69 5.23 3.13
CA ILE A 85 11.15 5.50 4.49
C ILE A 85 10.69 6.96 4.60
N ARG A 86 11.42 7.83 3.91
CA ARG A 86 11.13 9.27 3.89
C ARG A 86 10.05 9.62 2.87
N GLU A 87 10.04 8.87 1.74
CA GLU A 87 9.08 9.08 0.66
C GLU A 87 7.64 8.91 1.14
N ALA A 88 7.39 7.85 1.93
CA ALA A 88 6.05 7.58 2.51
C ALA A 88 5.57 8.77 3.34
N PHE A 89 6.52 9.54 3.87
CA PHE A 89 6.24 10.74 4.65
C PHE A 89 5.97 11.93 3.72
N ARG A 90 6.65 11.91 2.56
CA ARG A 90 6.52 12.96 1.54
C ARG A 90 5.28 12.76 0.65
N VAL A 91 4.74 11.54 0.66
CA VAL A 91 3.57 11.17 -0.14
C VAL A 91 2.26 11.54 0.55
N PHE A 92 2.05 10.95 1.74
CA PHE A 92 0.82 11.15 2.51
C PHE A 92 0.72 12.53 3.18
N ASP A 93 1.83 13.27 3.24
CA ASP A 93 1.86 14.61 3.85
C ASP A 93 1.51 15.69 2.83
N LYS A 94 0.30 16.26 2.97
CA LYS A 94 -0.18 17.33 2.08
C LYS A 94 0.46 18.68 2.43
N ASP A 95 0.51 18.99 3.72
CA ASP A 95 1.09 20.26 4.19
C ASP A 95 2.39 20.05 4.98
N GLY A 96 2.71 18.78 5.33
CA GLY A 96 3.93 18.46 6.08
C GLY A 96 3.95 19.02 7.49
N ASN A 97 2.87 18.80 8.24
CA ASN A 97 2.76 19.28 9.63
C ASN A 97 3.25 18.22 10.64
N GLY A 98 3.42 16.99 10.18
CA GLY A 98 3.87 15.90 11.05
C GLY A 98 2.78 14.92 11.40
N TYR A 99 1.59 15.13 10.82
CA TYR A 99 0.41 14.28 11.03
C TYR A 99 -0.44 14.25 9.77
N ILE A 100 -0.81 13.05 9.32
CA ILE A 100 -1.63 12.89 8.12
C ILE A 100 -3.08 12.57 8.50
N SER A 101 -3.95 13.52 8.18
CA SER A 101 -5.40 13.44 8.45
C SER A 101 -6.09 12.35 7.63
N ALA A 102 -7.25 11.92 8.12
CA ALA A 102 -8.06 10.88 7.45
C ALA A 102 -8.82 11.41 6.23
N ALA A 103 -8.94 12.75 6.14
CA ALA A 103 -9.65 13.41 5.02
C ALA A 103 -8.95 13.17 3.69
N GLU A 104 -7.62 13.30 3.69
CA GLU A 104 -6.81 13.09 2.48
C GLU A 104 -6.47 11.61 2.30
N LEU A 105 -6.47 10.88 3.41
CA LEU A 105 -6.18 9.44 3.40
C LEU A 105 -7.39 8.63 2.96
N ARG A 106 -8.59 9.21 3.09
CA ARG A 106 -9.83 8.54 2.70
C ARG A 106 -9.98 8.38 1.18
N HIS A 107 -9.21 9.15 0.47
CA HIS A 107 -9.19 9.12 -0.99
C HIS A 107 -8.48 7.86 -1.48
N VAL A 108 -7.63 7.32 -0.59
CA VAL A 108 -6.83 6.11 -0.85
C VAL A 108 -7.71 4.88 -1.13
N MET A 109 -8.45 4.44 -0.11
CA MET A 109 -9.33 3.27 -0.24
C MET A 109 -10.56 3.56 -1.12
N THR A 110 -10.87 4.85 -1.26
CA THR A 110 -12.01 5.32 -2.04
C THR A 110 -11.66 5.54 -3.53
N ASN A 111 -10.36 5.69 -3.85
CA ASN A 111 -9.90 5.94 -5.22
C ASN A 111 -10.39 4.89 -6.24
N LEU A 112 -10.65 3.67 -5.76
CA LEU A 112 -11.12 2.58 -6.61
C LEU A 112 -12.61 2.29 -6.39
N GLY A 113 -13.27 3.11 -5.56
CA GLY A 113 -14.70 2.88 -5.26
C GLY A 113 -14.90 1.60 -4.47
N GLU A 114 -13.93 1.34 -3.58
CA GLU A 114 -13.90 0.13 -2.74
C GLU A 114 -15.06 0.07 -1.74
N LYS A 115 -15.19 -1.10 -1.08
CA LYS A 115 -16.20 -1.36 -0.05
C LYS A 115 -15.94 -0.46 1.17
N LEU A 116 -16.01 -1.01 2.41
CA LEU A 116 -15.75 -0.23 3.64
C LEU A 116 -14.75 0.89 3.39
N THR A 117 -15.08 2.09 3.86
CA THR A 117 -14.27 3.29 3.63
C THR A 117 -13.09 3.41 4.59
N ASP A 118 -12.15 4.30 4.20
CA ASP A 118 -10.96 4.63 4.97
C ASP A 118 -11.34 5.01 6.41
N GLU A 119 -12.63 5.31 6.61
CA GLU A 119 -13.17 5.72 7.93
C GLU A 119 -12.61 4.88 9.09
N GLU A 120 -12.28 3.61 8.80
CA GLU A 120 -11.72 2.69 9.80
C GLU A 120 -10.18 2.74 9.86
N VAL A 121 -9.53 3.19 8.76
CA VAL A 121 -8.05 3.29 8.70
C VAL A 121 -7.48 4.23 9.77
N ASP A 122 -8.16 5.36 9.97
CA ASP A 122 -7.75 6.33 10.99
C ASP A 122 -8.04 5.81 12.39
N GLU A 123 -8.95 4.83 12.45
CA GLU A 123 -9.25 4.15 13.70
C GLU A 123 -8.10 3.18 13.96
N MET A 124 -7.37 2.89 12.85
CA MET A 124 -6.20 2.00 12.88
C MET A 124 -4.94 2.73 13.30
N ILE A 125 -4.82 4.02 12.91
CA ILE A 125 -3.67 4.89 13.24
C ILE A 125 -3.32 4.84 14.73
N ARG A 126 -4.37 4.69 15.55
CA ARG A 126 -4.25 4.62 17.02
C ARG A 126 -3.26 3.56 17.53
N GLU A 127 -2.88 2.65 16.64
CA GLU A 127 -1.94 1.56 16.98
C GLU A 127 -0.50 2.08 17.14
N ALA A 128 -0.10 3.00 16.25
CA ALA A 128 1.25 3.58 16.26
C ALA A 128 1.21 5.07 16.61
N ASP A 129 0.01 5.59 16.91
CA ASP A 129 -0.18 7.01 17.26
C ASP A 129 0.49 7.32 18.62
N ILE A 130 1.80 7.49 18.58
CA ILE A 130 2.59 7.77 19.79
C ILE A 130 2.76 9.29 20.02
N ASP A 131 2.41 10.11 19.01
CA ASP A 131 2.53 11.57 19.14
C ASP A 131 1.21 12.21 19.64
N GLY A 132 0.13 11.41 19.65
CA GLY A 132 -1.17 11.86 20.15
C GLY A 132 -1.90 12.86 19.27
N ASP A 133 -1.59 12.94 17.96
CA ASP A 133 -2.29 13.85 17.06
C ASP A 133 -3.45 13.15 16.35
N GLY A 134 -3.61 11.84 16.60
CA GLY A 134 -4.67 11.05 15.97
C GLY A 134 -4.30 10.67 14.54
N GLN A 135 -3.07 11.02 14.17
CA GLN A 135 -2.51 10.78 12.84
C GLN A 135 -1.08 10.25 12.97
N VAL A 136 -0.45 9.91 11.84
CA VAL A 136 0.91 9.37 11.85
C VAL A 136 1.96 10.49 11.85
N ASN A 137 2.94 10.36 12.76
CA ASN A 137 4.01 11.34 12.90
C ASN A 137 5.28 10.84 12.19
N TYR A 138 6.44 11.46 12.48
CA TYR A 138 7.71 11.07 11.87
C TYR A 138 8.27 9.83 12.57
N GLU A 139 7.77 9.63 13.79
CA GLU A 139 8.17 8.51 14.64
C GLU A 139 7.42 7.21 14.29
N GLU A 140 6.22 7.34 13.68
CA GLU A 140 5.40 6.19 13.27
C GLU A 140 6.09 5.34 12.19
N PHE A 141 6.69 6.01 11.19
CA PHE A 141 7.38 5.34 10.07
C PHE A 141 8.55 4.46 10.53
N VAL A 142 9.55 5.11 11.14
CA VAL A 142 10.77 4.46 11.64
C VAL A 142 10.51 3.35 12.67
N GLN A 143 9.45 3.50 13.45
CA GLN A 143 9.10 2.53 14.50
C GLN A 143 8.39 1.27 13.99
N MET A 144 7.17 1.41 13.43
CA MET A 144 6.40 0.25 12.94
C MET A 144 6.79 -0.18 11.51
N MET A 145 7.08 0.80 10.64
CA MET A 145 7.43 0.51 9.24
C MET A 145 8.92 0.23 9.03
N THR A 146 9.75 0.45 10.06
CA THR A 146 11.20 0.22 9.95
C THR A 146 11.75 -0.67 11.07
N ALA A 147 11.24 -0.51 12.30
CA ALA A 147 11.72 -1.29 13.45
C ALA A 147 10.82 -2.49 13.77
N LYS A 148 10.00 -2.88 12.79
CA LYS A 148 9.08 -4.02 12.92
C LYS A 148 8.80 -4.66 11.56
N LYS B 1 1.65 -2.18 11.64
CA LYS B 1 2.44 -3.43 11.74
C LYS B 1 1.78 -4.57 10.96
N LYS B 2 0.44 -4.51 10.86
CA LYS B 2 -0.39 -5.53 10.19
C LYS B 2 -1.83 -5.01 10.05
N THR B 3 -1.93 -3.68 9.99
CA THR B 3 -3.20 -2.97 9.92
C THR B 3 -3.03 -1.68 9.12
N PHE B 4 -1.86 -1.05 9.30
CA PHE B 4 -1.53 0.20 8.61
C PHE B 4 -0.13 0.14 7.98
N LYS B 5 0.64 -0.92 8.30
CA LYS B 5 1.99 -1.10 7.76
C LYS B 5 1.94 -1.66 6.34
N GLU B 6 1.00 -2.59 6.11
CA GLU B 6 0.83 -3.23 4.80
C GLU B 6 0.12 -2.31 3.80
N VAL B 7 -0.79 -1.47 4.31
CA VAL B 7 -1.51 -0.50 3.46
C VAL B 7 -0.57 0.63 3.01
N ALA B 8 0.34 1.02 3.92
CA ALA B 8 1.35 2.07 3.67
C ALA B 8 2.52 1.55 2.81
N ASN B 9 2.88 0.27 3.02
CA ASN B 9 3.99 -0.38 2.30
C ASN B 9 3.69 -0.55 0.80
N ALA B 10 2.43 -0.87 0.48
CA ALA B 10 1.98 -1.05 -0.91
C ALA B 10 2.17 0.23 -1.72
N VAL B 11 1.97 1.37 -1.06
CA VAL B 11 2.14 2.70 -1.66
C VAL B 11 3.64 3.00 -1.89
N LYS B 12 4.50 2.43 -1.04
CA LYS B 12 5.96 2.59 -1.12
C LYS B 12 6.56 1.74 -2.24
N ILE B 13 5.97 0.55 -2.45
CA ILE B 13 6.43 -0.39 -3.48
C ILE B 13 5.80 -0.08 -4.85
N SER B 14 4.75 0.75 -4.87
CA SER B 14 4.07 1.13 -6.12
C SER B 14 4.79 2.28 -6.84
N ALA B 15 5.69 2.97 -6.11
CA ALA B 15 6.46 4.08 -6.67
C ALA B 15 7.90 3.69 -6.96
N SER B 16 8.34 2.56 -6.38
CA SER B 16 9.72 2.07 -6.57
C SER B 16 9.81 1.10 -7.77
N LEU B 17 8.76 1.05 -8.59
CA LEU B 17 8.71 0.18 -9.76
C LEU B 17 9.24 0.90 -11.00
N ALA A 1 7.04 -23.43 13.17
CA ALA A 1 6.13 -23.25 12.00
C ALA A 1 5.19 -22.07 12.21
N ASP A 2 4.85 -21.39 11.11
CA ASP A 2 3.96 -20.23 11.15
C ASP A 2 2.56 -20.61 10.71
N GLN A 3 1.56 -20.01 11.37
CA GLN A 3 0.16 -20.27 11.06
C GLN A 3 -0.45 -19.12 10.27
N LEU A 4 -1.15 -19.46 9.18
CA LEU A 4 -1.79 -18.47 8.32
C LEU A 4 -3.27 -18.33 8.64
N THR A 5 -3.61 -17.16 9.15
CA THR A 5 -4.98 -16.83 9.52
C THR A 5 -5.34 -15.44 8.98
N GLU A 6 -6.55 -14.98 9.31
CA GLU A 6 -7.07 -13.66 8.90
C GLU A 6 -6.11 -12.51 9.29
N GLU A 7 -5.17 -12.79 10.22
CA GLU A 7 -4.23 -11.77 10.72
C GLU A 7 -3.19 -11.36 9.69
N GLN A 8 -2.52 -12.36 9.09
CA GLN A 8 -1.48 -12.12 8.07
C GLN A 8 -2.09 -11.93 6.68
N ILE A 9 -3.32 -12.42 6.51
CA ILE A 9 -4.04 -12.34 5.24
C ILE A 9 -4.69 -10.96 5.03
N ALA A 10 -5.17 -10.33 6.12
CA ALA A 10 -5.79 -9.00 6.04
C ALA A 10 -4.79 -7.91 5.69
N GLU A 11 -3.52 -8.14 6.03
CA GLU A 11 -2.44 -7.20 5.71
C GLU A 11 -1.93 -7.44 4.28
N PHE A 12 -2.12 -8.69 3.81
CA PHE A 12 -1.75 -9.11 2.46
C PHE A 12 -2.89 -8.79 1.48
N LYS A 13 -4.13 -8.82 2.00
CA LYS A 13 -5.34 -8.52 1.23
C LYS A 13 -5.61 -7.02 1.23
N GLU A 14 -5.12 -6.32 2.28
CA GLU A 14 -5.27 -4.84 2.41
C GLU A 14 -4.82 -4.10 1.14
N ALA A 15 -3.80 -4.64 0.47
CA ALA A 15 -3.29 -4.06 -0.78
C ALA A 15 -4.12 -4.53 -1.98
N PHE A 16 -4.80 -5.68 -1.80
CA PHE A 16 -5.66 -6.28 -2.82
C PHE A 16 -7.04 -5.61 -2.87
N SER A 17 -7.46 -5.03 -1.74
CA SER A 17 -8.77 -4.36 -1.63
C SER A 17 -8.82 -3.02 -2.38
N LEU A 18 -7.63 -2.44 -2.66
CA LEU A 18 -7.54 -1.16 -3.34
C LEU A 18 -7.65 -1.24 -4.88
N PHE A 19 -6.78 -2.03 -5.52
CA PHE A 19 -6.80 -2.15 -6.99
C PHE A 19 -7.88 -3.14 -7.50
N ASP A 20 -8.65 -3.72 -6.58
CA ASP A 20 -9.74 -4.65 -6.94
C ASP A 20 -11.10 -4.01 -6.65
N LYS A 21 -11.96 -4.00 -7.68
CA LYS A 21 -13.30 -3.41 -7.57
C LYS A 21 -14.28 -4.34 -6.83
N ASP A 22 -14.30 -5.60 -7.25
CA ASP A 22 -15.19 -6.60 -6.65
C ASP A 22 -14.41 -7.82 -6.14
N GLY A 23 -13.12 -7.92 -6.53
CA GLY A 23 -12.29 -9.05 -6.11
C GLY A 23 -12.60 -10.33 -6.87
N ASP A 24 -12.50 -10.26 -8.20
CA ASP A 24 -12.79 -11.40 -9.08
C ASP A 24 -11.59 -12.37 -9.19
N GLY A 25 -10.41 -11.93 -8.72
CA GLY A 25 -9.22 -12.76 -8.78
C GLY A 25 -8.22 -12.31 -9.81
N THR A 26 -8.68 -11.43 -10.70
CA THR A 26 -7.84 -10.93 -11.77
C THR A 26 -8.17 -9.48 -12.09
N ILE A 27 -7.12 -8.66 -12.22
CA ILE A 27 -7.28 -7.23 -12.50
C ILE A 27 -6.43 -6.79 -13.70
N THR A 28 -6.95 -5.81 -14.45
CA THR A 28 -6.28 -5.25 -15.63
C THR A 28 -5.06 -4.43 -15.24
N THR A 29 -4.10 -4.34 -16.17
CA THR A 29 -2.86 -3.56 -15.98
C THR A 29 -3.20 -2.07 -15.74
N LYS A 30 -4.46 -1.71 -16.06
CA LYS A 30 -4.97 -0.34 -15.91
C LYS A 30 -5.36 -0.04 -14.45
N GLU A 31 -5.58 -1.11 -13.66
CA GLU A 31 -5.95 -1.02 -12.25
C GLU A 31 -4.84 -0.38 -11.42
N LEU A 32 -3.62 -0.49 -11.93
CA LEU A 32 -2.44 0.11 -11.28
C LEU A 32 -2.54 1.64 -11.22
N GLY A 33 -3.31 2.21 -12.16
CA GLY A 33 -3.57 3.66 -12.17
C GLY A 33 -4.53 4.03 -11.09
N THR A 34 -5.21 3.01 -10.64
CA THR A 34 -6.16 3.10 -9.56
C THR A 34 -5.39 3.29 -8.24
N VAL A 35 -4.22 2.61 -8.14
CA VAL A 35 -3.32 2.76 -6.97
C VAL A 35 -2.40 3.96 -7.20
N MET A 36 -2.06 4.23 -8.49
CA MET A 36 -1.26 5.42 -8.88
C MET A 36 -2.03 6.64 -8.43
N ARG A 37 -3.34 6.58 -8.70
CA ARG A 37 -4.28 7.63 -8.27
C ARG A 37 -4.21 7.88 -6.74
N SER A 38 -3.65 6.92 -5.98
CA SER A 38 -3.53 7.03 -4.50
C SER A 38 -2.22 7.70 -4.11
N LEU A 39 -1.09 7.22 -4.69
CA LEU A 39 0.21 7.85 -4.44
C LEU A 39 0.18 9.23 -5.10
N GLY A 40 -0.73 9.33 -6.07
CA GLY A 40 -0.98 10.54 -6.81
C GLY A 40 -0.49 10.38 -8.23
N GLN A 41 0.74 9.87 -8.34
CA GLN A 41 1.40 9.56 -9.60
C GLN A 41 2.72 8.87 -9.30
N ASN A 42 2.94 7.70 -9.90
CA ASN A 42 4.17 6.95 -9.65
C ASN A 42 4.54 6.03 -10.85
N PRO A 43 3.69 5.03 -11.29
CA PRO A 43 4.02 4.17 -12.44
C PRO A 43 3.71 4.83 -13.79
N THR A 44 4.47 4.43 -14.83
CA THR A 44 4.28 4.96 -16.18
C THR A 44 3.35 4.04 -16.99
N GLU A 45 3.00 4.47 -18.22
CA GLU A 45 2.09 3.71 -19.10
C GLU A 45 2.57 2.27 -19.35
N ALA A 46 3.81 2.11 -19.82
CA ALA A 46 4.39 0.79 -20.06
C ALA A 46 4.96 0.16 -18.80
N GLU A 47 5.28 0.99 -17.79
CA GLU A 47 5.84 0.50 -16.52
C GLU A 47 4.82 -0.28 -15.70
N LEU A 48 3.56 -0.03 -16.03
CA LEU A 48 2.43 -0.70 -15.38
C LEU A 48 2.11 -2.04 -16.06
N GLN A 49 2.30 -2.10 -17.40
CA GLN A 49 2.07 -3.33 -18.18
C GLN A 49 3.28 -4.25 -18.16
N ASP A 50 4.39 -3.66 -17.77
CA ASP A 50 5.68 -4.37 -17.68
C ASP A 50 5.79 -5.17 -16.38
N MET A 51 4.96 -4.80 -15.38
CA MET A 51 4.94 -5.48 -14.08
C MET A 51 4.27 -6.85 -14.14
N ILE A 52 3.26 -7.00 -15.01
CA ILE A 52 2.55 -8.30 -15.16
C ILE A 52 3.43 -9.31 -15.93
N ASN A 53 4.30 -8.80 -16.80
CA ASN A 53 5.21 -9.64 -17.59
C ASN A 53 6.46 -10.04 -16.79
N GLU A 54 6.76 -9.26 -15.74
CA GLU A 54 7.92 -9.52 -14.87
C GLU A 54 7.72 -10.77 -14.01
N VAL A 55 6.47 -11.25 -13.93
CA VAL A 55 6.14 -12.44 -13.15
C VAL A 55 5.50 -13.52 -14.05
N ASP A 56 4.76 -13.06 -15.09
CA ASP A 56 4.09 -13.93 -16.09
C ASP A 56 3.81 -15.35 -15.60
N ALA A 57 2.87 -15.45 -14.63
CA ALA A 57 2.47 -16.74 -14.06
C ALA A 57 1.50 -17.48 -14.99
N ASP A 58 0.60 -16.72 -15.62
CA ASP A 58 -0.38 -17.29 -16.54
C ASP A 58 -0.19 -16.78 -17.96
N GLY A 59 0.66 -15.76 -18.08
CA GLY A 59 0.95 -15.12 -19.37
C GLY A 59 -0.29 -14.66 -20.13
N ASN A 60 -1.33 -14.25 -19.38
CA ASN A 60 -2.59 -13.80 -19.98
C ASN A 60 -2.71 -12.28 -19.99
N GLY A 61 -1.83 -11.61 -19.23
CA GLY A 61 -1.85 -10.16 -19.14
C GLY A 61 -2.48 -9.66 -17.84
N THR A 62 -3.16 -10.57 -17.12
CA THR A 62 -3.81 -10.26 -15.85
C THR A 62 -2.92 -10.65 -14.69
N ILE A 63 -3.13 -9.97 -13.54
CA ILE A 63 -2.33 -10.24 -12.35
C ILE A 63 -3.23 -10.78 -11.20
N ASP A 64 -2.76 -11.86 -10.57
CA ASP A 64 -3.50 -12.51 -9.47
C ASP A 64 -2.93 -12.09 -8.10
N PHE A 65 -3.33 -12.82 -7.04
CA PHE A 65 -2.89 -12.55 -5.65
C PHE A 65 -1.38 -12.82 -5.43
N PRO A 66 -0.85 -14.06 -5.72
CA PRO A 66 0.58 -14.38 -5.50
C PRO A 66 1.52 -13.83 -6.57
N GLU A 67 0.96 -13.31 -7.66
CA GLU A 67 1.75 -12.80 -8.80
C GLU A 67 2.49 -11.47 -8.56
N PHE A 68 1.80 -10.44 -8.05
CA PHE A 68 2.44 -9.13 -7.83
C PHE A 68 3.34 -9.09 -6.59
N LEU A 69 2.83 -9.66 -5.48
CA LEU A 69 3.56 -9.68 -4.20
C LEU A 69 4.90 -10.43 -4.28
N THR A 70 5.05 -11.31 -5.30
CA THR A 70 6.28 -12.09 -5.48
C THR A 70 7.40 -11.28 -6.13
N MET A 71 7.14 -10.73 -7.33
CA MET A 71 8.13 -9.93 -8.06
C MET A 71 8.38 -8.56 -7.42
N MET A 72 7.50 -8.23 -6.49
CA MET A 72 7.56 -6.96 -5.76
C MET A 72 8.26 -7.12 -4.40
N ALA A 73 8.24 -8.35 -3.84
CA ALA A 73 8.86 -8.62 -2.54
C ALA A 73 10.38 -8.66 -2.59
N ARG A 74 10.87 -8.96 -3.76
CA ARG A 74 12.31 -9.07 -4.03
C ARG A 74 12.89 -7.76 -4.57
N LYS A 75 12.00 -6.84 -4.84
CA LYS A 75 12.36 -5.53 -5.39
C LYS A 75 12.49 -4.43 -4.32
N MET A 76 12.10 -4.75 -3.08
CA MET A 76 12.19 -3.79 -1.97
C MET A 76 13.65 -3.55 -1.59
N LYS A 77 14.42 -4.64 -1.53
CA LYS A 77 15.84 -4.58 -1.18
C LYS A 77 16.75 -4.57 -2.43
N ASP A 78 16.15 -4.73 -3.63
CA ASP A 78 16.91 -4.76 -4.88
C ASP A 78 17.06 -3.36 -5.49
N THR A 79 16.93 -2.33 -4.65
CA THR A 79 17.06 -0.93 -5.09
C THR A 79 17.63 -0.06 -3.98
N ASP A 80 16.76 0.71 -3.30
CA ASP A 80 17.15 1.60 -2.19
C ASP A 80 15.89 2.21 -1.56
N SER A 81 15.51 1.69 -0.39
CA SER A 81 14.32 2.14 0.33
C SER A 81 14.58 3.41 1.16
N GLU A 82 15.78 3.99 1.02
CA GLU A 82 16.14 5.21 1.72
C GLU A 82 15.41 6.40 1.13
N GLU A 83 15.31 6.39 -0.21
CA GLU A 83 14.57 7.42 -0.92
C GLU A 83 13.08 7.25 -0.67
N GLU A 84 12.77 6.04 -0.23
CA GLU A 84 11.41 5.61 0.11
C GLU A 84 11.02 6.00 1.52
N ILE A 85 12.01 6.17 2.37
CA ILE A 85 11.80 6.54 3.78
C ILE A 85 11.13 7.91 3.86
N ARG A 86 11.50 8.79 2.94
CA ARG A 86 10.96 10.16 2.87
C ARG A 86 9.63 10.20 2.11
N GLU A 87 9.45 9.29 1.14
CA GLU A 87 8.24 9.22 0.31
C GLU A 87 6.98 9.07 1.14
N ALA A 88 6.96 8.08 2.06
CA ALA A 88 5.81 7.82 2.95
C ALA A 88 5.36 9.10 3.67
N PHE A 89 6.34 9.98 3.93
CA PHE A 89 6.11 11.28 4.58
C PHE A 89 5.65 12.34 3.56
N ARG A 90 6.23 12.28 2.37
CA ARG A 90 5.94 13.24 1.27
C ARG A 90 4.68 12.91 0.47
N VAL A 91 4.29 11.65 0.49
CA VAL A 91 3.11 11.17 -0.27
C VAL A 91 1.82 11.34 0.55
N PHE A 92 1.79 10.68 1.71
CA PHE A 92 0.62 10.69 2.61
C PHE A 92 0.26 12.10 3.13
N ASP A 93 1.25 12.99 3.25
CA ASP A 93 1.03 14.35 3.73
C ASP A 93 0.44 15.24 2.63
N LYS A 94 -0.86 15.54 2.77
CA LYS A 94 -1.59 16.37 1.81
C LYS A 94 -1.31 17.88 1.99
N ASP A 95 -1.39 18.35 3.23
CA ASP A 95 -1.16 19.76 3.55
C ASP A 95 0.30 20.05 3.94
N GLY A 96 1.08 18.99 4.20
CA GLY A 96 2.49 19.13 4.57
C GLY A 96 2.71 19.64 5.99
N ASN A 97 1.96 19.09 6.94
CA ASN A 97 2.09 19.48 8.36
C ASN A 97 3.01 18.55 9.13
N GLY A 98 3.29 17.37 8.55
CA GLY A 98 4.16 16.39 9.19
C GLY A 98 3.38 15.25 9.82
N TYR A 99 2.07 15.44 9.96
CA TYR A 99 1.16 14.45 10.52
C TYR A 99 -0.01 14.29 9.56
N ILE A 100 -0.35 13.04 9.21
CA ILE A 100 -1.44 12.77 8.26
C ILE A 100 -2.70 12.30 8.99
N SER A 101 -3.74 13.14 8.91
CA SER A 101 -5.05 12.88 9.53
C SER A 101 -5.75 11.66 8.95
N ALA A 102 -6.60 11.05 9.78
CA ALA A 102 -7.38 9.86 9.41
C ALA A 102 -8.62 10.25 8.60
N ALA A 103 -9.01 11.52 8.69
CA ALA A 103 -10.19 12.06 8.01
C ALA A 103 -10.11 11.94 6.49
N GLU A 104 -8.93 12.22 5.94
CA GLU A 104 -8.71 12.11 4.51
C GLU A 104 -8.23 10.72 4.09
N LEU A 105 -7.31 10.15 4.88
CA LEU A 105 -6.64 8.87 4.60
C LEU A 105 -7.50 7.69 4.03
N ARG A 106 -8.49 7.16 4.76
CA ARG A 106 -9.24 6.00 4.24
C ARG A 106 -10.32 6.35 3.24
N HIS A 107 -10.71 7.61 3.24
CA HIS A 107 -11.70 8.15 2.26
C HIS A 107 -10.95 8.32 0.95
N VAL A 108 -9.64 8.46 1.14
CA VAL A 108 -8.64 8.58 0.10
C VAL A 108 -8.46 7.21 -0.59
N MET A 109 -8.60 6.15 0.23
CA MET A 109 -8.51 4.76 -0.22
C MET A 109 -9.86 4.29 -0.79
N THR A 110 -10.95 5.00 -0.40
CA THR A 110 -12.33 4.69 -0.84
C THR A 110 -12.55 5.04 -2.32
N ASN A 111 -11.71 5.93 -2.88
CA ASN A 111 -11.81 6.36 -4.28
C ASN A 111 -11.49 5.22 -5.27
N LEU A 112 -11.07 4.07 -4.71
CA LEU A 112 -10.72 2.89 -5.49
C LEU A 112 -11.81 1.83 -5.38
N GLY A 113 -12.53 1.83 -4.25
CA GLY A 113 -13.58 0.86 -4.00
C GLY A 113 -13.29 0.03 -2.77
N GLU A 114 -12.92 0.71 -1.67
CA GLU A 114 -12.58 0.07 -0.40
C GLU A 114 -13.79 -0.05 0.54
N LYS A 115 -13.60 -0.83 1.60
CA LYS A 115 -14.61 -1.04 2.66
C LYS A 115 -14.76 0.24 3.51
N LEU A 116 -14.82 0.11 4.85
CA LEU A 116 -14.95 1.27 5.78
C LEU A 116 -14.14 2.49 5.32
N THR A 117 -14.59 3.68 5.73
CA THR A 117 -13.95 4.93 5.32
C THR A 117 -13.00 5.52 6.32
N ASP A 118 -12.45 6.66 5.90
CA ASP A 118 -11.51 7.50 6.65
C ASP A 118 -11.87 7.62 8.15
N GLU A 119 -13.13 7.28 8.44
CA GLU A 119 -13.71 7.40 9.79
C GLU A 119 -13.23 6.31 10.78
N GLU A 120 -13.32 5.03 10.39
CA GLU A 120 -12.93 3.91 11.26
C GLU A 120 -11.44 3.61 11.24
N VAL A 121 -10.74 4.14 10.22
CA VAL A 121 -9.29 3.92 10.04
C VAL A 121 -8.45 4.37 11.24
N ASP A 122 -8.90 5.43 11.91
CA ASP A 122 -8.19 6.00 13.08
C ASP A 122 -8.05 5.01 14.23
N GLU A 123 -8.89 3.97 14.24
CA GLU A 123 -8.79 2.93 15.27
C GLU A 123 -7.51 2.13 15.01
N MET A 124 -7.01 2.24 13.75
CA MET A 124 -5.81 1.56 13.32
C MET A 124 -4.53 2.34 13.65
N ILE A 125 -4.57 3.66 13.43
CA ILE A 125 -3.43 4.58 13.68
C ILE A 125 -2.83 4.41 15.09
N ARG A 126 -3.68 4.03 16.06
CA ARG A 126 -3.26 3.83 17.46
C ARG A 126 -2.24 2.71 17.67
N GLU A 127 -2.08 1.88 16.66
CA GLU A 127 -1.15 0.73 16.70
C GLU A 127 0.34 1.14 16.89
N ALA A 128 0.75 2.18 16.15
CA ALA A 128 2.13 2.65 16.21
C ALA A 128 2.21 4.11 16.64
N ASP A 129 1.23 4.91 16.19
CA ASP A 129 1.17 6.34 16.53
C ASP A 129 0.85 6.52 18.01
N ILE A 130 1.90 6.66 18.81
CA ILE A 130 1.78 6.83 20.26
C ILE A 130 1.58 8.31 20.66
N ASP A 131 1.87 9.24 19.72
CA ASP A 131 1.68 10.68 19.98
C ASP A 131 0.23 11.10 19.68
N GLY A 132 -0.49 10.19 19.00
CA GLY A 132 -1.91 10.34 18.65
C GLY A 132 -2.46 11.75 18.50
N ASP A 133 -1.99 12.50 17.48
CA ASP A 133 -2.51 13.85 17.25
C ASP A 133 -3.64 13.78 16.21
N GLY A 134 -4.25 12.58 16.12
CA GLY A 134 -5.31 12.31 15.14
C GLY A 134 -4.70 12.05 13.78
N GLN A 135 -3.36 12.05 13.77
CA GLN A 135 -2.53 11.86 12.58
C GLN A 135 -1.29 11.04 12.95
N VAL A 136 -0.46 10.69 11.96
CA VAL A 136 0.79 9.94 12.23
C VAL A 136 1.98 10.89 12.33
N ASN A 137 2.80 10.68 13.38
CA ASN A 137 3.98 11.51 13.64
C ASN A 137 5.26 10.93 12.99
N TYR A 138 6.43 11.42 13.43
CA TYR A 138 7.73 10.97 12.90
C TYR A 138 8.13 9.64 13.54
N GLU A 139 7.51 9.39 14.70
CA GLU A 139 7.73 8.20 15.51
C GLU A 139 7.02 6.96 14.92
N GLU A 140 5.98 7.21 14.11
CA GLU A 140 5.19 6.15 13.47
C GLU A 140 5.96 5.49 12.33
N PHE A 141 6.62 6.32 11.48
CA PHE A 141 7.41 5.86 10.34
C PHE A 141 8.51 4.85 10.72
N VAL A 142 9.40 5.29 11.59
CA VAL A 142 10.54 4.46 12.06
C VAL A 142 10.08 3.16 12.78
N GLN A 143 8.97 3.23 13.51
CA GLN A 143 8.43 2.07 14.24
C GLN A 143 7.62 1.12 13.35
N MET A 144 6.97 1.68 12.30
CA MET A 144 6.12 0.89 11.40
C MET A 144 6.92 0.18 10.29
N MET A 145 7.65 0.94 9.47
CA MET A 145 8.41 0.37 8.34
C MET A 145 9.87 0.05 8.69
N THR A 146 10.54 0.98 9.39
CA THR A 146 11.96 0.81 9.78
C THR A 146 12.11 -0.29 10.84
N ALA A 147 11.10 -0.45 11.70
CA ALA A 147 11.10 -1.47 12.74
C ALA A 147 10.30 -2.70 12.31
N LYS A 148 10.88 -3.47 11.39
CA LYS A 148 10.26 -4.69 10.87
C LYS A 148 10.76 -5.92 11.62
N LYS B 1 0.57 -3.27 14.01
CA LYS B 1 1.19 -3.76 12.75
C LYS B 1 0.25 -4.74 12.04
N LYS B 2 0.32 -4.76 10.69
CA LYS B 2 -0.51 -5.66 9.83
C LYS B 2 -1.92 -5.08 9.66
N THR B 3 -2.08 -3.86 10.18
CA THR B 3 -3.33 -3.12 10.13
C THR B 3 -3.10 -1.75 9.48
N PHE B 4 -1.88 -1.22 9.68
CA PHE B 4 -1.47 0.06 9.14
C PHE B 4 0.01 0.01 8.68
N LYS B 5 0.57 -1.22 8.67
CA LYS B 5 1.95 -1.45 8.27
C LYS B 5 2.04 -1.76 6.78
N GLU B 6 1.20 -2.70 6.32
CA GLU B 6 1.19 -3.10 4.90
C GLU B 6 0.47 -2.08 4.03
N VAL B 7 -0.54 -1.39 4.57
CA VAL B 7 -1.27 -0.35 3.83
C VAL B 7 -0.32 0.83 3.52
N ALA B 8 0.57 1.12 4.50
CA ALA B 8 1.59 2.16 4.38
C ALA B 8 2.75 1.69 3.51
N ASN B 9 3.07 0.39 3.63
CA ASN B 9 4.16 -0.26 2.88
C ASN B 9 3.81 -0.39 1.39
N ALA B 10 2.50 -0.53 1.10
CA ALA B 10 1.99 -0.67 -0.28
C ALA B 10 2.47 0.47 -1.18
N VAL B 11 2.61 1.67 -0.59
CA VAL B 11 3.08 2.87 -1.30
C VAL B 11 4.59 2.77 -1.60
N LYS B 12 5.34 2.16 -0.67
CA LYS B 12 6.79 1.98 -0.82
C LYS B 12 7.13 0.84 -1.80
N ILE B 13 6.28 -0.19 -1.83
CA ILE B 13 6.46 -1.35 -2.70
C ILE B 13 5.98 -1.06 -4.14
N SER B 14 4.96 -0.19 -4.25
CA SER B 14 4.40 0.20 -5.55
C SER B 14 5.20 1.33 -6.20
N ALA B 15 6.04 2.00 -5.39
CA ALA B 15 6.88 3.11 -5.87
C ALA B 15 8.26 2.60 -6.34
N SER B 16 8.53 1.32 -6.09
CA SER B 16 9.81 0.70 -6.48
C SER B 16 9.75 0.12 -7.91
N LEU B 17 8.72 0.53 -8.67
CA LEU B 17 8.53 0.08 -10.05
C LEU B 17 9.24 1.01 -11.04
N ALA A 1 7.16 -26.06 10.60
CA ALA A 1 5.69 -25.94 10.48
C ALA A 1 5.23 -24.49 10.66
N ASP A 2 4.38 -24.03 9.74
CA ASP A 2 3.86 -22.67 9.78
C ASP A 2 2.33 -22.68 9.71
N GLN A 3 1.71 -21.70 10.39
CA GLN A 3 0.25 -21.59 10.41
C GLN A 3 -0.19 -20.17 10.04
N LEU A 4 -1.11 -20.08 9.08
CA LEU A 4 -1.63 -18.79 8.61
C LEU A 4 -3.16 -18.81 8.55
N THR A 5 -3.76 -17.86 9.26
CA THR A 5 -5.20 -17.70 9.34
C THR A 5 -5.57 -16.27 8.94
N GLU A 6 -6.88 -15.94 9.05
CA GLU A 6 -7.41 -14.61 8.72
C GLU A 6 -6.62 -13.45 9.37
N GLU A 7 -5.81 -13.77 10.40
CA GLU A 7 -5.02 -12.75 11.11
C GLU A 7 -3.71 -12.41 10.37
N GLN A 8 -3.08 -13.45 9.80
CA GLN A 8 -1.83 -13.28 9.06
C GLN A 8 -2.09 -12.94 7.58
N ILE A 9 -3.29 -13.25 7.12
CA ILE A 9 -3.71 -13.00 5.74
C ILE A 9 -4.22 -11.55 5.56
N ALA A 10 -4.87 -11.01 6.61
CA ALA A 10 -5.41 -9.63 6.56
C ALA A 10 -4.34 -8.57 6.30
N GLU A 11 -3.09 -8.89 6.64
CA GLU A 11 -1.96 -7.98 6.40
C GLU A 11 -1.44 -8.16 4.96
N PHE A 12 -1.61 -9.39 4.42
CA PHE A 12 -1.21 -9.72 3.05
C PHE A 12 -2.34 -9.37 2.08
N LYS A 13 -3.58 -9.38 2.62
CA LYS A 13 -4.79 -9.03 1.87
C LYS A 13 -5.01 -7.51 1.90
N GLU A 14 -4.50 -6.86 2.97
CA GLU A 14 -4.58 -5.39 3.14
C GLU A 14 -4.07 -4.63 1.91
N ALA A 15 -3.10 -5.24 1.19
CA ALA A 15 -2.53 -4.65 -0.03
C ALA A 15 -3.38 -5.00 -1.24
N PHE A 16 -4.07 -6.15 -1.17
CA PHE A 16 -4.95 -6.63 -2.24
C PHE A 16 -6.34 -5.97 -2.18
N SER A 17 -6.72 -5.49 -0.99
CA SER A 17 -8.02 -4.83 -0.78
C SER A 17 -8.12 -3.49 -1.54
N LEU A 18 -6.96 -2.93 -1.89
CA LEU A 18 -6.90 -1.66 -2.61
C LEU A 18 -7.04 -1.84 -4.13
N PHE A 19 -6.10 -2.59 -4.74
CA PHE A 19 -6.11 -2.83 -6.20
C PHE A 19 -7.34 -3.62 -6.67
N ASP A 20 -8.00 -4.32 -5.74
CA ASP A 20 -9.20 -5.10 -6.05
C ASP A 20 -10.43 -4.44 -5.43
N LYS A 21 -11.45 -4.19 -6.28
CA LYS A 21 -12.69 -3.55 -5.84
C LYS A 21 -13.62 -4.51 -5.09
N ASP A 22 -13.60 -5.78 -5.47
CA ASP A 22 -14.45 -6.79 -4.85
C ASP A 22 -13.63 -7.97 -4.29
N GLY A 23 -12.34 -8.05 -4.65
CA GLY A 23 -11.47 -9.12 -4.19
C GLY A 23 -11.81 -10.46 -4.80
N ASP A 24 -11.78 -10.54 -6.14
CA ASP A 24 -12.10 -11.77 -6.87
C ASP A 24 -10.86 -12.67 -7.07
N GLY A 25 -9.68 -12.15 -6.71
CA GLY A 25 -8.45 -12.91 -6.86
C GLY A 25 -7.57 -12.41 -7.98
N THR A 26 -8.13 -11.57 -8.85
CA THR A 26 -7.41 -11.01 -9.98
C THR A 26 -7.62 -9.50 -10.04
N ILE A 27 -6.53 -8.75 -10.25
CA ILE A 27 -6.59 -7.30 -10.31
C ILE A 27 -6.16 -6.78 -11.68
N THR A 28 -6.79 -5.66 -12.09
CA THR A 28 -6.51 -5.03 -13.38
C THR A 28 -5.32 -4.11 -13.30
N THR A 29 -4.57 -4.02 -14.41
CA THR A 29 -3.39 -3.15 -14.51
C THR A 29 -3.81 -1.67 -14.40
N LYS A 30 -5.12 -1.43 -14.58
CA LYS A 30 -5.71 -0.07 -14.53
C LYS A 30 -5.93 0.42 -13.10
N GLU A 31 -5.97 -0.51 -12.13
CA GLU A 31 -6.16 -0.19 -10.72
C GLU A 31 -4.87 0.33 -10.09
N LEU A 32 -3.73 -0.11 -10.64
CA LEU A 32 -2.39 0.32 -10.19
C LEU A 32 -2.27 1.85 -10.22
N GLY A 33 -2.80 2.45 -11.31
CA GLY A 33 -2.79 3.91 -11.49
C GLY A 33 -3.69 4.61 -10.53
N THR A 34 -4.58 3.83 -9.97
CA THR A 34 -5.53 4.30 -8.98
C THR A 34 -4.83 4.39 -7.60
N VAL A 35 -3.85 3.49 -7.40
CA VAL A 35 -3.03 3.46 -6.17
C VAL A 35 -1.85 4.45 -6.33
N MET A 36 -1.33 4.54 -7.57
CA MET A 36 -0.25 5.47 -7.93
C MET A 36 -0.78 6.89 -7.93
N ARG A 37 -2.03 7.03 -8.41
CA ARG A 37 -2.72 8.35 -8.35
C ARG A 37 -2.93 8.75 -6.86
N SER A 38 -2.85 7.73 -5.97
CA SER A 38 -2.98 7.93 -4.51
C SER A 38 -1.61 8.14 -3.90
N LEU A 39 -0.59 7.55 -4.54
CA LEU A 39 0.81 7.72 -4.13
C LEU A 39 1.22 9.15 -4.51
N GLY A 40 0.47 9.69 -5.49
CA GLY A 40 0.71 11.03 -5.98
C GLY A 40 1.41 10.99 -7.32
N GLN A 41 1.92 9.79 -7.67
CA GLN A 41 2.59 9.58 -8.94
C GLN A 41 1.99 8.40 -9.67
N ASN A 42 1.58 8.65 -10.92
CA ASN A 42 0.97 7.63 -11.76
C ASN A 42 1.55 7.65 -13.19
N PRO A 43 2.18 6.52 -13.64
CA PRO A 43 2.78 6.41 -14.98
C PRO A 43 1.74 6.21 -16.10
N THR A 44 2.21 6.19 -17.36
CA THR A 44 1.36 6.03 -18.55
C THR A 44 0.67 4.64 -18.57
N GLU A 45 -0.23 4.44 -19.56
CA GLU A 45 -1.00 3.20 -19.71
C GLU A 45 -0.13 1.94 -19.84
N ALA A 46 0.90 2.01 -20.70
CA ALA A 46 1.80 0.86 -20.90
C ALA A 46 2.89 0.78 -19.84
N GLU A 47 3.18 1.89 -19.17
CA GLU A 47 4.19 1.92 -18.12
C GLU A 47 3.68 1.32 -16.82
N LEU A 48 2.37 1.28 -16.72
CA LEU A 48 1.68 0.68 -15.56
C LEU A 48 1.48 -0.82 -15.77
N GLN A 49 1.35 -1.25 -17.05
CA GLN A 49 1.17 -2.68 -17.39
C GLN A 49 2.49 -3.44 -17.23
N ASP A 50 3.55 -2.67 -17.14
CA ASP A 50 4.92 -3.19 -16.98
C ASP A 50 5.14 -3.77 -15.57
N MET A 51 4.28 -3.34 -14.62
CA MET A 51 4.35 -3.81 -13.23
C MET A 51 3.86 -5.26 -13.09
N ILE A 52 2.95 -5.66 -14.00
CA ILE A 52 2.40 -7.02 -14.02
C ILE A 52 3.36 -7.99 -14.74
N ASN A 53 4.18 -7.42 -15.65
CA ASN A 53 5.16 -8.19 -16.42
C ASN A 53 6.32 -8.71 -15.55
N GLU A 54 6.51 -8.11 -14.37
CA GLU A 54 7.57 -8.49 -13.41
C GLU A 54 7.62 -9.99 -13.12
N VAL A 55 6.48 -10.67 -13.32
CA VAL A 55 6.40 -12.13 -13.11
C VAL A 55 5.74 -12.81 -14.33
N ASP A 56 4.82 -12.08 -15.01
CA ASP A 56 4.09 -12.56 -16.21
C ASP A 56 3.55 -13.98 -16.04
N ALA A 57 2.52 -14.10 -15.20
CA ALA A 57 1.86 -15.37 -14.94
C ALA A 57 0.95 -15.75 -16.11
N ASP A 58 0.17 -14.77 -16.59
CA ASP A 58 -0.73 -14.98 -17.70
C ASP A 58 -0.39 -14.09 -18.90
N GLY A 59 0.53 -13.15 -18.67
CA GLY A 59 0.97 -12.20 -19.69
C GLY A 59 -0.16 -11.41 -20.35
N ASN A 60 -1.23 -11.15 -19.59
CA ASN A 60 -2.40 -10.40 -20.09
C ASN A 60 -2.64 -9.10 -19.32
N GLY A 61 -1.81 -8.85 -18.30
CA GLY A 61 -1.96 -7.65 -17.49
C GLY A 61 -2.66 -7.93 -16.17
N THR A 62 -3.29 -9.11 -16.09
CA THR A 62 -3.99 -9.55 -14.88
C THR A 62 -3.06 -10.42 -14.03
N ILE A 63 -3.21 -10.33 -12.71
CA ILE A 63 -2.35 -11.08 -11.80
C ILE A 63 -3.16 -11.69 -10.63
N ASP A 64 -2.69 -12.85 -10.15
CA ASP A 64 -3.32 -13.58 -9.04
C ASP A 64 -2.83 -13.03 -7.69
N PHE A 65 -3.07 -13.79 -6.59
CA PHE A 65 -2.67 -13.37 -5.25
C PHE A 65 -1.17 -13.64 -4.95
N PRO A 66 -0.65 -14.90 -5.11
CA PRO A 66 0.77 -15.21 -4.81
C PRO A 66 1.76 -14.76 -5.89
N GLU A 67 1.24 -14.33 -7.05
CA GLU A 67 2.07 -13.94 -8.19
C GLU A 67 2.66 -12.52 -8.14
N PHE A 68 1.94 -11.53 -7.56
CA PHE A 68 2.47 -10.15 -7.54
C PHE A 68 3.44 -9.91 -6.38
N LEU A 69 3.10 -10.43 -5.19
CA LEU A 69 3.91 -10.26 -3.98
C LEU A 69 5.26 -10.98 -4.05
N THR A 70 5.39 -11.99 -4.93
CA THR A 70 6.63 -12.77 -5.07
C THR A 70 7.75 -12.00 -5.78
N MET A 71 7.50 -11.51 -7.00
CA MET A 71 8.50 -10.75 -7.76
C MET A 71 8.69 -9.35 -7.21
N MET A 72 7.77 -8.97 -6.34
CA MET A 72 7.78 -7.65 -5.69
C MET A 72 8.44 -7.72 -4.31
N ALA A 73 8.62 -8.94 -3.78
CA ALA A 73 9.27 -9.13 -2.48
C ALA A 73 10.78 -9.21 -2.61
N ARG A 74 11.20 -9.41 -3.85
CA ARG A 74 12.62 -9.54 -4.20
C ARG A 74 13.22 -8.20 -4.63
N LYS A 75 12.35 -7.21 -4.76
CA LYS A 75 12.74 -5.87 -5.22
C LYS A 75 13.05 -4.92 -4.04
N MET A 76 13.10 -5.45 -2.82
CA MET A 76 13.40 -4.66 -1.62
C MET A 76 14.87 -4.26 -1.54
N LYS A 77 15.74 -5.06 -2.18
CA LYS A 77 17.17 -4.81 -2.22
C LYS A 77 17.60 -4.06 -3.48
N ASP A 78 16.84 -4.24 -4.58
CA ASP A 78 17.16 -3.59 -5.86
C ASP A 78 16.49 -2.20 -5.99
N THR A 79 16.31 -1.53 -4.84
CA THR A 79 15.70 -0.19 -4.81
C THR A 79 16.25 0.66 -3.66
N ASP A 80 16.58 -0.01 -2.53
CA ASP A 80 17.11 0.62 -1.30
C ASP A 80 15.96 1.19 -0.48
N SER A 81 15.70 0.57 0.67
CA SER A 81 14.61 0.99 1.56
C SER A 81 14.95 2.25 2.36
N GLU A 82 16.21 2.71 2.23
CA GLU A 82 16.66 3.93 2.91
C GLU A 82 16.12 5.15 2.19
N GLU A 83 16.14 5.06 0.86
CA GLU A 83 15.59 6.12 0.03
C GLU A 83 14.07 6.12 0.13
N GLU A 84 13.58 4.97 0.57
CA GLU A 84 12.15 4.72 0.78
C GLU A 84 11.66 5.19 2.14
N ILE A 85 12.60 5.29 3.08
CA ILE A 85 12.29 5.71 4.47
C ILE A 85 11.56 7.06 4.47
N ARG A 86 11.98 7.93 3.54
CA ARG A 86 11.39 9.26 3.39
C ARG A 86 10.12 9.25 2.53
N GLU A 87 10.10 8.36 1.52
CA GLU A 87 8.98 8.24 0.58
C GLU A 87 7.62 8.14 1.28
N ALA A 88 7.50 7.18 2.22
CA ALA A 88 6.26 6.98 3.00
C ALA A 88 5.72 8.29 3.58
N PHE A 89 6.66 9.14 4.05
CA PHE A 89 6.32 10.45 4.62
C PHE A 89 6.14 11.50 3.52
N ARG A 90 6.82 11.30 2.40
CA ARG A 90 6.78 12.23 1.26
C ARG A 90 5.55 12.00 0.35
N VAL A 91 4.95 10.84 0.48
CA VAL A 91 3.79 10.44 -0.33
C VAL A 91 2.47 10.90 0.30
N PHE A 92 2.21 10.41 1.51
CA PHE A 92 0.98 10.70 2.25
C PHE A 92 0.87 12.15 2.74
N ASP A 93 2.02 12.82 2.90
CA ASP A 93 2.06 14.21 3.38
C ASP A 93 1.85 15.21 2.24
N LYS A 94 0.67 15.87 2.24
CA LYS A 94 0.32 16.86 1.22
C LYS A 94 1.01 18.20 1.46
N ASP A 95 1.06 18.64 2.74
CA ASP A 95 1.68 19.93 3.09
C ASP A 95 2.92 19.74 3.97
N GLY A 96 3.14 18.52 4.48
CA GLY A 96 4.30 18.25 5.34
C GLY A 96 4.19 18.82 6.74
N ASN A 97 3.02 18.65 7.36
CA ASN A 97 2.78 19.15 8.73
C ASN A 97 3.19 18.13 9.80
N GLY A 98 3.43 16.88 9.37
CA GLY A 98 3.82 15.82 10.30
C GLY A 98 2.70 14.83 10.57
N TYR A 99 1.49 15.20 10.19
CA TYR A 99 0.29 14.37 10.37
C TYR A 99 -0.55 14.42 9.10
N ILE A 100 -0.95 13.23 8.61
CA ILE A 100 -1.76 13.13 7.40
C ILE A 100 -3.23 12.92 7.75
N SER A 101 -4.02 13.95 7.46
CA SER A 101 -5.47 13.99 7.74
C SER A 101 -6.22 12.79 7.15
N ALA A 102 -7.36 12.46 7.79
CA ALA A 102 -8.23 11.35 7.39
C ALA A 102 -9.04 11.68 6.13
N ALA A 103 -9.16 12.98 5.82
CA ALA A 103 -9.91 13.46 4.64
C ALA A 103 -9.20 13.09 3.34
N GLU A 104 -7.87 13.22 3.33
CA GLU A 104 -7.05 12.90 2.15
C GLU A 104 -6.72 11.41 2.11
N LEU A 105 -6.68 10.78 3.29
CA LEU A 105 -6.38 9.35 3.39
C LEU A 105 -7.57 8.50 2.93
N ARG A 106 -8.79 9.09 2.96
CA ARG A 106 -10.01 8.39 2.54
C ARG A 106 -9.98 8.02 1.06
N HIS A 107 -9.45 8.93 0.29
CA HIS A 107 -9.31 8.79 -1.17
C HIS A 107 -8.51 7.54 -1.52
N VAL A 108 -7.69 7.09 -0.57
CA VAL A 108 -6.83 5.91 -0.71
C VAL A 108 -7.66 4.64 -0.93
N MET A 109 -8.49 4.30 0.05
CA MET A 109 -9.34 3.12 -0.01
C MET A 109 -10.63 3.38 -0.81
N THR A 110 -10.98 4.66 -0.96
CA THR A 110 -12.19 5.09 -1.66
C THR A 110 -12.05 5.16 -3.19
N ASN A 111 -10.91 5.66 -3.69
CA ASN A 111 -10.69 5.82 -5.14
C ASN A 111 -10.72 4.52 -5.95
N LEU A 112 -10.71 3.38 -5.25
CA LEU A 112 -10.74 2.07 -5.91
C LEU A 112 -12.11 1.41 -5.80
N GLY A 113 -13.06 2.10 -5.14
CA GLY A 113 -14.41 1.57 -4.95
C GLY A 113 -14.41 0.44 -3.93
N GLU A 114 -13.86 0.73 -2.76
CA GLU A 114 -13.74 -0.25 -1.69
C GLU A 114 -14.91 -0.19 -0.70
N LYS A 115 -14.91 -1.12 0.26
CA LYS A 115 -15.93 -1.21 1.32
C LYS A 115 -15.80 0.01 2.26
N LEU A 116 -15.89 -0.20 3.59
CA LEU A 116 -15.79 0.89 4.58
C LEU A 116 -14.64 1.87 4.25
N THR A 117 -14.96 3.15 4.31
CA THR A 117 -14.03 4.25 3.99
C THR A 117 -12.99 4.48 5.08
N ASP A 118 -12.22 5.59 4.95
CA ASP A 118 -11.19 6.00 5.91
C ASP A 118 -11.67 5.77 7.36
N GLU A 119 -13.00 5.58 7.50
CA GLU A 119 -13.65 5.37 8.81
C GLU A 119 -13.14 4.08 9.49
N GLU A 120 -12.66 3.13 8.68
CA GLU A 120 -12.14 1.85 9.18
C GLU A 120 -10.64 1.92 9.48
N VAL A 121 -9.91 2.79 8.75
CA VAL A 121 -8.45 2.93 8.92
C VAL A 121 -8.08 3.69 10.19
N ASP A 122 -8.90 4.68 10.55
CA ASP A 122 -8.71 5.50 11.76
C ASP A 122 -8.52 4.67 13.03
N GLU A 123 -8.93 3.39 12.98
CA GLU A 123 -8.71 2.47 14.09
C GLU A 123 -7.21 2.18 14.19
N MET A 124 -6.52 2.49 13.08
CA MET A 124 -5.08 2.33 12.94
C MET A 124 -4.31 3.49 13.55
N ILE A 125 -4.89 4.70 13.46
CA ILE A 125 -4.27 5.92 14.00
C ILE A 125 -4.03 5.81 15.53
N ARG A 126 -4.84 4.98 16.20
CA ARG A 126 -4.72 4.79 17.64
C ARG A 126 -3.66 3.76 18.02
N GLU A 127 -3.45 2.81 17.13
CA GLU A 127 -2.48 1.72 17.33
C GLU A 127 -1.08 2.05 16.78
N ALA A 128 -1.04 2.77 15.66
CA ALA A 128 0.20 3.13 15.00
C ALA A 128 0.68 4.52 15.41
N ASP A 129 -0.27 5.45 15.56
CA ASP A 129 0.06 6.80 15.96
C ASP A 129 -0.16 7.01 17.45
N ILE A 130 0.93 6.88 18.21
CA ILE A 130 0.94 7.05 19.66
C ILE A 130 1.06 8.54 20.05
N ASP A 131 1.39 9.41 19.07
CA ASP A 131 1.54 10.86 19.32
C ASP A 131 0.17 11.56 19.43
N GLY A 132 -0.90 10.83 19.04
CA GLY A 132 -2.28 11.32 19.11
C GLY A 132 -2.54 12.72 18.55
N ASP A 133 -2.18 12.97 17.28
CA ASP A 133 -2.45 14.27 16.66
C ASP A 133 -3.69 14.15 15.76
N GLY A 134 -4.39 13.01 15.90
CA GLY A 134 -5.58 12.71 15.10
C GLY A 134 -5.22 12.07 13.76
N GLN A 135 -3.93 12.22 13.41
CA GLN A 135 -3.36 11.69 12.17
C GLN A 135 -1.97 11.11 12.48
N VAL A 136 -1.31 10.50 11.49
CA VAL A 136 0.01 9.86 11.72
C VAL A 136 1.15 10.88 11.77
N ASN A 137 1.90 10.83 12.88
CA ASN A 137 3.03 11.73 13.12
C ASN A 137 4.35 11.12 12.62
N TYR A 138 5.49 11.70 13.05
CA TYR A 138 6.81 11.21 12.66
C TYR A 138 7.20 9.97 13.48
N GLU A 139 6.51 9.83 14.62
CA GLU A 139 6.69 8.71 15.54
C GLU A 139 6.14 7.39 14.98
N GLU A 140 5.19 7.50 14.02
CA GLU A 140 4.57 6.33 13.37
C GLU A 140 5.55 5.62 12.43
N PHE A 141 6.27 6.41 11.60
CA PHE A 141 7.24 5.89 10.63
C PHE A 141 8.44 5.18 11.31
N VAL A 142 9.21 5.97 12.07
CA VAL A 142 10.43 5.51 12.80
C VAL A 142 10.32 4.10 13.43
N GLN A 143 9.21 3.86 14.12
CA GLN A 143 8.96 2.58 14.79
C GLN A 143 8.43 1.49 13.83
N MET A 144 7.57 1.89 12.88
CA MET A 144 6.95 0.95 11.94
C MET A 144 7.79 0.60 10.70
N MET A 145 8.20 1.60 9.90
CA MET A 145 8.97 1.36 8.66
C MET A 145 10.45 1.01 8.91
N THR A 146 11.02 1.48 10.04
CA THR A 146 12.42 1.20 10.36
C THR A 146 12.56 -0.13 11.11
N ALA A 147 11.59 -0.41 11.98
CA ALA A 147 11.60 -1.66 12.76
C ALA A 147 10.56 -2.64 12.22
N LYS A 148 10.92 -3.32 11.13
CA LYS A 148 10.05 -4.31 10.48
C LYS A 148 10.34 -5.72 11.00
N LYS B 1 1.22 -1.58 12.69
CA LYS B 1 2.03 -2.79 12.38
C LYS B 1 1.13 -3.96 11.97
N LYS B 2 1.04 -4.20 10.63
CA LYS B 2 0.23 -5.30 10.05
C LYS B 2 -1.25 -4.91 10.02
N THR B 3 -1.45 -3.59 10.09
CA THR B 3 -2.76 -2.97 10.09
C THR B 3 -2.70 -1.66 9.29
N PHE B 4 -1.60 -0.94 9.44
CA PHE B 4 -1.36 0.32 8.75
C PHE B 4 0.06 0.38 8.15
N LYS B 5 0.90 -0.61 8.50
CA LYS B 5 2.26 -0.71 8.00
C LYS B 5 2.28 -1.40 6.63
N GLU B 6 1.35 -2.34 6.44
CA GLU B 6 1.20 -3.07 5.18
C GLU B 6 0.51 -2.21 4.12
N VAL B 7 -0.38 -1.32 4.57
CA VAL B 7 -1.07 -0.38 3.68
C VAL B 7 -0.06 0.70 3.20
N ALA B 8 0.89 1.04 4.10
CA ALA B 8 1.96 2.00 3.82
C ALA B 8 3.05 1.36 2.95
N ASN B 9 3.34 0.08 3.24
CA ASN B 9 4.35 -0.70 2.50
C ASN B 9 3.84 -1.07 1.10
N ALA B 10 2.51 -1.23 0.97
CA ALA B 10 1.86 -1.58 -0.29
C ALA B 10 2.04 -0.48 -1.35
N VAL B 11 1.99 0.79 -0.91
CA VAL B 11 2.17 1.94 -1.80
C VAL B 11 3.65 2.06 -2.23
N LYS B 12 4.55 1.73 -1.30
CA LYS B 12 6.01 1.79 -1.51
C LYS B 12 6.55 0.60 -2.34
N ILE B 13 5.82 -0.52 -2.33
CA ILE B 13 6.28 -1.73 -3.01
C ILE B 13 5.45 -2.06 -4.28
N SER B 14 4.16 -1.74 -4.25
CA SER B 14 3.27 -2.05 -5.38
C SER B 14 2.85 -0.80 -6.16
N ALA B 15 3.38 0.37 -5.78
CA ALA B 15 3.05 1.64 -6.46
C ALA B 15 4.26 2.55 -6.67
N SER B 16 5.35 2.29 -5.94
CA SER B 16 6.57 3.10 -6.04
C SER B 16 7.56 2.54 -7.09
N LEU B 17 7.00 1.88 -8.12
CA LEU B 17 7.81 1.29 -9.20
C LEU B 17 7.94 2.26 -10.36
N ALA A 1 10.73 -22.33 8.61
CA ALA A 1 9.27 -22.65 8.52
C ALA A 1 8.43 -21.39 8.66
N ASP A 2 7.38 -21.28 7.85
CA ASP A 2 6.47 -20.14 7.86
C ASP A 2 5.02 -20.60 7.97
N GLN A 3 4.23 -19.89 8.78
CA GLN A 3 2.83 -20.20 8.97
C GLN A 3 1.96 -18.96 8.75
N LEU A 4 0.81 -19.16 8.09
CA LEU A 4 -0.12 -18.07 7.80
C LEU A 4 -1.53 -18.43 8.21
N THR A 5 -2.06 -17.61 9.12
CA THR A 5 -3.40 -17.77 9.65
C THR A 5 -4.20 -16.49 9.37
N GLU A 6 -5.45 -16.43 9.86
CA GLU A 6 -6.35 -15.27 9.69
C GLU A 6 -5.69 -13.92 10.04
N GLU A 7 -4.56 -13.98 10.79
CA GLU A 7 -3.84 -12.77 11.21
C GLU A 7 -2.85 -12.30 10.14
N GLN A 8 -2.21 -13.28 9.49
CA GLN A 8 -1.23 -13.02 8.42
C GLN A 8 -1.89 -12.81 7.06
N ILE A 9 -3.13 -13.27 6.93
CA ILE A 9 -3.90 -13.16 5.69
C ILE A 9 -4.56 -11.79 5.53
N ALA A 10 -4.99 -11.18 6.66
CA ALA A 10 -5.62 -9.84 6.62
C ALA A 10 -4.61 -8.75 6.31
N GLU A 11 -3.34 -9.01 6.64
CA GLU A 11 -2.25 -8.07 6.36
C GLU A 11 -1.75 -8.28 4.91
N PHE A 12 -1.98 -9.50 4.40
CA PHE A 12 -1.61 -9.88 3.04
C PHE A 12 -2.75 -9.49 2.07
N LYS A 13 -3.99 -9.51 2.60
CA LYS A 13 -5.19 -9.14 1.84
C LYS A 13 -5.43 -7.63 1.90
N GLU A 14 -4.91 -6.99 2.97
CA GLU A 14 -5.01 -5.52 3.16
C GLU A 14 -4.55 -4.73 1.93
N ALA A 15 -3.56 -5.28 1.21
CA ALA A 15 -3.04 -4.67 -0.02
C ALA A 15 -3.90 -5.08 -1.23
N PHE A 16 -4.61 -6.20 -1.07
CA PHE A 16 -5.50 -6.76 -2.09
C PHE A 16 -6.86 -6.05 -2.08
N SER A 17 -7.24 -5.47 -0.94
CA SER A 17 -8.52 -4.77 -0.77
C SER A 17 -8.59 -3.45 -1.55
N LEU A 18 -7.43 -2.88 -1.93
CA LEU A 18 -7.39 -1.61 -2.65
C LEU A 18 -7.62 -1.76 -4.17
N PHE A 19 -6.74 -2.49 -4.86
CA PHE A 19 -6.85 -2.67 -6.33
C PHE A 19 -7.97 -3.66 -6.74
N ASP A 20 -8.69 -4.20 -5.76
CA ASP A 20 -9.80 -5.13 -6.03
C ASP A 20 -11.14 -4.50 -5.68
N LYS A 21 -12.06 -4.51 -6.65
CA LYS A 21 -13.40 -3.94 -6.48
C LYS A 21 -14.32 -4.85 -5.66
N ASP A 22 -14.35 -6.12 -6.03
CA ASP A 22 -15.20 -7.10 -5.36
C ASP A 22 -14.37 -8.29 -4.83
N GLY A 23 -13.10 -8.39 -5.26
CA GLY A 23 -12.23 -9.49 -4.82
C GLY A 23 -12.46 -10.77 -5.60
N ASP A 24 -12.34 -10.67 -6.93
CA ASP A 24 -12.55 -11.83 -7.83
C ASP A 24 -11.29 -12.71 -7.92
N GLY A 25 -10.13 -12.15 -7.56
CA GLY A 25 -8.88 -12.89 -7.61
C GLY A 25 -7.97 -12.44 -8.74
N THR A 26 -8.52 -11.66 -9.67
CA THR A 26 -7.76 -11.16 -10.82
C THR A 26 -8.15 -9.71 -11.13
N ILE A 27 -7.15 -8.87 -11.38
CA ILE A 27 -7.37 -7.46 -11.68
C ILE A 27 -6.66 -7.03 -12.97
N THR A 28 -7.29 -6.09 -13.70
CA THR A 28 -6.75 -5.57 -14.96
C THR A 28 -5.59 -4.61 -14.73
N THR A 29 -4.75 -4.48 -15.77
CA THR A 29 -3.59 -3.57 -15.74
C THR A 29 -4.03 -2.12 -15.45
N LYS A 30 -5.35 -1.90 -15.59
CA LYS A 30 -5.97 -0.57 -15.38
C LYS A 30 -6.19 -0.27 -13.88
N GLU A 31 -6.19 -1.31 -13.05
CA GLU A 31 -6.38 -1.18 -11.60
C GLU A 31 -5.16 -0.55 -10.93
N LEU A 32 -3.98 -0.79 -11.52
CA LEU A 32 -2.71 -0.22 -11.05
C LEU A 32 -2.80 1.31 -10.99
N GLY A 33 -3.43 1.91 -12.02
CA GLY A 33 -3.62 3.36 -12.07
C GLY A 33 -4.61 3.83 -11.07
N THR A 34 -5.38 2.88 -10.60
CA THR A 34 -6.40 3.09 -9.60
C THR A 34 -5.74 3.18 -8.20
N VAL A 35 -4.68 2.37 -7.99
CA VAL A 35 -3.90 2.39 -6.73
C VAL A 35 -2.82 3.47 -6.81
N MET A 36 -2.35 3.73 -8.03
CA MET A 36 -1.34 4.77 -8.32
C MET A 36 -1.98 6.14 -8.22
N ARG A 37 -3.21 6.28 -8.74
CA ARG A 37 -3.95 7.55 -8.58
C ARG A 37 -4.21 7.86 -7.09
N SER A 38 -4.12 6.80 -6.25
CA SER A 38 -4.30 6.90 -4.78
C SER A 38 -2.96 7.10 -4.12
N LEU A 39 -1.93 6.53 -4.75
CA LEU A 39 -0.56 6.67 -4.30
C LEU A 39 -0.06 8.07 -4.64
N GLY A 40 -0.80 8.72 -5.57
CA GLY A 40 -0.48 10.06 -6.00
C GLY A 40 0.38 10.03 -7.25
N GLN A 41 1.07 8.91 -7.45
CA GLN A 41 1.90 8.71 -8.63
C GLN A 41 1.17 7.83 -9.60
N ASN A 42 1.05 8.30 -10.85
CA ASN A 42 0.34 7.56 -11.89
C ASN A 42 1.08 7.60 -13.24
N PRO A 43 1.61 6.43 -13.70
CA PRO A 43 2.34 6.31 -14.98
C PRO A 43 1.40 6.22 -16.20
N THR A 44 1.99 6.22 -17.41
CA THR A 44 1.25 6.15 -18.68
C THR A 44 0.51 4.81 -18.83
N GLU A 45 -0.28 4.68 -19.91
CA GLU A 45 -1.06 3.47 -20.19
C GLU A 45 -0.20 2.21 -20.34
N ALA A 46 0.88 2.30 -21.12
CA ALA A 46 1.78 1.16 -21.33
C ALA A 46 2.80 0.99 -20.19
N GLU A 47 3.08 2.08 -19.46
CA GLU A 47 4.06 2.02 -18.36
C GLU A 47 3.52 1.25 -17.16
N LEU A 48 2.21 1.14 -17.12
CA LEU A 48 1.51 0.39 -16.06
C LEU A 48 1.40 -1.10 -16.43
N GLN A 49 1.31 -1.40 -17.75
CA GLN A 49 1.22 -2.79 -18.24
C GLN A 49 2.55 -3.52 -18.08
N ASP A 50 3.58 -2.73 -17.87
CA ASP A 50 4.95 -3.22 -17.68
C ASP A 50 5.15 -3.76 -16.26
N MET A 51 4.26 -3.35 -15.34
CA MET A 51 4.32 -3.76 -13.93
C MET A 51 3.88 -5.22 -13.74
N ILE A 52 2.99 -5.70 -14.64
CA ILE A 52 2.50 -7.10 -14.58
C ILE A 52 3.56 -8.06 -15.17
N ASN A 53 4.39 -7.52 -16.08
CA ASN A 53 5.46 -8.29 -16.73
C ASN A 53 6.59 -8.64 -15.75
N GLU A 54 6.66 -7.89 -14.64
CA GLU A 54 7.67 -8.10 -13.58
C GLU A 54 7.65 -9.54 -13.04
N VAL A 55 6.51 -10.22 -13.20
CA VAL A 55 6.34 -11.61 -12.75
C VAL A 55 5.90 -12.49 -13.94
N ASP A 56 5.12 -11.88 -14.88
CA ASP A 56 4.61 -12.56 -16.10
C ASP A 56 4.36 -14.07 -15.91
N ALA A 57 3.34 -14.38 -15.11
CA ALA A 57 2.96 -15.77 -14.85
C ALA A 57 2.15 -16.34 -16.00
N ASP A 58 1.25 -15.51 -16.57
CA ASP A 58 0.42 -15.92 -17.68
C ASP A 58 0.69 -15.09 -18.93
N GLY A 59 1.45 -14.02 -18.73
CA GLY A 59 1.80 -13.08 -19.81
C GLY A 59 0.59 -12.49 -20.53
N ASN A 60 -0.52 -12.34 -19.79
CA ASN A 60 -1.76 -11.79 -20.34
C ASN A 60 -2.06 -10.38 -19.83
N GLY A 61 -1.39 -9.98 -18.75
CA GLY A 61 -1.62 -8.66 -18.17
C GLY A 61 -2.43 -8.73 -16.89
N THR A 62 -3.06 -9.91 -16.68
CA THR A 62 -3.87 -10.17 -15.49
C THR A 62 -3.00 -10.70 -14.35
N ILE A 63 -3.22 -10.19 -13.15
CA ILE A 63 -2.44 -10.60 -11.99
C ILE A 63 -3.33 -11.23 -10.89
N ASP A 64 -2.76 -12.20 -10.18
CA ASP A 64 -3.46 -12.91 -9.10
C ASP A 64 -2.87 -12.54 -7.73
N PHE A 65 -3.19 -13.33 -6.68
CA PHE A 65 -2.71 -13.09 -5.32
C PHE A 65 -1.20 -13.39 -5.14
N PRO A 66 -0.68 -14.62 -5.49
CA PRO A 66 0.74 -14.96 -5.31
C PRO A 66 1.67 -14.37 -6.38
N GLU A 67 1.08 -13.79 -7.44
CA GLU A 67 1.86 -13.24 -8.56
C GLU A 67 2.55 -11.89 -8.28
N PHE A 68 1.86 -10.92 -7.66
CA PHE A 68 2.46 -9.60 -7.40
C PHE A 68 3.33 -9.60 -6.13
N LEU A 69 2.84 -10.27 -5.07
CA LEU A 69 3.54 -10.36 -3.78
C LEU A 69 4.91 -11.05 -3.89
N THR A 70 5.10 -11.84 -4.96
CA THR A 70 6.36 -12.56 -5.19
C THR A 70 7.46 -11.66 -5.73
N MET A 71 7.15 -10.90 -6.80
CA MET A 71 8.13 -9.98 -7.41
C MET A 71 8.33 -8.73 -6.55
N MET A 72 7.43 -8.58 -5.60
CA MET A 72 7.42 -7.45 -4.66
C MET A 72 8.13 -7.79 -3.35
N ALA A 73 8.13 -9.08 -2.97
CA ALA A 73 8.75 -9.52 -1.72
C ALA A 73 10.26 -9.67 -1.83
N ARG A 74 10.71 -9.84 -3.05
CA ARG A 74 12.14 -9.99 -3.36
C ARG A 74 12.80 -8.67 -3.71
N LYS A 75 11.97 -7.70 -3.99
CA LYS A 75 12.41 -6.35 -4.39
C LYS A 75 12.45 -5.37 -3.21
N MET A 76 12.10 -5.84 -2.01
CA MET A 76 12.12 -5.01 -0.81
C MET A 76 13.56 -4.80 -0.32
N LYS A 77 14.32 -5.90 -0.29
CA LYS A 77 15.72 -5.87 0.14
C LYS A 77 16.69 -5.78 -1.05
N ASP A 78 16.16 -5.90 -2.29
CA ASP A 78 17.00 -5.85 -3.49
C ASP A 78 17.11 -4.43 -4.07
N THR A 79 16.91 -3.43 -3.21
CA THR A 79 16.98 -2.02 -3.61
C THR A 79 17.47 -1.13 -2.46
N ASP A 80 16.54 -0.43 -1.80
CA ASP A 80 16.84 0.47 -0.67
C ASP A 80 15.52 1.02 -0.11
N SER A 81 15.14 0.50 1.06
CA SER A 81 13.89 0.92 1.72
C SER A 81 14.06 2.16 2.59
N GLU A 82 15.30 2.63 2.73
CA GLU A 82 15.58 3.85 3.52
C GLU A 82 15.06 5.07 2.81
N GLU A 83 15.24 5.08 1.49
CA GLU A 83 14.72 6.15 0.65
C GLU A 83 13.20 6.07 0.59
N GLU A 84 12.72 4.88 0.95
CA GLU A 84 11.29 4.57 0.99
C GLU A 84 10.64 5.02 2.28
N ILE A 85 11.44 5.10 3.32
CA ILE A 85 10.96 5.51 4.66
C ILE A 85 10.48 6.97 4.60
N ARG A 86 11.16 7.78 3.78
CA ARG A 86 10.83 9.20 3.61
C ARG A 86 9.71 9.42 2.60
N GLU A 87 9.69 8.57 1.55
CA GLU A 87 8.69 8.66 0.47
C GLU A 87 7.26 8.59 0.98
N ALA A 88 6.97 7.57 1.81
CA ALA A 88 5.63 7.38 2.41
C ALA A 88 5.21 8.62 3.22
N PHE A 89 6.22 9.35 3.72
CA PHE A 89 6.00 10.59 4.48
C PHE A 89 5.80 11.75 3.52
N ARG A 90 6.40 11.65 2.33
CA ARG A 90 6.31 12.67 1.28
C ARG A 90 5.03 12.55 0.45
N VAL A 91 4.39 11.39 0.54
CA VAL A 91 3.17 11.09 -0.21
C VAL A 91 1.91 11.53 0.57
N PHE A 92 1.74 10.94 1.76
CA PHE A 92 0.58 11.21 2.62
C PHE A 92 0.57 12.60 3.25
N ASP A 93 1.71 13.31 3.19
CA ASP A 93 1.82 14.65 3.77
C ASP A 93 1.60 15.73 2.71
N LYS A 94 0.44 16.41 2.80
CA LYS A 94 0.08 17.48 1.86
C LYS A 94 0.80 18.79 2.19
N ASP A 95 0.91 19.09 3.48
CA ASP A 95 1.56 20.33 3.94
C ASP A 95 2.84 20.06 4.75
N GLY A 96 3.05 18.78 5.14
CA GLY A 96 4.24 18.41 5.92
C GLY A 96 4.27 19.01 7.32
N ASN A 97 3.15 18.87 8.05
CA ASN A 97 3.03 19.39 9.41
C ASN A 97 3.52 18.39 10.48
N GLY A 98 3.67 17.12 10.09
CA GLY A 98 4.13 16.09 11.01
C GLY A 98 3.02 15.14 11.45
N TYR A 99 1.86 15.23 10.79
CA TYR A 99 0.70 14.37 11.09
C TYR A 99 -0.12 14.13 9.83
N ILE A 100 -0.45 12.86 9.58
CA ILE A 100 -1.24 12.48 8.41
C ILE A 100 -2.72 12.39 8.80
N SER A 101 -3.50 13.33 8.26
CA SER A 101 -4.95 13.43 8.53
C SER A 101 -5.75 12.32 7.87
N ALA A 102 -6.90 12.01 8.48
CA ALA A 102 -7.81 10.97 7.99
C ALA A 102 -8.70 11.48 6.84
N ALA A 103 -8.81 12.81 6.72
CA ALA A 103 -9.63 13.46 5.68
C ALA A 103 -9.07 13.25 4.27
N GLU A 104 -7.76 13.40 4.12
CA GLU A 104 -7.07 13.23 2.84
C GLU A 104 -6.75 11.75 2.59
N LEU A 105 -6.71 10.98 3.66
CA LEU A 105 -6.42 9.54 3.61
C LEU A 105 -7.63 8.77 3.05
N ARG A 106 -8.83 9.36 3.15
CA ARG A 106 -10.08 8.75 2.64
C ARG A 106 -10.01 8.43 1.16
N HIS A 107 -9.51 9.38 0.43
CA HIS A 107 -9.36 9.30 -1.04
C HIS A 107 -8.59 8.06 -1.47
N VAL A 108 -7.76 7.55 -0.55
CA VAL A 108 -6.93 6.37 -0.79
C VAL A 108 -7.79 5.12 -1.07
N MET A 109 -8.56 4.67 -0.06
CA MET A 109 -9.41 3.49 -0.22
C MET A 109 -10.68 3.82 -1.00
N THR A 110 -11.03 5.10 -1.06
CA THR A 110 -12.23 5.59 -1.73
C THR A 110 -12.06 5.76 -3.26
N ASN A 111 -10.84 6.04 -3.73
CA ASN A 111 -10.60 6.25 -5.17
C ASN A 111 -10.64 4.95 -5.98
N LEU A 112 -10.68 3.82 -5.28
CA LEU A 112 -10.73 2.51 -5.93
C LEU A 112 -12.12 1.89 -5.84
N GLY A 113 -13.06 2.62 -5.21
CA GLY A 113 -14.43 2.12 -5.04
C GLY A 113 -14.47 0.96 -4.06
N GLU A 114 -13.93 1.21 -2.87
CA GLU A 114 -13.84 0.19 -1.82
C GLU A 114 -15.02 0.22 -0.85
N LYS A 115 -15.03 -0.74 0.09
CA LYS A 115 -16.06 -0.86 1.12
C LYS A 115 -15.94 0.33 2.10
N LEU A 116 -16.04 0.09 3.44
CA LEU A 116 -15.91 1.16 4.44
C LEU A 116 -14.83 2.18 4.04
N THR A 117 -15.17 3.46 4.14
CA THR A 117 -14.28 4.56 3.74
C THR A 117 -13.04 4.69 4.61
N ASP A 118 -11.94 5.13 3.96
CA ASP A 118 -10.66 5.36 4.61
C ASP A 118 -10.76 6.45 5.69
N GLU A 119 -11.85 7.24 5.65
CA GLU A 119 -12.03 8.31 6.66
C GLU A 119 -12.35 7.74 8.06
N GLU A 120 -12.91 6.51 8.08
CA GLU A 120 -13.27 5.83 9.32
C GLU A 120 -12.13 4.97 9.89
N VAL A 121 -11.11 4.68 9.05
CA VAL A 121 -9.96 3.84 9.45
C VAL A 121 -9.23 4.33 10.71
N ASP A 122 -9.29 5.64 10.92
CA ASP A 122 -8.65 6.35 12.07
C ASP A 122 -8.76 5.60 13.41
N GLU A 123 -9.74 4.69 13.50
CA GLU A 123 -9.89 3.85 14.67
C GLU A 123 -8.66 2.93 14.77
N MET A 124 -7.97 2.80 13.61
CA MET A 124 -6.76 2.00 13.47
C MET A 124 -5.51 2.78 13.89
N ILE A 125 -5.52 4.12 13.69
CA ILE A 125 -4.40 5.02 14.07
C ILE A 125 -3.97 4.81 15.53
N ARG A 126 -4.93 4.38 16.35
CA ARG A 126 -4.72 4.11 17.78
C ARG A 126 -3.62 3.09 18.10
N GLU A 127 -3.20 2.35 17.08
CA GLU A 127 -2.15 1.32 17.22
C GLU A 127 -0.77 1.93 17.55
N ALA A 128 -0.32 2.84 16.70
CA ALA A 128 0.97 3.49 16.86
C ALA A 128 0.86 5.02 16.89
N ASP A 129 -0.26 5.52 17.41
CA ASP A 129 -0.50 6.97 17.51
C ASP A 129 0.41 7.59 18.59
N ILE A 130 1.69 7.77 18.22
CA ILE A 130 2.68 8.30 19.14
C ILE A 130 2.79 9.84 19.03
N ASP A 131 2.17 10.42 17.99
CA ASP A 131 2.18 11.89 17.80
C ASP A 131 1.10 12.58 18.64
N GLY A 132 0.18 11.76 19.20
CA GLY A 132 -0.90 12.25 20.06
C GLY A 132 -1.91 13.20 19.40
N ASP A 133 -1.90 13.30 18.06
CA ASP A 133 -2.84 14.18 17.36
C ASP A 133 -3.92 13.37 16.62
N GLY A 134 -3.91 12.03 16.78
CA GLY A 134 -4.87 11.17 16.10
C GLY A 134 -4.40 10.86 14.70
N GLN A 135 -3.14 11.21 14.45
CA GLN A 135 -2.48 11.02 13.16
C GLN A 135 -1.07 10.46 13.39
N VAL A 136 -0.36 10.15 12.29
CA VAL A 136 0.98 9.58 12.39
C VAL A 136 2.05 10.62 12.03
N ASN A 137 3.14 10.62 12.81
CA ASN A 137 4.26 11.54 12.60
C ASN A 137 5.40 10.82 11.85
N TYR A 138 6.60 11.42 11.86
CA TYR A 138 7.77 10.86 11.16
C TYR A 138 8.36 9.68 11.92
N GLU A 139 8.04 9.61 13.22
CA GLU A 139 8.53 8.57 14.12
C GLU A 139 7.91 7.18 13.82
N GLU A 140 6.60 7.14 13.46
CA GLU A 140 5.92 5.87 13.12
C GLU A 140 6.59 5.14 11.96
N PHE A 141 7.07 5.91 10.96
CA PHE A 141 7.74 5.37 9.77
C PHE A 141 8.98 4.52 10.11
N VAL A 142 9.97 5.18 10.71
CA VAL A 142 11.24 4.54 11.09
C VAL A 142 11.09 3.49 12.21
N GLN A 143 10.15 3.72 13.13
CA GLN A 143 9.93 2.81 14.27
C GLN A 143 9.08 1.58 13.91
N MET A 144 7.81 1.79 13.53
CA MET A 144 6.88 0.70 13.22
C MET A 144 7.00 0.16 11.79
N MET A 145 7.19 1.05 10.80
CA MET A 145 7.26 0.64 9.39
C MET A 145 8.65 0.11 8.97
N THR A 146 9.65 0.27 9.84
CA THR A 146 11.01 -0.19 9.53
C THR A 146 11.46 -1.35 10.44
N ALA A 147 11.06 -1.29 11.72
CA ALA A 147 11.44 -2.34 12.68
C ALA A 147 10.37 -3.45 12.77
N LYS A 148 9.63 -3.63 11.68
CA LYS A 148 8.57 -4.65 11.61
C LYS A 148 8.49 -5.24 10.20
N LYS B 1 3.90 -2.86 9.87
CA LYS B 1 2.95 -3.37 8.83
C LYS B 1 2.03 -4.46 9.42
N LYS B 2 0.80 -4.06 9.78
CA LYS B 2 -0.18 -4.98 10.38
C LYS B 2 -1.62 -4.58 10.09
N THR B 3 -1.92 -3.28 10.25
CA THR B 3 -3.29 -2.77 10.06
C THR B 3 -3.29 -1.39 9.38
N PHE B 4 -2.40 -0.51 9.85
CA PHE B 4 -2.28 0.85 9.34
C PHE B 4 -0.91 1.04 8.68
N LYS B 5 0.06 0.23 9.12
CA LYS B 5 1.42 0.26 8.57
C LYS B 5 1.54 -0.69 7.39
N GLU B 6 0.65 -1.69 7.36
CA GLU B 6 0.59 -2.68 6.28
C GLU B 6 -0.04 -2.05 5.03
N VAL B 7 -1.04 -1.18 5.25
CA VAL B 7 -1.71 -0.45 4.17
C VAL B 7 -0.74 0.62 3.60
N ALA B 8 0.09 1.16 4.51
CA ALA B 8 1.12 2.16 4.18
C ALA B 8 2.34 1.51 3.52
N ASN B 9 2.67 0.28 3.97
CA ASN B 9 3.82 -0.49 3.46
C ASN B 9 3.68 -0.79 1.96
N ALA B 10 2.42 -0.96 1.51
CA ALA B 10 2.10 -1.23 0.10
C ALA B 10 2.55 -0.05 -0.78
N VAL B 11 2.48 1.16 -0.21
CA VAL B 11 2.89 2.40 -0.88
C VAL B 11 4.41 2.48 -1.05
N LYS B 12 5.14 1.91 -0.07
CA LYS B 12 6.61 1.89 -0.09
C LYS B 12 7.14 0.83 -1.07
N ILE B 13 6.37 -0.25 -1.23
CA ILE B 13 6.73 -1.36 -2.12
C ILE B 13 6.27 -1.09 -3.57
N SER B 14 5.19 -0.30 -3.73
CA SER B 14 4.64 0.04 -5.04
C SER B 14 5.41 1.21 -5.70
N ALA B 15 6.21 1.90 -4.89
CA ALA B 15 7.01 3.04 -5.36
C ALA B 15 8.40 2.59 -5.84
N SER B 16 8.77 1.35 -5.49
CA SER B 16 10.06 0.77 -5.88
C SER B 16 9.94 -0.05 -7.16
N LEU B 17 8.83 0.14 -7.89
CA LEU B 17 8.57 -0.57 -9.15
C LEU B 17 9.20 0.16 -10.33
N ALA A 1 7.80 -24.55 12.07
CA ALA A 1 6.79 -24.39 11.00
C ALA A 1 5.89 -23.20 11.26
N ASP A 2 5.66 -22.39 10.22
CA ASP A 2 4.81 -21.20 10.32
C ASP A 2 3.42 -21.47 9.76
N GLN A 3 2.41 -20.82 10.37
CA GLN A 3 1.02 -20.97 9.94
C GLN A 3 0.37 -19.61 9.71
N LEU A 4 -0.25 -19.46 8.54
CA LEU A 4 -0.92 -18.21 8.17
C LEU A 4 -2.43 -18.40 8.17
N THR A 5 -3.06 -17.77 9.16
CA THR A 5 -4.51 -17.82 9.33
C THR A 5 -5.12 -16.50 8.86
N GLU A 6 -6.44 -16.34 9.03
CA GLU A 6 -7.19 -15.13 8.64
C GLU A 6 -6.55 -13.81 9.12
N GLU A 7 -5.64 -13.90 10.11
CA GLU A 7 -4.98 -12.71 10.68
C GLU A 7 -3.78 -12.26 9.83
N GLN A 8 -3.05 -13.22 9.26
CA GLN A 8 -1.88 -12.92 8.42
C GLN A 8 -2.27 -12.71 6.95
N ILE A 9 -3.44 -13.24 6.59
CA ILE A 9 -3.97 -13.14 5.22
C ILE A 9 -4.71 -11.81 5.01
N ALA A 10 -5.34 -11.29 6.06
CA ALA A 10 -6.08 -10.02 5.99
C ALA A 10 -5.15 -8.83 5.76
N GLU A 11 -3.90 -8.95 6.22
CA GLU A 11 -2.90 -7.90 6.02
C GLU A 11 -2.26 -8.03 4.62
N PHE A 12 -2.36 -9.25 4.07
CA PHE A 12 -1.87 -9.58 2.72
C PHE A 12 -2.94 -9.24 1.69
N LYS A 13 -4.21 -9.37 2.13
CA LYS A 13 -5.38 -9.07 1.30
C LYS A 13 -5.74 -7.59 1.40
N GLU A 14 -5.41 -6.95 2.53
CA GLU A 14 -5.65 -5.50 2.75
C GLU A 14 -5.06 -4.65 1.61
N ALA A 15 -3.96 -5.14 1.02
CA ALA A 15 -3.31 -4.47 -0.09
C ALA A 15 -3.96 -4.86 -1.43
N PHE A 16 -4.58 -6.06 -1.43
CA PHE A 16 -5.27 -6.59 -2.61
C PHE A 16 -6.68 -6.01 -2.77
N SER A 17 -7.27 -5.55 -1.65
CA SER A 17 -8.61 -4.95 -1.64
C SER A 17 -8.70 -3.67 -2.48
N LEU A 18 -7.53 -3.05 -2.73
CA LEU A 18 -7.45 -1.81 -3.51
C LEU A 18 -7.31 -2.06 -5.02
N PHE A 19 -6.52 -3.08 -5.39
CA PHE A 19 -6.32 -3.42 -6.82
C PHE A 19 -7.46 -4.32 -7.35
N ASP A 20 -8.30 -4.82 -6.43
CA ASP A 20 -9.44 -5.68 -6.79
C ASP A 20 -10.72 -5.12 -6.20
N LYS A 21 -11.73 -4.92 -7.06
CA LYS A 21 -13.03 -4.39 -6.65
C LYS A 21 -13.90 -5.42 -5.94
N ASP A 22 -13.79 -6.67 -6.36
CA ASP A 22 -14.58 -7.77 -5.78
C ASP A 22 -13.69 -8.90 -5.25
N GLY A 23 -12.39 -8.87 -5.60
CA GLY A 23 -11.45 -9.90 -5.16
C GLY A 23 -11.70 -11.26 -5.82
N ASP A 24 -11.64 -11.28 -7.15
CA ASP A 24 -11.88 -12.51 -7.94
C ASP A 24 -10.60 -13.35 -8.10
N GLY A 25 -9.46 -12.82 -7.64
CA GLY A 25 -8.19 -13.53 -7.74
C GLY A 25 -7.26 -12.94 -8.79
N THR A 26 -7.81 -12.06 -9.63
CA THR A 26 -7.03 -11.39 -10.68
C THR A 26 -7.29 -9.89 -10.66
N ILE A 27 -6.24 -9.12 -10.95
CA ILE A 27 -6.34 -7.66 -10.95
C ILE A 27 -5.92 -7.06 -12.30
N THR A 28 -6.58 -5.95 -12.67
CA THR A 28 -6.32 -5.24 -13.93
C THR A 28 -5.15 -4.29 -13.79
N THR A 29 -4.40 -4.10 -14.89
CA THR A 29 -3.27 -3.19 -14.93
C THR A 29 -3.75 -1.72 -14.72
N LYS A 30 -5.06 -1.53 -14.88
CA LYS A 30 -5.69 -0.20 -14.75
C LYS A 30 -6.00 0.17 -13.30
N GLU A 31 -6.06 -0.83 -12.42
CA GLU A 31 -6.34 -0.61 -10.98
C GLU A 31 -5.12 -0.07 -10.25
N LEU A 32 -3.92 -0.44 -10.73
CA LEU A 32 -2.64 0.03 -10.16
C LEU A 32 -2.61 1.55 -10.12
N GLY A 33 -3.03 2.17 -11.23
CA GLY A 33 -3.09 3.63 -11.35
C GLY A 33 -4.15 4.24 -10.48
N THR A 34 -5.05 3.39 -10.08
CA THR A 34 -6.17 3.76 -9.21
C THR A 34 -5.68 3.88 -7.76
N VAL A 35 -4.75 2.99 -7.38
CA VAL A 35 -4.14 2.98 -6.03
C VAL A 35 -2.96 3.95 -6.02
N MET A 36 -2.26 4.02 -7.17
CA MET A 36 -1.12 4.91 -7.39
C MET A 36 -1.58 6.36 -7.43
N ARG A 37 -2.68 6.61 -8.14
CA ARG A 37 -3.28 7.97 -8.17
C ARG A 37 -3.77 8.39 -6.77
N SER A 38 -3.94 7.40 -5.87
CA SER A 38 -4.44 7.65 -4.50
C SER A 38 -3.30 7.91 -3.53
N LEU A 39 -2.21 7.14 -3.63
CA LEU A 39 -1.05 7.38 -2.77
C LEU A 39 -0.41 8.71 -3.20
N GLY A 40 -0.73 9.11 -4.46
CA GLY A 40 -0.26 10.36 -5.00
C GLY A 40 0.67 10.19 -6.19
N GLN A 41 1.38 9.06 -6.25
CA GLN A 41 2.29 8.78 -7.36
C GLN A 41 1.64 7.82 -8.33
N ASN A 42 1.59 8.22 -9.61
CA ASN A 42 0.96 7.41 -10.65
C ASN A 42 1.71 7.49 -11.99
N PRO A 43 1.95 6.32 -12.68
CA PRO A 43 2.65 6.26 -13.96
C PRO A 43 1.71 6.44 -15.17
N THR A 44 2.30 6.50 -16.37
CA THR A 44 1.54 6.67 -17.62
C THR A 44 0.77 5.37 -17.97
N GLU A 45 0.03 5.38 -19.09
CA GLU A 45 -0.78 4.22 -19.55
C GLU A 45 0.05 2.94 -19.69
N ALA A 46 1.16 3.01 -20.43
CA ALA A 46 2.04 1.84 -20.63
C ALA A 46 3.01 1.62 -19.47
N GLU A 47 3.28 2.67 -18.68
CA GLU A 47 4.20 2.57 -17.55
C GLU A 47 3.63 1.76 -16.41
N LEU A 48 2.31 1.64 -16.43
CA LEU A 48 1.57 0.87 -15.43
C LEU A 48 1.46 -0.62 -15.84
N GLN A 49 1.38 -0.87 -17.16
CA GLN A 49 1.31 -2.25 -17.69
C GLN A 49 2.69 -2.91 -17.72
N ASP A 50 3.69 -2.05 -17.61
CA ASP A 50 5.10 -2.46 -17.62
C ASP A 50 5.53 -3.00 -16.24
N MET A 51 4.75 -2.63 -15.20
CA MET A 51 5.03 -3.05 -13.81
C MET A 51 4.65 -4.51 -13.57
N ILE A 52 3.64 -5.02 -14.30
CA ILE A 52 3.18 -6.42 -14.15
C ILE A 52 4.16 -7.37 -14.88
N ASN A 53 4.84 -6.84 -15.91
CA ASN A 53 5.81 -7.62 -16.71
C ASN A 53 7.03 -8.05 -15.89
N GLU A 54 7.28 -7.37 -14.76
CA GLU A 54 8.43 -7.69 -13.87
C GLU A 54 8.33 -9.10 -13.29
N VAL A 55 7.13 -9.68 -13.36
CA VAL A 55 6.87 -11.04 -12.87
C VAL A 55 6.29 -11.91 -14.01
N ASP A 56 5.53 -11.25 -14.92
CA ASP A 56 4.88 -11.88 -16.11
C ASP A 56 4.46 -13.34 -15.88
N ALA A 57 3.43 -13.53 -15.04
CA ALA A 57 2.89 -14.86 -14.75
C ALA A 57 2.07 -15.38 -15.93
N ASP A 58 1.29 -14.49 -16.55
CA ASP A 58 0.46 -14.84 -17.69
C ASP A 58 0.86 -14.05 -18.93
N GLY A 59 1.71 -13.05 -18.71
CA GLY A 59 2.18 -12.17 -19.78
C GLY A 59 1.05 -11.43 -20.50
N ASN A 60 -0.07 -11.19 -19.79
CA ASN A 60 -1.23 -10.52 -20.36
C ASN A 60 -1.56 -9.20 -19.64
N GLY A 61 -0.89 -8.97 -18.50
CA GLY A 61 -1.14 -7.76 -17.71
C GLY A 61 -1.91 -8.07 -16.45
N THR A 62 -2.52 -9.26 -16.40
CA THR A 62 -3.28 -9.74 -15.25
C THR A 62 -2.40 -10.57 -14.34
N ILE A 63 -2.53 -10.37 -13.03
CA ILE A 63 -1.71 -11.10 -12.06
C ILE A 63 -2.56 -11.67 -10.92
N ASP A 64 -2.12 -12.82 -10.39
CA ASP A 64 -2.81 -13.52 -9.30
C ASP A 64 -2.39 -12.99 -7.92
N PHE A 65 -2.82 -13.69 -6.85
CA PHE A 65 -2.51 -13.30 -5.46
C PHE A 65 -1.04 -13.62 -5.06
N PRO A 66 -0.52 -14.87 -5.23
CA PRO A 66 0.86 -15.21 -4.83
C PRO A 66 1.93 -14.72 -5.82
N GLU A 67 1.49 -14.26 -7.00
CA GLU A 67 2.41 -13.84 -8.07
C GLU A 67 2.81 -12.36 -8.08
N PHE A 68 1.97 -11.45 -7.53
CA PHE A 68 2.32 -10.00 -7.59
C PHE A 68 3.26 -9.57 -6.44
N LEU A 69 3.04 -10.14 -5.26
CA LEU A 69 3.84 -9.81 -4.06
C LEU A 69 5.24 -10.44 -4.07
N THR A 70 5.44 -11.50 -4.87
CA THR A 70 6.73 -12.20 -4.94
C THR A 70 7.87 -11.35 -5.50
N MET A 71 7.70 -10.80 -6.72
CA MET A 71 8.75 -9.96 -7.34
C MET A 71 8.89 -8.61 -6.67
N MET A 72 7.91 -8.32 -5.83
CA MET A 72 7.86 -7.07 -5.08
C MET A 72 8.44 -7.24 -3.68
N ALA A 73 8.37 -8.46 -3.13
CA ALA A 73 8.90 -8.75 -1.79
C ALA A 73 10.39 -8.99 -1.80
N ARG A 74 10.89 -9.23 -2.99
CA ARG A 74 12.32 -9.48 -3.23
C ARG A 74 13.06 -8.21 -3.60
N LYS A 75 12.29 -7.18 -3.88
CA LYS A 75 12.81 -5.87 -4.28
C LYS A 75 12.93 -4.89 -3.10
N MET A 76 12.68 -5.39 -1.89
CA MET A 76 12.78 -4.57 -0.68
C MET A 76 14.24 -4.49 -0.21
N LYS A 77 14.92 -5.64 -0.23
CA LYS A 77 16.32 -5.74 0.17
C LYS A 77 17.28 -5.70 -1.04
N ASP A 78 16.74 -5.82 -2.27
CA ASP A 78 17.58 -5.82 -3.47
C ASP A 78 17.69 -4.43 -4.13
N THR A 79 17.46 -3.38 -3.34
CA THR A 79 17.54 -2.00 -3.82
C THR A 79 17.98 -1.04 -2.71
N ASP A 80 17.02 -0.30 -2.13
CA ASP A 80 17.27 0.68 -1.05
C ASP A 80 15.93 1.21 -0.56
N SER A 81 15.51 0.75 0.62
CA SER A 81 14.23 1.15 1.22
C SER A 81 14.31 2.48 1.97
N GLU A 82 15.53 3.02 2.14
CA GLU A 82 15.72 4.32 2.81
C GLU A 82 15.12 5.44 2.00
N GLU A 83 15.32 5.35 0.68
CA GLU A 83 14.74 6.32 -0.24
C GLU A 83 13.23 6.13 -0.32
N GLU A 84 12.83 4.95 0.11
CA GLU A 84 11.41 4.55 0.16
C GLU A 84 10.74 5.03 1.43
N ILE A 85 11.54 5.14 2.47
CA ILE A 85 11.07 5.59 3.79
C ILE A 85 10.96 7.13 3.81
N ARG A 86 11.85 7.79 3.07
CA ARG A 86 11.87 9.26 3.00
C ARG A 86 10.87 9.79 1.98
N GLU A 87 10.85 9.19 0.77
CA GLU A 87 9.92 9.61 -0.30
C GLU A 87 8.46 9.41 0.15
N ALA A 88 8.25 8.35 0.96
CA ALA A 88 6.92 8.02 1.53
C ALA A 88 6.38 9.21 2.32
N PHE A 89 7.32 9.98 2.91
CA PHE A 89 7.00 11.19 3.66
C PHE A 89 6.47 12.27 2.69
N ARG A 90 7.01 12.22 1.47
CA ARG A 90 6.64 13.15 0.39
C ARG A 90 5.36 12.71 -0.34
N VAL A 91 5.10 11.40 -0.29
CA VAL A 91 3.95 10.79 -0.94
C VAL A 91 2.72 10.82 -0.03
N PHE A 92 2.87 10.23 1.16
CA PHE A 92 1.80 10.12 2.17
C PHE A 92 1.27 11.50 2.62
N ASP A 93 2.19 12.46 2.76
CA ASP A 93 1.83 13.83 3.18
C ASP A 93 1.18 14.62 2.04
N LYS A 94 -0.14 14.86 2.18
CA LYS A 94 -0.91 15.60 1.17
C LYS A 94 -0.71 17.11 1.26
N ASP A 95 -0.61 17.63 2.48
CA ASP A 95 -0.43 19.08 2.71
C ASP A 95 1.02 19.44 3.05
N GLY A 96 1.85 18.42 3.33
CA GLY A 96 3.26 18.66 3.66
C GLY A 96 3.47 19.28 5.04
N ASN A 97 2.75 18.76 6.04
CA ASN A 97 2.87 19.27 7.42
C ASN A 97 3.69 18.34 8.31
N GLY A 98 3.89 17.10 7.84
CA GLY A 98 4.66 16.12 8.60
C GLY A 98 3.79 15.06 9.25
N TYR A 99 2.48 15.33 9.31
CA TYR A 99 1.50 14.40 9.89
C TYR A 99 0.39 14.19 8.87
N ILE A 100 0.05 12.91 8.60
CA ILE A 100 -0.99 12.57 7.62
C ILE A 100 -2.25 12.05 8.33
N SER A 101 -3.31 12.86 8.28
CA SER A 101 -4.60 12.55 8.91
C SER A 101 -5.31 11.36 8.26
N ALA A 102 -6.15 10.69 9.06
CA ALA A 102 -6.92 9.51 8.62
C ALA A 102 -8.16 9.88 7.81
N ALA A 103 -8.60 11.16 7.91
CA ALA A 103 -9.79 11.64 7.20
C ALA A 103 -9.61 11.62 5.69
N GLU A 104 -8.49 12.18 5.23
CA GLU A 104 -8.17 12.22 3.80
C GLU A 104 -7.44 10.95 3.34
N LEU A 105 -6.83 10.22 4.28
CA LEU A 105 -6.06 9.01 3.98
C LEU A 105 -6.95 7.80 3.66
N ARG A 106 -8.05 7.61 4.38
CA ARG A 106 -8.91 6.45 4.11
C ARG A 106 -9.94 6.68 3.00
N HIS A 107 -10.16 7.94 2.64
CA HIS A 107 -11.06 8.32 1.52
C HIS A 107 -10.36 7.88 0.25
N VAL A 108 -9.06 7.81 0.43
CA VAL A 108 -8.07 7.38 -0.51
C VAL A 108 -8.29 5.89 -0.84
N MET A 109 -8.65 5.14 0.21
CA MET A 109 -8.95 3.71 0.11
C MET A 109 -10.40 3.49 -0.34
N THR A 110 -11.23 4.53 -0.14
CA THR A 110 -12.66 4.53 -0.49
C THR A 110 -12.90 4.93 -1.95
N ASN A 111 -11.97 5.68 -2.55
CA ASN A 111 -12.10 6.15 -3.95
C ASN A 111 -11.95 4.99 -4.96
N LEU A 112 -11.61 3.80 -4.46
CA LEU A 112 -11.43 2.62 -5.30
C LEU A 112 -12.60 1.64 -5.17
N GLY A 113 -13.26 1.64 -4.00
CA GLY A 113 -14.39 0.75 -3.77
C GLY A 113 -14.29 -0.03 -2.47
N GLU A 114 -13.81 0.63 -1.41
CA GLU A 114 -13.67 0.01 -0.08
C GLU A 114 -15.00 -0.05 0.67
N LYS A 115 -15.13 -1.06 1.54
CA LYS A 115 -16.34 -1.24 2.36
C LYS A 115 -16.18 -0.51 3.70
N LEU A 116 -15.19 0.38 3.73
CA LEU A 116 -14.88 1.21 4.88
C LEU A 116 -14.60 2.64 4.41
N THR A 117 -15.14 3.60 5.16
CA THR A 117 -14.99 5.02 4.82
C THR A 117 -13.85 5.70 5.54
N ASP A 118 -13.34 6.76 4.87
CA ASP A 118 -12.26 7.62 5.36
C ASP A 118 -12.45 7.99 6.84
N GLU A 119 -13.73 8.02 7.25
CA GLU A 119 -14.14 8.44 8.60
C GLU A 119 -14.09 7.32 9.66
N GLU A 120 -14.87 6.25 9.46
CA GLU A 120 -14.97 5.12 10.42
C GLU A 120 -13.65 4.39 10.67
N VAL A 121 -12.67 4.57 9.78
CA VAL A 121 -11.37 3.90 9.89
C VAL A 121 -10.37 4.65 10.79
N ASP A 122 -10.55 5.96 10.99
CA ASP A 122 -9.60 6.78 11.83
C ASP A 122 -9.30 6.16 13.19
N GLU A 123 -10.12 5.22 13.63
CA GLU A 123 -9.88 4.48 14.87
C GLU A 123 -8.61 3.63 14.71
N MET A 124 -8.17 3.43 13.43
CA MET A 124 -7.02 2.60 13.12
C MET A 124 -5.67 3.31 13.25
N ILE A 125 -5.54 4.54 12.72
CA ILE A 125 -4.26 5.30 12.77
C ILE A 125 -3.53 5.17 14.11
N ARG A 126 -4.31 5.27 15.19
CA ARG A 126 -3.81 5.16 16.57
C ARG A 126 -2.96 3.92 16.86
N GLU A 127 -3.02 2.95 15.97
CA GLU A 127 -2.25 1.70 16.12
C GLU A 127 -0.77 1.89 15.76
N ALA A 128 -0.51 2.85 14.87
CA ALA A 128 0.84 3.17 14.43
C ALA A 128 1.20 4.61 14.82
N ASP A 129 0.18 5.40 15.19
CA ASP A 129 0.34 6.79 15.60
C ASP A 129 1.08 6.88 16.94
N ILE A 130 2.41 6.91 16.84
CA ILE A 130 3.28 6.97 18.03
C ILE A 130 3.60 8.43 18.42
N ASP A 131 3.31 9.38 17.52
CA ASP A 131 3.57 10.80 17.79
C ASP A 131 2.31 11.48 18.37
N GLY A 132 1.17 10.77 18.28
CA GLY A 132 -0.11 11.23 18.82
C GLY A 132 -0.58 12.63 18.40
N ASP A 133 -0.47 12.98 17.11
CA ASP A 133 -0.93 14.29 16.65
C ASP A 133 -2.25 14.15 15.89
N GLY A 134 -2.88 12.96 16.01
CA GLY A 134 -4.12 12.67 15.31
C GLY A 134 -3.85 12.18 13.90
N GLN A 135 -2.58 12.33 13.51
CA GLN A 135 -2.06 11.94 12.19
C GLN A 135 -0.70 11.26 12.39
N VAL A 136 -0.09 10.76 11.30
CA VAL A 136 1.20 10.07 11.39
C VAL A 136 2.38 10.97 10.99
N ASN A 137 3.40 11.01 11.87
CA ASN A 137 4.60 11.84 11.66
C ASN A 137 5.64 11.13 10.77
N TYR A 138 6.88 11.66 10.75
CA TYR A 138 7.97 11.11 9.94
C TYR A 138 8.60 9.88 10.62
N GLU A 139 8.39 9.82 11.94
CA GLU A 139 8.93 8.76 12.78
C GLU A 139 8.06 7.48 12.70
N GLU A 140 6.78 7.65 12.31
CA GLU A 140 5.83 6.54 12.18
C GLU A 140 6.18 5.60 11.01
N PHE A 141 6.73 6.17 9.92
CA PHE A 141 7.13 5.40 8.71
C PHE A 141 8.09 4.26 9.04
N VAL A 142 9.25 4.63 9.58
CA VAL A 142 10.31 3.67 9.95
C VAL A 142 9.81 2.61 10.98
N GLN A 143 8.85 3.00 11.81
CA GLN A 143 8.27 2.11 12.83
C GLN A 143 7.22 1.16 12.24
N MET A 144 6.63 1.55 11.11
CA MET A 144 5.59 0.76 10.45
C MET A 144 6.16 -0.35 9.54
N MET A 145 7.25 -0.04 8.82
CA MET A 145 7.84 -1.01 7.89
C MET A 145 9.06 -1.74 8.48
N THR A 146 9.92 -1.01 9.19
CA THR A 146 11.14 -1.60 9.78
C THR A 146 10.86 -2.31 11.11
N ALA A 147 9.95 -1.75 11.92
CA ALA A 147 9.60 -2.33 13.23
C ALA A 147 8.44 -3.32 13.11
N LYS A 148 8.56 -4.23 12.14
CA LYS A 148 7.52 -5.26 11.90
C LYS A 148 7.92 -6.59 12.54
N LYS B 1 -0.32 -1.10 13.16
CA LYS B 1 0.50 -2.16 13.81
C LYS B 1 0.25 -3.52 13.16
N LYS B 2 -0.97 -3.73 12.65
CA LYS B 2 -1.38 -5.00 12.00
C LYS B 2 -2.59 -4.77 11.08
N THR B 3 -2.81 -3.50 10.74
CA THR B 3 -3.92 -3.07 9.89
C THR B 3 -3.51 -1.79 9.16
N PHE B 4 -2.91 -0.88 9.93
CA PHE B 4 -2.42 0.39 9.39
C PHE B 4 -0.90 0.31 9.12
N LYS B 5 -0.30 -0.82 9.52
CA LYS B 5 1.12 -1.07 9.33
C LYS B 5 1.42 -1.73 7.98
N GLU B 6 0.66 -2.81 7.69
CA GLU B 6 0.82 -3.58 6.45
C GLU B 6 0.19 -2.89 5.23
N VAL B 7 -0.88 -2.09 5.46
CA VAL B 7 -1.56 -1.36 4.38
C VAL B 7 -0.67 -0.21 3.84
N ALA B 8 0.14 0.37 4.76
CA ALA B 8 1.07 1.45 4.43
C ALA B 8 2.25 0.96 3.60
N ASN B 9 2.70 -0.27 3.88
CA ASN B 9 3.83 -0.91 3.17
C ASN B 9 3.58 -1.01 1.66
N ALA B 10 2.31 -1.11 1.27
CA ALA B 10 1.90 -1.21 -0.14
C ALA B 10 2.30 0.03 -0.95
N VAL B 11 2.27 1.20 -0.29
CA VAL B 11 2.63 2.49 -0.92
C VAL B 11 4.15 2.59 -1.17
N LYS B 12 4.95 2.07 -0.23
CA LYS B 12 6.42 2.10 -0.34
C LYS B 12 6.96 1.06 -1.32
N ILE B 13 6.31 -0.11 -1.36
CA ILE B 13 6.72 -1.22 -2.23
C ILE B 13 6.27 -0.99 -3.70
N SER B 14 5.18 -0.24 -3.87
CA SER B 14 4.64 0.06 -5.20
C SER B 14 5.26 1.35 -5.76
N ALA B 15 5.92 2.12 -4.91
CA ALA B 15 6.58 3.37 -5.30
C ALA B 15 8.05 3.13 -5.67
N SER B 16 8.54 1.93 -5.33
CA SER B 16 9.93 1.52 -5.60
C SER B 16 10.05 0.86 -6.98
N LEU B 17 8.94 0.87 -7.75
CA LEU B 17 8.89 0.26 -9.08
C LEU B 17 9.49 1.20 -10.14
N ALA A 1 5.99 -18.94 12.91
CA ALA A 1 4.56 -19.34 12.79
C ALA A 1 4.40 -20.50 11.82
N ASP A 2 3.58 -21.48 12.22
CA ASP A 2 3.32 -22.67 11.40
C ASP A 2 1.94 -22.60 10.75
N GLN A 3 0.94 -22.18 11.54
CA GLN A 3 -0.44 -22.07 11.05
C GLN A 3 -0.82 -20.61 10.82
N LEU A 4 -1.35 -20.33 9.63
CA LEU A 4 -1.76 -18.96 9.27
C LEU A 4 -3.27 -18.89 9.06
N THR A 5 -3.92 -18.22 10.00
CA THR A 5 -5.37 -18.03 9.99
C THR A 5 -5.69 -16.62 9.46
N GLU A 6 -6.98 -16.25 9.46
CA GLU A 6 -7.46 -14.94 9.00
C GLU A 6 -6.69 -13.75 9.61
N GLU A 7 -5.95 -14.00 10.72
CA GLU A 7 -5.19 -12.96 11.41
C GLU A 7 -3.89 -12.61 10.65
N GLN A 8 -3.15 -13.65 10.23
CA GLN A 8 -1.89 -13.48 9.49
C GLN A 8 -2.14 -13.23 8.00
N ILE A 9 -3.33 -13.61 7.53
CA ILE A 9 -3.73 -13.43 6.14
C ILE A 9 -4.30 -12.03 5.88
N ALA A 10 -4.98 -11.46 6.89
CA ALA A 10 -5.58 -10.11 6.78
C ALA A 10 -4.54 -9.02 6.52
N GLU A 11 -3.28 -9.29 6.91
CA GLU A 11 -2.17 -8.35 6.68
C GLU A 11 -1.61 -8.53 5.26
N PHE A 12 -1.78 -9.76 4.72
CA PHE A 12 -1.33 -10.10 3.37
C PHE A 12 -2.44 -9.74 2.36
N LYS A 13 -3.69 -9.80 2.83
CA LYS A 13 -4.88 -9.44 2.03
C LYS A 13 -5.15 -7.94 2.09
N GLU A 14 -4.69 -7.30 3.19
CA GLU A 14 -4.85 -5.83 3.39
C GLU A 14 -4.34 -5.02 2.19
N ALA A 15 -3.33 -5.56 1.49
CA ALA A 15 -2.76 -4.93 0.30
C ALA A 15 -3.62 -5.25 -0.93
N PHE A 16 -4.20 -6.46 -0.93
CA PHE A 16 -5.08 -6.95 -2.01
C PHE A 16 -6.45 -6.28 -1.97
N SER A 17 -6.86 -5.80 -0.79
CA SER A 17 -8.15 -5.14 -0.60
C SER A 17 -8.21 -3.78 -1.31
N LEU A 18 -7.05 -3.21 -1.64
CA LEU A 18 -6.96 -1.91 -2.32
C LEU A 18 -7.12 -2.02 -3.84
N PHE A 19 -6.30 -2.88 -4.48
CA PHE A 19 -6.35 -3.05 -5.96
C PHE A 19 -7.63 -3.78 -6.39
N ASP A 20 -8.25 -4.51 -5.45
CA ASP A 20 -9.47 -5.27 -5.73
C ASP A 20 -10.72 -4.46 -5.43
N LYS A 21 -11.61 -4.37 -6.43
CA LYS A 21 -12.87 -3.62 -6.32
C LYS A 21 -13.93 -4.39 -5.52
N ASP A 22 -14.10 -5.67 -5.86
CA ASP A 22 -15.08 -6.52 -5.20
C ASP A 22 -14.44 -7.78 -4.60
N GLY A 23 -13.16 -8.04 -4.96
CA GLY A 23 -12.46 -9.21 -4.46
C GLY A 23 -12.72 -10.46 -5.28
N ASP A 24 -12.47 -10.36 -6.59
CA ASP A 24 -12.68 -11.49 -7.52
C ASP A 24 -11.46 -12.41 -7.61
N GLY A 25 -10.29 -11.88 -7.19
CA GLY A 25 -9.05 -12.67 -7.24
C GLY A 25 -8.10 -12.21 -8.33
N THR A 26 -8.60 -11.39 -9.26
CA THR A 26 -7.81 -10.87 -10.37
C THR A 26 -8.14 -9.39 -10.59
N ILE A 27 -7.12 -8.58 -10.81
CA ILE A 27 -7.31 -7.13 -11.02
C ILE A 27 -6.64 -6.65 -12.31
N THR A 28 -7.29 -5.66 -12.94
CA THR A 28 -6.79 -5.06 -14.19
C THR A 28 -5.65 -4.08 -13.94
N THR A 29 -4.80 -3.93 -14.96
CA THR A 29 -3.65 -3.00 -14.91
C THR A 29 -4.12 -1.55 -14.65
N LYS A 30 -5.43 -1.34 -14.85
CA LYS A 30 -6.07 -0.02 -14.69
C LYS A 30 -6.32 0.36 -13.23
N GLU A 31 -6.34 -0.65 -12.33
CA GLU A 31 -6.57 -0.43 -10.90
C GLU A 31 -5.33 0.15 -10.22
N LEU A 32 -4.15 -0.29 -10.68
CA LEU A 32 -2.85 0.19 -10.18
C LEU A 32 -2.79 1.73 -10.16
N GLY A 33 -3.28 2.35 -11.25
CA GLY A 33 -3.31 3.82 -11.37
C GLY A 33 -4.28 4.46 -10.43
N THR A 34 -5.17 3.63 -9.96
CA THR A 34 -6.20 4.02 -9.01
C THR A 34 -5.62 4.05 -7.58
N VAL A 35 -4.74 3.08 -7.29
CA VAL A 35 -4.05 2.99 -5.99
C VAL A 35 -2.80 3.88 -6.00
N MET A 36 -2.21 4.06 -7.19
CA MET A 36 -1.03 4.90 -7.42
C MET A 36 -1.42 6.36 -7.37
N ARG A 37 -2.55 6.70 -8.00
CA ARG A 37 -3.06 8.10 -7.92
C ARG A 37 -3.40 8.46 -6.46
N SER A 38 -3.61 7.43 -5.62
CA SER A 38 -3.91 7.61 -4.18
C SER A 38 -2.63 7.51 -3.39
N LEU A 39 -1.68 6.77 -3.98
CA LEU A 39 -0.34 6.59 -3.45
C LEU A 39 0.43 7.90 -3.65
N GLY A 40 -0.11 8.71 -4.57
CA GLY A 40 0.46 9.99 -4.91
C GLY A 40 1.22 9.92 -6.21
N GLN A 41 1.81 8.76 -6.48
CA GLN A 41 2.54 8.53 -7.71
C GLN A 41 1.75 7.61 -8.62
N ASN A 42 1.53 8.08 -9.85
CA ASN A 42 0.76 7.32 -10.83
C ASN A 42 1.31 7.54 -12.26
N PRO A 43 1.90 6.46 -12.87
CA PRO A 43 2.47 6.53 -14.23
C PRO A 43 1.43 6.48 -15.35
N THR A 44 1.89 6.64 -16.60
CA THR A 44 1.02 6.63 -17.80
C THR A 44 0.34 5.26 -18.01
N GLU A 45 -0.55 5.18 -19.01
CA GLU A 45 -1.32 3.96 -19.32
C GLU A 45 -0.44 2.72 -19.57
N ALA A 46 0.56 2.84 -20.43
CA ALA A 46 1.47 1.72 -20.71
C ALA A 46 2.58 1.58 -19.67
N GLU A 47 2.87 2.67 -18.95
CA GLU A 47 3.90 2.64 -17.90
C GLU A 47 3.43 1.92 -16.66
N LEU A 48 2.11 1.82 -16.54
CA LEU A 48 1.47 1.13 -15.42
C LEU A 48 1.32 -0.37 -15.71
N GLN A 49 1.19 -0.74 -17.01
CA GLN A 49 1.07 -2.13 -17.43
C GLN A 49 2.40 -2.86 -17.34
N ASP A 50 3.45 -2.06 -17.25
CA ASP A 50 4.83 -2.54 -17.17
C ASP A 50 5.14 -3.16 -15.79
N MET A 51 4.32 -2.82 -14.78
CA MET A 51 4.47 -3.32 -13.41
C MET A 51 4.02 -4.78 -13.28
N ILE A 52 3.06 -5.20 -14.13
CA ILE A 52 2.55 -6.59 -14.11
C ILE A 52 3.51 -7.53 -14.86
N ASN A 53 4.27 -6.96 -15.81
CA ASN A 53 5.26 -7.71 -16.60
C ASN A 53 6.46 -8.14 -15.77
N GLU A 54 6.68 -7.48 -14.63
CA GLU A 54 7.79 -7.79 -13.72
C GLU A 54 7.73 -9.25 -13.21
N VAL A 55 6.53 -9.84 -13.27
CA VAL A 55 6.33 -11.24 -12.85
C VAL A 55 5.82 -12.08 -14.05
N ASP A 56 5.05 -11.41 -14.96
CA ASP A 56 4.49 -12.03 -16.19
C ASP A 56 4.18 -13.54 -16.05
N ALA A 57 3.19 -13.85 -15.23
CA ALA A 57 2.77 -15.25 -15.02
C ALA A 57 1.82 -15.70 -16.13
N ASP A 58 0.94 -14.79 -16.55
CA ASP A 58 -0.02 -15.08 -17.62
C ASP A 58 0.21 -14.19 -18.84
N GLY A 59 1.06 -13.19 -18.66
CA GLY A 59 1.40 -12.22 -19.72
C GLY A 59 0.19 -11.57 -20.39
N ASN A 60 -0.86 -11.29 -19.59
CA ASN A 60 -2.09 -10.68 -20.10
C ASN A 60 -2.37 -9.32 -19.46
N GLY A 61 -1.69 -9.03 -18.35
CA GLY A 61 -1.90 -7.77 -17.64
C GLY A 61 -2.67 -7.97 -16.34
N THR A 62 -3.29 -9.16 -16.22
CA THR A 62 -4.07 -9.53 -15.03
C THR A 62 -3.16 -10.21 -14.01
N ILE A 63 -3.31 -9.83 -12.74
CA ILE A 63 -2.49 -10.40 -11.68
C ILE A 63 -3.34 -11.06 -10.58
N ASP A 64 -2.79 -12.12 -9.98
CA ASP A 64 -3.44 -12.87 -8.91
C ASP A 64 -2.85 -12.50 -7.54
N PHE A 65 -3.07 -13.36 -6.52
CA PHE A 65 -2.59 -13.12 -5.15
C PHE A 65 -1.06 -13.39 -4.99
N PRO A 66 -0.52 -14.60 -5.35
CA PRO A 66 0.92 -14.91 -5.17
C PRO A 66 1.85 -14.29 -6.24
N GLU A 67 1.25 -13.72 -7.29
CA GLU A 67 2.01 -13.15 -8.42
C GLU A 67 2.69 -11.80 -8.14
N PHE A 68 1.97 -10.82 -7.54
CA PHE A 68 2.55 -9.50 -7.29
C PHE A 68 3.43 -9.45 -6.04
N LEU A 69 2.98 -10.11 -4.97
CA LEU A 69 3.70 -10.16 -3.69
C LEU A 69 5.07 -10.83 -3.80
N THR A 70 5.27 -11.65 -4.86
CA THR A 70 6.53 -12.36 -5.09
C THR A 70 7.62 -11.46 -5.68
N MET A 71 7.32 -10.82 -6.82
CA MET A 71 8.30 -9.92 -7.47
C MET A 71 8.50 -8.62 -6.70
N MET A 72 7.60 -8.39 -5.77
CA MET A 72 7.62 -7.20 -4.92
C MET A 72 8.31 -7.47 -3.58
N ALA A 73 8.39 -8.75 -3.18
CA ALA A 73 9.05 -9.12 -1.92
C ALA A 73 10.55 -9.29 -2.09
N ARG A 74 10.93 -9.45 -3.35
CA ARG A 74 12.33 -9.63 -3.75
C ARG A 74 12.99 -8.32 -4.14
N LYS A 75 12.17 -7.28 -4.20
CA LYS A 75 12.61 -5.93 -4.58
C LYS A 75 13.00 -5.06 -3.39
N MET A 76 13.07 -5.66 -2.19
CA MET A 76 13.46 -4.93 -0.98
C MET A 76 14.98 -4.77 -0.93
N LYS A 77 15.67 -5.90 -1.13
CA LYS A 77 17.14 -5.93 -1.13
C LYS A 77 17.72 -5.85 -2.55
N ASP A 78 16.86 -5.89 -3.58
CA ASP A 78 17.33 -5.86 -4.98
C ASP A 78 17.38 -4.44 -5.55
N THR A 79 17.31 -3.45 -4.65
CA THR A 79 17.35 -2.04 -5.03
C THR A 79 17.93 -1.18 -3.89
N ASP A 80 17.07 -0.34 -3.27
CA ASP A 80 17.45 0.56 -2.18
C ASP A 80 16.17 1.02 -1.45
N SER A 81 15.90 0.39 -0.31
CA SER A 81 14.71 0.71 0.49
C SER A 81 14.92 1.88 1.44
N GLU A 82 16.16 2.38 1.53
CA GLU A 82 16.47 3.54 2.39
C GLU A 82 15.88 4.79 1.80
N GLU A 83 15.99 4.90 0.48
CA GLU A 83 15.41 6.03 -0.24
C GLU A 83 13.89 5.91 -0.23
N GLU A 84 13.46 4.69 0.06
CA GLU A 84 12.04 4.34 0.15
C GLU A 84 11.45 4.66 1.51
N ILE A 85 12.31 4.69 2.52
CA ILE A 85 11.88 4.99 3.89
C ILE A 85 11.32 6.41 3.97
N ARG A 86 11.92 7.30 3.17
CA ARG A 86 11.50 8.71 3.11
C ARG A 86 10.33 8.93 2.14
N GLU A 87 10.16 8.00 1.19
CA GLU A 87 9.10 8.08 0.17
C GLU A 87 7.68 8.01 0.76
N ALA A 88 7.59 7.56 2.01
CA ALA A 88 6.30 7.48 2.71
C ALA A 88 5.91 8.85 3.26
N PHE A 89 6.91 9.54 3.84
CA PHE A 89 6.73 10.87 4.42
C PHE A 89 6.87 11.98 3.36
N ARG A 90 7.67 11.74 2.32
CA ARG A 90 7.92 12.73 1.26
C ARG A 90 6.84 12.79 0.19
N VAL A 91 6.26 11.64 -0.10
CA VAL A 91 5.25 11.51 -1.14
C VAL A 91 3.82 11.78 -0.61
N PHE A 92 3.43 11.04 0.43
CA PHE A 92 2.07 11.13 1.01
C PHE A 92 1.78 12.43 1.77
N ASP A 93 2.82 13.13 2.24
CA ASP A 93 2.64 14.38 2.99
C ASP A 93 2.39 15.57 2.04
N LYS A 94 1.13 16.02 1.99
CA LYS A 94 0.71 17.14 1.14
C LYS A 94 1.10 18.50 1.73
N ASP A 95 0.82 18.69 3.02
CA ASP A 95 1.10 19.95 3.71
C ASP A 95 2.42 19.91 4.51
N GLY A 96 2.98 18.70 4.69
CA GLY A 96 4.25 18.54 5.43
C GLY A 96 4.24 19.12 6.84
N ASN A 97 3.08 19.02 7.51
CA ASN A 97 2.93 19.55 8.89
C ASN A 97 3.37 18.53 9.95
N GLY A 98 3.56 17.27 9.55
CA GLY A 98 3.97 16.23 10.48
C GLY A 98 2.86 15.24 10.83
N TYR A 99 1.73 15.32 10.12
CA TYR A 99 0.58 14.45 10.33
C TYR A 99 -0.21 14.29 9.03
N ILE A 100 -0.52 13.04 8.66
CA ILE A 100 -1.27 12.76 7.42
C ILE A 100 -2.77 12.68 7.74
N SER A 101 -3.50 13.68 7.23
CA SER A 101 -4.95 13.83 7.44
C SER A 101 -5.76 12.58 7.07
N ALA A 102 -6.92 12.43 7.75
CA ALA A 102 -7.84 11.32 7.53
C ALA A 102 -8.73 11.55 6.30
N ALA A 103 -8.91 12.84 5.94
CA ALA A 103 -9.74 13.24 4.79
C ALA A 103 -9.08 12.82 3.47
N GLU A 104 -7.76 13.01 3.37
CA GLU A 104 -7.00 12.63 2.18
C GLU A 104 -6.65 11.15 2.21
N LEU A 105 -6.64 10.57 3.41
CA LEU A 105 -6.35 9.14 3.60
C LEU A 105 -7.58 8.28 3.28
N ARG A 106 -8.78 8.89 3.36
CA ARG A 106 -10.02 8.16 3.07
C ARG A 106 -10.18 7.87 1.59
N HIS A 107 -9.44 8.61 0.80
CA HIS A 107 -9.44 8.46 -0.65
C HIS A 107 -8.71 7.17 -1.04
N VAL A 108 -7.84 6.72 -0.12
CA VAL A 108 -7.03 5.51 -0.28
C VAL A 108 -7.91 4.29 -0.54
N MET A 109 -8.70 3.91 0.46
CA MET A 109 -9.58 2.74 0.35
C MET A 109 -10.85 3.04 -0.45
N THR A 110 -11.19 4.32 -0.56
CA THR A 110 -12.40 4.76 -1.25
C THR A 110 -12.25 4.87 -2.78
N ASN A 111 -11.24 5.61 -3.26
CA ASN A 111 -11.03 5.84 -4.71
C ASN A 111 -10.88 4.56 -5.53
N LEU A 112 -10.63 3.43 -4.86
CA LEU A 112 -10.47 2.14 -5.53
C LEU A 112 -11.81 1.41 -5.69
N GLY A 113 -12.88 2.02 -5.16
CA GLY A 113 -14.22 1.43 -5.26
C GLY A 113 -14.51 0.42 -4.17
N GLU A 114 -14.18 0.77 -2.92
CA GLU A 114 -14.43 -0.11 -1.78
C GLU A 114 -15.78 0.15 -1.14
N LYS A 115 -16.36 -0.91 -0.55
CA LYS A 115 -17.67 -0.82 0.13
C LYS A 115 -17.46 -0.49 1.62
N LEU A 116 -16.25 -0.03 1.91
CA LEU A 116 -15.83 0.37 3.26
C LEU A 116 -14.93 1.59 3.17
N THR A 117 -15.21 2.58 4.00
CA THR A 117 -14.43 3.83 4.04
C THR A 117 -13.34 3.78 5.09
N ASP A 118 -12.46 4.80 5.06
CA ASP A 118 -11.37 4.95 6.04
C ASP A 118 -11.94 4.88 7.46
N GLU A 119 -13.26 5.07 7.54
CA GLU A 119 -14.02 5.07 8.81
C GLU A 119 -13.88 3.74 9.57
N GLU A 120 -14.02 2.63 8.84
CA GLU A 120 -13.90 1.29 9.42
C GLU A 120 -12.42 0.87 9.53
N VAL A 121 -11.57 1.59 8.79
CA VAL A 121 -10.12 1.35 8.79
C VAL A 121 -9.43 2.10 9.93
N ASP A 122 -10.09 3.17 10.39
CA ASP A 122 -9.61 4.05 11.49
C ASP A 122 -9.05 3.29 12.70
N GLU A 123 -9.41 1.99 12.80
CA GLU A 123 -8.89 1.13 13.86
C GLU A 123 -7.35 1.13 13.81
N MET A 124 -6.80 1.55 12.65
CA MET A 124 -5.36 1.63 12.43
C MET A 124 -4.77 2.94 12.98
N ILE A 125 -5.62 3.96 13.09
CA ILE A 125 -5.23 5.27 13.63
C ILE A 125 -4.89 5.17 15.13
N ARG A 126 -5.48 4.19 15.80
CA ARG A 126 -5.25 3.99 17.24
C ARG A 126 -4.01 3.16 17.55
N GLU A 127 -3.51 2.45 16.55
CA GLU A 127 -2.34 1.59 16.71
C GLU A 127 -1.00 2.27 16.40
N ALA A 128 -0.97 3.17 15.40
CA ALA A 128 0.26 3.82 14.98
C ALA A 128 0.35 5.29 15.38
N ASP A 129 -0.81 5.98 15.46
CA ASP A 129 -0.84 7.40 15.82
C ASP A 129 -0.44 7.61 17.28
N ILE A 130 0.87 7.70 17.50
CA ILE A 130 1.44 7.89 18.85
C ILE A 130 1.44 9.39 19.24
N ASP A 131 1.34 10.30 18.27
CA ASP A 131 1.31 11.75 18.55
C ASP A 131 -0.10 12.23 18.92
N GLY A 132 -1.09 11.35 18.71
CA GLY A 132 -2.48 11.64 19.06
C GLY A 132 -3.15 12.79 18.32
N ASP A 133 -2.72 13.10 17.10
CA ASP A 133 -3.34 14.18 16.33
C ASP A 133 -4.39 13.61 15.34
N GLY A 134 -4.74 12.31 15.51
CA GLY A 134 -5.69 11.64 14.63
C GLY A 134 -5.05 11.28 13.30
N GLN A 135 -3.74 11.52 13.23
CA GLN A 135 -2.93 11.29 12.04
C GLN A 135 -1.57 10.71 12.44
N VAL A 136 -0.73 10.37 11.45
CA VAL A 136 0.59 9.79 11.71
C VAL A 136 1.69 10.85 11.60
N ASN A 137 2.65 10.80 12.55
CA ASN A 137 3.77 11.73 12.58
C ASN A 137 4.98 11.14 11.85
N TYR A 138 6.14 11.83 11.94
CA TYR A 138 7.38 11.37 11.30
C TYR A 138 8.05 10.27 12.14
N GLU A 139 7.71 10.28 13.43
CA GLU A 139 8.22 9.33 14.41
C GLU A 139 7.45 8.00 14.43
N GLU A 140 6.20 7.99 13.92
CA GLU A 140 5.35 6.81 13.97
C GLU A 140 5.55 5.85 12.80
N PHE A 141 6.16 6.31 11.71
CA PHE A 141 6.33 5.48 10.54
C PHE A 141 7.75 4.93 10.42
N VAL A 142 8.69 5.88 10.42
CA VAL A 142 10.14 5.60 10.27
C VAL A 142 10.67 4.44 11.16
N GLN A 143 10.12 4.32 12.39
CA GLN A 143 10.56 3.27 13.32
C GLN A 143 9.93 1.89 13.05
N MET A 144 8.60 1.86 12.86
CA MET A 144 7.87 0.60 12.63
C MET A 144 7.88 0.13 11.18
N MET A 145 8.21 1.02 10.23
CA MET A 145 8.26 0.67 8.80
C MET A 145 9.60 0.04 8.40
N THR A 146 10.67 0.45 9.09
CA THR A 146 12.02 -0.06 8.80
C THR A 146 12.36 -1.28 9.68
N ALA A 147 11.80 -1.30 10.91
CA ALA A 147 12.04 -2.39 11.86
C ALA A 147 11.07 -3.57 11.63
N LYS A 148 11.00 -4.03 10.38
CA LYS A 148 10.13 -5.14 10.00
C LYS A 148 10.90 -6.45 9.97
N LYS B 1 1.68 -1.49 12.29
CA LYS B 1 2.57 -2.68 12.32
C LYS B 1 2.10 -3.77 11.37
N LYS B 2 0.78 -3.79 11.10
CA LYS B 2 0.16 -4.79 10.21
C LYS B 2 -1.10 -4.22 9.55
N THR B 3 -1.82 -3.38 10.30
CA THR B 3 -3.06 -2.75 9.84
C THR B 3 -2.78 -1.41 9.13
N PHE B 4 -1.66 -0.77 9.49
CA PHE B 4 -1.25 0.51 8.92
C PHE B 4 0.08 0.36 8.17
N LYS B 5 0.99 -0.47 8.73
CA LYS B 5 2.31 -0.70 8.15
C LYS B 5 2.26 -1.52 6.87
N GLU B 6 1.29 -2.44 6.78
CA GLU B 6 1.12 -3.30 5.59
C GLU B 6 0.46 -2.52 4.44
N VAL B 7 -0.50 -1.65 4.79
CA VAL B 7 -1.20 -0.81 3.81
C VAL B 7 -0.26 0.30 3.29
N ALA B 8 0.59 0.81 4.20
CA ALA B 8 1.57 1.86 3.89
C ALA B 8 2.80 1.31 3.15
N ASN B 9 3.21 0.06 3.51
CA ASN B 9 4.37 -0.62 2.91
C ASN B 9 4.27 -0.70 1.38
N ALA B 10 3.02 -0.83 0.89
CA ALA B 10 2.73 -0.89 -0.55
C ALA B 10 3.07 0.45 -1.23
N VAL B 11 2.91 1.55 -0.46
CA VAL B 11 3.20 2.91 -0.92
C VAL B 11 4.72 3.10 -1.18
N LYS B 12 5.54 2.42 -0.36
CA LYS B 12 7.00 2.48 -0.48
C LYS B 12 7.53 1.60 -1.63
N ILE B 13 6.87 0.45 -1.85
CA ILE B 13 7.27 -0.51 -2.90
C ILE B 13 6.72 -0.12 -4.28
N SER B 14 5.63 0.66 -4.31
CA SER B 14 5.00 1.09 -5.57
C SER B 14 5.78 2.21 -6.26
N ALA B 15 6.48 3.03 -5.46
CA ALA B 15 7.29 4.14 -5.99
C ALA B 15 8.70 3.69 -6.39
N SER B 16 9.05 2.46 -5.99
CA SER B 16 10.37 1.89 -6.30
C SER B 16 10.31 1.00 -7.56
N LEU B 17 9.15 1.03 -8.26
CA LEU B 17 8.95 0.22 -9.47
C LEU B 17 9.40 1.00 -10.71
N ALA A 1 6.71 -17.06 11.25
CA ALA A 1 5.28 -17.43 11.12
C ALA A 1 5.10 -18.94 11.14
N ASP A 2 3.99 -19.40 11.71
CA ASP A 2 3.68 -20.83 11.80
C ASP A 2 2.27 -21.12 11.28
N GLN A 3 1.31 -20.27 11.66
CA GLN A 3 -0.08 -20.42 11.24
C GLN A 3 -0.63 -19.11 10.68
N LEU A 4 -1.51 -19.23 9.68
CA LEU A 4 -2.13 -18.07 9.03
C LEU A 4 -3.64 -18.16 9.07
N THR A 5 -4.21 -17.33 9.94
CA THR A 5 -5.65 -17.24 10.14
C THR A 5 -6.20 -16.00 9.42
N GLU A 6 -7.50 -15.76 9.59
CA GLU A 6 -8.19 -14.59 8.99
C GLU A 6 -7.49 -13.26 9.33
N GLU A 7 -6.63 -13.28 10.36
CA GLU A 7 -5.91 -12.07 10.80
C GLU A 7 -4.64 -11.82 9.97
N GLN A 8 -4.00 -12.90 9.51
CA GLN A 8 -2.78 -12.81 8.70
C GLN A 8 -3.09 -12.66 7.20
N ILE A 9 -4.30 -13.05 6.82
CA ILE A 9 -4.75 -12.98 5.43
C ILE A 9 -5.31 -11.59 5.09
N ALA A 10 -6.01 -10.96 6.05
CA ALA A 10 -6.59 -9.61 5.84
C ALA A 10 -5.51 -8.54 5.69
N GLU A 11 -4.32 -8.83 6.19
CA GLU A 11 -3.18 -7.93 6.06
C GLU A 11 -2.50 -8.14 4.70
N PHE A 12 -2.62 -9.38 4.20
CA PHE A 12 -2.09 -9.79 2.89
C PHE A 12 -3.13 -9.48 1.80
N LYS A 13 -4.41 -9.43 2.24
CA LYS A 13 -5.55 -9.11 1.36
C LYS A 13 -5.67 -7.59 1.25
N GLU A 14 -5.21 -6.89 2.31
CA GLU A 14 -5.20 -5.41 2.37
C GLU A 14 -4.48 -4.80 1.16
N ALA A 15 -3.60 -5.60 0.53
CA ALA A 15 -2.85 -5.18 -0.66
C ALA A 15 -3.65 -5.46 -1.94
N PHE A 16 -4.53 -6.48 -1.88
CA PHE A 16 -5.40 -6.87 -3.00
C PHE A 16 -6.64 -5.97 -3.10
N SER A 17 -7.05 -5.40 -1.96
CA SER A 17 -8.24 -4.54 -1.88
C SER A 17 -7.99 -3.13 -2.46
N LEU A 18 -6.71 -2.74 -2.55
CA LEU A 18 -6.34 -1.41 -3.06
C LEU A 18 -6.34 -1.33 -4.59
N PHE A 19 -5.90 -2.41 -5.25
CA PHE A 19 -5.87 -2.46 -6.72
C PHE A 19 -7.17 -3.03 -7.29
N ASP A 20 -7.67 -4.12 -6.67
CA ASP A 20 -8.90 -4.79 -7.12
C ASP A 20 -10.14 -4.17 -6.46
N LYS A 21 -11.11 -3.79 -7.31
CA LYS A 21 -12.36 -3.17 -6.85
C LYS A 21 -13.35 -4.19 -6.27
N ASP A 22 -13.32 -5.42 -6.79
CA ASP A 22 -14.23 -6.47 -6.35
C ASP A 22 -13.47 -7.72 -5.86
N GLY A 23 -12.17 -7.80 -6.13
CA GLY A 23 -11.37 -8.95 -5.72
C GLY A 23 -11.77 -10.25 -6.41
N ASP A 24 -11.65 -10.25 -7.74
CA ASP A 24 -12.02 -11.43 -8.56
C ASP A 24 -10.93 -12.51 -8.59
N GLY A 25 -9.76 -12.22 -7.98
CA GLY A 25 -8.66 -13.18 -7.95
C GLY A 25 -7.52 -12.79 -8.85
N THR A 26 -7.77 -11.82 -9.74
CA THR A 26 -6.78 -11.33 -10.69
C THR A 26 -7.04 -9.85 -10.95
N ILE A 27 -5.98 -9.07 -11.24
CA ILE A 27 -6.17 -7.62 -11.44
C ILE A 27 -5.67 -7.16 -12.80
N THR A 28 -6.39 -6.17 -13.37
CA THR A 28 -6.07 -5.57 -14.66
C THR A 28 -4.97 -4.51 -14.53
N THR A 29 -4.24 -4.32 -15.63
CA THR A 29 -3.16 -3.33 -15.70
C THR A 29 -3.72 -1.90 -15.57
N LYS A 30 -5.05 -1.78 -15.73
CA LYS A 30 -5.76 -0.49 -15.68
C LYS A 30 -6.10 -0.05 -14.24
N GLU A 31 -6.10 -0.99 -13.29
CA GLU A 31 -6.40 -0.70 -11.89
C GLU A 31 -5.18 -0.11 -11.16
N LEU A 32 -3.98 -0.42 -11.66
CA LEU A 32 -2.73 0.12 -11.10
C LEU A 32 -2.75 1.64 -11.09
N GLY A 33 -3.29 2.22 -12.18
CA GLY A 33 -3.43 3.68 -12.31
C GLY A 33 -4.36 4.26 -11.31
N THR A 34 -5.17 3.40 -10.76
CA THR A 34 -6.14 3.74 -9.74
C THR A 34 -5.45 3.97 -8.39
N VAL A 35 -4.41 3.15 -8.12
CA VAL A 35 -3.61 3.26 -6.89
C VAL A 35 -2.50 4.32 -7.07
N MET A 36 -2.03 4.45 -8.33
CA MET A 36 -0.99 5.44 -8.70
C MET A 36 -1.61 6.82 -8.77
N ARG A 37 -2.81 6.92 -9.37
CA ARG A 37 -3.52 8.22 -9.40
C ARG A 37 -3.88 8.67 -7.97
N SER A 38 -3.86 7.71 -7.02
CA SER A 38 -4.15 7.96 -5.60
C SER A 38 -2.86 8.25 -4.86
N LEU A 39 -1.77 7.60 -5.34
CA LEU A 39 -0.44 7.81 -4.77
C LEU A 39 0.05 9.19 -5.22
N GLY A 40 -0.60 9.71 -6.27
CA GLY A 40 -0.27 11.00 -6.82
C GLY A 40 0.56 10.86 -8.07
N GLN A 41 1.29 9.75 -8.16
CA GLN A 41 2.11 9.46 -9.32
C GLN A 41 1.43 8.42 -10.17
N ASN A 42 1.25 8.75 -11.45
CA ASN A 42 0.57 7.87 -12.39
C ASN A 42 1.39 7.69 -13.69
N PRO A 43 1.96 6.48 -13.95
CA PRO A 43 2.74 6.19 -15.16
C PRO A 43 1.88 6.11 -16.43
N THR A 44 2.55 5.96 -17.59
CA THR A 44 1.86 5.86 -18.89
C THR A 44 1.23 4.46 -19.08
N GLU A 45 0.49 4.29 -20.17
CA GLU A 45 -0.20 3.02 -20.50
C GLU A 45 0.73 1.81 -20.52
N ALA A 46 1.89 1.95 -21.16
CA ALA A 46 2.86 0.85 -21.25
C ALA A 46 3.74 0.72 -20.00
N GLU A 47 3.85 1.80 -19.21
CA GLU A 47 4.64 1.80 -17.99
C GLU A 47 3.94 1.05 -16.87
N LEU A 48 2.63 1.03 -16.99
CA LEU A 48 1.75 0.33 -16.05
C LEU A 48 1.56 -1.14 -16.45
N GLN A 49 1.64 -1.43 -17.76
CA GLN A 49 1.50 -2.81 -18.27
C GLN A 49 2.81 -3.56 -18.18
N ASP A 50 3.87 -2.81 -18.00
CA ASP A 50 5.23 -3.32 -17.88
C ASP A 50 5.49 -3.88 -16.47
N MET A 51 4.67 -3.44 -15.50
CA MET A 51 4.78 -3.87 -14.10
C MET A 51 4.28 -5.30 -13.88
N ILE A 52 3.33 -5.75 -14.72
CA ILE A 52 2.78 -7.13 -14.62
C ILE A 52 3.75 -8.14 -15.26
N ASN A 53 4.56 -7.66 -16.21
CA ASN A 53 5.54 -8.50 -16.91
C ASN A 53 6.70 -8.90 -16.00
N GLU A 54 6.90 -8.15 -14.89
CA GLU A 54 7.95 -8.43 -13.92
C GLU A 54 7.77 -9.79 -13.21
N VAL A 55 6.56 -10.35 -13.31
CA VAL A 55 6.27 -11.66 -12.69
C VAL A 55 5.73 -12.65 -13.74
N ASP A 56 4.99 -12.11 -14.76
CA ASP A 56 4.40 -12.90 -15.88
C ASP A 56 4.19 -14.39 -15.55
N ALA A 57 3.23 -14.66 -14.67
CA ALA A 57 2.89 -16.03 -14.28
C ALA A 57 2.01 -16.71 -15.34
N ASP A 58 1.07 -15.93 -15.90
CA ASP A 58 0.18 -16.43 -16.93
C ASP A 58 0.37 -15.68 -18.25
N GLY A 59 1.22 -14.66 -18.20
CA GLY A 59 1.52 -13.82 -19.35
C GLY A 59 0.27 -13.23 -20.03
N ASN A 60 -0.77 -12.97 -19.23
CA ASN A 60 -2.03 -12.43 -19.73
C ASN A 60 -2.18 -10.94 -19.41
N GLY A 61 -1.41 -10.46 -18.42
CA GLY A 61 -1.48 -9.07 -18.01
C GLY A 61 -2.22 -8.87 -16.70
N THR A 62 -2.82 -9.95 -16.19
CA THR A 62 -3.56 -9.92 -14.92
C THR A 62 -2.73 -10.51 -13.79
N ILE A 63 -3.00 -10.06 -12.57
CA ILE A 63 -2.24 -10.51 -11.40
C ILE A 63 -3.12 -11.14 -10.32
N ASP A 64 -2.72 -12.34 -9.88
CA ASP A 64 -3.42 -13.07 -8.83
C ASP A 64 -2.92 -12.63 -7.44
N PHE A 65 -3.18 -13.44 -6.40
CA PHE A 65 -2.77 -13.12 -5.03
C PHE A 65 -1.22 -13.17 -4.84
N PRO A 66 -0.51 -14.28 -5.22
CA PRO A 66 0.95 -14.38 -5.05
C PRO A 66 1.78 -13.60 -6.09
N GLU A 67 1.21 -13.44 -7.29
CA GLU A 67 1.89 -12.78 -8.44
C GLU A 67 2.51 -11.40 -8.15
N PHE A 68 1.72 -10.44 -7.64
CA PHE A 68 2.25 -9.09 -7.36
C PHE A 68 3.04 -9.02 -6.06
N LEU A 69 2.65 -9.84 -5.08
CA LEU A 69 3.32 -9.88 -3.77
C LEU A 69 4.70 -10.56 -3.85
N THR A 70 4.91 -11.38 -4.89
CA THR A 70 6.18 -12.09 -5.09
C THR A 70 7.26 -11.20 -5.70
N MET A 71 6.94 -10.52 -6.81
CA MET A 71 7.90 -9.62 -7.48
C MET A 71 8.15 -8.33 -6.69
N MET A 72 7.29 -8.12 -5.72
CA MET A 72 7.34 -6.94 -4.84
C MET A 72 8.06 -7.25 -3.52
N ALA A 73 7.97 -8.51 -3.07
CA ALA A 73 8.62 -8.92 -1.81
C ALA A 73 10.12 -9.12 -1.96
N ARG A 74 10.52 -9.29 -3.20
CA ARG A 74 11.93 -9.49 -3.56
C ARG A 74 12.63 -8.19 -3.93
N LYS A 75 11.82 -7.15 -4.02
CA LYS A 75 12.29 -5.80 -4.38
C LYS A 75 12.58 -4.92 -3.16
N MET A 76 12.20 -5.39 -1.97
CA MET A 76 12.44 -4.64 -0.73
C MET A 76 13.92 -4.68 -0.35
N LYS A 77 14.53 -5.86 -0.53
CA LYS A 77 15.95 -6.07 -0.22
C LYS A 77 16.86 -5.92 -1.46
N ASP A 78 16.28 -5.75 -2.66
CA ASP A 78 17.08 -5.63 -3.88
C ASP A 78 17.19 -4.19 -4.37
N THR A 79 16.97 -3.24 -3.46
CA THR A 79 17.05 -1.80 -3.77
C THR A 79 17.51 -1.01 -2.53
N ASP A 80 16.59 -0.19 -1.98
CA ASP A 80 16.85 0.64 -0.79
C ASP A 80 15.59 1.44 -0.44
N SER A 81 14.91 1.01 0.63
CA SER A 81 13.68 1.65 1.09
C SER A 81 13.93 2.94 1.89
N GLU A 82 15.21 3.29 2.06
CA GLU A 82 15.60 4.51 2.78
C GLU A 82 15.14 5.73 2.03
N GLU A 83 15.27 5.67 0.71
CA GLU A 83 14.81 6.77 -0.15
C GLU A 83 13.28 6.84 -0.15
N GLU A 84 12.70 5.71 0.25
CA GLU A 84 11.26 5.54 0.37
C GLU A 84 10.74 6.04 1.71
N ILE A 85 11.63 6.02 2.68
CA ILE A 85 11.33 6.46 4.06
C ILE A 85 10.95 7.94 4.07
N ARG A 86 11.65 8.70 3.21
CA ARG A 86 11.41 10.15 3.09
C ARG A 86 10.25 10.46 2.15
N GLU A 87 10.18 9.73 1.03
CA GLU A 87 9.13 9.92 0.02
C GLU A 87 7.74 9.74 0.62
N ALA A 88 7.55 8.67 1.38
CA ALA A 88 6.28 8.39 2.07
C ALA A 88 5.90 9.56 2.98
N PHE A 89 6.91 10.25 3.51
CA PHE A 89 6.71 11.42 4.36
C PHE A 89 6.34 12.63 3.50
N ARG A 90 6.83 12.61 2.25
CA ARG A 90 6.56 13.68 1.27
C ARG A 90 5.21 13.49 0.58
N VAL A 91 4.78 12.24 0.49
CA VAL A 91 3.53 11.85 -0.16
C VAL A 91 2.34 11.90 0.82
N PHE A 92 2.44 11.09 1.90
CA PHE A 92 1.39 10.98 2.92
C PHE A 92 1.08 12.31 3.63
N ASP A 93 2.11 13.13 3.86
CA ASP A 93 1.94 14.42 4.53
C ASP A 93 1.29 15.46 3.61
N LYS A 94 -0.03 15.61 3.76
CA LYS A 94 -0.82 16.56 2.96
C LYS A 94 -0.67 17.99 3.48
N ASP A 95 -0.74 18.14 4.81
CA ASP A 95 -0.61 19.46 5.46
C ASP A 95 0.83 19.81 5.84
N GLY A 96 1.74 18.80 5.78
CA GLY A 96 3.16 19.01 6.10
C GLY A 96 3.42 19.55 7.51
N ASN A 97 2.88 18.86 8.52
CA ASN A 97 3.05 19.28 9.92
C ASN A 97 3.79 18.23 10.77
N GLY A 98 3.98 17.03 10.21
CA GLY A 98 4.67 15.96 10.93
C GLY A 98 3.73 14.86 11.42
N TYR A 99 2.46 14.96 11.05
CA TYR A 99 1.42 13.98 11.42
C TYR A 99 0.52 13.74 10.23
N ILE A 100 0.30 12.47 9.93
CA ILE A 100 -0.57 12.08 8.81
C ILE A 100 -1.75 11.29 9.34
N SER A 101 -2.96 11.85 9.16
CA SER A 101 -4.18 11.19 9.61
C SER A 101 -4.62 10.14 8.59
N ALA A 102 -5.30 9.10 9.07
CA ALA A 102 -5.79 8.03 8.20
C ALA A 102 -7.09 8.44 7.53
N ALA A 103 -7.83 9.32 8.23
CA ALA A 103 -9.13 9.84 7.79
C ALA A 103 -9.12 10.26 6.34
N GLU A 104 -8.04 10.94 5.96
CA GLU A 104 -7.84 11.43 4.60
C GLU A 104 -7.15 10.40 3.69
N LEU A 105 -6.25 9.59 4.28
CA LEU A 105 -5.46 8.61 3.51
C LEU A 105 -6.29 7.43 2.93
N ARG A 106 -6.87 6.57 3.78
CA ARG A 106 -7.66 5.43 3.32
C ARG A 106 -9.05 5.83 2.88
N HIS A 107 -9.39 7.04 3.26
CA HIS A 107 -10.68 7.69 3.00
C HIS A 107 -11.22 7.45 1.59
N VAL A 108 -10.50 7.99 0.63
CA VAL A 108 -10.83 7.89 -0.77
C VAL A 108 -10.30 6.56 -1.33
N MET A 109 -9.28 6.05 -0.65
CA MET A 109 -8.67 4.75 -0.94
C MET A 109 -9.71 3.64 -0.70
N THR A 110 -10.75 3.99 0.11
CA THR A 110 -11.82 3.07 0.48
C THR A 110 -12.71 2.65 -0.71
N ASN A 111 -12.91 3.60 -1.65
CA ASN A 111 -13.74 3.38 -2.85
C ASN A 111 -13.08 2.39 -3.82
N LEU A 112 -11.87 1.97 -3.47
CA LEU A 112 -11.08 1.02 -4.27
C LEU A 112 -11.45 -0.43 -3.92
N GLY A 113 -11.97 -0.64 -2.70
CA GLY A 113 -12.38 -1.97 -2.26
C GLY A 113 -11.85 -2.35 -0.90
N GLU A 114 -11.69 -1.37 0.00
CA GLU A 114 -11.19 -1.60 1.35
C GLU A 114 -12.32 -1.78 2.36
N LYS A 115 -11.95 -2.12 3.61
CA LYS A 115 -12.90 -2.27 4.72
C LYS A 115 -13.44 -0.88 5.12
N LEU A 116 -13.52 -0.57 6.44
CA LEU A 116 -14.01 0.73 6.94
C LEU A 116 -13.77 1.86 5.92
N THR A 117 -14.80 2.67 5.70
CA THR A 117 -14.76 3.75 4.69
C THR A 117 -14.24 5.07 5.18
N ASP A 118 -14.14 5.97 4.20
CA ASP A 118 -13.71 7.37 4.33
C ASP A 118 -14.23 8.03 5.62
N GLU A 119 -15.29 7.44 6.17
CA GLU A 119 -15.93 7.96 7.40
C GLU A 119 -15.25 7.46 8.70
N GLU A 120 -15.21 6.13 8.85
CA GLU A 120 -14.66 5.46 10.04
C GLU A 120 -13.15 5.17 9.93
N VAL A 121 -12.61 5.27 8.70
CA VAL A 121 -11.19 4.97 8.40
C VAL A 121 -10.19 5.51 9.42
N ASP A 122 -10.49 6.65 10.03
CA ASP A 122 -9.62 7.26 11.07
C ASP A 122 -9.23 6.30 12.18
N GLU A 123 -9.97 5.20 12.31
CA GLU A 123 -9.65 4.16 13.29
C GLU A 123 -8.29 3.51 12.95
N MET A 124 -7.81 3.71 11.71
CA MET A 124 -6.56 3.12 11.23
C MET A 124 -5.29 3.84 11.72
N ILE A 125 -5.40 5.11 12.11
CA ILE A 125 -4.24 5.86 12.63
C ILE A 125 -4.00 5.55 14.10
N ARG A 126 -5.10 5.55 14.87
CA ARG A 126 -5.09 5.25 16.32
C ARG A 126 -4.48 3.88 16.65
N GLU A 127 -4.33 3.05 15.62
CA GLU A 127 -3.75 1.70 15.74
C GLU A 127 -2.36 1.72 16.36
N ALA A 128 -1.49 2.53 15.75
CA ALA A 128 -0.11 2.72 16.19
C ALA A 128 0.27 4.19 16.08
N ASP A 129 -0.67 5.06 16.49
CA ASP A 129 -0.45 6.51 16.44
C ASP A 129 0.67 6.94 17.41
N ILE A 130 1.87 7.12 16.87
CA ILE A 130 3.05 7.49 17.69
C ILE A 130 3.25 9.02 17.80
N ASP A 131 2.52 9.80 16.98
CA ASP A 131 2.63 11.28 17.00
C ASP A 131 1.89 11.87 18.21
N GLY A 132 1.10 11.03 18.89
CA GLY A 132 0.34 11.45 20.08
C GLY A 132 -0.79 12.43 19.79
N ASP A 133 -1.13 12.61 18.50
CA ASP A 133 -2.22 13.51 18.11
C ASP A 133 -3.31 12.73 17.38
N GLY A 134 -3.19 11.39 17.37
CA GLY A 134 -4.12 10.53 16.68
C GLY A 134 -3.65 10.21 15.28
N GLN A 135 -2.52 10.83 14.90
CA GLN A 135 -1.92 10.67 13.58
C GLN A 135 -0.50 10.09 13.71
N VAL A 136 0.17 9.83 12.58
CA VAL A 136 1.51 9.23 12.58
C VAL A 136 2.61 10.27 12.38
N ASN A 137 3.70 10.12 13.15
CA ASN A 137 4.84 11.04 13.09
C ASN A 137 5.92 10.51 12.12
N TYR A 138 7.14 11.07 12.21
CA TYR A 138 8.27 10.71 11.33
C TYR A 138 8.91 9.38 11.77
N GLU A 139 8.68 9.03 13.03
CA GLU A 139 9.23 7.81 13.63
C GLU A 139 8.50 6.54 13.14
N GLU A 140 7.19 6.67 12.87
CA GLU A 140 6.34 5.56 12.38
C GLU A 140 6.90 4.93 11.09
N PHE A 141 7.55 5.77 10.25
CA PHE A 141 8.14 5.34 8.97
C PHE A 141 9.26 4.30 9.13
N VAL A 142 10.34 4.70 9.80
CA VAL A 142 11.52 3.84 10.01
C VAL A 142 11.32 2.76 11.11
N GLN A 143 10.51 3.06 12.12
CA GLN A 143 10.27 2.13 13.24
C GLN A 143 9.25 1.04 12.90
N MET A 144 8.08 1.43 12.38
CA MET A 144 7.01 0.47 12.06
C MET A 144 7.16 -0.22 10.70
N MET A 145 7.81 0.43 9.73
CA MET A 145 7.98 -0.15 8.39
C MET A 145 9.34 -0.84 8.21
N THR A 146 10.40 -0.26 8.79
CA THR A 146 11.75 -0.81 8.66
C THR A 146 12.16 -1.69 9.85
N ALA A 147 11.74 -1.30 11.06
CA ALA A 147 12.08 -2.05 12.27
C ALA A 147 10.98 -3.06 12.66
N LYS A 148 10.27 -3.57 11.65
CA LYS A 148 9.19 -4.54 11.87
C LYS A 148 9.26 -5.65 10.82
N LYS B 1 0.79 -1.70 12.25
CA LYS B 1 1.43 -3.04 12.39
C LYS B 1 1.02 -3.97 11.25
N LYS B 2 -0.23 -3.81 10.76
CA LYS B 2 -0.78 -4.63 9.66
C LYS B 2 -2.01 -3.97 9.05
N THR B 3 -2.81 -3.33 9.92
CA THR B 3 -4.05 -2.64 9.54
C THR B 3 -3.77 -1.30 8.83
N PHE B 4 -2.58 -0.75 9.10
CA PHE B 4 -2.14 0.52 8.54
C PHE B 4 -0.68 0.42 8.03
N LYS B 5 -0.06 -0.75 8.23
CA LYS B 5 1.33 -0.98 7.80
C LYS B 5 1.39 -1.57 6.39
N GLU B 6 0.50 -2.53 6.10
CA GLU B 6 0.44 -3.18 4.79
C GLU B 6 -0.12 -2.23 3.72
N VAL B 7 -1.02 -1.34 4.15
CA VAL B 7 -1.61 -0.34 3.25
C VAL B 7 -0.56 0.73 2.91
N ALA B 8 0.30 1.03 3.89
CA ALA B 8 1.40 1.99 3.75
C ALA B 8 2.58 1.38 2.96
N ASN B 9 2.81 0.08 3.16
CA ASN B 9 3.89 -0.67 2.51
C ASN B 9 3.71 -0.71 0.98
N ALA B 10 2.44 -0.68 0.54
CA ALA B 10 2.10 -0.70 -0.90
C ALA B 10 2.51 0.61 -1.59
N VAL B 11 2.40 1.72 -0.83
CA VAL B 11 2.76 3.06 -1.31
C VAL B 11 4.29 3.21 -1.43
N LYS B 12 5.02 2.57 -0.50
CA LYS B 12 6.49 2.61 -0.48
C LYS B 12 7.11 1.70 -1.54
N ILE B 13 6.32 0.71 -1.99
CA ILE B 13 6.77 -0.25 -3.01
C ILE B 13 6.35 0.21 -4.42
N SER B 14 5.24 0.97 -4.50
CA SER B 14 4.71 1.48 -5.76
C SER B 14 5.60 2.59 -6.35
N ALA B 15 6.46 3.16 -5.51
CA ALA B 15 7.38 4.22 -5.94
C ALA B 15 8.79 3.67 -6.13
N SER B 16 9.02 2.43 -5.66
CA SER B 16 10.31 1.76 -5.78
C SER B 16 10.40 0.89 -7.04
N LEU B 17 9.35 0.97 -7.89
CA LEU B 17 9.28 0.19 -9.13
C LEU B 17 10.01 0.91 -10.26
N ALA A 1 7.77 -25.30 11.18
CA ALA A 1 6.56 -25.17 10.35
C ALA A 1 5.64 -24.08 10.87
N ASP A 2 5.10 -23.29 9.94
CA ASP A 2 4.19 -22.18 10.30
C ASP A 2 2.91 -22.24 9.46
N GLN A 3 1.80 -21.86 10.08
CA GLN A 3 0.49 -21.85 9.41
C GLN A 3 -0.09 -20.45 9.37
N LEU A 4 -0.50 -20.02 8.17
CA LEU A 4 -1.08 -18.69 7.96
C LEU A 4 -2.59 -18.75 7.93
N THR A 5 -3.19 -18.18 8.96
CA THR A 5 -4.63 -18.11 9.11
C THR A 5 -5.12 -16.70 8.78
N GLU A 6 -6.43 -16.44 8.96
CA GLU A 6 -7.06 -15.13 8.70
C GLU A 6 -6.31 -13.95 9.35
N GLU A 7 -5.45 -14.25 10.34
CA GLU A 7 -4.68 -13.23 11.07
C GLU A 7 -3.44 -12.78 10.26
N GLN A 8 -2.70 -13.75 9.72
CA GLN A 8 -1.50 -13.49 8.92
C GLN A 8 -1.84 -13.13 7.47
N ILE A 9 -3.05 -13.50 7.06
CA ILE A 9 -3.53 -13.22 5.70
C ILE A 9 -4.13 -11.82 5.59
N ALA A 10 -4.79 -11.34 6.66
CA ALA A 10 -5.41 -10.01 6.68
C ALA A 10 -4.39 -8.88 6.54
N GLU A 11 -3.13 -9.17 6.90
CA GLU A 11 -2.03 -8.21 6.77
C GLU A 11 -1.47 -8.26 5.34
N PHE A 12 -1.58 -9.44 4.72
CA PHE A 12 -1.13 -9.68 3.34
C PHE A 12 -2.25 -9.28 2.36
N LYS A 13 -3.51 -9.36 2.87
CA LYS A 13 -4.71 -9.01 2.12
C LYS A 13 -4.97 -7.50 2.25
N GLU A 14 -4.48 -6.90 3.36
CA GLU A 14 -4.61 -5.45 3.64
C GLU A 14 -4.09 -4.61 2.46
N ALA A 15 -3.09 -5.15 1.74
CA ALA A 15 -2.51 -4.48 0.57
C ALA A 15 -3.32 -4.81 -0.69
N PHE A 16 -4.03 -5.94 -0.64
CA PHE A 16 -4.88 -6.43 -1.73
C PHE A 16 -6.25 -5.73 -1.72
N SER A 17 -6.67 -5.24 -0.55
CA SER A 17 -7.95 -4.55 -0.38
C SER A 17 -8.03 -3.22 -1.16
N LEU A 18 -6.86 -2.67 -1.51
CA LEU A 18 -6.78 -1.41 -2.26
C LEU A 18 -6.92 -1.59 -3.76
N PHE A 19 -5.98 -2.35 -4.37
CA PHE A 19 -5.98 -2.59 -5.83
C PHE A 19 -7.24 -3.32 -6.33
N ASP A 20 -7.92 -4.02 -5.41
CA ASP A 20 -9.15 -4.76 -5.75
C ASP A 20 -10.39 -3.98 -5.35
N LYS A 21 -11.29 -3.79 -6.33
CA LYS A 21 -12.55 -3.06 -6.12
C LYS A 21 -13.59 -3.90 -5.38
N ASP A 22 -13.80 -5.13 -5.86
CA ASP A 22 -14.76 -6.05 -5.26
C ASP A 22 -14.11 -7.39 -4.87
N GLY A 23 -12.86 -7.61 -5.32
CA GLY A 23 -12.14 -8.85 -5.00
C GLY A 23 -12.68 -10.06 -5.74
N ASP A 24 -12.67 -9.98 -7.08
CA ASP A 24 -13.17 -11.05 -7.95
C ASP A 24 -12.10 -12.12 -8.22
N GLY A 25 -10.87 -11.87 -7.78
CA GLY A 25 -9.78 -12.82 -7.99
C GLY A 25 -8.78 -12.35 -9.02
N THR A 26 -9.17 -11.34 -9.78
CA THR A 26 -8.33 -10.80 -10.84
C THR A 26 -8.57 -9.30 -10.99
N ILE A 27 -7.48 -8.54 -11.08
CA ILE A 27 -7.55 -7.09 -11.22
C ILE A 27 -6.75 -6.59 -12.43
N THR A 28 -7.25 -5.50 -13.03
CA THR A 28 -6.66 -4.89 -14.23
C THR A 28 -5.38 -4.14 -13.92
N THR A 29 -4.51 -4.05 -14.94
CA THR A 29 -3.24 -3.32 -14.84
C THR A 29 -3.51 -1.82 -14.61
N LYS A 30 -4.77 -1.43 -14.87
CA LYS A 30 -5.22 -0.04 -14.73
C LYS A 30 -5.56 0.30 -13.26
N GLU A 31 -5.91 -0.73 -12.47
CA GLU A 31 -6.25 -0.57 -11.05
C GLU A 31 -5.06 0.00 -10.26
N LEU A 32 -3.85 -0.40 -10.67
CA LEU A 32 -2.59 0.09 -10.06
C LEU A 32 -2.50 1.61 -10.15
N GLY A 33 -2.90 2.16 -11.32
CA GLY A 33 -2.90 3.60 -11.55
C GLY A 33 -3.92 4.31 -10.74
N THR A 34 -4.85 3.52 -10.27
CA THR A 34 -5.93 4.00 -9.42
C THR A 34 -5.40 4.14 -7.98
N VAL A 35 -4.39 3.29 -7.65
CA VAL A 35 -3.71 3.32 -6.34
C VAL A 35 -2.56 4.34 -6.41
N MET A 36 -1.89 4.38 -7.59
CA MET A 36 -0.80 5.33 -7.88
C MET A 36 -1.37 6.73 -7.94
N ARG A 37 -2.59 6.85 -8.50
CA ARG A 37 -3.31 8.14 -8.49
C ARG A 37 -3.57 8.60 -7.03
N SER A 38 -3.51 7.63 -6.09
CA SER A 38 -3.69 7.88 -4.65
C SER A 38 -2.33 8.13 -4.02
N LEU A 39 -1.30 7.54 -4.65
CA LEU A 39 0.09 7.73 -4.26
C LEU A 39 0.53 9.12 -4.71
N GLY A 40 -0.26 9.69 -5.64
CA GLY A 40 0.02 10.99 -6.17
C GLY A 40 0.79 10.87 -7.47
N GLN A 41 1.39 9.70 -7.67
CA GLN A 41 2.13 9.40 -8.88
C GLN A 41 1.53 8.19 -9.57
N ASN A 42 1.21 8.37 -10.85
CA ASN A 42 0.61 7.31 -11.66
C ASN A 42 1.14 7.37 -13.11
N PRO A 43 1.77 6.26 -13.60
CA PRO A 43 2.33 6.18 -14.96
C PRO A 43 1.26 6.03 -16.07
N THR A 44 1.72 6.06 -17.34
CA THR A 44 0.83 5.95 -18.51
C THR A 44 0.22 4.53 -18.62
N GLU A 45 -0.69 4.35 -19.59
CA GLU A 45 -1.39 3.07 -19.82
C GLU A 45 -0.44 1.90 -20.10
N ALA A 46 0.56 2.12 -20.97
CA ALA A 46 1.54 1.08 -21.30
C ALA A 46 2.66 0.95 -20.27
N GLU A 47 2.88 2.01 -19.48
CA GLU A 47 3.92 1.99 -18.45
C GLU A 47 3.47 1.21 -17.23
N LEU A 48 2.17 1.09 -17.11
CA LEU A 48 1.54 0.34 -16.01
C LEU A 48 1.39 -1.15 -16.38
N GLN A 49 1.26 -1.44 -17.70
CA GLN A 49 1.14 -2.82 -18.20
C GLN A 49 2.47 -3.56 -18.12
N ASP A 50 3.52 -2.77 -17.95
CA ASP A 50 4.90 -3.26 -17.86
C ASP A 50 5.17 -3.84 -16.46
N MET A 51 4.34 -3.47 -15.48
CA MET A 51 4.46 -3.94 -14.09
C MET A 51 3.97 -5.39 -13.96
N ILE A 52 3.00 -5.78 -14.80
CA ILE A 52 2.44 -7.14 -14.78
C ILE A 52 3.33 -8.12 -15.56
N ASN A 53 4.09 -7.60 -16.53
CA ASN A 53 4.98 -8.42 -17.36
C ASN A 53 6.17 -8.95 -16.56
N GLU A 54 6.48 -8.31 -15.43
CA GLU A 54 7.58 -8.73 -14.55
C GLU A 54 7.21 -10.02 -13.78
N VAL A 55 5.91 -10.32 -13.76
CA VAL A 55 5.41 -11.53 -13.07
C VAL A 55 4.37 -12.27 -13.96
N ASP A 56 4.53 -12.13 -15.29
CA ASP A 56 3.66 -12.79 -16.28
C ASP A 56 3.93 -14.30 -16.33
N ALA A 57 3.64 -14.97 -15.20
CA ALA A 57 3.80 -16.42 -15.08
C ALA A 57 2.79 -17.18 -15.92
N ASP A 58 1.55 -16.65 -15.98
CA ASP A 58 0.48 -17.26 -16.76
C ASP A 58 0.22 -16.46 -18.04
N GLY A 59 0.82 -15.28 -18.08
CA GLY A 59 0.68 -14.37 -19.23
C GLY A 59 -0.76 -14.08 -19.62
N ASN A 60 -1.59 -13.74 -18.63
CA ASN A 60 -3.01 -13.45 -18.87
C ASN A 60 -3.29 -11.94 -18.86
N GLY A 61 -2.32 -11.17 -18.35
CA GLY A 61 -2.48 -9.72 -18.26
C GLY A 61 -3.12 -9.27 -16.96
N THR A 62 -3.55 -10.25 -16.15
CA THR A 62 -4.18 -9.97 -14.86
C THR A 62 -3.24 -10.35 -13.72
N ILE A 63 -3.32 -9.57 -12.64
CA ILE A 63 -2.46 -9.79 -11.47
C ILE A 63 -3.27 -10.39 -10.31
N ASP A 64 -2.80 -11.54 -9.81
CA ASP A 64 -3.43 -12.26 -8.72
C ASP A 64 -2.77 -11.91 -7.37
N PHE A 65 -3.04 -12.74 -6.33
CA PHE A 65 -2.51 -12.52 -4.98
C PHE A 65 -0.97 -12.77 -4.90
N PRO A 66 -0.43 -13.95 -5.34
CA PRO A 66 1.01 -14.25 -5.26
C PRO A 66 1.88 -13.56 -6.33
N GLU A 67 1.23 -12.95 -7.34
CA GLU A 67 1.94 -12.32 -8.47
C GLU A 67 2.65 -11.00 -8.14
N PHE A 68 1.95 -10.02 -7.54
CA PHE A 68 2.56 -8.71 -7.24
C PHE A 68 3.52 -8.74 -6.06
N LEU A 69 3.13 -9.44 -4.99
CA LEU A 69 3.93 -9.56 -3.76
C LEU A 69 5.27 -10.27 -3.99
N THR A 70 5.39 -11.05 -5.07
CA THR A 70 6.63 -11.78 -5.38
C THR A 70 7.71 -10.88 -6.01
N MET A 71 7.40 -10.25 -7.16
CA MET A 71 8.37 -9.37 -7.83
C MET A 71 8.63 -8.08 -7.05
N MET A 72 7.78 -7.85 -6.07
CA MET A 72 7.86 -6.68 -5.21
C MET A 72 8.60 -6.97 -3.90
N ALA A 73 8.64 -8.26 -3.50
CA ALA A 73 9.32 -8.66 -2.25
C ALA A 73 10.82 -8.83 -2.45
N ARG A 74 11.18 -9.02 -3.69
CA ARG A 74 12.58 -9.21 -4.09
C ARG A 74 13.25 -7.90 -4.52
N LYS A 75 12.43 -6.87 -4.60
CA LYS A 75 12.88 -5.53 -5.01
C LYS A 75 13.19 -4.62 -3.82
N MET A 76 12.99 -5.14 -2.60
CA MET A 76 13.28 -4.37 -1.38
C MET A 76 14.78 -4.40 -1.07
N LYS A 77 15.38 -5.58 -1.26
CA LYS A 77 16.81 -5.79 -1.03
C LYS A 77 17.65 -5.67 -2.32
N ASP A 78 16.99 -5.53 -3.49
CA ASP A 78 17.73 -5.44 -4.75
C ASP A 78 17.90 -3.99 -5.22
N THR A 79 17.68 -3.06 -4.29
CA THR A 79 17.80 -1.62 -4.56
C THR A 79 18.16 -0.86 -3.28
N ASP A 80 17.23 0.00 -2.81
CA ASP A 80 17.40 0.82 -1.61
C ASP A 80 16.02 1.26 -1.09
N SER A 81 15.52 0.52 -0.10
CA SER A 81 14.21 0.82 0.48
C SER A 81 14.28 1.84 1.61
N GLU A 82 15.50 2.19 2.04
CA GLU A 82 15.69 3.19 3.11
C GLU A 82 15.29 4.56 2.61
N GLU A 83 15.64 4.83 1.35
CA GLU A 83 15.26 6.09 0.71
C GLU A 83 13.76 6.09 0.44
N GLU A 84 13.22 4.89 0.47
CA GLU A 84 11.79 4.65 0.26
C GLU A 84 10.99 4.81 1.53
N ILE A 85 11.66 4.58 2.66
CA ILE A 85 11.02 4.69 4.00
C ILE A 85 10.54 6.12 4.24
N ARG A 86 11.28 7.08 3.68
CA ARG A 86 10.96 8.51 3.81
C ARG A 86 9.90 8.95 2.80
N GLU A 87 9.76 8.18 1.70
CA GLU A 87 8.80 8.49 0.63
C GLU A 87 7.35 8.43 1.13
N ALA A 88 7.00 7.36 1.88
CA ALA A 88 5.64 7.20 2.44
C ALA A 88 5.24 8.41 3.30
N PHE A 89 6.24 9.12 3.82
CA PHE A 89 6.05 10.33 4.62
C PHE A 89 5.86 11.54 3.69
N ARG A 90 6.58 11.53 2.57
CA ARG A 90 6.53 12.61 1.57
C ARG A 90 5.34 12.47 0.61
N VAL A 91 4.76 11.28 0.56
CA VAL A 91 3.64 10.98 -0.34
C VAL A 91 2.29 11.33 0.30
N PHE A 92 1.99 10.67 1.43
CA PHE A 92 0.73 10.86 2.15
C PHE A 92 0.58 12.26 2.76
N ASP A 93 1.71 12.95 2.95
CA ASP A 93 1.69 14.30 3.53
C ASP A 93 1.69 15.37 2.42
N LYS A 94 0.53 16.03 2.26
CA LYS A 94 0.36 17.07 1.25
C LYS A 94 0.97 18.41 1.67
N ASP A 95 0.80 18.77 2.94
CA ASP A 95 1.33 20.04 3.47
C ASP A 95 2.63 19.85 4.26
N GLY A 96 2.99 18.60 4.56
CA GLY A 96 4.21 18.30 5.31
C GLY A 96 4.16 18.68 6.79
N ASN A 97 3.05 18.34 7.45
CA ASN A 97 2.86 18.63 8.88
C ASN A 97 3.37 17.50 9.77
N GLY A 98 3.58 16.32 9.17
CA GLY A 98 4.07 15.16 9.91
C GLY A 98 2.95 14.18 10.29
N TYR A 99 1.71 14.64 10.19
CA TYR A 99 0.53 13.83 10.51
C TYR A 99 -0.34 13.71 9.26
N ILE A 100 -0.73 12.48 8.93
CA ILE A 100 -1.54 12.20 7.74
C ILE A 100 -3.03 12.22 8.10
N SER A 101 -3.71 13.28 7.65
CA SER A 101 -5.14 13.52 7.92
C SER A 101 -6.03 12.38 7.42
N ALA A 102 -7.19 12.23 8.09
CA ALA A 102 -8.19 11.21 7.76
C ALA A 102 -9.07 11.60 6.57
N ALA A 103 -9.10 12.91 6.26
CA ALA A 103 -9.90 13.44 5.15
C ALA A 103 -9.31 13.10 3.78
N GLU A 104 -7.98 13.22 3.65
CA GLU A 104 -7.29 12.94 2.40
C GLU A 104 -6.95 11.45 2.27
N LEU A 105 -6.91 10.74 3.40
CA LEU A 105 -6.61 9.32 3.40
C LEU A 105 -7.80 8.47 2.91
N ARG A 106 -9.02 9.02 2.98
CA ARG A 106 -10.25 8.32 2.54
C ARG A 106 -10.22 8.01 1.05
N HIS A 107 -9.64 8.94 0.32
CA HIS A 107 -9.50 8.84 -1.14
C HIS A 107 -8.66 7.62 -1.53
N VAL A 108 -7.84 7.15 -0.58
CA VAL A 108 -6.95 6.00 -0.77
C VAL A 108 -7.75 4.69 -0.93
N MET A 109 -8.59 4.37 0.04
CA MET A 109 -9.42 3.16 -0.01
C MET A 109 -10.66 3.36 -0.90
N THR A 110 -11.01 4.63 -1.13
CA THR A 110 -12.17 5.02 -1.94
C THR A 110 -11.84 5.15 -3.44
N ASN A 111 -10.57 5.38 -3.78
CA ASN A 111 -10.12 5.59 -5.18
C ASN A 111 -10.58 4.50 -6.17
N LEU A 112 -10.71 3.27 -5.67
CA LEU A 112 -11.12 2.15 -6.52
C LEU A 112 -12.58 1.74 -6.27
N GLY A 113 -13.33 2.59 -5.56
CA GLY A 113 -14.74 2.29 -5.24
C GLY A 113 -14.86 1.04 -4.40
N GLU A 114 -14.01 0.97 -3.37
CA GLU A 114 -13.92 -0.18 -2.47
C GLU A 114 -14.87 -0.05 -1.27
N LYS A 115 -14.91 -1.12 -0.46
CA LYS A 115 -15.73 -1.20 0.76
C LYS A 115 -15.22 -0.20 1.82
N LEU A 116 -15.14 -0.63 3.10
CA LEU A 116 -14.68 0.21 4.23
C LEU A 116 -13.61 1.22 3.82
N THR A 117 -13.80 2.47 4.24
CA THR A 117 -12.89 3.57 3.91
C THR A 117 -12.07 4.01 5.10
N ASP A 118 -11.33 5.13 4.94
CA ASP A 118 -10.51 5.73 6.01
C ASP A 118 -11.31 5.76 7.34
N GLU A 119 -12.65 5.62 7.21
CA GLU A 119 -13.58 5.68 8.36
C GLU A 119 -13.30 4.59 9.42
N GLU A 120 -13.32 3.31 8.99
CA GLU A 120 -13.04 2.18 9.89
C GLU A 120 -11.53 1.94 9.95
N VAL A 121 -10.82 2.50 8.96
CA VAL A 121 -9.36 2.43 8.85
C VAL A 121 -8.71 3.38 9.86
N ASP A 122 -9.47 4.41 10.28
CA ASP A 122 -9.01 5.40 11.27
C ASP A 122 -8.88 4.76 12.64
N GLU A 123 -9.56 3.61 12.82
CA GLU A 123 -9.47 2.84 14.05
C GLU A 123 -8.03 2.33 14.20
N MET A 124 -7.32 2.33 13.05
CA MET A 124 -5.92 1.91 12.99
C MET A 124 -4.98 3.06 13.38
N ILE A 125 -5.49 4.30 13.27
CA ILE A 125 -4.73 5.50 13.65
C ILE A 125 -4.50 5.55 15.17
N ARG A 126 -5.50 5.06 15.93
CA ARG A 126 -5.43 5.06 17.40
C ARG A 126 -4.47 4.03 17.97
N GLU A 127 -4.09 3.07 17.14
CA GLU A 127 -3.14 2.02 17.54
C GLU A 127 -1.69 2.45 17.24
N ALA A 128 -1.55 3.31 16.22
CA ALA A 128 -0.25 3.84 15.79
C ALA A 128 -0.07 5.28 16.26
N ASP A 129 -1.06 5.78 17.03
CA ASP A 129 -1.04 7.14 17.56
C ASP A 129 -0.01 7.25 18.70
N ILE A 130 1.26 7.38 18.29
CA ILE A 130 2.38 7.49 19.25
C ILE A 130 2.60 8.93 19.71
N ASP A 131 2.40 9.91 18.81
CA ASP A 131 2.59 11.33 19.15
C ASP A 131 1.25 11.99 19.53
N GLY A 132 0.14 11.29 19.25
CA GLY A 132 -1.20 11.79 19.59
C GLY A 132 -1.63 13.09 18.91
N ASP A 133 -1.57 13.13 17.57
CA ASP A 133 -2.00 14.31 16.83
C ASP A 133 -3.31 14.04 16.08
N GLY A 134 -3.86 12.83 16.28
CA GLY A 134 -5.10 12.41 15.62
C GLY A 134 -4.80 11.68 14.33
N GLN A 135 -3.54 11.85 13.88
CA GLN A 135 -3.02 11.24 12.66
C GLN A 135 -1.63 10.66 12.97
N VAL A 136 -1.00 10.00 11.99
CA VAL A 136 0.30 9.36 12.19
C VAL A 136 1.46 10.35 12.01
N ASN A 137 2.33 10.42 13.01
CA ASN A 137 3.49 11.31 13.00
C ASN A 137 4.73 10.60 12.44
N TYR A 138 5.92 11.20 12.66
CA TYR A 138 7.20 10.65 12.19
C TYR A 138 7.60 9.43 13.02
N GLU A 139 7.02 9.35 14.22
CA GLU A 139 7.25 8.26 15.17
C GLU A 139 6.71 6.91 14.66
N GLU A 140 5.72 6.97 13.74
CA GLU A 140 5.12 5.77 13.15
C GLU A 140 6.06 5.12 12.13
N PHE A 141 6.62 5.94 11.24
CA PHE A 141 7.55 5.48 10.18
C PHE A 141 8.79 4.80 10.75
N VAL A 142 9.58 5.57 11.50
CA VAL A 142 10.84 5.11 12.14
C VAL A 142 10.68 3.86 13.01
N GLN A 143 9.60 3.83 13.80
CA GLN A 143 9.32 2.72 14.71
C GLN A 143 8.68 1.50 14.02
N MET A 144 7.60 1.73 13.25
CA MET A 144 6.89 0.64 12.57
C MET A 144 7.50 0.23 11.22
N MET A 145 7.68 1.20 10.30
CA MET A 145 8.22 0.92 8.96
C MET A 145 9.74 0.68 8.95
N THR A 146 10.48 1.48 9.71
CA THR A 146 11.96 1.35 9.79
C THR A 146 12.38 0.21 10.73
N ALA A 147 11.64 0.06 11.83
CA ALA A 147 11.93 -0.99 12.81
C ALA A 147 10.84 -2.07 12.79
N LYS A 148 10.96 -2.97 11.81
CA LYS A 148 10.00 -4.08 11.64
C LYS A 148 10.39 -5.28 12.51
N LYS B 1 0.85 -1.93 13.88
CA LYS B 1 1.80 -2.72 13.05
C LYS B 1 1.05 -3.78 12.24
N LYS B 2 1.17 -3.70 10.89
CA LYS B 2 0.53 -4.64 9.94
C LYS B 2 -0.94 -4.31 9.72
N THR B 3 -1.45 -3.41 10.57
CA THR B 3 -2.83 -2.94 10.51
C THR B 3 -2.87 -1.61 9.74
N PHE B 4 -1.76 -0.88 9.82
CA PHE B 4 -1.56 0.39 9.15
C PHE B 4 -0.15 0.46 8.54
N LYS B 5 0.63 -0.62 8.74
CA LYS B 5 2.00 -0.73 8.23
C LYS B 5 1.98 -1.31 6.81
N GLU B 6 1.08 -2.28 6.58
CA GLU B 6 0.93 -2.92 5.27
C GLU B 6 0.20 -2.02 4.28
N VAL B 7 -0.71 -1.18 4.80
CA VAL B 7 -1.44 -0.21 3.96
C VAL B 7 -0.45 0.88 3.48
N ALA B 8 0.49 1.24 4.39
CA ALA B 8 1.54 2.23 4.12
C ALA B 8 2.67 1.62 3.28
N ASN B 9 2.96 0.33 3.52
CA ASN B 9 4.02 -0.40 2.82
C ASN B 9 3.69 -0.64 1.34
N ALA B 10 2.38 -0.76 1.03
CA ALA B 10 1.93 -0.97 -0.35
C ALA B 10 2.26 0.27 -1.21
N VAL B 11 1.96 1.44 -0.66
CA VAL B 11 2.24 2.73 -1.30
C VAL B 11 3.75 3.04 -1.26
N LYS B 12 4.43 2.52 -0.23
CA LYS B 12 5.88 2.70 -0.04
C LYS B 12 6.70 1.80 -0.98
N ILE B 13 6.14 0.66 -1.35
CA ILE B 13 6.81 -0.31 -2.23
C ILE B 13 6.47 -0.04 -3.71
N SER B 14 5.26 0.47 -3.96
CA SER B 14 4.79 0.78 -5.31
C SER B 14 5.47 2.03 -5.90
N ALA B 15 6.19 2.77 -5.06
CA ALA B 15 6.92 3.97 -5.48
C ALA B 15 8.33 3.63 -5.98
N SER B 16 8.73 2.38 -5.76
CA SER B 16 10.05 1.88 -6.17
C SER B 16 10.00 1.26 -7.59
N LEU B 17 8.83 1.33 -8.23
CA LEU B 17 8.64 0.79 -9.58
C LEU B 17 8.91 1.85 -10.64
N ALA A 1 3.10 -25.53 16.39
CA ALA A 1 2.77 -24.52 17.44
C ALA A 1 2.28 -23.21 16.82
N ASP A 2 2.92 -22.78 15.74
CA ASP A 2 2.56 -21.55 15.04
C ASP A 2 1.73 -21.85 13.80
N GLN A 3 0.59 -21.16 13.68
CA GLN A 3 -0.32 -21.35 12.55
C GLN A 3 -0.72 -20.01 11.94
N LEU A 4 -0.98 -20.01 10.63
CA LEU A 4 -1.39 -18.80 9.91
C LEU A 4 -2.90 -18.74 9.73
N THR A 5 -3.50 -17.74 10.37
CA THR A 5 -4.93 -17.51 10.32
C THR A 5 -5.21 -16.13 9.71
N GLU A 6 -6.49 -15.72 9.69
CA GLU A 6 -6.93 -14.42 9.14
C GLU A 6 -6.10 -13.23 9.66
N GLU A 7 -5.37 -13.42 10.77
CA GLU A 7 -4.55 -12.35 11.38
C GLU A 7 -3.24 -12.11 10.60
N GLN A 8 -2.66 -13.19 10.08
CA GLN A 8 -1.41 -13.11 9.31
C GLN A 8 -1.67 -12.84 7.82
N ILE A 9 -2.89 -13.14 7.39
CA ILE A 9 -3.32 -12.94 6.00
C ILE A 9 -3.82 -11.50 5.77
N ALA A 10 -4.43 -10.91 6.82
CA ALA A 10 -4.96 -9.53 6.75
C ALA A 10 -3.89 -8.49 6.41
N GLU A 11 -2.62 -8.82 6.68
CA GLU A 11 -1.50 -7.93 6.36
C GLU A 11 -1.06 -8.14 4.90
N PHE A 12 -1.36 -9.34 4.37
CA PHE A 12 -1.05 -9.71 2.98
C PHE A 12 -2.19 -9.27 2.05
N LYS A 13 -3.41 -9.27 2.62
CA LYS A 13 -4.63 -8.86 1.90
C LYS A 13 -4.82 -7.35 1.96
N GLU A 14 -4.31 -6.73 3.03
CA GLU A 14 -4.41 -5.27 3.22
C GLU A 14 -3.79 -4.47 2.05
N ALA A 15 -2.84 -5.10 1.36
CA ALA A 15 -2.17 -4.47 0.20
C ALA A 15 -2.97 -4.70 -1.08
N PHE A 16 -3.63 -5.87 -1.16
CA PHE A 16 -4.46 -6.24 -2.30
C PHE A 16 -5.87 -5.63 -2.23
N SER A 17 -6.33 -5.30 -1.01
CA SER A 17 -7.66 -4.72 -0.77
C SER A 17 -7.93 -3.44 -1.57
N LEU A 18 -6.86 -2.77 -2.02
CA LEU A 18 -6.98 -1.53 -2.79
C LEU A 18 -7.09 -1.80 -4.29
N PHE A 19 -6.25 -2.71 -4.81
CA PHE A 19 -6.23 -3.04 -6.26
C PHE A 19 -7.42 -3.90 -6.69
N ASP A 20 -8.12 -4.52 -5.71
CA ASP A 20 -9.29 -5.36 -6.02
C ASP A 20 -10.59 -4.57 -5.93
N LYS A 21 -11.38 -4.63 -7.02
CA LYS A 21 -12.68 -3.94 -7.08
C LYS A 21 -13.76 -4.69 -6.31
N ASP A 22 -13.89 -5.99 -6.59
CA ASP A 22 -14.87 -6.84 -5.96
C ASP A 22 -14.22 -8.07 -5.30
N GLY A 23 -12.93 -8.31 -5.62
CA GLY A 23 -12.21 -9.46 -5.06
C GLY A 23 -12.56 -10.76 -5.76
N ASP A 24 -12.39 -10.80 -7.08
CA ASP A 24 -12.70 -11.98 -7.90
C ASP A 24 -11.48 -12.91 -8.05
N GLY A 25 -10.30 -12.46 -7.61
CA GLY A 25 -9.09 -13.26 -7.70
C GLY A 25 -8.13 -12.77 -8.76
N THR A 26 -8.63 -11.89 -9.62
CA THR A 26 -7.84 -11.36 -10.71
C THR A 26 -8.10 -9.87 -10.90
N ILE A 27 -7.03 -9.09 -11.04
CA ILE A 27 -7.15 -7.63 -11.22
C ILE A 27 -6.55 -7.17 -12.55
N THR A 28 -7.16 -6.11 -13.10
CA THR A 28 -6.74 -5.52 -14.38
C THR A 28 -5.59 -4.55 -14.18
N THR A 29 -4.77 -4.40 -15.24
CA THR A 29 -3.64 -3.47 -15.24
C THR A 29 -4.12 -2.02 -15.06
N LYS A 30 -5.44 -1.83 -15.26
CA LYS A 30 -6.09 -0.51 -15.17
C LYS A 30 -6.39 -0.11 -13.71
N GLU A 31 -6.45 -1.09 -12.80
CA GLU A 31 -6.73 -0.85 -11.38
C GLU A 31 -5.51 -0.27 -10.66
N LEU A 32 -4.31 -0.70 -11.10
CA LEU A 32 -3.02 -0.20 -10.55
C LEU A 32 -2.98 1.33 -10.55
N GLY A 33 -3.42 1.93 -11.68
CA GLY A 33 -3.46 3.39 -11.84
C GLY A 33 -4.48 4.03 -10.98
N THR A 34 -5.40 3.22 -10.54
CA THR A 34 -6.47 3.63 -9.66
C THR A 34 -5.92 3.73 -8.21
N VAL A 35 -4.92 2.88 -7.92
CA VAL A 35 -4.21 2.88 -6.64
C VAL A 35 -3.06 3.90 -6.68
N MET A 36 -2.41 3.99 -7.87
CA MET A 36 -1.32 4.96 -8.13
C MET A 36 -1.89 6.36 -8.08
N ARG A 37 -3.10 6.53 -8.65
CA ARG A 37 -3.81 7.82 -8.57
C ARG A 37 -4.13 8.18 -7.10
N SER A 38 -4.07 7.18 -6.20
CA SER A 38 -4.34 7.34 -4.76
C SER A 38 -3.08 7.72 -4.00
N LEU A 39 -1.95 7.08 -4.34
CA LEU A 39 -0.68 7.43 -3.70
C LEU A 39 -0.24 8.82 -4.21
N GLY A 40 -0.91 9.25 -5.30
CA GLY A 40 -0.67 10.55 -5.88
C GLY A 40 0.11 10.48 -7.17
N GLN A 41 0.78 9.34 -7.42
CA GLN A 41 1.52 9.16 -8.65
C GLN A 41 0.97 8.02 -9.47
N ASN A 42 0.66 8.33 -10.74
CA ASN A 42 0.07 7.37 -11.66
C ASN A 42 0.68 7.53 -13.08
N PRO A 43 1.36 6.46 -13.60
CA PRO A 43 1.97 6.48 -14.94
C PRO A 43 0.96 6.30 -16.09
N THR A 44 1.44 6.41 -17.34
CA THR A 44 0.60 6.29 -18.55
C THR A 44 -0.04 4.88 -18.66
N GLU A 45 -0.92 4.71 -19.66
CA GLU A 45 -1.63 3.44 -19.89
C GLU A 45 -0.70 2.24 -20.12
N ALA A 46 0.30 2.41 -20.99
CA ALA A 46 1.25 1.33 -21.28
C ALA A 46 2.37 1.23 -20.24
N GLU A 47 2.63 2.32 -19.51
CA GLU A 47 3.68 2.33 -18.49
C GLU A 47 3.28 1.55 -17.24
N LEU A 48 1.98 1.39 -17.10
CA LEU A 48 1.39 0.63 -15.99
C LEU A 48 1.28 -0.87 -16.31
N GLN A 49 1.10 -1.20 -17.61
CA GLN A 49 1.02 -2.61 -18.06
C GLN A 49 2.38 -3.26 -18.12
N ASP A 50 3.39 -2.41 -18.11
CA ASP A 50 4.80 -2.81 -18.17
C ASP A 50 5.32 -3.21 -16.78
N MET A 51 4.61 -2.76 -15.73
CA MET A 51 4.98 -3.05 -14.34
C MET A 51 4.62 -4.48 -13.93
N ILE A 52 3.54 -5.03 -14.51
CA ILE A 52 3.11 -6.41 -14.20
C ILE A 52 3.91 -7.41 -15.06
N ASN A 53 4.39 -6.93 -16.22
CA ASN A 53 5.17 -7.74 -17.17
C ASN A 53 6.42 -8.38 -16.55
N GLU A 54 6.89 -7.81 -15.43
CA GLU A 54 8.07 -8.32 -14.71
C GLU A 54 7.76 -9.61 -13.94
N VAL A 55 6.48 -9.97 -13.88
CA VAL A 55 6.03 -11.20 -13.19
C VAL A 55 5.03 -12.00 -14.06
N ASP A 56 4.80 -11.55 -15.30
CA ASP A 56 3.89 -12.24 -16.24
C ASP A 56 4.52 -13.53 -16.76
N ALA A 57 4.78 -14.46 -15.83
CA ALA A 57 5.37 -15.77 -16.15
C ALA A 57 4.50 -16.56 -17.15
N ASP A 58 3.17 -16.40 -17.03
CA ASP A 58 2.23 -17.05 -17.91
C ASP A 58 1.51 -16.07 -18.81
N GLY A 59 1.68 -14.79 -18.49
CA GLY A 59 1.05 -13.68 -19.23
C GLY A 59 -0.45 -13.86 -19.46
N ASN A 60 -1.23 -13.75 -18.38
CA ASN A 60 -2.68 -13.91 -18.45
C ASN A 60 -3.39 -12.55 -18.57
N GLY A 61 -2.64 -11.46 -18.43
CA GLY A 61 -3.20 -10.12 -18.50
C GLY A 61 -3.68 -9.61 -17.15
N THR A 62 -3.72 -10.52 -16.17
CA THR A 62 -4.14 -10.21 -14.81
C THR A 62 -3.20 -10.85 -13.79
N ILE A 63 -3.10 -10.26 -12.61
CA ILE A 63 -2.23 -10.77 -11.57
C ILE A 63 -3.03 -11.35 -10.39
N ASP A 64 -2.62 -12.55 -9.95
CA ASP A 64 -3.26 -13.26 -8.84
C ASP A 64 -2.75 -12.77 -7.47
N PHE A 65 -3.05 -13.53 -6.40
CA PHE A 65 -2.64 -13.16 -5.04
C PHE A 65 -1.13 -13.46 -4.75
N PRO A 66 -0.60 -14.70 -5.01
CA PRO A 66 0.82 -15.00 -4.73
C PRO A 66 1.79 -14.43 -5.78
N GLU A 67 1.23 -13.95 -6.90
CA GLU A 67 2.05 -13.44 -8.02
C GLU A 67 2.35 -11.93 -8.00
N PHE A 68 1.58 -11.09 -7.29
CA PHE A 68 1.85 -9.63 -7.34
C PHE A 68 2.96 -9.19 -6.36
N LEU A 69 2.98 -9.81 -5.18
CA LEU A 69 3.96 -9.47 -4.13
C LEU A 69 5.33 -10.09 -4.35
N THR A 70 5.42 -11.18 -5.15
CA THR A 70 6.68 -11.88 -5.41
C THR A 70 7.80 -11.00 -6.01
N MET A 71 7.57 -10.44 -7.21
CA MET A 71 8.58 -9.58 -7.86
C MET A 71 8.75 -8.24 -7.17
N MET A 72 7.81 -7.96 -6.28
CA MET A 72 7.80 -6.72 -5.50
C MET A 72 8.43 -6.92 -4.12
N ALA A 73 8.54 -8.19 -3.69
CA ALA A 73 9.14 -8.51 -2.38
C ALA A 73 10.65 -8.65 -2.47
N ARG A 74 11.11 -8.79 -3.69
CA ARG A 74 12.53 -8.94 -4.00
C ARG A 74 13.18 -7.60 -4.34
N LYS A 75 12.34 -6.60 -4.48
CA LYS A 75 12.77 -5.24 -4.83
C LYS A 75 12.97 -4.34 -3.60
N MET A 76 12.71 -4.88 -2.40
CA MET A 76 12.87 -4.14 -1.16
C MET A 76 14.36 -4.05 -0.78
N LYS A 77 15.05 -5.18 -0.89
CA LYS A 77 16.48 -5.28 -0.59
C LYS A 77 17.36 -5.16 -1.85
N ASP A 78 16.73 -5.12 -3.05
CA ASP A 78 17.49 -5.05 -4.31
C ASP A 78 17.65 -3.61 -4.80
N THR A 79 17.48 -2.65 -3.88
CA THR A 79 17.60 -1.23 -4.21
C THR A 79 18.06 -0.43 -2.97
N ASP A 80 17.15 0.40 -2.42
CA ASP A 80 17.41 1.26 -1.26
C ASP A 80 16.07 1.73 -0.68
N SER A 81 15.63 1.09 0.39
CA SER A 81 14.36 1.42 1.04
C SER A 81 14.49 2.56 2.06
N GLU A 82 15.73 2.97 2.37
CA GLU A 82 15.97 4.06 3.31
C GLU A 82 15.51 5.37 2.73
N GLU A 83 15.79 5.54 1.43
CA GLU A 83 15.35 6.71 0.70
C GLU A 83 13.83 6.67 0.53
N GLU A 84 13.31 5.46 0.69
CA GLU A 84 11.89 5.17 0.60
C GLU A 84 11.15 5.44 1.91
N ILE A 85 11.90 5.41 3.00
CA ILE A 85 11.34 5.66 4.34
C ILE A 85 10.95 7.13 4.48
N ARG A 86 11.75 7.97 3.82
CA ARG A 86 11.55 9.41 3.82
C ARG A 86 10.52 9.86 2.78
N GLU A 87 10.30 9.02 1.77
CA GLU A 87 9.34 9.31 0.69
C GLU A 87 7.90 9.17 1.15
N ALA A 88 7.62 8.08 1.88
CA ALA A 88 6.27 7.84 2.44
C ALA A 88 5.84 9.01 3.35
N PHE A 89 6.85 9.81 3.77
CA PHE A 89 6.64 10.99 4.60
C PHE A 89 6.23 12.18 3.74
N ARG A 90 6.88 12.32 2.57
CA ARG A 90 6.60 13.44 1.64
C ARG A 90 5.36 13.20 0.76
N VAL A 91 4.93 11.94 0.68
CA VAL A 91 3.77 11.56 -0.13
C VAL A 91 2.45 11.84 0.62
N PHE A 92 2.33 11.23 1.81
CA PHE A 92 1.13 11.37 2.66
C PHE A 92 0.98 12.76 3.29
N ASP A 93 2.10 13.48 3.42
CA ASP A 93 2.09 14.82 4.02
C ASP A 93 1.81 15.93 3.00
N LYS A 94 0.60 16.51 3.10
CA LYS A 94 0.18 17.60 2.21
C LYS A 94 0.79 18.93 2.62
N ASP A 95 0.85 19.18 3.95
CA ASP A 95 1.41 20.43 4.48
C ASP A 95 2.69 20.19 5.31
N GLY A 96 2.97 18.92 5.64
CA GLY A 96 4.16 18.57 6.42
C GLY A 96 4.09 19.02 7.88
N ASN A 97 2.96 18.72 8.54
CA ASN A 97 2.76 19.08 9.96
C ASN A 97 3.33 18.01 10.91
N GLY A 98 3.67 16.83 10.38
CA GLY A 98 4.22 15.75 11.19
C GLY A 98 3.22 14.62 11.40
N TYR A 99 1.94 14.90 11.10
CA TYR A 99 0.85 13.94 11.23
C TYR A 99 -0.03 14.01 9.99
N ILE A 100 -0.33 12.86 9.39
CA ILE A 100 -1.16 12.81 8.19
C ILE A 100 -2.62 12.48 8.55
N SER A 101 -3.47 13.47 8.32
CA SER A 101 -4.92 13.41 8.61
C SER A 101 -5.64 12.28 7.85
N ALA A 102 -6.80 11.89 8.38
CA ALA A 102 -7.64 10.84 7.80
C ALA A 102 -8.47 11.35 6.62
N ALA A 103 -8.63 12.68 6.53
CA ALA A 103 -9.40 13.34 5.47
C ALA A 103 -8.79 13.11 4.09
N GLU A 104 -7.45 13.22 4.01
CA GLU A 104 -6.73 13.03 2.76
C GLU A 104 -6.41 11.55 2.54
N LEU A 105 -6.24 10.82 3.64
CA LEU A 105 -5.96 9.39 3.57
C LEU A 105 -7.22 8.60 3.20
N ARG A 106 -8.40 9.20 3.42
CA ARG A 106 -9.69 8.58 3.09
C ARG A 106 -9.87 8.38 1.59
N HIS A 107 -9.30 9.30 0.86
CA HIS A 107 -9.35 9.30 -0.61
C HIS A 107 -8.66 8.06 -1.19
N VAL A 108 -7.75 7.47 -0.39
CA VAL A 108 -7.00 6.29 -0.77
C VAL A 108 -7.90 5.07 -1.01
N MET A 109 -8.57 4.61 0.05
CA MET A 109 -9.47 3.45 -0.03
C MET A 109 -10.77 3.80 -0.79
N THR A 110 -11.08 5.09 -0.87
CA THR A 110 -12.28 5.60 -1.53
C THR A 110 -12.14 5.83 -3.05
N ASN A 111 -10.94 6.22 -3.51
CA ASN A 111 -10.71 6.52 -4.94
C ASN A 111 -10.88 5.30 -5.87
N LEU A 112 -11.04 4.12 -5.28
CA LEU A 112 -11.21 2.89 -6.05
C LEU A 112 -12.67 2.43 -6.02
N GLY A 113 -13.54 3.21 -5.33
CA GLY A 113 -14.96 2.85 -5.20
C GLY A 113 -15.12 1.60 -4.35
N GLU A 114 -14.49 1.63 -3.18
CA GLU A 114 -14.47 0.50 -2.27
C GLU A 114 -15.57 0.58 -1.20
N LYS A 115 -15.65 -0.47 -0.37
CA LYS A 115 -16.60 -0.55 0.76
C LYS A 115 -16.25 0.50 1.82
N LEU A 116 -16.28 0.15 3.12
CA LEU A 116 -15.94 1.08 4.21
C LEU A 116 -14.73 1.95 3.83
N THR A 117 -14.87 3.26 4.06
CA THR A 117 -13.83 4.23 3.71
C THR A 117 -12.63 4.21 4.64
N ASP A 118 -11.50 4.72 4.12
CA ASP A 118 -10.23 4.80 4.87
C ASP A 118 -10.42 5.56 6.19
N GLU A 119 -11.54 6.31 6.28
CA GLU A 119 -11.86 7.08 7.50
C GLU A 119 -12.46 6.18 8.58
N GLU A 120 -13.31 5.22 8.15
CA GLU A 120 -13.93 4.24 9.04
C GLU A 120 -12.91 3.13 9.37
N VAL A 121 -11.86 3.07 8.53
CA VAL A 121 -10.76 2.12 8.67
C VAL A 121 -9.75 2.61 9.72
N ASP A 122 -9.78 3.94 9.95
CA ASP A 122 -8.93 4.66 10.91
C ASP A 122 -8.71 3.94 12.23
N GLU A 123 -9.58 2.95 12.53
CA GLU A 123 -9.41 2.13 13.74
C GLU A 123 -7.98 1.56 13.81
N MET A 124 -7.29 1.55 12.65
CA MET A 124 -5.92 1.09 12.52
C MET A 124 -4.88 2.16 12.89
N ILE A 125 -5.28 3.43 12.85
CA ILE A 125 -4.39 4.54 13.22
C ILE A 125 -4.13 4.54 14.73
N ARG A 126 -5.14 4.06 15.49
CA ARG A 126 -5.08 4.01 16.95
C ARG A 126 -4.15 2.94 17.51
N GLU A 127 -3.78 2.00 16.64
CA GLU A 127 -2.87 0.92 17.02
C GLU A 127 -1.41 1.27 16.75
N ALA A 128 -1.20 2.13 15.75
CA ALA A 128 0.13 2.56 15.35
C ALA A 128 0.36 4.01 15.75
N ASP A 129 -0.64 4.63 16.40
CA ASP A 129 -0.55 6.01 16.86
C ASP A 129 0.42 6.13 18.03
N ILE A 130 1.70 6.25 17.69
CA ILE A 130 2.79 6.35 18.67
C ILE A 130 2.94 7.80 19.19
N ASP A 131 2.28 8.77 18.52
CA ASP A 131 2.34 10.18 18.93
C ASP A 131 0.99 10.63 19.50
N GLY A 132 -0.06 9.81 19.31
CA GLY A 132 -1.39 10.10 19.84
C GLY A 132 -2.16 11.23 19.17
N ASP A 133 -1.85 11.57 17.91
CA ASP A 133 -2.58 12.65 17.22
C ASP A 133 -3.67 12.07 16.30
N GLY A 134 -3.86 10.74 16.35
CA GLY A 134 -4.84 10.08 15.48
C GLY A 134 -4.34 9.99 14.05
N GLN A 135 -3.04 10.26 13.91
CA GLN A 135 -2.34 10.28 12.62
C GLN A 135 -0.94 9.67 12.78
N VAL A 136 -0.20 9.56 11.66
CA VAL A 136 1.15 8.98 11.69
C VAL A 136 2.22 10.08 11.77
N ASN A 137 3.20 9.87 12.64
CA ASN A 137 4.28 10.82 12.85
C ASN A 137 5.63 10.23 12.43
N TYR A 138 6.74 10.87 12.84
CA TYR A 138 8.11 10.43 12.50
C TYR A 138 8.44 9.10 13.20
N GLU A 139 7.70 8.84 14.27
CA GLU A 139 7.84 7.64 15.08
C GLU A 139 7.26 6.40 14.38
N GLU A 140 6.34 6.61 13.44
CA GLU A 140 5.70 5.54 12.67
C GLU A 140 6.65 4.94 11.61
N PHE A 141 7.34 5.83 10.87
CA PHE A 141 8.27 5.43 9.80
C PHE A 141 9.46 4.60 10.32
N VAL A 142 10.27 5.23 11.16
CA VAL A 142 11.48 4.61 11.75
C VAL A 142 11.20 3.33 12.58
N GLN A 143 10.20 3.41 13.45
CA GLN A 143 9.84 2.28 14.33
C GLN A 143 9.00 1.18 13.66
N MET A 144 7.87 1.57 13.03
CA MET A 144 6.95 0.60 12.40
C MET A 144 7.36 0.19 10.98
N MET A 145 7.85 1.15 10.17
CA MET A 145 8.22 0.86 8.78
C MET A 145 9.66 0.32 8.65
N THR A 146 10.56 0.77 9.53
CA THR A 146 11.96 0.33 9.49
C THR A 146 12.23 -0.80 10.49
N ALA A 147 11.60 -0.73 11.66
CA ALA A 147 11.79 -1.74 12.71
C ALA A 147 10.54 -2.61 12.91
N LYS A 148 9.71 -2.70 11.84
CA LYS A 148 8.45 -3.49 11.84
C LYS A 148 7.45 -2.99 12.90
N LYS B 1 4.72 -4.66 8.66
CA LYS B 1 3.41 -5.23 8.20
C LYS B 1 2.59 -5.72 9.38
N LYS B 2 1.54 -4.96 9.75
CA LYS B 2 0.66 -5.33 10.86
C LYS B 2 -0.80 -4.99 10.54
N THR B 3 -1.07 -3.71 10.29
CA THR B 3 -2.44 -3.23 9.99
C THR B 3 -2.42 -1.94 9.14
N PHE B 4 -1.39 -1.11 9.33
CA PHE B 4 -1.25 0.15 8.62
C PHE B 4 0.10 0.25 7.90
N LYS B 5 1.06 -0.62 8.27
CA LYS B 5 2.38 -0.65 7.65
C LYS B 5 2.29 -1.21 6.23
N GLU B 6 1.26 -2.05 6.01
CA GLU B 6 0.99 -2.66 4.69
C GLU B 6 0.32 -1.64 3.77
N VAL B 7 -0.63 -0.89 4.33
CA VAL B 7 -1.37 0.15 3.60
C VAL B 7 -0.42 1.32 3.21
N ALA B 8 0.57 1.57 4.08
CA ALA B 8 1.57 2.62 3.86
C ALA B 8 2.64 2.18 2.84
N ASN B 9 2.98 0.88 2.88
CA ASN B 9 3.98 0.29 1.98
C ASN B 9 3.44 0.16 0.54
N ALA B 10 2.12 -0.09 0.43
CA ALA B 10 1.45 -0.22 -0.88
C ALA B 10 1.59 1.05 -1.72
N VAL B 11 1.65 2.20 -1.03
CA VAL B 11 1.79 3.52 -1.65
C VAL B 11 3.21 3.73 -2.22
N LYS B 12 4.22 3.53 -1.37
CA LYS B 12 5.63 3.72 -1.77
C LYS B 12 6.21 2.58 -2.62
N ILE B 13 5.53 1.41 -2.62
CA ILE B 13 6.01 0.25 -3.40
C ILE B 13 5.59 0.34 -4.88
N SER B 14 4.43 0.97 -5.13
CA SER B 14 3.91 1.13 -6.50
C SER B 14 4.59 2.29 -7.25
N ALA B 15 5.38 3.09 -6.52
CA ALA B 15 6.09 4.22 -7.11
C ALA B 15 7.58 3.92 -7.30
N SER B 16 8.07 2.87 -6.62
CA SER B 16 9.48 2.47 -6.70
C SER B 16 9.72 1.47 -7.85
N LEU B 17 8.75 1.40 -8.78
CA LEU B 17 8.84 0.49 -9.93
C LEU B 17 9.50 1.19 -11.12
N ALA A 1 7.02 -18.01 7.05
CA ALA A 1 5.74 -18.20 7.78
C ALA A 1 5.37 -19.68 7.89
N ASP A 2 4.68 -20.02 8.98
CA ASP A 2 4.26 -21.41 9.23
C ASP A 2 2.73 -21.53 9.22
N GLN A 3 2.05 -20.57 9.84
CA GLN A 3 0.59 -20.57 9.91
C GLN A 3 0.04 -19.21 9.49
N LEU A 4 -0.95 -19.23 8.60
CA LEU A 4 -1.59 -18.01 8.10
C LEU A 4 -3.11 -18.10 8.20
N THR A 5 -3.66 -17.21 9.00
CA THR A 5 -5.10 -17.13 9.23
C THR A 5 -5.61 -15.76 8.79
N GLU A 6 -6.90 -15.49 9.00
CA GLU A 6 -7.55 -14.21 8.64
C GLU A 6 -6.77 -12.98 9.13
N GLU A 7 -5.86 -13.18 10.10
CA GLU A 7 -5.07 -12.08 10.68
C GLU A 7 -3.93 -11.63 9.74
N GLN A 8 -3.16 -12.61 9.24
CA GLN A 8 -2.04 -12.35 8.32
C GLN A 8 -2.50 -12.19 6.88
N ILE A 9 -3.69 -12.70 6.59
CA ILE A 9 -4.29 -12.65 5.25
C ILE A 9 -4.99 -11.31 5.00
N ALA A 10 -5.56 -10.70 6.04
CA ALA A 10 -6.25 -9.40 5.92
C ALA A 10 -5.28 -8.26 5.62
N GLU A 11 -4.02 -8.43 6.04
CA GLU A 11 -2.97 -7.44 5.77
C GLU A 11 -2.38 -7.68 4.37
N PHE A 12 -2.49 -8.93 3.90
CA PHE A 12 -2.02 -9.34 2.58
C PHE A 12 -3.10 -9.07 1.54
N LYS A 13 -4.37 -9.10 2.00
CA LYS A 13 -5.55 -8.81 1.19
C LYS A 13 -5.81 -7.31 1.15
N GLU A 14 -5.41 -6.62 2.25
CA GLU A 14 -5.54 -5.15 2.36
C GLU A 14 -4.89 -4.43 1.17
N ALA A 15 -3.86 -5.07 0.58
CA ALA A 15 -3.16 -4.53 -0.59
C ALA A 15 -3.86 -4.97 -1.88
N PHE A 16 -4.57 -6.11 -1.80
CA PHE A 16 -5.31 -6.67 -2.94
C PHE A 16 -6.68 -6.00 -3.10
N SER A 17 -7.21 -5.44 -1.99
CA SER A 17 -8.51 -4.76 -1.98
C SER A 17 -8.45 -3.42 -2.73
N LEU A 18 -7.24 -2.88 -2.92
CA LEU A 18 -7.02 -1.60 -3.60
C LEU A 18 -7.12 -1.72 -5.12
N PHE A 19 -6.48 -2.76 -5.68
CA PHE A 19 -6.48 -2.99 -7.14
C PHE A 19 -7.74 -3.74 -7.59
N ASP A 20 -8.36 -4.47 -6.66
CA ASP A 20 -9.57 -5.26 -6.96
C ASP A 20 -10.84 -4.41 -6.78
N LYS A 21 -11.64 -4.37 -7.85
CA LYS A 21 -12.91 -3.63 -7.86
C LYS A 21 -14.02 -4.37 -7.10
N ASP A 22 -14.17 -5.66 -7.42
CA ASP A 22 -15.18 -6.50 -6.80
C ASP A 22 -14.57 -7.76 -6.16
N GLY A 23 -13.28 -8.03 -6.45
CA GLY A 23 -12.59 -9.18 -5.91
C GLY A 23 -12.82 -10.44 -6.73
N ASP A 24 -12.50 -10.35 -8.02
CA ASP A 24 -12.66 -11.47 -8.97
C ASP A 24 -11.50 -12.47 -8.89
N GLY A 25 -10.38 -12.05 -8.28
CA GLY A 25 -9.21 -12.92 -8.15
C GLY A 25 -8.07 -12.52 -9.06
N THR A 26 -8.36 -11.65 -10.02
CA THR A 26 -7.38 -11.16 -10.98
C THR A 26 -7.70 -9.74 -11.39
N ILE A 27 -6.67 -8.88 -11.40
CA ILE A 27 -6.85 -7.46 -11.74
C ILE A 27 -6.10 -7.06 -13.01
N THR A 28 -6.70 -6.11 -13.74
CA THR A 28 -6.12 -5.59 -14.99
C THR A 28 -5.03 -4.55 -14.70
N THR A 29 -4.10 -4.43 -15.65
CA THR A 29 -3.00 -3.46 -15.56
C THR A 29 -3.54 -2.02 -15.45
N LYS A 30 -4.83 -1.87 -15.76
CA LYS A 30 -5.52 -0.57 -15.73
C LYS A 30 -5.98 -0.18 -14.31
N GLU A 31 -6.07 -1.19 -13.41
CA GLU A 31 -6.48 -0.96 -12.02
C GLU A 31 -5.33 -0.34 -11.21
N LEU A 32 -4.09 -0.59 -11.66
CA LEU A 32 -2.88 -0.03 -11.03
C LEU A 32 -2.94 1.50 -10.97
N GLY A 33 -3.46 2.11 -12.05
CA GLY A 33 -3.63 3.57 -12.13
C GLY A 33 -4.62 4.10 -11.15
N THR A 34 -5.43 3.18 -10.67
CA THR A 34 -6.47 3.46 -9.70
C THR A 34 -5.85 3.55 -8.29
N VAL A 35 -4.89 2.66 -8.01
CA VAL A 35 -4.16 2.63 -6.73
C VAL A 35 -2.98 3.61 -6.77
N MET A 36 -2.48 3.87 -7.99
CA MET A 36 -1.37 4.80 -8.23
C MET A 36 -1.87 6.23 -8.22
N ARG A 37 -3.01 6.49 -8.87
CA ARG A 37 -3.61 7.84 -8.83
C ARG A 37 -4.02 8.20 -7.38
N SER A 38 -4.17 7.16 -6.54
CA SER A 38 -4.53 7.32 -5.13
C SER A 38 -3.29 7.38 -4.28
N LEU A 39 -2.26 6.64 -4.73
CA LEU A 39 -0.95 6.63 -4.08
C LEU A 39 -0.28 7.99 -4.32
N GLY A 40 -0.76 8.67 -5.38
CA GLY A 40 -0.24 9.96 -5.76
C GLY A 40 0.70 9.86 -6.92
N GLN A 41 1.35 8.68 -7.05
CA GLN A 41 2.25 8.42 -8.16
C GLN A 41 1.51 7.66 -9.24
N ASN A 42 1.55 8.19 -10.46
CA ASN A 42 0.84 7.59 -11.57
C ASN A 42 1.76 7.41 -12.80
N PRO A 43 2.14 6.14 -13.14
CA PRO A 43 3.00 5.85 -14.30
C PRO A 43 2.28 6.06 -15.65
N THR A 44 3.03 5.91 -16.75
CA THR A 44 2.50 6.06 -18.11
C THR A 44 1.63 4.84 -18.50
N GLU A 45 1.03 4.87 -19.70
CA GLU A 45 0.16 3.78 -20.20
C GLU A 45 0.91 2.42 -20.21
N ALA A 46 2.08 2.40 -20.84
CA ALA A 46 2.91 1.19 -20.90
C ALA A 46 3.75 0.98 -19.63
N GLU A 47 3.98 2.07 -18.89
CA GLU A 47 4.79 2.01 -17.66
C GLU A 47 4.07 1.26 -16.54
N LEU A 48 2.76 1.18 -16.68
CA LEU A 48 1.90 0.46 -15.74
C LEU A 48 1.79 -1.02 -16.12
N GLN A 49 1.91 -1.31 -17.43
CA GLN A 49 1.86 -2.70 -17.95
C GLN A 49 3.11 -3.47 -17.59
N ASP A 50 4.12 -2.73 -17.20
CA ASP A 50 5.43 -3.27 -16.80
C ASP A 50 5.36 -3.92 -15.42
N MET A 51 4.33 -3.54 -14.64
CA MET A 51 4.11 -4.08 -13.29
C MET A 51 3.67 -5.56 -13.32
N ILE A 52 2.91 -5.92 -14.36
CA ILE A 52 2.42 -7.31 -14.54
C ILE A 52 3.51 -8.19 -15.18
N ASN A 53 4.42 -7.56 -15.93
CA ASN A 53 5.52 -8.25 -16.61
C ASN A 53 6.65 -8.63 -15.64
N GLU A 54 6.69 -7.94 -14.48
CA GLU A 54 7.73 -8.19 -13.45
C GLU A 54 7.77 -9.66 -12.99
N VAL A 55 6.67 -10.39 -13.19
CA VAL A 55 6.59 -11.80 -12.81
C VAL A 55 6.09 -12.65 -14.00
N ASP A 56 5.22 -12.05 -14.85
CA ASP A 56 4.64 -12.69 -16.05
C ASP A 56 4.37 -14.20 -15.87
N ALA A 57 3.38 -14.50 -15.03
CA ALA A 57 2.98 -15.88 -14.77
C ALA A 57 2.12 -16.42 -15.91
N ASP A 58 1.20 -15.58 -16.42
CA ASP A 58 0.31 -15.96 -17.51
C ASP A 58 0.54 -15.11 -18.75
N GLY A 59 1.33 -14.05 -18.57
CA GLY A 59 1.65 -13.11 -19.66
C GLY A 59 0.44 -12.57 -20.43
N ASN A 60 -0.70 -12.40 -19.72
CA ASN A 60 -1.93 -11.89 -20.34
C ASN A 60 -2.26 -10.46 -19.89
N GLY A 61 -1.55 -9.97 -18.89
CA GLY A 61 -1.79 -8.63 -18.37
C GLY A 61 -2.50 -8.63 -17.02
N THR A 62 -3.05 -9.78 -16.64
CA THR A 62 -3.75 -9.95 -15.37
C THR A 62 -2.83 -10.64 -14.35
N ILE A 63 -3.03 -10.32 -13.08
CA ILE A 63 -2.22 -10.89 -12.01
C ILE A 63 -3.09 -11.50 -10.89
N ASP A 64 -2.60 -12.60 -10.33
CA ASP A 64 -3.27 -13.32 -9.24
C ASP A 64 -2.84 -12.77 -7.86
N PHE A 65 -3.06 -13.55 -6.79
CA PHE A 65 -2.70 -13.14 -5.43
C PHE A 65 -1.18 -13.31 -5.11
N PRO A 66 -0.56 -14.52 -5.26
CA PRO A 66 0.87 -14.73 -4.93
C PRO A 66 1.86 -14.22 -5.99
N GLU A 67 1.34 -13.84 -7.17
CA GLU A 67 2.19 -13.42 -8.30
C GLU A 67 2.81 -12.01 -8.18
N PHE A 68 2.07 -11.01 -7.68
CA PHE A 68 2.61 -9.63 -7.59
C PHE A 68 3.48 -9.42 -6.34
N LEU A 69 3.03 -9.97 -5.21
CA LEU A 69 3.74 -9.84 -3.93
C LEU A 69 5.09 -10.56 -3.91
N THR A 70 5.28 -11.55 -4.81
CA THR A 70 6.53 -12.31 -4.88
C THR A 70 7.69 -11.52 -5.48
N MET A 71 7.52 -11.00 -6.70
CA MET A 71 8.57 -10.22 -7.37
C MET A 71 8.75 -8.84 -6.74
N MET A 72 7.79 -8.49 -5.92
CA MET A 72 7.78 -7.21 -5.20
C MET A 72 8.36 -7.33 -3.79
N ALA A 73 8.35 -8.56 -3.24
CA ALA A 73 8.89 -8.81 -1.89
C ALA A 73 10.40 -8.99 -1.89
N ARG A 74 10.91 -9.28 -3.07
CA ARG A 74 12.34 -9.48 -3.29
C ARG A 74 13.04 -8.21 -3.74
N LYS A 75 12.24 -7.21 -4.01
CA LYS A 75 12.72 -5.90 -4.49
C LYS A 75 12.89 -4.89 -3.35
N MET A 76 12.60 -5.29 -2.11
CA MET A 76 12.76 -4.41 -0.95
C MET A 76 14.22 -4.32 -0.52
N LYS A 77 14.88 -5.48 -0.48
CA LYS A 77 16.29 -5.59 -0.11
C LYS A 77 17.22 -5.63 -1.33
N ASP A 78 16.66 -5.73 -2.55
CA ASP A 78 17.49 -5.81 -3.76
C ASP A 78 17.63 -4.46 -4.48
N THR A 79 17.42 -3.37 -3.73
CA THR A 79 17.52 -2.01 -4.27
C THR A 79 17.96 -1.02 -3.19
N ASP A 80 17.01 -0.15 -2.74
CA ASP A 80 17.25 0.86 -1.71
C ASP A 80 15.92 1.28 -1.12
N SER A 81 15.60 0.73 0.06
CA SER A 81 14.34 1.02 0.75
C SER A 81 14.38 2.30 1.58
N GLU A 82 15.59 2.86 1.77
CA GLU A 82 15.74 4.10 2.54
C GLU A 82 15.10 5.26 1.81
N GLU A 83 15.30 5.27 0.49
CA GLU A 83 14.68 6.30 -0.36
C GLU A 83 13.18 6.07 -0.44
N GLU A 84 12.81 4.85 -0.09
CA GLU A 84 11.41 4.38 -0.07
C GLU A 84 10.71 4.72 1.23
N ILE A 85 11.49 4.78 2.29
CA ILE A 85 10.96 5.05 3.63
C ILE A 85 10.83 6.57 3.86
N ARG A 86 11.74 7.33 3.26
CA ARG A 86 11.74 8.79 3.38
C ARG A 86 10.78 9.47 2.41
N GLU A 87 10.74 9.00 1.16
CA GLU A 87 9.86 9.57 0.13
C GLU A 87 8.38 9.43 0.53
N ALA A 88 8.09 8.39 1.34
CA ALA A 88 6.74 8.12 1.86
C ALA A 88 6.22 9.32 2.65
N PHE A 89 7.17 10.08 3.23
CA PHE A 89 6.86 11.29 3.99
C PHE A 89 6.29 12.35 3.04
N ARG A 90 6.82 12.33 1.81
CA ARG A 90 6.40 13.25 0.74
C ARG A 90 5.15 12.80 0.02
N VAL A 91 4.82 11.52 0.18
CA VAL A 91 3.65 10.91 -0.45
C VAL A 91 2.40 11.08 0.44
N PHE A 92 2.56 10.73 1.73
CA PHE A 92 1.47 10.80 2.71
C PHE A 92 1.11 12.25 3.09
N ASP A 93 2.11 13.13 3.21
CA ASP A 93 1.90 14.53 3.60
C ASP A 93 0.92 15.26 2.66
N LYS A 94 -0.33 15.39 3.14
CA LYS A 94 -1.40 16.06 2.39
C LYS A 94 -1.27 17.59 2.46
N ASP A 95 -1.14 18.11 3.68
CA ASP A 95 -1.01 19.56 3.90
C ASP A 95 0.45 19.98 4.11
N GLY A 96 1.35 19.00 4.31
CA GLY A 96 2.77 19.28 4.51
C GLY A 96 3.11 19.90 5.86
N ASN A 97 2.53 19.35 6.93
CA ASN A 97 2.78 19.85 8.29
C ASN A 97 3.69 18.90 9.10
N GLY A 98 3.90 17.69 8.57
CA GLY A 98 4.74 16.70 9.25
C GLY A 98 3.93 15.57 9.85
N TYR A 99 2.61 15.77 9.95
CA TYR A 99 1.67 14.78 10.49
C TYR A 99 0.59 14.49 9.47
N ILE A 100 0.35 13.21 9.22
CA ILE A 100 -0.67 12.79 8.26
C ILE A 100 -1.68 11.90 8.96
N SER A 101 -2.94 12.36 9.01
CA SER A 101 -4.00 11.59 9.67
C SER A 101 -4.37 10.37 8.84
N ALA A 102 -4.81 9.32 9.55
CA ALA A 102 -5.25 8.09 8.91
C ALA A 102 -6.69 8.23 8.42
N ALA A 103 -7.38 9.23 9.00
CA ALA A 103 -8.77 9.55 8.67
C ALA A 103 -8.92 9.99 7.22
N GLU A 104 -7.95 10.78 6.73
CA GLU A 104 -7.95 11.25 5.35
C GLU A 104 -7.27 10.25 4.41
N LEU A 105 -6.40 9.39 4.97
CA LEU A 105 -5.64 8.39 4.20
C LEU A 105 -6.51 7.21 3.69
N ARG A 106 -7.06 6.41 4.62
CA ARG A 106 -7.87 5.23 4.25
C ARG A 106 -9.26 5.63 3.75
N HIS A 107 -9.58 6.87 4.03
CA HIS A 107 -10.84 7.51 3.69
C HIS A 107 -11.10 7.49 2.19
N VAL A 108 -10.18 8.07 1.47
CA VAL A 108 -10.22 8.17 0.03
C VAL A 108 -9.70 6.87 -0.59
N MET A 109 -8.88 6.15 0.21
CA MET A 109 -8.33 4.84 -0.14
C MET A 109 -9.48 3.81 -0.10
N THR A 110 -10.57 4.18 0.62
CA THR A 110 -11.73 3.33 0.81
C THR A 110 -12.54 3.09 -0.49
N ASN A 111 -12.56 4.11 -1.37
CA ASN A 111 -13.31 4.06 -2.64
C ASN A 111 -12.67 3.10 -3.66
N LEU A 112 -11.51 2.53 -3.29
CA LEU A 112 -10.78 1.59 -4.13
C LEU A 112 -11.25 0.15 -3.89
N GLY A 113 -11.80 -0.11 -2.70
CA GLY A 113 -12.30 -1.43 -2.36
C GLY A 113 -11.82 -1.90 -0.99
N GLU A 114 -11.66 -0.96 -0.06
CA GLU A 114 -11.19 -1.24 1.29
C GLU A 114 -12.35 -1.51 2.25
N LYS A 115 -12.01 -1.88 3.49
CA LYS A 115 -12.98 -2.13 4.57
C LYS A 115 -13.58 -0.78 5.04
N LEU A 116 -13.71 -0.57 6.37
CA LEU A 116 -14.27 0.69 6.93
C LEU A 116 -14.03 1.89 6.00
N THR A 117 -15.09 2.68 5.77
CA THR A 117 -15.05 3.81 4.85
C THR A 117 -14.58 5.12 5.44
N ASP A 118 -14.40 6.06 4.50
CA ASP A 118 -13.98 7.45 4.71
C ASP A 118 -14.56 8.07 6.00
N GLU A 119 -15.63 7.43 6.50
CA GLU A 119 -16.32 7.89 7.72
C GLU A 119 -15.67 7.34 9.02
N GLU A 120 -15.51 6.00 9.07
CA GLU A 120 -14.95 5.29 10.22
C GLU A 120 -13.42 5.14 10.20
N VAL A 121 -12.81 5.41 9.03
CA VAL A 121 -11.36 5.27 8.79
C VAL A 121 -10.46 5.75 9.92
N ASP A 122 -10.87 6.84 10.56
CA ASP A 122 -10.14 7.44 11.72
C ASP A 122 -9.73 6.40 12.77
N GLU A 123 -10.36 5.23 12.75
CA GLU A 123 -10.01 4.13 13.64
C GLU A 123 -8.58 3.65 13.31
N MET A 124 -8.10 4.03 12.09
CA MET A 124 -6.78 3.66 11.59
C MET A 124 -5.64 4.46 12.23
N ILE A 125 -5.92 5.70 12.67
CA ILE A 125 -4.90 6.53 13.34
C ILE A 125 -4.61 6.02 14.75
N ARG A 126 -5.68 5.68 15.47
CA ARG A 126 -5.61 5.17 16.86
C ARG A 126 -4.78 3.90 17.02
N GLU A 127 -4.49 3.26 15.90
CA GLU A 127 -3.71 2.00 15.85
C GLU A 127 -2.37 2.13 16.59
N ALA A 128 -1.54 3.09 16.14
CA ALA A 128 -0.22 3.36 16.72
C ALA A 128 0.16 4.82 16.49
N ASP A 129 -0.81 5.72 16.70
CA ASP A 129 -0.61 7.17 16.52
C ASP A 129 0.47 7.70 17.49
N ILE A 130 1.70 7.90 16.98
CA ILE A 130 2.81 8.39 17.81
C ILE A 130 2.94 9.92 17.78
N ASP A 131 2.24 10.59 16.85
CA ASP A 131 2.30 12.06 16.72
C ASP A 131 1.36 12.75 17.73
N GLY A 132 0.48 11.96 18.37
CA GLY A 132 -0.47 12.47 19.37
C GLY A 132 -1.40 13.58 18.89
N ASP A 133 -1.47 13.82 17.56
CA ASP A 133 -2.35 14.85 17.03
C ASP A 133 -3.39 14.22 16.08
N GLY A 134 -3.58 12.89 16.20
CA GLY A 134 -4.50 12.16 15.34
C GLY A 134 -3.90 11.94 13.97
N GLN A 135 -2.55 11.94 13.93
CA GLN A 135 -1.79 11.76 12.69
C GLN A 135 -0.49 10.98 12.95
N VAL A 136 0.27 10.70 11.87
CA VAL A 136 1.52 9.94 11.97
C VAL A 136 2.74 10.85 12.04
N ASN A 137 3.69 10.50 12.91
CA ASN A 137 4.92 11.27 13.09
C ASN A 137 6.06 10.71 12.22
N TYR A 138 7.29 11.18 12.48
CA TYR A 138 8.48 10.74 11.73
C TYR A 138 9.00 9.39 12.24
N GLU A 139 8.61 9.06 13.48
CA GLU A 139 9.02 7.83 14.14
C GLU A 139 8.31 6.57 13.60
N GLU A 140 7.06 6.72 13.13
CA GLU A 140 6.29 5.58 12.58
C GLU A 140 6.96 4.93 11.37
N PHE A 141 7.58 5.75 10.51
CA PHE A 141 8.28 5.27 9.29
C PHE A 141 9.40 4.26 9.60
N VAL A 142 10.39 4.72 10.35
CA VAL A 142 11.58 3.91 10.70
C VAL A 142 11.35 2.89 11.82
N GLN A 143 10.68 3.31 12.89
CA GLN A 143 10.42 2.44 14.05
C GLN A 143 9.29 1.43 13.84
N MET A 144 8.12 1.90 13.37
CA MET A 144 6.95 1.03 13.17
C MET A 144 6.94 0.29 11.83
N MET A 145 7.41 0.93 10.77
CA MET A 145 7.40 0.33 9.42
C MET A 145 8.72 -0.37 9.06
N THR A 146 9.85 0.21 9.48
CA THR A 146 11.18 -0.34 9.16
C THR A 146 11.68 -1.31 10.24
N ALA A 147 11.40 -0.99 11.51
CA ALA A 147 11.85 -1.83 12.64
C ALA A 147 10.80 -2.89 13.03
N LYS A 148 9.95 -3.25 12.07
CA LYS A 148 8.89 -4.24 12.28
C LYS A 148 8.64 -5.04 10.99
N LYS B 1 0.58 -2.85 12.22
CA LYS B 1 1.37 -4.06 11.88
C LYS B 1 0.56 -5.00 10.96
N LYS B 2 -0.66 -4.57 10.60
CA LYS B 2 -1.56 -5.38 9.74
C LYS B 2 -2.78 -4.57 9.27
N THR B 3 -3.20 -3.61 10.10
CA THR B 3 -4.38 -2.79 9.83
C THR B 3 -4.04 -1.40 9.23
N PHE B 4 -2.88 -0.86 9.59
CA PHE B 4 -2.48 0.47 9.12
C PHE B 4 -0.99 0.55 8.72
N LYS B 5 -0.19 -0.42 9.18
CA LYS B 5 1.25 -0.43 8.88
C LYS B 5 1.55 -1.21 7.59
N GLU B 6 0.78 -2.28 7.34
CA GLU B 6 0.96 -3.11 6.14
C GLU B 6 0.39 -2.45 4.88
N VAL B 7 -0.64 -1.59 5.05
CA VAL B 7 -1.24 -0.85 3.93
C VAL B 7 -0.26 0.25 3.45
N ALA B 8 0.47 0.82 4.42
CA ALA B 8 1.47 1.86 4.17
C ALA B 8 2.76 1.26 3.59
N ASN B 9 3.11 0.05 4.04
CA ASN B 9 4.30 -0.68 3.57
C ASN B 9 4.25 -0.93 2.06
N ALA B 10 3.01 -1.08 1.54
CA ALA B 10 2.77 -1.30 0.11
C ALA B 10 3.11 -0.04 -0.71
N VAL B 11 2.89 1.13 -0.09
CA VAL B 11 3.18 2.43 -0.71
C VAL B 11 4.70 2.63 -0.91
N LYS B 12 5.49 2.08 0.03
CA LYS B 12 6.96 2.16 -0.02
C LYS B 12 7.54 1.18 -1.04
N ILE B 13 6.83 0.07 -1.26
CA ILE B 13 7.27 -0.98 -2.20
C ILE B 13 6.81 -0.67 -3.65
N SER B 14 5.68 0.04 -3.78
CA SER B 14 5.12 0.41 -5.08
C SER B 14 5.75 1.69 -5.65
N ALA B 15 6.53 2.39 -4.81
CA ALA B 15 7.21 3.63 -5.20
C ALA B 15 8.60 3.35 -5.78
N SER B 16 9.08 2.11 -5.60
CA SER B 16 10.39 1.69 -6.09
C SER B 16 10.30 1.04 -7.48
N LEU B 17 9.10 1.13 -8.09
CA LEU B 17 8.86 0.54 -9.41
C LEU B 17 9.21 1.52 -10.53
#